data_1WP9
#
_entry.id   1WP9
#
_cell.length_a   118.498
_cell.length_b   165.940
_cell.length_c   119.157
_cell.angle_alpha   90.00
_cell.angle_beta   114.85
_cell.angle_gamma   90.00
#
_symmetry.space_group_name_H-M   'P 1 21 1'
#
loop_
_entity.id
_entity.type
_entity.pdbx_description
1 polymer 'ATP-dependent RNA helicase, putative'
2 non-polymer 'PHOSPHATE ION'
3 water water
#
_entity_poly.entity_id   1
_entity_poly.type   'polypeptide(L)'
_entity_poly.pdbx_seq_one_letter_code
;MVLRRDLIQPRIYQEVIYAKCKETNCLIVLPTGLGKTLIAMMIAEYRLTKYGGKVLMLAPTKPLVLQHAESFRRLFNLPP
EKIVALTGEKSPEERSKAWARAKVIVATPQTIENDLLAGRISLEDVSLIVFDEAHRAVGNYAYVFIAREYKRQAKNPLVI
GLTASPGSTPEKIMEVINNLGIEHIEYRSENSPDVRPYVKGIRFEWVRVDLPEIYKEVRKLLREMLRDALKPLAETGLLE
SSSPDIPKKEVLRAGQIINEEMAKGNHDLRGLLLYHAMALKLHHAIELLETQGLSALRAYIKKLYEEAKAGSTKASKEIF
SDKRMKKAISLLVQAKEIGLDHPKMDKLKEIIREQLQRKQNSKIIVFTNYRETAKKIVNELVKDGIKAKRFVGQASKEND
RGLSQREQKLILDEFARGEFNVLVATSVGEEGLDVPEVDLVVFYEPVPSAIRSIQRRGRTGRHMPGRVIILMAKGTRDEA
YYWSSRQKEKIMQE
;
_entity_poly.pdbx_strand_id   A,B,C,D,E,F
#
# COMPACT_ATOMS: atom_id res chain seq x y z
N MET A 1 -24.00 12.96 -30.64
CA MET A 1 -22.61 12.41 -30.46
C MET A 1 -21.88 12.17 -31.78
N VAL A 2 -21.00 13.08 -32.17
CA VAL A 2 -20.26 12.94 -33.42
C VAL A 2 -19.33 11.73 -33.45
N LEU A 3 -18.44 11.64 -32.47
CA LEU A 3 -17.49 10.54 -32.35
C LEU A 3 -18.11 9.47 -31.44
N ARG A 4 -18.07 8.22 -31.88
CA ARG A 4 -18.66 7.18 -31.06
C ARG A 4 -17.76 6.85 -29.87
N ARG A 5 -17.57 7.82 -29.00
CA ARG A 5 -16.74 7.63 -27.82
C ARG A 5 -17.18 6.40 -27.04
N ASP A 6 -18.48 6.13 -27.06
CA ASP A 6 -19.04 5.00 -26.34
C ASP A 6 -18.43 3.67 -26.82
N LEU A 7 -17.99 3.63 -28.08
CA LEU A 7 -17.41 2.41 -28.61
C LEU A 7 -15.91 2.32 -28.45
N ILE A 8 -15.23 3.42 -28.14
CA ILE A 8 -13.78 3.33 -27.98
C ILE A 8 -13.27 3.42 -26.55
N GLN A 9 -14.18 3.70 -25.61
CA GLN A 9 -13.83 3.78 -24.19
C GLN A 9 -12.49 4.48 -23.97
N PRO A 10 -12.39 5.75 -24.37
CA PRO A 10 -11.14 6.47 -24.18
C PRO A 10 -10.62 6.36 -22.76
N ARG A 11 -9.31 6.09 -22.68
CA ARG A 11 -8.63 5.91 -21.41
C ARG A 11 -8.22 7.28 -20.83
N ILE A 12 -7.86 7.29 -19.55
CA ILE A 12 -7.46 8.53 -18.89
C ILE A 12 -6.37 9.31 -19.62
N TYR A 13 -5.28 8.66 -19.96
CA TYR A 13 -4.23 9.39 -20.65
C TYR A 13 -4.73 9.92 -21.99
N GLN A 14 -5.59 9.15 -22.66
CA GLN A 14 -6.10 9.55 -23.96
C GLN A 14 -6.92 10.81 -23.79
N GLU A 15 -7.69 10.84 -22.72
CA GLU A 15 -8.53 11.98 -22.43
C GLU A 15 -7.68 13.22 -22.13
N VAL A 16 -6.79 13.10 -21.14
CA VAL A 16 -5.90 14.17 -20.75
C VAL A 16 -5.18 14.79 -21.96
N ILE A 17 -4.49 13.97 -22.74
CA ILE A 17 -3.77 14.47 -23.89
C ILE A 17 -4.70 15.23 -24.83
N TYR A 18 -5.82 14.61 -25.19
CA TYR A 18 -6.79 15.22 -26.08
C TYR A 18 -7.11 16.62 -25.60
N ALA A 19 -7.25 16.77 -24.30
CA ALA A 19 -7.57 18.06 -23.70
C ALA A 19 -6.48 19.13 -23.85
N LYS A 20 -5.21 18.73 -23.73
CA LYS A 20 -4.13 19.70 -23.85
C LYS A 20 -3.77 20.07 -25.29
N CYS A 21 -3.71 19.09 -26.16
CA CYS A 21 -3.35 19.35 -27.56
C CYS A 21 -4.51 19.84 -28.39
N LYS A 22 -5.64 20.03 -27.71
CA LYS A 22 -6.88 20.48 -28.32
C LYS A 22 -6.77 21.83 -29.05
N GLU A 23 -5.97 22.75 -28.51
CA GLU A 23 -5.79 24.09 -29.09
C GLU A 23 -4.33 24.55 -29.23
N THR A 24 -3.42 23.62 -29.45
CA THR A 24 -2.00 23.96 -29.60
C THR A 24 -1.34 23.02 -30.58
N ASN A 25 -0.41 23.53 -31.38
CA ASN A 25 0.27 22.65 -32.31
C ASN A 25 1.08 21.71 -31.44
N CYS A 26 0.78 20.42 -31.53
CA CYS A 26 1.48 19.45 -30.72
C CYS A 26 2.01 18.25 -31.41
N LEU A 27 2.89 17.59 -30.68
CA LEU A 27 3.52 16.37 -31.10
C LEU A 27 3.08 15.42 -30.00
N ILE A 28 2.42 14.33 -30.38
CA ILE A 28 2.00 13.33 -29.41
C ILE A 28 2.94 12.15 -29.58
N VAL A 29 3.72 11.86 -28.54
CA VAL A 29 4.67 10.76 -28.61
C VAL A 29 4.27 9.62 -27.68
N LEU A 30 3.80 8.52 -28.26
CA LEU A 30 3.40 7.35 -27.48
C LEU A 30 3.84 6.09 -28.16
N PRO A 31 4.19 5.06 -27.36
CA PRO A 31 4.61 3.78 -27.96
C PRO A 31 3.40 3.22 -28.73
N THR A 32 3.66 2.58 -29.88
CA THR A 32 2.60 1.99 -30.68
C THR A 32 1.63 1.14 -29.86
N GLY A 33 0.34 1.24 -30.14
CA GLY A 33 -0.63 0.47 -29.41
C GLY A 33 -1.36 1.25 -28.34
N LEU A 34 -0.97 2.50 -28.09
CA LEU A 34 -1.65 3.29 -27.05
C LEU A 34 -2.76 4.24 -27.53
N GLY A 35 -3.09 4.18 -28.82
CA GLY A 35 -4.18 4.98 -29.35
C GLY A 35 -3.96 6.37 -29.95
N LYS A 36 -2.73 6.67 -30.38
CA LYS A 36 -2.46 7.97 -30.97
C LYS A 36 -3.55 8.38 -31.95
N THR A 37 -3.89 7.50 -32.89
CA THR A 37 -4.93 7.82 -33.88
C THR A 37 -6.28 8.08 -33.20
N LEU A 38 -6.60 7.31 -32.17
CA LEU A 38 -7.84 7.52 -31.44
C LEU A 38 -7.84 8.92 -30.82
N ILE A 39 -6.73 9.31 -30.20
CA ILE A 39 -6.62 10.63 -29.58
C ILE A 39 -6.81 11.65 -30.67
N ALA A 40 -6.23 11.35 -31.83
CA ALA A 40 -6.36 12.24 -32.96
C ALA A 40 -7.84 12.45 -33.26
N MET A 41 -8.59 11.35 -33.41
CA MET A 41 -10.02 11.43 -33.73
C MET A 41 -10.79 12.20 -32.68
N MET A 42 -10.39 12.08 -31.42
CA MET A 42 -11.06 12.80 -30.35
C MET A 42 -10.87 14.29 -30.62
N ILE A 43 -9.63 14.67 -30.93
CA ILE A 43 -9.32 16.05 -31.24
C ILE A 43 -10.09 16.45 -32.50
N ALA A 44 -10.05 15.60 -33.52
CA ALA A 44 -10.77 15.86 -34.76
C ALA A 44 -12.25 16.21 -34.50
N GLU A 45 -12.88 15.50 -33.56
CA GLU A 45 -14.28 15.76 -33.26
C GLU A 45 -14.44 17.14 -32.65
N TYR A 46 -13.54 17.51 -31.75
CA TYR A 46 -13.60 18.82 -31.11
C TYR A 46 -13.46 19.95 -32.14
N ARG A 47 -12.60 19.76 -33.13
CA ARG A 47 -12.41 20.78 -34.15
C ARG A 47 -13.63 20.88 -35.07
N LEU A 48 -14.12 19.74 -35.57
CA LEU A 48 -15.28 19.74 -36.45
C LEU A 48 -16.54 20.35 -35.83
N THR A 49 -16.69 20.25 -34.52
CA THR A 49 -17.87 20.82 -33.89
C THR A 49 -17.72 22.27 -33.45
N LYS A 50 -16.49 22.73 -33.25
CA LYS A 50 -16.27 24.11 -32.81
C LYS A 50 -15.91 25.03 -33.98
N TYR A 51 -15.03 24.59 -34.84
CA TYR A 51 -14.64 25.44 -35.96
C TYR A 51 -15.27 25.00 -37.24
N GLY A 52 -14.52 25.24 -38.32
CA GLY A 52 -14.94 24.91 -39.67
C GLY A 52 -15.37 23.48 -39.87
N GLY A 53 -15.10 22.95 -41.05
CA GLY A 53 -15.51 21.59 -41.32
C GLY A 53 -14.62 20.81 -42.25
N LYS A 54 -13.36 20.68 -41.87
CA LYS A 54 -12.45 19.91 -42.69
C LYS A 54 -11.27 19.41 -41.85
N VAL A 55 -11.14 18.09 -41.76
CA VAL A 55 -10.04 17.47 -41.01
C VAL A 55 -9.24 16.64 -42.00
N LEU A 56 -7.92 16.79 -41.97
CA LEU A 56 -7.07 16.05 -42.91
C LEU A 56 -5.97 15.26 -42.20
N MET A 57 -5.92 13.96 -42.45
CA MET A 57 -4.89 13.14 -41.83
C MET A 57 -4.04 12.58 -42.92
N LEU A 58 -2.73 12.76 -42.79
CA LEU A 58 -1.80 12.27 -43.76
C LEU A 58 -1.11 11.02 -43.26
N ALA A 59 -0.72 10.15 -44.18
CA ALA A 59 -0.03 8.92 -43.80
C ALA A 59 0.98 8.54 -44.87
N PRO A 60 2.11 7.99 -44.46
CA PRO A 60 3.18 7.58 -45.37
C PRO A 60 2.77 6.67 -46.52
N THR A 61 2.21 5.50 -46.20
CA THR A 61 1.81 4.53 -47.21
C THR A 61 0.33 4.58 -47.57
N LYS A 62 -0.02 3.85 -48.62
CA LYS A 62 -1.41 3.79 -49.08
C LYS A 62 -2.21 2.84 -48.18
N PRO A 63 -1.63 1.67 -47.84
CA PRO A 63 -2.40 0.79 -46.96
C PRO A 63 -2.79 1.50 -45.67
N LEU A 64 -1.86 2.32 -45.15
CA LEU A 64 -2.12 3.10 -43.93
C LEU A 64 -3.24 4.11 -44.14
N VAL A 65 -3.28 4.72 -45.31
CA VAL A 65 -4.32 5.68 -45.59
C VAL A 65 -5.68 4.99 -45.59
N LEU A 66 -5.76 3.87 -46.30
CA LEU A 66 -7.02 3.12 -46.35
C LEU A 66 -7.46 2.71 -44.95
N GLN A 67 -6.51 2.15 -44.21
CA GLN A 67 -6.77 1.69 -42.86
C GLN A 67 -7.37 2.79 -41.99
N HIS A 68 -6.69 3.92 -41.93
CA HIS A 68 -7.18 5.03 -41.12
C HIS A 68 -8.55 5.45 -41.61
N ALA A 69 -8.67 5.57 -42.93
CA ALA A 69 -9.94 5.98 -43.53
C ALA A 69 -11.07 5.07 -43.01
N GLU A 70 -10.84 3.76 -43.00
CA GLU A 70 -11.88 2.87 -42.51
C GLU A 70 -12.20 3.10 -41.04
N SER A 71 -11.17 3.24 -40.21
CA SER A 71 -11.40 3.45 -38.78
C SER A 71 -12.25 4.68 -38.56
N PHE A 72 -11.97 5.75 -39.30
CA PHE A 72 -12.77 6.96 -39.16
C PHE A 72 -14.23 6.64 -39.50
N ARG A 73 -14.43 5.92 -40.61
CA ARG A 73 -15.79 5.56 -41.00
C ARG A 73 -16.47 4.76 -39.90
N ARG A 74 -15.72 3.86 -39.27
CA ARG A 74 -16.29 3.04 -38.19
C ARG A 74 -16.60 3.80 -36.92
N LEU A 75 -15.76 4.73 -36.52
CA LEU A 75 -15.99 5.44 -35.27
C LEU A 75 -16.71 6.78 -35.41
N PHE A 76 -16.80 7.29 -36.63
CA PHE A 76 -17.48 8.55 -36.84
C PHE A 76 -18.90 8.42 -37.33
N ASN A 77 -19.79 9.16 -36.68
CA ASN A 77 -21.21 9.17 -37.02
C ASN A 77 -21.48 10.29 -38.03
N LEU A 78 -20.91 10.13 -39.22
CA LEU A 78 -21.06 11.08 -40.32
C LEU A 78 -21.32 10.32 -41.61
N PRO A 79 -22.06 10.92 -42.55
CA PRO A 79 -22.34 10.23 -43.82
C PRO A 79 -21.07 9.60 -44.36
N PRO A 80 -21.11 8.29 -44.65
CA PRO A 80 -19.97 7.54 -45.19
C PRO A 80 -19.22 8.18 -46.35
N GLU A 81 -19.91 8.96 -47.18
CA GLU A 81 -19.25 9.59 -48.33
C GLU A 81 -18.51 10.86 -47.94
N LYS A 82 -18.72 11.32 -46.70
CA LYS A 82 -18.04 12.51 -46.21
C LYS A 82 -16.69 12.18 -45.55
N ILE A 83 -16.34 10.91 -45.58
CA ILE A 83 -15.08 10.44 -45.05
C ILE A 83 -14.39 9.93 -46.30
N VAL A 84 -13.47 10.70 -46.84
CA VAL A 84 -12.81 10.33 -48.07
C VAL A 84 -11.33 9.93 -47.97
N ALA A 85 -10.93 8.96 -48.79
CA ALA A 85 -9.54 8.49 -48.83
C ALA A 85 -8.93 8.82 -50.19
N LEU A 86 -7.94 9.72 -50.17
CA LEU A 86 -7.27 10.14 -51.39
C LEU A 86 -5.91 9.49 -51.54
N THR A 87 -5.89 8.31 -52.13
CA THR A 87 -4.64 7.62 -52.33
C THR A 87 -3.95 8.17 -53.57
N GLY A 88 -4.72 8.93 -54.35
CA GLY A 88 -4.20 9.52 -55.58
C GLY A 88 -4.40 8.60 -56.78
N GLU A 89 -5.44 7.77 -56.72
CA GLU A 89 -5.74 6.84 -57.80
C GLU A 89 -7.05 7.23 -58.47
N LYS A 90 -7.74 8.20 -57.89
CA LYS A 90 -8.99 8.66 -58.46
C LYS A 90 -8.70 9.67 -59.58
N SER A 91 -9.71 9.97 -60.39
CA SER A 91 -9.53 10.92 -61.48
C SER A 91 -9.25 12.27 -60.85
N PRO A 92 -8.26 13.01 -61.38
CA PRO A 92 -7.90 14.32 -60.84
C PRO A 92 -9.10 15.19 -60.49
N GLU A 93 -10.23 14.91 -61.16
CA GLU A 93 -11.46 15.65 -60.94
C GLU A 93 -12.21 15.14 -59.73
N GLU A 94 -12.43 13.83 -59.67
CA GLU A 94 -13.13 13.22 -58.56
C GLU A 94 -12.46 13.58 -57.23
N ARG A 95 -11.12 13.56 -57.22
CA ARG A 95 -10.39 13.91 -56.02
C ARG A 95 -10.86 15.27 -55.53
N SER A 96 -10.94 16.22 -56.45
CA SER A 96 -11.38 17.56 -56.10
C SER A 96 -12.84 17.52 -55.73
N LYS A 97 -13.56 16.56 -56.32
CA LYS A 97 -14.98 16.38 -56.08
C LYS A 97 -15.17 15.83 -54.67
N ALA A 98 -14.31 14.87 -54.32
CA ALA A 98 -14.33 14.24 -53.00
C ALA A 98 -13.93 15.25 -51.95
N TRP A 99 -12.75 15.85 -52.15
CA TRP A 99 -12.24 16.84 -51.22
C TRP A 99 -13.29 17.90 -50.99
N ALA A 100 -14.09 18.14 -52.02
CA ALA A 100 -15.15 19.12 -51.97
C ALA A 100 -16.19 18.81 -50.89
N ARG A 101 -16.80 17.63 -50.99
CA ARG A 101 -17.84 17.24 -50.02
C ARG A 101 -17.31 16.61 -48.73
N ALA A 102 -16.06 16.18 -48.74
CA ALA A 102 -15.45 15.54 -47.58
C ALA A 102 -15.41 16.44 -46.35
N LYS A 103 -15.69 15.85 -45.19
CA LYS A 103 -15.68 16.57 -43.93
C LYS A 103 -14.44 16.07 -43.15
N VAL A 104 -13.90 14.95 -43.62
CA VAL A 104 -12.74 14.31 -43.06
C VAL A 104 -12.04 13.65 -44.23
N ILE A 105 -10.75 13.88 -44.37
CA ILE A 105 -10.03 13.30 -45.49
C ILE A 105 -8.68 12.71 -45.07
N VAL A 106 -8.44 11.46 -45.47
CA VAL A 106 -7.20 10.77 -45.15
C VAL A 106 -6.48 10.52 -46.46
N ALA A 107 -5.24 10.96 -46.56
CA ALA A 107 -4.51 10.77 -47.80
C ALA A 107 -3.01 10.71 -47.61
N THR A 108 -2.28 10.35 -48.67
CA THR A 108 -0.83 10.30 -48.63
C THR A 108 -0.37 11.73 -48.86
N PRO A 109 0.79 12.11 -48.30
CA PRO A 109 1.28 13.48 -48.49
C PRO A 109 1.58 13.74 -49.96
N GLN A 110 2.07 12.70 -50.64
CA GLN A 110 2.43 12.77 -52.04
C GLN A 110 1.33 13.46 -52.82
N THR A 111 0.20 12.77 -52.96
CA THR A 111 -0.93 13.32 -53.68
C THR A 111 -1.40 14.69 -53.19
N ILE A 112 -1.59 14.86 -51.88
CA ILE A 112 -2.03 16.15 -51.37
C ILE A 112 -1.10 17.30 -51.80
N GLU A 113 0.16 16.99 -52.05
CA GLU A 113 1.11 18.00 -52.46
C GLU A 113 0.81 18.45 -53.88
N ASN A 114 0.71 17.47 -54.78
CA ASN A 114 0.40 17.72 -56.18
C ASN A 114 -0.81 18.61 -56.34
N ASP A 115 -1.97 18.12 -55.93
CA ASP A 115 -3.21 18.87 -56.02
C ASP A 115 -3.13 20.19 -55.27
N LEU A 116 -2.11 20.34 -54.42
CA LEU A 116 -1.96 21.57 -53.66
C LEU A 116 -1.22 22.62 -54.50
N LEU A 117 -0.25 22.14 -55.28
CA LEU A 117 0.52 22.99 -56.18
C LEU A 117 -0.38 23.37 -57.36
N ALA A 118 -0.91 22.34 -58.04
CA ALA A 118 -1.80 22.51 -59.18
C ALA A 118 -2.99 23.43 -58.87
N GLY A 119 -3.22 23.73 -57.59
CA GLY A 119 -4.31 24.61 -57.22
C GLY A 119 -5.70 23.98 -57.23
N ARG A 120 -5.76 22.65 -57.26
CA ARG A 120 -7.03 21.94 -57.26
C ARG A 120 -7.71 21.93 -55.89
N ILE A 121 -6.89 21.99 -54.83
CA ILE A 121 -7.42 21.99 -53.46
C ILE A 121 -6.76 23.04 -52.59
N SER A 122 -7.52 23.55 -51.62
CA SER A 122 -7.02 24.56 -50.72
C SER A 122 -7.31 24.21 -49.26
N LEU A 123 -6.25 24.11 -48.47
CA LEU A 123 -6.40 23.77 -47.07
C LEU A 123 -6.60 24.99 -46.20
N GLU A 124 -7.64 25.76 -46.49
CA GLU A 124 -7.93 26.95 -45.71
C GLU A 124 -9.07 26.68 -44.76
N ASP A 125 -9.89 25.70 -45.12
CA ASP A 125 -11.03 25.31 -44.31
C ASP A 125 -10.70 24.11 -43.41
N VAL A 126 -9.46 23.65 -43.50
CA VAL A 126 -8.96 22.54 -42.70
C VAL A 126 -8.70 22.98 -41.27
N SER A 127 -9.60 22.66 -40.37
CA SER A 127 -9.46 23.03 -38.97
C SER A 127 -8.49 22.12 -38.18
N LEU A 128 -7.88 21.16 -38.88
CA LEU A 128 -6.94 20.25 -38.26
C LEU A 128 -6.23 19.34 -39.25
N ILE A 129 -4.91 19.29 -39.15
CA ILE A 129 -4.13 18.39 -39.99
C ILE A 129 -3.41 17.48 -39.01
N VAL A 130 -3.39 16.19 -39.32
CA VAL A 130 -2.72 15.25 -38.46
C VAL A 130 -1.68 14.57 -39.29
N PHE A 131 -0.42 14.64 -38.84
CA PHE A 131 0.66 13.97 -39.56
C PHE A 131 1.01 12.66 -38.82
N ASP A 132 0.70 11.53 -39.45
CA ASP A 132 1.02 10.26 -38.85
C ASP A 132 2.48 10.07 -39.17
N GLU A 133 3.23 9.53 -38.21
CA GLU A 133 4.68 9.34 -38.39
C GLU A 133 5.33 10.69 -38.67
N ALA A 134 4.93 11.70 -37.89
CA ALA A 134 5.42 13.07 -38.04
C ALA A 134 6.93 13.24 -38.08
N HIS A 135 7.65 12.26 -37.54
CA HIS A 135 9.10 12.27 -37.50
C HIS A 135 9.67 12.27 -38.91
N ARG A 136 8.89 11.85 -39.90
CA ARG A 136 9.45 11.85 -41.23
C ARG A 136 9.22 13.17 -41.92
N ALA A 137 8.92 14.18 -41.11
CA ALA A 137 8.69 15.53 -41.59
C ALA A 137 9.99 16.31 -41.56
N VAL A 138 11.00 15.74 -42.22
CA VAL A 138 12.31 16.35 -42.30
C VAL A 138 12.77 16.40 -43.76
N GLY A 139 13.77 17.23 -43.99
CA GLY A 139 14.34 17.38 -45.31
C GLY A 139 13.39 17.71 -46.45
N ASN A 140 13.31 16.77 -47.36
CA ASN A 140 12.50 16.91 -48.55
C ASN A 140 11.02 16.51 -48.45
N TYR A 141 10.75 15.46 -47.69
CA TYR A 141 9.40 14.93 -47.52
C TYR A 141 8.23 15.91 -47.73
N ALA A 142 7.22 15.44 -48.45
CA ALA A 142 6.02 16.22 -48.74
C ALA A 142 5.40 16.86 -47.52
N TYR A 143 5.64 16.27 -46.36
CA TYR A 143 5.08 16.78 -45.13
C TYR A 143 5.48 18.22 -44.90
N VAL A 144 6.78 18.47 -44.99
CA VAL A 144 7.31 19.79 -44.74
C VAL A 144 6.64 20.86 -45.59
N PHE A 145 6.51 20.61 -46.89
CA PHE A 145 5.84 21.55 -47.78
C PHE A 145 4.38 21.79 -47.35
N ILE A 146 3.62 20.71 -47.24
CA ILE A 146 2.22 20.80 -46.82
C ILE A 146 2.08 21.59 -45.53
N ALA A 147 2.99 21.34 -44.61
CA ALA A 147 2.98 22.01 -43.33
C ALA A 147 3.05 23.53 -43.54
N ARG A 148 3.99 23.94 -44.39
CA ARG A 148 4.21 25.33 -44.71
C ARG A 148 2.96 25.99 -45.31
N GLU A 149 2.39 25.33 -46.32
CA GLU A 149 1.18 25.84 -46.96
C GLU A 149 0.08 26.06 -45.95
N TYR A 150 -0.21 24.99 -45.23
CA TYR A 150 -1.25 25.03 -44.21
C TYR A 150 -1.02 26.20 -43.26
N LYS A 151 0.20 26.30 -42.75
CA LYS A 151 0.57 27.34 -41.79
C LYS A 151 0.21 28.75 -42.22
N ARG A 152 0.20 29.00 -43.53
CA ARG A 152 -0.10 30.33 -44.02
C ARG A 152 -1.50 30.53 -44.61
N GLN A 153 -2.11 29.48 -45.13
CA GLN A 153 -3.42 29.64 -45.74
C GLN A 153 -4.60 29.01 -44.99
N ALA A 154 -4.48 28.80 -43.68
CA ALA A 154 -5.55 28.19 -42.91
C ALA A 154 -6.23 29.14 -41.95
N LYS A 155 -7.55 29.19 -42.01
CA LYS A 155 -8.34 30.07 -41.15
C LYS A 155 -8.07 29.79 -39.67
N ASN A 156 -8.36 28.58 -39.21
CA ASN A 156 -8.09 28.19 -37.83
C ASN A 156 -7.15 27.01 -37.92
N PRO A 157 -5.84 27.24 -37.84
CA PRO A 157 -4.93 26.11 -37.95
C PRO A 157 -4.64 25.38 -36.64
N LEU A 158 -4.41 24.07 -36.78
CA LEU A 158 -4.06 23.19 -35.67
C LEU A 158 -3.27 22.04 -36.29
N VAL A 159 -2.04 21.89 -35.83
CA VAL A 159 -1.19 20.82 -36.33
C VAL A 159 -0.95 19.81 -35.23
N ILE A 160 -1.23 18.54 -35.52
CA ILE A 160 -1.03 17.45 -34.56
C ILE A 160 -0.19 16.41 -35.26
N GLY A 161 0.97 16.12 -34.69
CA GLY A 161 1.86 15.13 -35.29
C GLY A 161 1.93 13.93 -34.37
N LEU A 162 1.73 12.74 -34.93
CA LEU A 162 1.76 11.49 -34.17
C LEU A 162 3.04 10.75 -34.46
N THR A 163 3.67 10.20 -33.43
CA THR A 163 4.90 9.47 -33.65
C THR A 163 5.34 8.66 -32.44
N ALA A 164 6.11 7.61 -32.70
CA ALA A 164 6.64 6.78 -31.65
C ALA A 164 7.98 7.36 -31.20
N SER A 165 8.42 8.41 -31.89
CA SER A 165 9.67 9.12 -31.59
C SER A 165 9.92 10.22 -32.63
N PRO A 166 10.07 11.48 -32.17
CA PRO A 166 10.30 12.62 -33.06
C PRO A 166 11.69 12.68 -33.71
N GLY A 167 12.58 11.82 -33.27
CA GLY A 167 13.94 11.80 -33.80
C GLY A 167 14.90 11.31 -32.73
N SER A 168 16.15 11.14 -33.10
CA SER A 168 17.14 10.66 -32.15
C SER A 168 18.22 11.71 -31.92
N THR A 169 18.22 12.69 -32.81
CA THR A 169 19.18 13.77 -32.78
C THR A 169 18.55 15.09 -32.39
N PRO A 170 19.25 15.90 -31.60
CA PRO A 170 18.66 17.18 -31.22
C PRO A 170 18.27 17.90 -32.52
N GLU A 171 19.22 17.94 -33.47
CA GLU A 171 19.03 18.60 -34.74
C GLU A 171 17.81 18.05 -35.45
N LYS A 172 17.75 16.73 -35.51
CA LYS A 172 16.64 16.07 -36.16
C LYS A 172 15.30 16.50 -35.53
N ILE A 173 15.22 16.45 -34.21
CA ILE A 173 14.02 16.86 -33.48
C ILE A 173 13.68 18.31 -33.79
N MET A 174 14.69 19.19 -33.73
CA MET A 174 14.51 20.60 -34.01
C MET A 174 13.94 20.80 -35.42
N GLU A 175 14.45 20.04 -36.39
CA GLU A 175 13.98 20.17 -37.75
C GLU A 175 12.50 19.89 -37.85
N VAL A 176 12.02 18.80 -37.26
CA VAL A 176 10.60 18.52 -37.36
C VAL A 176 9.79 19.51 -36.52
N ILE A 177 10.25 19.82 -35.32
CA ILE A 177 9.52 20.78 -34.47
C ILE A 177 9.29 22.09 -35.21
N ASN A 178 10.34 22.58 -35.89
CA ASN A 178 10.24 23.84 -36.62
C ASN A 178 9.42 23.68 -37.89
N ASN A 179 9.62 22.56 -38.59
CA ASN A 179 8.88 22.32 -39.82
C ASN A 179 7.36 22.24 -39.60
N LEU A 180 6.95 21.74 -38.44
CA LEU A 180 5.54 21.60 -38.14
C LEU A 180 5.02 22.65 -37.15
N GLY A 181 5.86 23.63 -36.83
CA GLY A 181 5.45 24.67 -35.92
C GLY A 181 4.94 24.11 -34.60
N ILE A 182 5.68 23.17 -34.03
CA ILE A 182 5.28 22.56 -32.79
C ILE A 182 5.52 23.46 -31.62
N GLU A 183 4.46 23.74 -30.89
CA GLU A 183 4.53 24.61 -29.73
C GLU A 183 4.64 23.79 -28.44
N HIS A 184 4.24 22.52 -28.51
CA HIS A 184 4.23 21.65 -27.35
C HIS A 184 4.27 20.17 -27.67
N ILE A 185 4.95 19.40 -26.83
CA ILE A 185 5.05 17.97 -27.00
C ILE A 185 4.46 17.27 -25.79
N GLU A 186 3.65 16.23 -26.04
CA GLU A 186 3.04 15.44 -24.98
C GLU A 186 3.62 14.05 -25.16
N TYR A 187 4.35 13.60 -24.15
CA TYR A 187 5.05 12.33 -24.17
C TYR A 187 4.45 11.39 -23.14
N ARG A 188 4.62 10.10 -23.34
CA ARG A 188 4.11 9.11 -22.40
C ARG A 188 4.86 7.82 -22.63
N SER A 189 5.14 7.11 -21.55
CA SER A 189 5.84 5.85 -21.67
C SER A 189 4.89 4.79 -21.15
N GLU A 190 5.21 3.54 -21.45
CA GLU A 190 4.39 2.45 -21.01
C GLU A 190 4.30 2.48 -19.50
N ASN A 191 5.23 3.18 -18.86
CA ASN A 191 5.25 3.26 -17.41
C ASN A 191 4.72 4.53 -16.76
N SER A 192 4.29 5.49 -17.56
CA SER A 192 3.74 6.71 -16.98
C SER A 192 2.57 6.26 -16.09
N PRO A 193 2.47 6.83 -14.87
CA PRO A 193 1.39 6.44 -13.95
C PRO A 193 0.01 6.54 -14.62
N ASP A 194 0.03 7.31 -15.69
CA ASP A 194 -1.11 7.62 -16.51
C ASP A 194 -1.53 6.45 -17.41
N VAL A 195 -0.54 5.71 -17.87
CA VAL A 195 -0.75 4.58 -18.77
C VAL A 195 -0.70 3.19 -18.14
N ARG A 196 0.16 2.99 -17.14
CA ARG A 196 0.32 1.72 -16.47
C ARG A 196 -0.95 0.88 -16.31
N PRO A 197 -2.04 1.48 -15.79
CA PRO A 197 -3.31 0.77 -15.59
C PRO A 197 -3.85 0.09 -16.81
N TYR A 198 -3.39 0.50 -17.99
CA TYR A 198 -3.88 -0.06 -19.23
C TYR A 198 -2.91 -0.98 -19.93
N VAL A 199 -1.76 -1.22 -19.30
CA VAL A 199 -0.78 -2.10 -19.92
C VAL A 199 -0.64 -3.47 -19.25
N LYS A 200 -0.83 -4.53 -20.05
CA LYS A 200 -0.74 -5.93 -19.61
C LYS A 200 0.68 -6.49 -19.45
N GLY A 201 0.92 -7.26 -18.39
CA GLY A 201 2.22 -7.90 -18.24
C GLY A 201 2.24 -8.99 -19.31
N ILE A 202 3.39 -9.26 -19.90
CA ILE A 202 3.41 -10.27 -20.97
C ILE A 202 3.93 -11.65 -20.56
N ARG A 203 5.11 -11.62 -19.92
CA ARG A 203 5.81 -12.82 -19.47
C ARG A 203 6.21 -13.76 -20.60
N PHE A 204 7.36 -13.50 -21.18
CA PHE A 204 7.87 -14.37 -22.22
C PHE A 204 8.70 -15.35 -21.42
N GLU A 205 8.43 -16.64 -21.60
CA GLU A 205 9.19 -17.65 -20.89
C GLU A 205 10.36 -18.11 -21.75
N TRP A 206 11.56 -17.68 -21.37
CA TRP A 206 12.76 -18.05 -22.10
C TRP A 206 13.27 -19.38 -21.57
N VAL A 207 13.27 -20.40 -22.42
CA VAL A 207 13.76 -21.72 -22.03
C VAL A 207 15.01 -22.08 -22.83
N ARG A 208 16.07 -22.45 -22.12
CA ARG A 208 17.34 -22.75 -22.75
C ARG A 208 17.53 -24.22 -23.06
N VAL A 209 17.63 -24.53 -24.34
CA VAL A 209 17.85 -25.90 -24.79
C VAL A 209 19.34 -26.22 -24.77
N ASP A 210 19.72 -27.30 -24.09
CA ASP A 210 21.13 -27.71 -24.02
C ASP A 210 21.49 -28.48 -25.33
N LEU A 211 22.76 -28.52 -25.75
CA LEU A 211 23.18 -29.19 -27.01
C LEU A 211 23.80 -30.58 -26.86
N PRO A 212 23.28 -31.61 -27.55
CA PRO A 212 23.86 -32.95 -27.44
C PRO A 212 25.28 -33.04 -28.00
N GLU A 213 26.13 -33.81 -27.31
CA GLU A 213 27.54 -33.95 -27.69
C GLU A 213 27.89 -33.90 -29.14
N ILE A 214 27.20 -34.66 -29.98
CA ILE A 214 27.53 -34.64 -31.39
C ILE A 214 27.31 -33.26 -31.98
N TYR A 215 26.13 -32.69 -31.73
CA TYR A 215 25.80 -31.35 -32.24
C TYR A 215 26.86 -30.34 -31.81
N LYS A 216 27.10 -30.34 -30.51
CA LYS A 216 28.09 -29.47 -29.88
C LYS A 216 29.44 -29.61 -30.59
N GLU A 217 29.90 -30.84 -30.76
CA GLU A 217 31.19 -31.13 -31.38
C GLU A 217 31.28 -30.70 -32.84
N VAL A 218 30.30 -31.08 -33.64
CA VAL A 218 30.29 -30.69 -35.04
C VAL A 218 30.44 -29.17 -35.11
N ARG A 219 29.66 -28.49 -34.28
CA ARG A 219 29.69 -27.04 -34.23
C ARG A 219 31.09 -26.49 -33.90
N LYS A 220 31.68 -27.02 -32.84
CA LYS A 220 33.01 -26.56 -32.43
C LYS A 220 33.99 -26.68 -33.58
N LEU A 221 33.99 -27.82 -34.26
CA LEU A 221 34.90 -28.08 -35.38
C LEU A 221 34.69 -27.06 -36.49
N LEU A 222 33.42 -26.85 -36.85
CA LEU A 222 33.10 -25.90 -37.87
C LEU A 222 33.56 -24.50 -37.48
N ARG A 223 33.33 -24.10 -36.24
CA ARG A 223 33.77 -22.78 -35.77
C ARG A 223 35.28 -22.63 -35.88
N GLU A 224 36.00 -23.57 -35.29
CA GLU A 224 37.45 -23.53 -35.33
C GLU A 224 38.05 -23.39 -36.72
N MET A 225 37.40 -23.99 -37.71
CA MET A 225 37.87 -23.88 -39.08
C MET A 225 37.56 -22.47 -39.54
N LEU A 226 36.39 -21.98 -39.18
CA LEU A 226 36.03 -20.62 -39.57
C LEU A 226 37.07 -19.64 -39.00
N ARG A 227 37.46 -19.87 -37.74
CA ARG A 227 38.45 -19.01 -37.11
C ARG A 227 39.70 -18.91 -37.98
N ASP A 228 40.29 -20.07 -38.32
CA ASP A 228 41.49 -20.13 -39.15
C ASP A 228 41.28 -19.48 -40.50
N ALA A 229 40.09 -19.60 -41.05
CA ALA A 229 39.82 -19.00 -42.35
C ALA A 229 39.84 -17.47 -42.24
N LEU A 230 39.44 -16.96 -41.07
CA LEU A 230 39.40 -15.52 -40.81
C LEU A 230 40.71 -14.93 -40.30
N LYS A 231 41.53 -15.72 -39.61
CA LYS A 231 42.79 -15.21 -39.10
C LYS A 231 43.55 -14.35 -40.09
N PRO A 232 43.84 -14.89 -41.29
CA PRO A 232 44.57 -14.09 -42.28
C PRO A 232 43.85 -12.80 -42.67
N LEU A 233 42.53 -12.85 -42.79
CA LEU A 233 41.79 -11.64 -43.15
C LEU A 233 41.97 -10.57 -42.06
N ALA A 234 41.94 -11.02 -40.80
CA ALA A 234 42.08 -10.12 -39.65
C ALA A 234 43.51 -9.57 -39.55
N GLU A 235 44.51 -10.45 -39.61
CA GLU A 235 45.89 -10.02 -39.52
C GLU A 235 46.24 -8.96 -40.56
N THR A 236 45.38 -8.79 -41.54
CA THR A 236 45.58 -7.80 -42.60
C THR A 236 44.83 -6.52 -42.25
N GLY A 237 43.79 -6.67 -41.43
CA GLY A 237 43.02 -5.50 -41.05
C GLY A 237 41.74 -5.41 -41.87
N LEU A 238 41.30 -6.54 -42.41
CA LEU A 238 40.08 -6.54 -43.21
C LEU A 238 38.86 -6.68 -42.29
N LEU A 239 39.11 -6.99 -41.02
CA LEU A 239 38.05 -7.13 -40.03
C LEU A 239 38.64 -7.05 -38.61
N GLU A 240 37.81 -6.66 -37.64
CA GLU A 240 38.25 -6.49 -36.25
C GLU A 240 38.88 -7.71 -35.62
N SER A 241 38.21 -8.86 -35.74
CA SER A 241 38.77 -10.08 -35.17
C SER A 241 38.48 -11.32 -36.01
N SER A 242 39.20 -12.38 -35.69
CA SER A 242 39.04 -13.65 -36.38
C SER A 242 38.03 -14.52 -35.61
N SER A 243 37.28 -13.89 -34.71
CA SER A 243 36.31 -14.63 -33.94
C SER A 243 35.15 -15.12 -34.78
N PRO A 244 34.89 -16.43 -34.74
CA PRO A 244 33.80 -17.05 -35.51
C PRO A 244 32.46 -16.42 -35.13
N ASP A 245 32.48 -15.55 -34.13
CA ASP A 245 31.26 -14.91 -33.69
C ASP A 245 30.94 -13.61 -34.43
N ILE A 246 31.91 -13.06 -35.16
CA ILE A 246 31.65 -11.79 -35.85
C ILE A 246 30.44 -11.87 -36.76
N PRO A 247 29.83 -10.72 -37.08
CA PRO A 247 28.63 -10.68 -37.92
C PRO A 247 28.95 -11.05 -39.34
N LYS A 248 28.03 -11.74 -40.00
CA LYS A 248 28.23 -12.13 -41.38
C LYS A 248 28.56 -10.90 -42.21
N LYS A 249 27.81 -9.85 -41.97
CA LYS A 249 28.01 -8.59 -42.68
C LYS A 249 29.46 -8.14 -42.64
N GLU A 250 30.15 -8.36 -41.52
CA GLU A 250 31.53 -7.94 -41.41
C GLU A 250 32.47 -8.73 -42.29
N VAL A 251 32.14 -9.99 -42.59
CA VAL A 251 33.02 -10.77 -43.46
C VAL A 251 32.75 -10.43 -44.91
N LEU A 252 31.49 -10.20 -45.27
CA LEU A 252 31.16 -9.82 -46.63
C LEU A 252 31.93 -8.53 -46.93
N ARG A 253 32.02 -7.66 -45.93
CA ARG A 253 32.74 -6.40 -46.09
C ARG A 253 34.18 -6.69 -46.43
N ALA A 254 34.82 -7.55 -45.64
CA ALA A 254 36.21 -7.90 -45.87
C ALA A 254 36.43 -8.34 -47.31
N GLY A 255 35.43 -8.99 -47.88
CA GLY A 255 35.52 -9.46 -49.25
C GLY A 255 35.48 -8.35 -50.26
N GLN A 256 34.38 -7.59 -50.29
CA GLN A 256 34.25 -6.51 -51.24
C GLN A 256 35.37 -5.49 -51.09
N ILE A 257 36.01 -5.46 -49.92
CA ILE A 257 37.13 -4.53 -49.72
C ILE A 257 38.28 -4.99 -50.59
N ILE A 258 38.50 -6.30 -50.64
CA ILE A 258 39.57 -6.87 -51.46
C ILE A 258 39.26 -6.65 -52.95
N ASN A 259 37.97 -6.67 -53.30
CA ASN A 259 37.55 -6.46 -54.67
C ASN A 259 37.75 -5.02 -55.13
N GLU A 260 37.37 -4.07 -54.26
CA GLU A 260 37.52 -2.66 -54.58
C GLU A 260 38.99 -2.30 -54.70
N GLU A 261 39.86 -3.10 -54.07
CA GLU A 261 41.29 -2.86 -54.11
C GLU A 261 41.95 -3.39 -55.37
N MET A 262 41.34 -4.41 -55.97
CA MET A 262 41.88 -4.96 -57.19
C MET A 262 41.37 -4.10 -58.33
N ALA A 263 40.22 -3.48 -58.12
CA ALA A 263 39.63 -2.59 -59.12
C ALA A 263 40.46 -1.31 -59.20
N LYS A 264 41.20 -1.04 -58.14
CA LYS A 264 42.07 0.13 -58.09
C LYS A 264 43.43 -0.26 -58.67
N GLY A 265 43.69 -1.56 -58.73
CA GLY A 265 44.95 -2.04 -59.26
C GLY A 265 45.95 -2.50 -58.21
N ASN A 266 45.46 -3.05 -57.10
CA ASN A 266 46.32 -3.53 -56.03
C ASN A 266 46.78 -4.95 -56.30
N HIS A 267 45.90 -5.91 -56.08
CA HIS A 267 46.19 -7.33 -56.32
C HIS A 267 47.15 -7.96 -55.32
N ASP A 268 47.43 -7.27 -54.21
CA ASP A 268 48.30 -7.81 -53.17
C ASP A 268 47.43 -8.75 -52.35
N LEU A 269 46.33 -8.19 -51.88
CA LEU A 269 45.36 -8.93 -51.07
C LEU A 269 44.55 -9.87 -51.97
N ARG A 270 45.21 -10.44 -52.97
CA ARG A 270 44.57 -11.34 -53.90
C ARG A 270 44.47 -12.73 -53.30
N GLY A 271 45.57 -13.20 -52.73
CA GLY A 271 45.61 -14.52 -52.13
C GLY A 271 44.60 -14.71 -51.00
N LEU A 272 44.26 -13.63 -50.33
CA LEU A 272 43.32 -13.68 -49.22
C LEU A 272 41.91 -13.96 -49.68
N LEU A 273 41.66 -13.81 -50.97
CA LEU A 273 40.34 -14.05 -51.50
C LEU A 273 39.98 -15.53 -51.32
N LEU A 274 41.01 -16.37 -51.20
CA LEU A 274 40.80 -17.80 -50.99
C LEU A 274 40.15 -18.03 -49.63
N TYR A 275 40.78 -17.47 -48.60
CA TYR A 275 40.28 -17.58 -47.23
C TYR A 275 38.90 -16.95 -47.08
N HIS A 276 38.68 -15.84 -47.76
CA HIS A 276 37.38 -15.20 -47.68
C HIS A 276 36.28 -16.14 -48.18
N ALA A 277 36.59 -16.90 -49.22
CA ALA A 277 35.61 -17.83 -49.77
C ALA A 277 35.34 -18.98 -48.81
N MET A 278 36.40 -19.46 -48.15
CA MET A 278 36.29 -20.56 -47.21
C MET A 278 35.49 -20.10 -46.01
N ALA A 279 35.74 -18.86 -45.62
CA ALA A 279 35.05 -18.29 -44.49
C ALA A 279 33.57 -18.29 -44.80
N LEU A 280 33.21 -17.68 -45.92
CA LEU A 280 31.82 -17.61 -46.32
C LEU A 280 31.11 -18.97 -46.32
N LYS A 281 31.82 -20.00 -46.80
CA LYS A 281 31.26 -21.34 -46.83
C LYS A 281 31.13 -21.89 -45.41
N LEU A 282 32.21 -21.83 -44.63
CA LEU A 282 32.19 -22.32 -43.26
C LEU A 282 31.14 -21.58 -42.43
N HIS A 283 30.99 -20.29 -42.69
CA HIS A 283 30.03 -19.50 -41.96
C HIS A 283 28.64 -20.02 -42.29
N HIS A 284 28.39 -20.23 -43.59
CA HIS A 284 27.10 -20.74 -44.02
C HIS A 284 26.80 -22.10 -43.41
N ALA A 285 27.82 -22.94 -43.28
CA ALA A 285 27.64 -24.26 -42.71
C ALA A 285 27.14 -24.13 -41.28
N ILE A 286 27.81 -23.28 -40.50
CA ILE A 286 27.43 -23.07 -39.11
C ILE A 286 25.98 -22.61 -39.07
N GLU A 287 25.69 -21.65 -39.95
CA GLU A 287 24.35 -21.07 -40.04
C GLU A 287 23.27 -22.13 -40.27
N LEU A 288 23.53 -23.10 -41.13
CA LEU A 288 22.55 -24.16 -41.39
C LEU A 288 22.44 -25.04 -40.15
N LEU A 289 23.59 -25.37 -39.57
CA LEU A 289 23.64 -26.20 -38.38
C LEU A 289 22.81 -25.61 -37.25
N GLU A 290 22.93 -24.30 -37.02
CA GLU A 290 22.18 -23.64 -35.94
C GLU A 290 20.72 -23.32 -36.28
N THR A 291 20.51 -22.81 -37.48
CA THR A 291 19.18 -22.45 -37.96
C THR A 291 18.26 -23.62 -38.28
N GLN A 292 18.79 -24.65 -38.90
CA GLN A 292 17.99 -25.80 -39.25
C GLN A 292 18.41 -27.13 -38.64
N GLY A 293 19.70 -27.44 -38.64
CA GLY A 293 20.12 -28.69 -38.05
C GLY A 293 21.15 -29.48 -38.82
N LEU A 294 21.54 -30.62 -38.26
CA LEU A 294 22.54 -31.49 -38.88
C LEU A 294 22.19 -31.93 -40.30
N SER A 295 20.94 -32.28 -40.54
CA SER A 295 20.54 -32.73 -41.87
C SER A 295 20.73 -31.67 -42.95
N ALA A 296 20.49 -30.41 -42.60
CA ALA A 296 20.69 -29.34 -43.57
C ALA A 296 22.19 -29.19 -43.81
N LEU A 297 22.97 -29.40 -42.74
CA LEU A 297 24.43 -29.29 -42.82
C LEU A 297 24.93 -30.38 -43.74
N ARG A 298 24.54 -31.61 -43.44
CA ARG A 298 24.92 -32.78 -44.22
C ARG A 298 24.71 -32.51 -45.71
N ALA A 299 23.51 -32.04 -46.06
CA ALA A 299 23.15 -31.73 -47.43
C ALA A 299 24.13 -30.73 -48.05
N TYR A 300 24.43 -29.66 -47.32
CA TYR A 300 25.35 -28.64 -47.81
C TYR A 300 26.77 -29.20 -47.93
N ILE A 301 27.25 -29.91 -46.92
CA ILE A 301 28.59 -30.45 -47.00
C ILE A 301 28.72 -31.29 -48.24
N LYS A 302 27.66 -32.03 -48.54
CA LYS A 302 27.62 -32.89 -49.72
C LYS A 302 27.71 -32.04 -50.98
N LYS A 303 26.75 -31.14 -51.17
CA LYS A 303 26.77 -30.28 -52.35
C LYS A 303 28.10 -29.55 -52.49
N LEU A 304 28.79 -29.41 -51.37
CA LEU A 304 30.08 -28.73 -51.31
C LEU A 304 31.17 -29.71 -51.73
N TYR A 305 30.86 -30.98 -51.59
CA TYR A 305 31.79 -32.04 -51.94
C TYR A 305 31.79 -32.23 -53.45
N GLU A 306 30.69 -31.84 -54.09
CA GLU A 306 30.59 -31.97 -55.54
C GLU A 306 31.44 -30.88 -56.17
N GLU A 307 31.47 -29.73 -55.50
CA GLU A 307 32.25 -28.60 -55.95
C GLU A 307 33.74 -28.90 -55.86
N ALA A 308 34.11 -29.77 -54.91
CA ALA A 308 35.49 -30.14 -54.69
C ALA A 308 35.90 -31.12 -55.79
N LYS A 309 35.02 -32.08 -56.10
CA LYS A 309 35.30 -33.08 -57.13
C LYS A 309 35.28 -32.46 -58.52
N ALA A 310 34.39 -31.50 -58.76
CA ALA A 310 34.29 -30.78 -60.04
C ALA A 310 35.60 -30.07 -60.32
N GLY A 311 36.41 -29.96 -59.26
CA GLY A 311 37.72 -29.33 -59.34
C GLY A 311 37.71 -27.84 -59.63
N SER A 312 36.54 -27.22 -59.52
CA SER A 312 36.39 -25.80 -59.79
C SER A 312 36.77 -24.92 -58.59
N THR A 313 36.06 -25.08 -57.48
CA THR A 313 36.30 -24.29 -56.26
C THR A 313 37.53 -24.74 -55.44
N LYS A 314 38.55 -23.90 -55.33
CA LYS A 314 39.76 -24.21 -54.55
C LYS A 314 39.40 -24.21 -53.07
N ALA A 315 38.47 -23.34 -52.73
CA ALA A 315 37.98 -23.21 -51.36
C ALA A 315 37.40 -24.55 -50.86
N SER A 316 36.46 -25.11 -51.62
CA SER A 316 35.84 -26.38 -51.26
C SER A 316 36.87 -27.49 -51.07
N LYS A 317 37.86 -27.52 -51.95
CA LYS A 317 38.93 -28.50 -51.87
C LYS A 317 39.63 -28.44 -50.51
N GLU A 318 40.17 -27.27 -50.22
CA GLU A 318 40.88 -26.97 -48.98
C GLU A 318 40.09 -27.41 -47.75
N ILE A 319 38.81 -27.07 -47.73
CA ILE A 319 37.96 -27.41 -46.61
C ILE A 319 37.88 -28.90 -46.34
N PHE A 320 37.90 -29.72 -47.39
CA PHE A 320 37.82 -31.17 -47.18
C PHE A 320 39.13 -31.81 -46.77
N SER A 321 40.24 -31.20 -47.14
CA SER A 321 41.54 -31.75 -46.79
C SER A 321 41.86 -31.52 -45.30
N ASP A 322 40.99 -30.77 -44.63
CA ASP A 322 41.15 -30.44 -43.21
C ASP A 322 40.70 -31.64 -42.38
N LYS A 323 41.55 -32.10 -41.48
CA LYS A 323 41.20 -33.25 -40.64
C LYS A 323 39.92 -33.00 -39.86
N ARG A 324 39.70 -31.73 -39.50
CA ARG A 324 38.52 -31.32 -38.75
C ARG A 324 37.24 -31.58 -39.55
N MET A 325 37.20 -31.16 -40.80
CA MET A 325 36.03 -31.38 -41.62
C MET A 325 35.78 -32.87 -41.71
N LYS A 326 36.87 -33.63 -41.70
CA LYS A 326 36.77 -35.08 -41.76
C LYS A 326 36.02 -35.60 -40.54
N LYS A 327 36.54 -35.32 -39.35
CA LYS A 327 35.90 -35.79 -38.13
C LYS A 327 34.46 -35.30 -38.08
N ALA A 328 34.20 -34.13 -38.63
CA ALA A 328 32.86 -33.58 -38.63
C ALA A 328 31.99 -34.48 -39.47
N ILE A 329 32.48 -34.86 -40.65
CA ILE A 329 31.72 -35.71 -41.55
C ILE A 329 31.39 -37.07 -40.95
N SER A 330 32.29 -37.58 -40.11
CA SER A 330 32.06 -38.88 -39.47
C SER A 330 30.99 -38.75 -38.40
N LEU A 331 31.02 -37.66 -37.64
CA LEU A 331 30.04 -37.44 -36.58
C LEU A 331 28.70 -37.19 -37.23
N LEU A 332 28.75 -36.57 -38.40
CA LEU A 332 27.55 -36.21 -39.13
C LEU A 332 26.78 -37.46 -39.57
N VAL A 333 27.51 -38.56 -39.74
CA VAL A 333 26.88 -39.81 -40.13
C VAL A 333 26.41 -40.47 -38.84
N GLN A 334 27.28 -40.46 -37.85
CA GLN A 334 27.01 -41.01 -36.54
C GLN A 334 25.70 -40.41 -36.01
N ALA A 335 25.36 -39.23 -36.50
CA ALA A 335 24.15 -38.51 -36.08
C ALA A 335 22.94 -39.12 -36.72
N LYS A 336 22.97 -39.25 -38.04
CA LYS A 336 21.85 -39.84 -38.78
C LYS A 336 21.57 -41.23 -38.24
N GLU A 337 22.63 -41.87 -37.77
CA GLU A 337 22.55 -43.19 -37.18
C GLU A 337 21.55 -43.19 -36.01
N ILE A 338 21.54 -42.13 -35.20
CA ILE A 338 20.62 -42.06 -34.07
C ILE A 338 19.48 -41.08 -34.29
N GLY A 339 19.32 -40.59 -35.52
CA GLY A 339 18.25 -39.66 -35.82
C GLY A 339 18.30 -38.30 -35.14
N LEU A 340 19.49 -37.75 -34.98
CA LEU A 340 19.66 -36.45 -34.35
C LEU A 340 19.82 -35.33 -35.38
N ASP A 341 18.85 -34.43 -35.45
CA ASP A 341 18.92 -33.32 -36.42
C ASP A 341 19.07 -31.96 -35.70
N HIS A 342 18.28 -31.71 -34.65
CA HIS A 342 18.34 -30.43 -33.89
C HIS A 342 17.63 -30.49 -32.51
N PRO A 343 18.32 -30.14 -31.35
CA PRO A 343 17.79 -30.13 -29.96
C PRO A 343 16.50 -29.37 -29.71
N LYS A 344 16.30 -28.31 -30.47
CA LYS A 344 15.10 -27.52 -30.32
C LYS A 344 13.85 -28.32 -30.76
N MET A 345 13.98 -29.11 -31.82
CA MET A 345 12.85 -29.91 -32.31
C MET A 345 12.38 -30.85 -31.24
N ASP A 346 13.34 -31.47 -30.53
CA ASP A 346 12.99 -32.40 -29.47
C ASP A 346 12.28 -31.65 -28.36
N LYS A 347 12.80 -30.49 -27.99
CA LYS A 347 12.15 -29.71 -26.94
C LYS A 347 10.80 -29.22 -27.42
N LEU A 348 10.72 -28.79 -28.67
CA LEU A 348 9.47 -28.31 -29.21
C LEU A 348 8.40 -29.40 -29.11
N LYS A 349 8.74 -30.61 -29.56
CA LYS A 349 7.80 -31.73 -29.52
C LYS A 349 7.34 -31.93 -28.08
N GLU A 350 8.30 -31.98 -27.17
CA GLU A 350 8.00 -32.18 -25.77
C GLU A 350 7.00 -31.18 -25.19
N ILE A 351 7.20 -29.88 -25.38
CA ILE A 351 6.25 -28.91 -24.83
C ILE A 351 4.92 -28.98 -25.56
N ILE A 352 4.94 -29.13 -26.88
CA ILE A 352 3.68 -29.23 -27.61
C ILE A 352 2.93 -30.46 -27.10
N ARG A 353 3.67 -31.51 -26.77
CA ARG A 353 3.08 -32.74 -26.26
C ARG A 353 2.32 -32.42 -24.99
N GLU A 354 3.04 -32.05 -23.94
CA GLU A 354 2.42 -31.76 -22.65
C GLU A 354 1.28 -30.74 -22.71
N GLN A 355 1.24 -29.93 -23.76
CA GLN A 355 0.19 -28.93 -23.92
C GLN A 355 -1.11 -29.61 -24.38
N LEU A 356 -1.00 -30.37 -25.46
CA LEU A 356 -2.13 -31.10 -26.02
C LEU A 356 -2.65 -32.10 -25.01
N GLN A 357 -1.79 -32.48 -24.08
CA GLN A 357 -2.15 -33.44 -23.05
C GLN A 357 -3.05 -32.79 -22.00
N ARG A 358 -2.73 -31.58 -21.58
CA ARG A 358 -3.55 -30.90 -20.59
C ARG A 358 -4.81 -30.34 -21.25
N LYS A 359 -4.79 -30.26 -22.58
CA LYS A 359 -5.92 -29.73 -23.33
C LYS A 359 -5.73 -30.03 -24.80
N GLN A 360 -6.26 -31.16 -25.26
CA GLN A 360 -6.13 -31.55 -26.66
C GLN A 360 -6.86 -30.58 -27.56
N ASN A 361 -7.60 -29.68 -26.93
CA ASN A 361 -8.39 -28.67 -27.61
C ASN A 361 -7.51 -27.46 -27.92
N SER A 362 -6.27 -27.51 -27.43
CA SER A 362 -5.31 -26.44 -27.60
C SER A 362 -5.07 -25.91 -29.00
N LYS A 363 -4.86 -24.60 -29.08
CA LYS A 363 -4.58 -23.88 -30.32
C LYS A 363 -3.20 -23.28 -30.03
N ILE A 364 -2.17 -23.72 -30.75
CA ILE A 364 -0.84 -23.22 -30.51
C ILE A 364 -0.15 -22.71 -31.78
N ILE A 365 0.65 -21.66 -31.66
CA ILE A 365 1.37 -21.11 -32.81
C ILE A 365 2.87 -21.22 -32.58
N VAL A 366 3.59 -21.63 -33.61
CA VAL A 366 5.02 -21.76 -33.51
C VAL A 366 5.61 -20.79 -34.50
N PHE A 367 6.49 -19.90 -34.04
CA PHE A 367 7.09 -18.92 -34.92
C PHE A 367 8.51 -19.26 -35.22
N THR A 368 8.96 -18.88 -36.40
CA THR A 368 10.33 -19.11 -36.82
C THR A 368 10.70 -18.05 -37.86
N ASN A 369 11.96 -17.66 -37.90
CA ASN A 369 12.38 -16.65 -38.84
C ASN A 369 12.54 -17.18 -40.24
N TYR A 370 12.82 -18.46 -40.36
CA TYR A 370 13.06 -19.05 -41.67
C TYR A 370 11.97 -19.99 -42.22
N ARG A 371 11.70 -19.90 -43.52
CA ARG A 371 10.72 -20.76 -44.17
C ARG A 371 11.14 -22.21 -44.14
N GLU A 372 12.43 -22.45 -44.35
CA GLU A 372 12.95 -23.80 -44.33
C GLU A 372 12.67 -24.42 -42.98
N THR A 373 13.02 -23.70 -41.92
CA THR A 373 12.80 -24.23 -40.58
C THR A 373 11.30 -24.49 -40.39
N ALA A 374 10.48 -23.60 -40.91
CA ALA A 374 9.04 -23.76 -40.76
C ALA A 374 8.62 -25.07 -41.38
N LYS A 375 9.10 -25.31 -42.58
CA LYS A 375 8.78 -26.52 -43.33
C LYS A 375 9.22 -27.78 -42.57
N LYS A 376 10.46 -27.78 -42.11
CA LYS A 376 10.97 -28.93 -41.37
C LYS A 376 10.17 -29.15 -40.08
N ILE A 377 9.73 -28.08 -39.43
CA ILE A 377 8.95 -28.22 -38.21
C ILE A 377 7.58 -28.86 -38.49
N VAL A 378 6.87 -28.37 -39.50
CA VAL A 378 5.55 -28.92 -39.82
C VAL A 378 5.64 -30.43 -40.03
N ASN A 379 6.54 -30.83 -40.92
CA ASN A 379 6.73 -32.24 -41.20
C ASN A 379 7.08 -33.05 -39.97
N GLU A 380 8.09 -32.61 -39.23
CA GLU A 380 8.52 -33.30 -38.02
C GLU A 380 7.40 -33.46 -37.00
N LEU A 381 6.45 -32.53 -37.00
CA LEU A 381 5.31 -32.56 -36.08
C LEU A 381 4.20 -33.47 -36.60
N VAL A 382 3.95 -33.43 -37.91
CA VAL A 382 2.91 -34.27 -38.49
C VAL A 382 3.43 -35.71 -38.49
N LYS A 383 4.75 -35.84 -38.58
CA LYS A 383 5.41 -37.15 -38.58
C LYS A 383 5.16 -37.78 -37.22
N ASP A 384 5.08 -36.92 -36.22
CA ASP A 384 4.78 -37.41 -34.88
C ASP A 384 3.25 -37.46 -34.95
N GLY A 385 2.57 -37.66 -33.85
CA GLY A 385 1.11 -37.72 -33.93
C GLY A 385 0.42 -36.39 -33.76
N ILE A 386 0.96 -35.33 -34.37
CA ILE A 386 0.39 -34.00 -34.22
C ILE A 386 -0.18 -33.35 -35.47
N LYS A 387 -1.32 -32.67 -35.32
CA LYS A 387 -1.97 -31.99 -36.42
C LYS A 387 -1.36 -30.59 -36.60
N ALA A 388 -0.36 -30.48 -37.46
CA ALA A 388 0.30 -29.20 -37.72
C ALA A 388 0.10 -28.74 -39.14
N LYS A 389 0.03 -27.44 -39.34
CA LYS A 389 -0.15 -26.90 -40.69
C LYS A 389 0.65 -25.63 -40.86
N ARG A 390 1.42 -25.59 -41.94
CA ARG A 390 2.26 -24.45 -42.27
C ARG A 390 1.51 -23.22 -42.72
N PHE A 391 2.05 -22.05 -42.34
CA PHE A 391 1.48 -20.74 -42.67
C PHE A 391 2.57 -19.74 -43.10
N VAL A 392 2.74 -19.55 -44.40
CA VAL A 392 3.74 -18.62 -44.90
C VAL A 392 3.10 -17.56 -45.80
N GLY A 393 3.85 -16.51 -46.16
CA GLY A 393 3.30 -15.45 -46.99
C GLY A 393 3.73 -15.41 -48.44
N GLN A 394 2.95 -16.06 -49.30
CA GLN A 394 3.17 -16.13 -50.75
C GLN A 394 4.17 -15.14 -51.36
N ALA A 395 5.34 -15.67 -51.73
CA ALA A 395 6.39 -14.85 -52.35
C ALA A 395 7.17 -15.75 -53.30
N SER A 396 7.27 -17.03 -52.92
CA SER A 396 7.95 -18.05 -53.70
C SER A 396 6.98 -19.23 -53.85
N LYS A 397 7.13 -20.24 -53.00
CA LYS A 397 6.29 -21.43 -53.02
C LYS A 397 5.06 -21.27 -52.10
N GLN A 405 -1.84 -16.19 -49.92
CA GLN A 405 -2.62 -15.22 -50.66
C GLN A 405 -4.02 -15.12 -50.06
N ARG A 406 -4.90 -15.99 -50.52
CA ARG A 406 -6.26 -16.02 -50.01
C ARG A 406 -6.46 -17.33 -49.25
N GLU A 407 -5.70 -18.35 -49.61
CA GLU A 407 -5.80 -19.64 -48.90
C GLU A 407 -5.43 -19.30 -47.46
N GLN A 408 -4.60 -18.28 -47.31
CA GLN A 408 -4.18 -17.84 -45.99
C GLN A 408 -5.40 -17.71 -45.09
N LYS A 409 -6.36 -16.90 -45.52
CA LYS A 409 -7.58 -16.72 -44.73
C LYS A 409 -8.27 -18.05 -44.48
N LEU A 410 -8.26 -18.91 -45.51
CA LEU A 410 -8.91 -20.21 -45.42
C LEU A 410 -8.30 -21.05 -44.30
N ILE A 411 -7.00 -21.26 -44.37
CA ILE A 411 -6.29 -22.05 -43.38
C ILE A 411 -6.41 -21.44 -41.99
N LEU A 412 -6.38 -20.12 -41.94
CA LEU A 412 -6.49 -19.42 -40.68
C LEU A 412 -7.84 -19.71 -40.06
N ASP A 413 -8.88 -19.74 -40.88
CA ASP A 413 -10.22 -20.03 -40.38
C ASP A 413 -10.27 -21.43 -39.82
N GLU A 414 -9.56 -22.34 -40.47
CA GLU A 414 -9.50 -23.72 -40.05
C GLU A 414 -8.87 -23.77 -38.67
N PHE A 415 -7.80 -23.01 -38.49
CA PHE A 415 -7.12 -22.96 -37.22
C PHE A 415 -8.11 -22.51 -36.15
N ALA A 416 -8.91 -21.51 -36.49
CA ALA A 416 -9.89 -20.96 -35.58
C ALA A 416 -10.97 -21.96 -35.18
N ARG A 417 -11.48 -22.69 -36.17
CA ARG A 417 -12.53 -23.68 -35.94
C ARG A 417 -12.06 -24.90 -35.16
N GLY A 418 -10.77 -25.21 -35.25
CA GLY A 418 -10.25 -26.35 -34.53
C GLY A 418 -9.75 -27.44 -35.43
N GLU A 419 -9.65 -27.17 -36.73
CA GLU A 419 -9.16 -28.13 -37.71
C GLU A 419 -7.88 -28.78 -37.20
N PHE A 420 -6.79 -28.01 -37.19
CA PHE A 420 -5.53 -28.51 -36.68
C PHE A 420 -5.17 -27.80 -35.37
N ASN A 421 -4.19 -28.34 -34.65
CA ASN A 421 -3.78 -27.77 -33.38
C ASN A 421 -2.60 -26.80 -33.45
N VAL A 422 -1.71 -27.02 -34.39
CA VAL A 422 -0.53 -26.18 -34.49
C VAL A 422 -0.38 -25.39 -35.79
N LEU A 423 -0.20 -24.08 -35.66
CA LEU A 423 0.02 -23.22 -36.81
C LEU A 423 1.51 -22.87 -36.76
N VAL A 424 2.25 -23.27 -37.77
CA VAL A 424 3.68 -23.00 -37.83
C VAL A 424 3.88 -21.98 -38.90
N ALA A 425 4.31 -20.79 -38.53
CA ALA A 425 4.48 -19.71 -39.49
C ALA A 425 5.73 -18.88 -39.30
N THR A 426 6.00 -18.09 -40.33
CA THR A 426 7.13 -17.19 -40.31
C THR A 426 6.56 -15.82 -39.91
N SER A 427 7.39 -14.78 -39.93
CA SER A 427 6.99 -13.43 -39.56
C SER A 427 5.61 -13.05 -40.10
N VAL A 428 5.38 -13.38 -41.37
CA VAL A 428 4.12 -13.08 -42.04
C VAL A 428 2.88 -13.64 -41.34
N GLY A 429 3.06 -14.68 -40.55
CA GLY A 429 1.91 -15.28 -39.89
C GLY A 429 1.52 -14.67 -38.57
N GLU A 430 1.87 -13.40 -38.36
CA GLU A 430 1.54 -12.77 -37.09
C GLU A 430 0.07 -12.44 -36.97
N GLU A 431 -0.67 -12.60 -38.07
CA GLU A 431 -2.08 -12.29 -38.04
C GLU A 431 -2.85 -13.40 -37.35
N GLY A 432 -2.15 -14.50 -37.09
CA GLY A 432 -2.78 -15.62 -36.43
C GLY A 432 -2.99 -15.32 -34.97
N LEU A 433 -2.34 -14.27 -34.48
CA LEU A 433 -2.46 -13.87 -33.07
C LEU A 433 -3.81 -13.22 -32.81
N ASP A 434 -4.51 -12.92 -33.90
CA ASP A 434 -5.82 -12.29 -33.83
C ASP A 434 -6.93 -13.33 -33.78
N VAL A 435 -6.53 -14.59 -33.73
CA VAL A 435 -7.48 -15.67 -33.64
C VAL A 435 -7.81 -15.82 -32.15
N PRO A 436 -9.11 -15.92 -31.81
CA PRO A 436 -9.50 -16.06 -30.41
C PRO A 436 -8.93 -17.27 -29.68
N GLU A 437 -8.83 -17.16 -28.36
CA GLU A 437 -8.35 -18.21 -27.49
C GLU A 437 -7.16 -19.04 -27.98
N VAL A 438 -6.08 -18.40 -28.40
CA VAL A 438 -4.88 -19.13 -28.80
C VAL A 438 -4.10 -19.39 -27.50
N ASP A 439 -4.09 -20.64 -27.06
CA ASP A 439 -3.44 -21.07 -25.81
C ASP A 439 -1.95 -20.77 -25.61
N LEU A 440 -1.15 -20.99 -26.64
CA LEU A 440 0.28 -20.77 -26.51
C LEU A 440 1.04 -20.61 -27.83
N VAL A 441 2.05 -19.76 -27.81
CA VAL A 441 2.88 -19.60 -28.99
C VAL A 441 4.27 -19.92 -28.49
N VAL A 442 5.06 -20.55 -29.34
CA VAL A 442 6.41 -20.84 -28.97
C VAL A 442 7.28 -20.42 -30.14
N PHE A 443 8.28 -19.61 -29.83
CA PHE A 443 9.23 -19.11 -30.81
C PHE A 443 10.38 -20.09 -30.97
N TYR A 444 10.55 -20.66 -32.15
CA TYR A 444 11.64 -21.60 -32.36
C TYR A 444 12.93 -20.86 -32.09
N GLU A 445 12.94 -19.59 -32.47
CA GLU A 445 14.07 -18.70 -32.27
C GLU A 445 13.36 -17.37 -32.03
N PRO A 446 14.07 -16.36 -31.53
CA PRO A 446 13.36 -15.10 -31.32
C PRO A 446 13.07 -14.49 -32.70
N VAL A 447 11.80 -14.13 -32.96
CA VAL A 447 11.39 -13.53 -34.24
C VAL A 447 10.92 -12.09 -33.98
N PRO A 448 11.86 -11.12 -34.05
CA PRO A 448 11.63 -9.69 -33.83
C PRO A 448 10.24 -9.15 -34.10
N SER A 449 9.77 -9.28 -35.33
CA SER A 449 8.47 -8.74 -35.68
C SER A 449 7.33 -9.28 -34.82
N ALA A 450 7.30 -10.59 -34.61
CA ALA A 450 6.23 -11.21 -33.82
C ALA A 450 6.34 -10.89 -32.34
N ILE A 451 7.57 -10.88 -31.82
CA ILE A 451 7.75 -10.56 -30.41
C ILE A 451 7.26 -9.12 -30.21
N ARG A 452 7.51 -8.29 -31.22
CA ARG A 452 7.08 -6.91 -31.21
C ARG A 452 5.56 -6.88 -31.19
N SER A 453 4.94 -7.65 -32.08
CA SER A 453 3.49 -7.69 -32.15
C SER A 453 2.91 -7.98 -30.77
N ILE A 454 3.36 -9.06 -30.15
CA ILE A 454 2.85 -9.41 -28.82
C ILE A 454 3.04 -8.23 -27.84
N GLN A 455 4.21 -7.63 -27.86
CA GLN A 455 4.53 -6.52 -26.99
C GLN A 455 3.49 -5.41 -27.17
N ARG A 456 3.16 -5.14 -28.43
CA ARG A 456 2.18 -4.12 -28.74
C ARG A 456 0.80 -4.52 -28.27
N ARG A 457 0.35 -5.74 -28.59
CA ARG A 457 -1.01 -6.16 -28.21
C ARG A 457 -1.25 -5.91 -26.73
N GLY A 458 -0.17 -5.99 -25.94
CA GLY A 458 -0.28 -5.76 -24.51
C GLY A 458 -0.72 -4.34 -24.18
N ARG A 459 -0.55 -3.45 -25.14
CA ARG A 459 -0.95 -2.05 -24.97
C ARG A 459 -2.40 -1.89 -25.41
N THR A 460 -2.85 -2.74 -26.34
CA THR A 460 -4.22 -2.69 -26.81
C THR A 460 -5.01 -3.72 -26.00
N GLY A 461 -6.18 -4.10 -26.51
CA GLY A 461 -7.00 -5.08 -25.82
C GLY A 461 -7.24 -6.21 -26.80
N ARG A 462 -6.37 -6.30 -27.80
CA ARG A 462 -6.48 -7.33 -28.81
C ARG A 462 -6.08 -8.68 -28.25
N HIS A 463 -6.49 -9.74 -28.94
CA HIS A 463 -6.20 -11.08 -28.50
C HIS A 463 -4.73 -11.26 -28.20
N MET A 464 -4.47 -11.94 -27.08
CA MET A 464 -3.13 -12.21 -26.60
C MET A 464 -3.02 -13.71 -26.30
N PRO A 465 -1.88 -14.33 -26.62
CA PRO A 465 -1.70 -15.77 -26.36
C PRO A 465 -1.77 -16.01 -24.85
N GLY A 466 -2.15 -17.23 -24.47
CA GLY A 466 -2.25 -17.58 -23.05
C GLY A 466 -0.87 -17.54 -22.42
N ARG A 467 0.12 -18.04 -23.14
CA ARG A 467 1.48 -18.02 -22.64
C ARG A 467 2.39 -18.10 -23.85
N VAL A 468 3.63 -17.65 -23.70
CA VAL A 468 4.56 -17.71 -24.81
C VAL A 468 5.93 -18.18 -24.33
N ILE A 469 6.55 -19.03 -25.14
CA ILE A 469 7.87 -19.57 -24.80
C ILE A 469 8.83 -19.21 -25.91
N ILE A 470 10.05 -18.81 -25.55
CA ILE A 470 11.09 -18.50 -26.53
C ILE A 470 12.16 -19.57 -26.32
N LEU A 471 12.60 -20.24 -27.39
CA LEU A 471 13.63 -21.26 -27.23
C LEU A 471 15.02 -20.75 -27.56
N MET A 472 16.03 -21.22 -26.84
CA MET A 472 17.39 -20.81 -27.11
C MET A 472 18.39 -21.94 -26.91
N ALA A 473 19.35 -22.03 -27.82
CA ALA A 473 20.39 -23.04 -27.78
C ALA A 473 21.55 -22.58 -26.89
N LYS A 474 21.73 -23.25 -25.76
CA LYS A 474 22.78 -22.92 -24.78
C LYS A 474 24.06 -22.49 -25.52
N GLY A 475 24.57 -21.33 -25.11
CA GLY A 475 25.79 -20.76 -25.70
C GLY A 475 25.82 -20.46 -27.18
N THR A 476 24.71 -20.05 -27.75
CA THR A 476 24.64 -19.79 -29.18
C THR A 476 24.06 -18.38 -29.36
N ARG A 477 24.02 -17.84 -30.58
CA ARG A 477 23.49 -16.49 -30.80
C ARG A 477 22.17 -16.25 -30.05
N ASP A 478 21.38 -17.31 -29.89
CA ASP A 478 20.10 -17.22 -29.19
C ASP A 478 20.27 -16.53 -27.85
N GLU A 479 21.17 -17.08 -27.04
CA GLU A 479 21.45 -16.54 -25.71
C GLU A 479 21.86 -15.07 -25.81
N ALA A 480 22.89 -14.80 -26.61
CA ALA A 480 23.37 -13.44 -26.80
C ALA A 480 22.20 -12.49 -27.10
N TYR A 481 21.28 -12.92 -27.96
CA TYR A 481 20.14 -12.10 -28.31
C TYR A 481 19.25 -11.82 -27.09
N TYR A 482 19.13 -12.79 -26.19
CA TYR A 482 18.31 -12.61 -24.99
C TYR A 482 18.86 -11.41 -24.22
N TRP A 483 20.14 -11.50 -23.88
CA TRP A 483 20.83 -10.47 -23.16
C TRP A 483 20.81 -9.18 -23.96
N SER A 484 21.44 -9.20 -25.13
CA SER A 484 21.51 -8.03 -26.02
C SER A 484 20.23 -7.22 -25.95
N SER A 485 19.15 -7.91 -25.61
CA SER A 485 17.84 -7.30 -25.49
C SER A 485 17.52 -6.89 -24.04
N ARG A 486 17.80 -5.61 -23.75
CA ARG A 486 17.56 -5.00 -22.44
C ARG A 486 17.04 -3.57 -22.72
N MET B 1 -8.50 -10.20 -38.00
CA MET B 1 -9.37 -9.56 -36.97
C MET B 1 -10.85 -9.49 -37.40
N VAL B 2 -11.73 -10.10 -36.60
CA VAL B 2 -13.15 -10.09 -36.92
C VAL B 2 -13.84 -8.97 -36.14
N LEU B 3 -13.65 -8.95 -34.81
CA LEU B 3 -14.22 -7.88 -33.97
C LEU B 3 -13.13 -6.83 -34.03
N ARG B 4 -13.46 -5.55 -34.18
CA ARG B 4 -12.38 -4.58 -34.19
C ARG B 4 -11.98 -4.29 -32.74
N ARG B 5 -11.26 -5.22 -32.10
CA ARG B 5 -10.86 -5.06 -30.71
C ARG B 5 -9.98 -3.83 -30.50
N ASP B 6 -9.17 -3.50 -31.48
CA ASP B 6 -8.34 -2.33 -31.38
C ASP B 6 -9.21 -1.07 -31.13
N LEU B 7 -10.40 -0.99 -31.71
CA LEU B 7 -11.23 0.20 -31.51
C LEU B 7 -12.03 0.17 -30.23
N ILE B 8 -12.26 -1.03 -29.69
CA ILE B 8 -13.03 -1.16 -28.45
C ILE B 8 -12.14 -0.90 -27.25
N GLN B 9 -10.88 -1.35 -27.37
CA GLN B 9 -9.92 -1.23 -26.31
C GLN B 9 -10.55 -1.84 -25.09
N PRO B 10 -10.96 -3.10 -25.17
CA PRO B 10 -11.59 -3.78 -24.04
C PRO B 10 -10.81 -3.68 -22.72
N ARG B 11 -11.55 -3.37 -21.66
CA ARG B 11 -11.00 -3.24 -20.32
C ARG B 11 -10.82 -4.60 -19.65
N ILE B 12 -10.07 -4.63 -18.55
CA ILE B 12 -9.82 -5.88 -17.85
C ILE B 12 -11.06 -6.67 -17.51
N TYR B 13 -12.02 -6.05 -16.83
CA TYR B 13 -13.24 -6.76 -16.44
C TYR B 13 -14.01 -7.29 -17.65
N GLN B 14 -14.01 -6.52 -18.72
CA GLN B 14 -14.68 -6.94 -19.93
C GLN B 14 -14.01 -8.20 -20.46
N GLU B 15 -12.69 -8.23 -20.37
CA GLU B 15 -11.92 -9.36 -20.87
C GLU B 15 -12.17 -10.60 -20.01
N VAL B 16 -12.06 -10.42 -18.70
CA VAL B 16 -12.26 -11.50 -17.77
C VAL B 16 -13.61 -12.16 -17.97
N ILE B 17 -14.67 -11.35 -17.92
CA ILE B 17 -16.04 -11.86 -18.09
C ILE B 17 -16.21 -12.57 -19.42
N TYR B 18 -15.74 -11.94 -20.49
CA TYR B 18 -15.84 -12.59 -21.77
C TYR B 18 -15.27 -14.02 -21.66
N ALA B 19 -14.10 -14.13 -21.03
CA ALA B 19 -13.45 -15.42 -20.91
C ALA B 19 -14.24 -16.49 -20.17
N LYS B 20 -14.91 -16.12 -19.08
CA LYS B 20 -15.67 -17.10 -18.32
C LYS B 20 -17.01 -17.51 -18.93
N CYS B 21 -17.78 -16.53 -19.41
CA CYS B 21 -19.08 -16.79 -19.99
C CYS B 21 -18.98 -17.29 -21.43
N LYS B 22 -17.76 -17.43 -21.90
CA LYS B 22 -17.49 -17.87 -23.25
C LYS B 22 -18.12 -19.23 -23.64
N GLU B 23 -18.28 -20.12 -22.67
CA GLU B 23 -18.79 -21.45 -22.95
C GLU B 23 -19.77 -21.93 -21.88
N THR B 24 -20.53 -21.00 -21.31
CA THR B 24 -21.49 -21.36 -20.27
C THR B 24 -22.68 -20.44 -20.39
N ASN B 25 -23.88 -20.96 -20.11
CA ASN B 25 -25.06 -20.12 -20.19
C ASN B 25 -24.96 -19.17 -19.03
N CYS B 26 -24.80 -17.89 -19.34
CA CYS B 26 -24.64 -16.89 -18.30
C CYS B 26 -25.51 -15.66 -18.35
N LEU B 27 -25.56 -15.04 -17.18
CA LEU B 27 -26.27 -13.81 -16.98
C LEU B 27 -25.13 -12.84 -16.62
N ILE B 28 -25.01 -11.75 -17.34
CA ILE B 28 -23.97 -10.76 -17.07
C ILE B 28 -24.66 -9.54 -16.46
N VAL B 29 -24.44 -9.33 -15.17
CA VAL B 29 -25.07 -8.21 -14.50
C VAL B 29 -24.10 -7.06 -14.21
N LEU B 30 -24.27 -5.95 -14.93
CA LEU B 30 -23.41 -4.78 -14.75
C LEU B 30 -24.22 -3.49 -14.85
N PRO B 31 -23.84 -2.46 -14.08
CA PRO B 31 -24.53 -1.16 -14.11
C PRO B 31 -24.36 -0.62 -15.52
N THR B 32 -25.39 0.06 -16.02
CA THR B 32 -25.34 0.61 -17.37
C THR B 32 -24.08 1.45 -17.62
N GLY B 33 -23.47 1.28 -18.79
CA GLY B 33 -22.28 2.05 -19.12
C GLY B 33 -21.01 1.23 -19.09
N LEU B 34 -21.03 0.08 -18.44
CA LEU B 34 -19.84 -0.76 -18.37
C LEU B 34 -19.52 -1.67 -19.55
N GLY B 35 -20.29 -1.60 -20.64
CA GLY B 35 -20.00 -2.43 -21.80
C GLY B 35 -20.60 -3.83 -22.02
N LYS B 36 -21.72 -4.17 -21.36
CA LYS B 36 -22.37 -5.48 -21.56
C LYS B 36 -22.45 -5.84 -23.04
N THR B 37 -23.02 -4.96 -23.85
CA THR B 37 -23.12 -5.24 -25.29
C THR B 37 -21.73 -5.50 -25.90
N LEU B 38 -20.72 -4.74 -25.47
CA LEU B 38 -19.35 -4.95 -25.99
C LEU B 38 -18.86 -6.34 -25.61
N ILE B 39 -19.08 -6.72 -24.35
CA ILE B 39 -18.65 -8.03 -23.87
C ILE B 39 -19.37 -9.07 -24.70
N ALA B 40 -20.64 -8.80 -25.00
CA ALA B 40 -21.44 -9.70 -25.83
C ALA B 40 -20.78 -9.86 -27.22
N MET B 41 -20.42 -8.76 -27.88
CA MET B 41 -19.79 -8.87 -29.19
C MET B 41 -18.49 -9.67 -29.11
N MET B 42 -17.78 -9.53 -28.00
CA MET B 42 -16.51 -10.20 -27.81
C MET B 42 -16.77 -11.69 -27.80
N ILE B 43 -17.83 -12.09 -27.10
CA ILE B 43 -18.24 -13.48 -27.04
C ILE B 43 -18.76 -13.90 -28.44
N ALA B 44 -19.55 -13.04 -29.05
CA ALA B 44 -20.08 -13.30 -30.38
C ALA B 44 -18.92 -13.62 -31.33
N GLU B 45 -17.81 -12.90 -31.21
CA GLU B 45 -16.69 -13.17 -32.10
C GLU B 45 -16.05 -14.54 -31.85
N TYR B 46 -15.99 -14.93 -30.58
CA TYR B 46 -15.43 -16.23 -30.23
C TYR B 46 -16.29 -17.36 -30.79
N ARG B 47 -17.61 -17.20 -30.72
CA ARG B 47 -18.53 -18.20 -31.23
C ARG B 47 -18.48 -18.29 -32.76
N LEU B 48 -18.56 -17.16 -33.44
CA LEU B 48 -18.52 -17.19 -34.88
C LEU B 48 -17.26 -17.81 -35.45
N THR B 49 -16.15 -17.72 -34.76
CA THR B 49 -14.90 -18.27 -35.30
C THR B 49 -14.67 -19.74 -34.95
N LYS B 50 -15.19 -20.19 -33.81
CA LYS B 50 -15.00 -21.56 -33.37
C LYS B 50 -16.10 -22.47 -33.85
N TYR B 51 -17.34 -22.03 -33.67
CA TYR B 51 -18.48 -22.84 -34.08
C TYR B 51 -19.10 -22.42 -35.39
N GLY B 52 -20.40 -22.68 -35.47
CA GLY B 52 -21.18 -22.38 -36.66
C GLY B 52 -21.07 -20.97 -37.16
N GLY B 53 -22.17 -20.47 -37.72
CA GLY B 53 -22.15 -19.13 -38.25
C GLY B 53 -23.40 -18.32 -38.07
N LYS B 54 -23.93 -18.25 -36.86
CA LYS B 54 -25.13 -17.44 -36.65
C LYS B 54 -25.21 -16.90 -35.23
N VAL B 55 -25.27 -15.58 -35.10
CA VAL B 55 -25.37 -14.96 -33.79
C VAL B 55 -26.64 -14.11 -33.75
N LEU B 56 -27.43 -14.29 -32.71
CA LEU B 56 -28.67 -13.56 -32.62
C LEU B 56 -28.80 -12.76 -31.33
N MET B 57 -29.01 -11.46 -31.46
CA MET B 57 -29.19 -10.62 -30.30
C MET B 57 -30.59 -10.04 -30.32
N LEU B 58 -31.31 -10.24 -29.23
CA LEU B 58 -32.67 -9.77 -29.12
C LEU B 58 -32.71 -8.53 -28.24
N ALA B 59 -33.68 -7.66 -28.50
CA ALA B 59 -33.84 -6.43 -27.73
C ALA B 59 -35.30 -6.05 -27.65
N PRO B 60 -35.75 -5.56 -26.50
CA PRO B 60 -37.14 -5.17 -26.26
C PRO B 60 -37.77 -4.23 -27.30
N THR B 61 -37.17 -3.07 -27.54
CA THR B 61 -37.73 -2.10 -28.47
C THR B 61 -37.12 -2.10 -29.86
N LYS B 62 -37.74 -1.35 -30.75
CA LYS B 62 -37.25 -1.26 -32.12
C LYS B 62 -35.99 -0.40 -32.17
N PRO B 63 -36.04 0.80 -31.55
CA PRO B 63 -34.88 1.69 -31.56
C PRO B 63 -33.62 0.96 -31.05
N LEU B 64 -33.78 0.19 -29.98
CA LEU B 64 -32.67 -0.59 -29.44
C LEU B 64 -32.13 -1.56 -30.48
N VAL B 65 -33.02 -2.22 -31.21
CA VAL B 65 -32.58 -3.17 -32.20
C VAL B 65 -31.75 -2.47 -33.25
N LEU B 66 -32.24 -1.33 -33.74
CA LEU B 66 -31.51 -0.60 -34.77
C LEU B 66 -30.16 -0.18 -34.23
N GLN B 67 -30.19 0.37 -33.03
CA GLN B 67 -28.97 0.81 -32.36
C GLN B 67 -27.89 -0.28 -32.32
N HIS B 68 -28.23 -1.42 -31.70
CA HIS B 68 -27.29 -2.53 -31.59
C HIS B 68 -26.82 -2.97 -32.96
N ALA B 69 -27.76 -3.06 -33.89
CA ALA B 69 -27.46 -3.46 -35.26
C ALA B 69 -26.37 -2.58 -35.83
N GLU B 70 -26.43 -1.27 -35.54
CA GLU B 70 -25.41 -0.35 -36.06
C GLU B 70 -24.07 -0.58 -35.41
N SER B 71 -24.08 -0.64 -34.08
CA SER B 71 -22.84 -0.87 -33.35
C SER B 71 -22.14 -2.08 -33.93
N PHE B 72 -22.89 -3.16 -34.15
CA PHE B 72 -22.29 -4.36 -34.72
C PHE B 72 -21.64 -4.05 -36.05
N ARG B 73 -22.34 -3.30 -36.89
CA ARG B 73 -21.82 -2.96 -38.21
C ARG B 73 -20.54 -2.13 -38.09
N ARG B 74 -20.48 -1.30 -37.06
CA ARG B 74 -19.32 -0.46 -36.84
C ARG B 74 -18.11 -1.21 -36.33
N LEU B 75 -18.32 -2.09 -35.35
CA LEU B 75 -17.22 -2.86 -34.76
C LEU B 75 -16.87 -4.19 -35.41
N PHE B 76 -17.75 -4.71 -36.27
CA PHE B 76 -17.44 -5.98 -36.91
C PHE B 76 -16.94 -5.83 -38.34
N ASN B 77 -15.90 -6.59 -38.63
CA ASN B 77 -15.28 -6.58 -39.94
C ASN B 77 -15.88 -7.70 -40.79
N LEU B 78 -17.18 -7.58 -41.05
CA LEU B 78 -17.93 -8.54 -41.85
C LEU B 78 -18.72 -7.75 -42.91
N PRO B 79 -19.02 -8.38 -44.06
CA PRO B 79 -19.78 -7.72 -45.12
C PRO B 79 -21.02 -7.11 -44.51
N PRO B 80 -21.22 -5.79 -44.70
CA PRO B 80 -22.37 -5.06 -44.15
C PRO B 80 -23.74 -5.71 -44.25
N GLU B 81 -23.96 -6.48 -45.32
CA GLU B 81 -25.25 -7.15 -45.51
C GLU B 81 -25.40 -8.42 -44.67
N LYS B 82 -24.31 -8.87 -44.05
CA LYS B 82 -24.38 -10.07 -43.23
C LYS B 82 -24.74 -9.74 -41.78
N ILE B 83 -24.97 -8.45 -41.52
CA ILE B 83 -25.36 -7.96 -40.22
C ILE B 83 -26.78 -7.45 -40.49
N VAL B 84 -27.77 -8.21 -40.07
CA VAL B 84 -29.14 -7.83 -40.34
C VAL B 84 -29.97 -7.43 -39.14
N ALA B 85 -30.87 -6.48 -39.34
CA ALA B 85 -31.77 -6.02 -38.29
C ALA B 85 -33.21 -6.38 -38.65
N LEU B 86 -33.82 -7.26 -37.85
CA LEU B 86 -35.18 -7.68 -38.11
C LEU B 86 -36.14 -7.05 -37.14
N THR B 87 -36.66 -5.89 -37.51
CA THR B 87 -37.61 -5.19 -36.66
C THR B 87 -39.01 -5.76 -36.92
N GLY B 88 -39.13 -6.49 -38.03
CA GLY B 88 -40.40 -7.08 -38.40
C GLY B 88 -41.20 -6.19 -39.32
N GLU B 89 -40.51 -5.34 -40.09
CA GLU B 89 -41.18 -4.44 -41.00
C GLU B 89 -40.88 -4.83 -42.43
N LYS B 90 -39.97 -5.79 -42.61
CA LYS B 90 -39.62 -6.27 -43.93
C LYS B 90 -40.64 -7.28 -44.40
N SER B 91 -40.65 -7.60 -45.69
CA SER B 91 -41.59 -8.57 -46.22
C SER B 91 -41.27 -9.92 -45.58
N PRO B 92 -42.29 -10.66 -45.15
CA PRO B 92 -42.09 -11.97 -44.52
C PRO B 92 -41.07 -12.82 -45.26
N GLU B 93 -40.90 -12.54 -46.55
CA GLU B 93 -39.95 -13.27 -47.37
C GLU B 93 -38.54 -12.74 -47.18
N GLU B 94 -38.37 -11.44 -47.36
CA GLU B 94 -37.06 -10.81 -47.19
C GLU B 94 -36.47 -11.15 -45.83
N ARG B 95 -37.31 -11.14 -44.79
CA ARG B 95 -36.83 -11.48 -43.46
C ARG B 95 -36.16 -12.83 -43.49
N SER B 96 -36.80 -13.79 -44.16
CA SER B 96 -36.24 -15.14 -44.27
C SER B 96 -35.02 -15.09 -45.18
N LYS B 97 -35.02 -14.15 -46.12
CA LYS B 97 -33.94 -13.98 -47.08
C LYS B 97 -32.72 -13.40 -46.35
N ALA B 98 -32.99 -12.45 -45.45
CA ALA B 98 -31.95 -11.81 -44.65
C ALA B 98 -31.39 -12.81 -43.64
N TRP B 99 -32.28 -13.39 -42.84
CA TRP B 99 -31.89 -14.39 -41.84
C TRP B 99 -31.03 -15.44 -42.53
N ALA B 100 -31.32 -15.70 -43.79
CA ALA B 100 -30.60 -16.69 -44.55
C ALA B 100 -29.13 -16.35 -44.68
N ARG B 101 -28.82 -15.17 -45.24
CA ARG B 101 -27.43 -14.79 -45.45
C ARG B 101 -26.76 -14.13 -44.25
N ALA B 102 -27.56 -13.73 -43.27
CA ALA B 102 -27.03 -13.08 -42.07
C ALA B 102 -26.10 -13.95 -41.27
N LYS B 103 -25.02 -13.35 -40.76
CA LYS B 103 -24.05 -14.06 -39.95
C LYS B 103 -24.25 -13.58 -38.52
N VAL B 104 -24.94 -12.44 -38.40
CA VAL B 104 -25.25 -11.81 -37.13
C VAL B 104 -26.60 -11.15 -37.32
N ILE B 105 -27.51 -11.34 -36.39
CA ILE B 105 -28.82 -10.76 -36.54
C ILE B 105 -29.34 -10.19 -35.23
N VAL B 106 -29.82 -8.96 -35.30
CA VAL B 106 -30.36 -8.25 -34.17
C VAL B 106 -31.85 -8.05 -34.44
N ALA B 107 -32.72 -8.43 -33.52
CA ALA B 107 -34.15 -8.27 -33.75
C ALA B 107 -34.96 -8.20 -32.47
N THR B 108 -36.24 -7.89 -32.59
CA THR B 108 -37.10 -7.83 -31.42
C THR B 108 -37.55 -9.26 -31.19
N PRO B 109 -37.87 -9.64 -29.94
CA PRO B 109 -38.30 -11.01 -29.65
C PRO B 109 -39.64 -11.32 -30.30
N GLN B 110 -40.48 -10.29 -30.38
CA GLN B 110 -41.81 -10.39 -30.98
C GLN B 110 -41.71 -11.07 -32.35
N THR B 111 -41.08 -10.39 -33.31
CA THR B 111 -40.93 -10.91 -34.65
C THR B 111 -40.22 -12.27 -34.74
N ILE B 112 -39.15 -12.45 -34.00
CA ILE B 112 -38.44 -13.74 -34.06
C ILE B 112 -39.34 -14.90 -33.62
N GLU B 113 -40.30 -14.60 -32.74
CA GLU B 113 -41.23 -15.62 -32.26
C GLU B 113 -42.13 -16.06 -33.41
N ASN B 114 -42.78 -15.09 -34.05
CA ASN B 114 -43.68 -15.36 -35.18
C ASN B 114 -43.01 -16.24 -36.23
N ASP B 115 -41.99 -15.70 -36.87
CA ASP B 115 -41.28 -16.44 -37.89
C ASP B 115 -40.77 -17.77 -37.36
N LEU B 116 -40.72 -17.90 -36.04
CA LEU B 116 -40.22 -19.13 -35.45
C LEU B 116 -41.34 -20.17 -35.42
N LEU B 117 -42.56 -19.71 -35.15
CA LEU B 117 -43.73 -20.59 -35.11
C LEU B 117 -44.07 -20.96 -36.55
N ALA B 118 -44.24 -19.94 -37.38
CA ALA B 118 -44.57 -20.11 -38.78
C ALA B 118 -43.62 -21.05 -39.50
N GLY B 119 -42.48 -21.33 -38.88
CA GLY B 119 -41.51 -22.22 -39.50
C GLY B 119 -40.65 -21.57 -40.57
N ARG B 120 -40.63 -20.24 -40.60
CA ARG B 120 -39.84 -19.51 -41.60
C ARG B 120 -38.34 -19.47 -41.28
N ILE B 121 -38.00 -19.57 -39.99
CA ILE B 121 -36.61 -19.56 -39.55
C ILE B 121 -36.36 -20.60 -38.49
N SER B 122 -35.13 -21.10 -38.44
CA SER B 122 -34.74 -22.12 -37.48
C SER B 122 -33.43 -21.75 -36.79
N LEU B 123 -33.48 -21.68 -35.46
CA LEU B 123 -32.31 -21.32 -34.70
C LEU B 123 -31.48 -22.54 -34.30
N GLU B 124 -31.04 -23.31 -35.28
CA GLU B 124 -30.23 -24.49 -35.02
C GLU B 124 -28.78 -24.22 -35.33
N ASP B 125 -28.55 -23.20 -36.15
CA ASP B 125 -27.20 -22.82 -36.55
C ASP B 125 -26.74 -21.60 -35.75
N VAL B 126 -27.58 -21.19 -34.81
CA VAL B 126 -27.30 -20.06 -33.97
C VAL B 126 -26.37 -20.47 -32.83
N SER B 127 -25.10 -20.12 -32.95
CA SER B 127 -24.11 -20.50 -31.95
C SER B 127 -24.16 -19.64 -30.70
N LEU B 128 -25.02 -18.63 -30.72
CA LEU B 128 -25.18 -17.72 -29.59
C LEU B 128 -26.40 -16.80 -29.66
N ILE B 129 -27.16 -16.77 -28.58
CA ILE B 129 -28.30 -15.87 -28.49
C ILE B 129 -28.02 -14.95 -27.30
N VAL B 130 -28.18 -13.65 -27.51
CA VAL B 130 -27.94 -12.68 -26.46
C VAL B 130 -29.25 -11.96 -26.15
N PHE B 131 -29.74 -12.14 -24.94
CA PHE B 131 -30.97 -11.47 -24.55
C PHE B 131 -30.68 -10.14 -23.84
N ASP B 132 -30.89 -9.03 -24.52
CA ASP B 132 -30.67 -7.75 -23.87
C ASP B 132 -31.84 -7.57 -22.89
N GLU B 133 -31.56 -7.02 -21.71
CA GLU B 133 -32.59 -6.84 -20.70
C GLU B 133 -33.20 -8.20 -20.33
N ALA B 134 -32.37 -9.21 -20.22
CA ALA B 134 -32.80 -10.56 -19.88
C ALA B 134 -33.77 -10.68 -18.72
N HIS B 135 -33.81 -9.69 -17.85
CA HIS B 135 -34.69 -9.72 -16.70
C HIS B 135 -36.16 -9.76 -17.14
N ARG B 136 -36.45 -9.33 -18.35
CA ARG B 136 -37.84 -9.37 -18.76
C ARG B 136 -38.22 -10.72 -19.40
N ALA B 137 -37.40 -11.73 -19.12
CA ALA B 137 -37.64 -13.08 -19.63
C ALA B 137 -38.44 -13.81 -18.56
N VAL B 138 -39.57 -13.22 -18.21
CA VAL B 138 -40.45 -13.84 -17.23
C VAL B 138 -41.86 -13.95 -17.77
N GLY B 139 -42.65 -14.79 -17.13
CA GLY B 139 -44.02 -15.00 -17.52
C GLY B 139 -44.27 -15.35 -18.99
N ASN B 140 -44.97 -14.44 -19.64
CA ASN B 140 -45.39 -14.56 -21.02
C ASN B 140 -44.39 -14.17 -22.11
N TYR B 141 -43.63 -13.11 -21.84
CA TYR B 141 -42.65 -12.56 -22.80
C TYR B 141 -42.06 -13.53 -23.81
N ALA B 142 -41.97 -13.06 -25.06
CA ALA B 142 -41.44 -13.84 -26.16
C ALA B 142 -40.08 -14.45 -25.88
N TYR B 143 -39.35 -13.87 -24.93
CA TYR B 143 -38.02 -14.38 -24.60
C TYR B 143 -38.12 -15.81 -24.13
N VAL B 144 -39.00 -16.04 -23.16
CA VAL B 144 -39.15 -17.37 -22.60
C VAL B 144 -39.42 -18.43 -23.65
N PHE B 145 -40.29 -18.13 -24.61
CA PHE B 145 -40.57 -19.08 -25.68
C PHE B 145 -39.33 -19.33 -26.53
N ILE B 146 -38.75 -18.26 -27.07
CA ILE B 146 -37.55 -18.35 -27.90
C ILE B 146 -36.44 -19.14 -27.18
N ALA B 147 -36.30 -18.88 -25.89
CA ALA B 147 -35.29 -19.55 -25.10
C ALA B 147 -35.49 -21.05 -25.18
N ARG B 148 -36.74 -21.48 -24.97
CA ARG B 148 -37.13 -22.89 -24.99
C ARG B 148 -36.83 -23.54 -26.33
N GLU B 149 -37.24 -22.89 -27.41
CA GLU B 149 -37.01 -23.42 -28.76
C GLU B 149 -35.53 -23.64 -28.98
N TYR B 150 -34.76 -22.59 -28.74
CA TYR B 150 -33.31 -22.62 -28.92
C TYR B 150 -32.72 -23.78 -28.15
N LYS B 151 -33.10 -23.87 -26.88
CA LYS B 151 -32.61 -24.90 -25.98
C LYS B 151 -32.75 -26.31 -26.49
N ARG B 152 -33.70 -26.53 -27.40
CA ARG B 152 -33.88 -27.87 -27.90
C ARG B 152 -33.47 -28.07 -29.36
N GLN B 153 -33.50 -27.02 -30.16
CA GLN B 153 -33.12 -27.21 -31.56
C GLN B 153 -31.79 -26.61 -32.00
N ALA B 154 -30.89 -26.33 -31.07
CA ALA B 154 -29.60 -25.73 -31.44
C ALA B 154 -28.43 -26.72 -31.39
N LYS B 155 -27.60 -26.71 -32.43
CA LYS B 155 -26.45 -27.61 -32.48
C LYS B 155 -25.48 -27.30 -31.34
N ASN B 156 -24.97 -26.06 -31.29
CA ASN B 156 -24.06 -25.65 -30.21
C ASN B 156 -24.72 -24.45 -29.53
N PRO B 157 -25.52 -24.70 -28.50
CA PRO B 157 -26.17 -23.57 -27.83
C PRO B 157 -25.34 -22.84 -26.79
N LEU B 158 -25.59 -21.54 -26.70
CA LEU B 158 -24.95 -20.64 -25.73
C LEU B 158 -25.93 -19.51 -25.49
N VAL B 159 -26.35 -19.36 -24.25
CA VAL B 159 -27.27 -18.30 -23.91
C VAL B 159 -26.59 -17.29 -23.01
N ILE B 160 -26.61 -16.03 -23.44
CA ILE B 160 -26.01 -14.93 -22.67
C ILE B 160 -27.07 -13.87 -22.43
N GLY B 161 -27.39 -13.61 -21.16
CA GLY B 161 -28.40 -12.59 -20.85
C GLY B 161 -27.73 -11.36 -20.27
N LEU B 162 -28.09 -10.17 -20.75
CA LEU B 162 -27.52 -8.92 -20.26
C LEU B 162 -28.57 -8.16 -19.46
N THR B 163 -28.20 -7.65 -18.29
CA THR B 163 -29.15 -6.91 -17.49
C THR B 163 -28.51 -6.08 -16.41
N ALA B 164 -29.20 -5.03 -15.98
CA ALA B 164 -28.71 -4.19 -14.90
C ALA B 164 -29.21 -4.76 -13.57
N SER B 165 -29.92 -5.89 -13.65
CA SER B 165 -30.47 -6.60 -12.47
C SER B 165 -31.44 -7.69 -12.93
N PRO B 166 -31.17 -8.98 -12.57
CA PRO B 166 -32.00 -10.14 -12.94
C PRO B 166 -33.37 -10.23 -12.25
N GLY B 167 -33.60 -9.33 -11.29
CA GLY B 167 -34.85 -9.34 -10.56
C GLY B 167 -34.62 -8.86 -9.15
N SER B 168 -35.70 -8.66 -8.42
CA SER B 168 -35.63 -8.18 -7.05
C SER B 168 -36.15 -9.23 -6.08
N THR B 169 -36.79 -10.24 -6.66
CA THR B 169 -37.39 -11.32 -5.90
C THR B 169 -36.69 -12.65 -6.14
N PRO B 170 -36.58 -13.49 -5.10
CA PRO B 170 -35.92 -14.80 -5.27
C PRO B 170 -36.66 -15.52 -6.38
N GLU B 171 -37.98 -15.59 -6.22
CA GLU B 171 -38.85 -16.21 -7.21
C GLU B 171 -38.63 -15.62 -8.60
N LYS B 172 -38.65 -14.31 -8.70
CA LYS B 172 -38.43 -13.64 -9.98
C LYS B 172 -37.08 -14.07 -10.61
N ILE B 173 -36.02 -14.00 -9.81
CA ILE B 173 -34.68 -14.40 -10.28
C ILE B 173 -34.71 -15.85 -10.76
N MET B 174 -35.29 -16.70 -9.94
CA MET B 174 -35.40 -18.12 -10.27
C MET B 174 -36.13 -18.36 -11.60
N GLU B 175 -37.24 -17.65 -11.79
CA GLU B 175 -37.99 -17.78 -13.03
C GLU B 175 -37.11 -17.49 -14.24
N VAL B 176 -36.40 -16.35 -14.25
CA VAL B 176 -35.57 -16.05 -15.43
C VAL B 176 -34.38 -16.99 -15.51
N ILE B 177 -33.81 -17.37 -14.36
CA ILE B 177 -32.66 -18.30 -14.37
C ILE B 177 -33.06 -19.62 -15.03
N ASN B 178 -34.20 -20.16 -14.60
CA ASN B 178 -34.68 -21.41 -15.16
C ASN B 178 -35.13 -21.21 -16.62
N ASN B 179 -35.81 -20.10 -16.91
CA ASN B 179 -36.27 -19.87 -18.26
C ASN B 179 -35.15 -19.78 -19.26
N LEU B 180 -34.00 -19.27 -18.83
CA LEU B 180 -32.88 -19.09 -19.76
C LEU B 180 -31.81 -20.14 -19.64
N GLY B 181 -32.01 -21.06 -18.69
CA GLY B 181 -31.08 -22.15 -18.45
C GLY B 181 -29.73 -21.61 -18.03
N ILE B 182 -29.78 -20.70 -17.07
CA ILE B 182 -28.57 -20.07 -16.58
C ILE B 182 -27.80 -20.94 -15.64
N GLU B 183 -26.58 -21.24 -16.06
CA GLU B 183 -25.68 -22.07 -15.29
C GLU B 183 -24.76 -21.21 -14.41
N HIS B 184 -24.58 -19.95 -14.78
CA HIS B 184 -23.69 -19.07 -14.04
C HIS B 184 -23.93 -17.59 -14.25
N ILE B 185 -23.80 -16.83 -13.18
CA ILE B 185 -23.97 -15.40 -13.23
C ILE B 185 -22.65 -14.68 -12.92
N GLU B 186 -22.37 -13.60 -13.67
CA GLU B 186 -21.17 -12.81 -13.45
C GLU B 186 -21.64 -11.40 -13.06
N TYR B 187 -21.46 -11.04 -11.79
CA TYR B 187 -21.84 -9.73 -11.27
C TYR B 187 -20.61 -8.81 -11.26
N ARG B 188 -20.87 -7.52 -11.07
CA ARG B 188 -19.80 -6.53 -11.01
C ARG B 188 -20.46 -5.24 -10.62
N SER B 189 -19.83 -4.51 -9.71
CA SER B 189 -20.36 -3.23 -9.27
C SER B 189 -19.36 -2.19 -9.71
N GLU B 190 -19.79 -0.94 -9.66
CA GLU B 190 -18.94 0.17 -10.03
C GLU B 190 -17.68 0.19 -9.15
N ASN B 191 -17.75 -0.49 -8.01
CA ASN B 191 -16.63 -0.54 -7.09
C ASN B 191 -15.79 -1.80 -7.11
N SER B 192 -16.18 -2.79 -7.90
CA SER B 192 -15.39 -4.01 -7.95
C SER B 192 -13.97 -3.55 -8.27
N PRO B 193 -12.97 -4.10 -7.57
CA PRO B 193 -11.58 -3.71 -7.81
C PRO B 193 -11.26 -3.83 -9.28
N ASP B 194 -12.06 -4.64 -9.94
CA ASP B 194 -11.96 -4.97 -11.35
C ASP B 194 -12.40 -3.81 -12.28
N VAL B 195 -13.36 -3.02 -11.81
CA VAL B 195 -13.94 -1.94 -12.56
C VAL B 195 -13.47 -0.54 -12.15
N ARG B 196 -13.28 -0.33 -10.85
CA ARG B 196 -12.86 0.96 -10.29
C ARG B 196 -11.94 1.83 -11.16
N PRO B 197 -10.84 1.25 -11.68
CA PRO B 197 -9.88 1.94 -12.53
C PRO B 197 -10.48 2.63 -13.73
N TYR B 198 -11.67 2.20 -14.13
CA TYR B 198 -12.32 2.75 -15.31
C TYR B 198 -13.46 3.70 -15.00
N VAL B 199 -13.78 3.87 -13.73
CA VAL B 199 -14.87 4.76 -13.37
C VAL B 199 -14.37 6.12 -12.87
N LYS B 200 -14.60 7.17 -13.66
CA LYS B 200 -14.20 8.54 -13.30
C LYS B 200 -14.93 9.08 -12.06
N GLY B 201 -14.22 9.81 -11.21
CA GLY B 201 -14.86 10.43 -10.06
C GLY B 201 -15.75 11.50 -10.68
N ILE B 202 -16.92 11.74 -10.10
CA ILE B 202 -17.82 12.75 -10.67
C ILE B 202 -17.78 14.10 -9.95
N ARG B 203 -17.99 14.03 -8.63
CA ARG B 203 -18.05 15.20 -7.76
C ARG B 203 -19.20 16.13 -8.12
N PHE B 204 -20.35 15.87 -7.52
CA PHE B 204 -21.49 16.73 -7.73
C PHE B 204 -21.36 17.71 -6.58
N GLU B 205 -21.38 19.01 -6.87
CA GLU B 205 -21.28 19.99 -5.81
C GLU B 205 -22.67 20.43 -5.36
N TRP B 206 -23.09 19.94 -4.21
CA TRP B 206 -24.39 20.28 -3.67
C TRP B 206 -24.28 21.59 -2.91
N VAL B 207 -24.96 22.63 -3.41
CA VAL B 207 -24.93 23.93 -2.73
C VAL B 207 -26.32 24.25 -2.19
N ARG B 208 -26.38 24.58 -0.91
CA ARG B 208 -27.65 24.87 -0.27
C ARG B 208 -28.04 26.33 -0.36
N VAL B 209 -29.14 26.62 -1.03
CA VAL B 209 -29.62 27.98 -1.14
C VAL B 209 -30.42 28.30 0.12
N ASP B 210 -30.08 29.38 0.78
CA ASP B 210 -30.79 29.71 2.00
C ASP B 210 -32.13 30.34 1.72
N LEU B 211 -33.14 29.88 2.45
CA LEU B 211 -34.48 30.39 2.30
C LEU B 211 -34.63 31.62 3.16
N PRO B 212 -34.76 32.80 2.54
CA PRO B 212 -34.93 34.06 3.27
C PRO B 212 -36.24 34.02 4.07
N GLU B 213 -36.25 34.61 5.26
CA GLU B 213 -37.42 34.60 6.14
C GLU B 213 -38.83 34.63 5.53
N ILE B 214 -39.09 35.60 4.67
CA ILE B 214 -40.40 35.72 4.04
C ILE B 214 -40.75 34.44 3.31
N TYR B 215 -39.88 34.00 2.41
CA TYR B 215 -40.12 32.77 1.65
C TYR B 215 -40.43 31.62 2.60
N LYS B 216 -39.58 31.45 3.59
CA LYS B 216 -39.70 30.41 4.61
C LYS B 216 -41.05 30.49 5.30
N GLU B 217 -41.43 31.68 5.73
CA GLU B 217 -42.70 31.92 6.42
C GLU B 217 -43.95 31.67 5.55
N VAL B 218 -43.95 32.17 4.31
CA VAL B 218 -45.08 31.95 3.42
C VAL B 218 -45.27 30.44 3.25
N ARG B 219 -44.16 29.74 3.05
CA ARG B 219 -44.16 28.29 2.90
C ARG B 219 -44.75 27.60 4.12
N LYS B 220 -44.29 27.96 5.32
CA LYS B 220 -44.79 27.34 6.53
C LYS B 220 -46.30 27.46 6.62
N LEU B 221 -46.81 28.68 6.43
CA LEU B 221 -48.23 28.95 6.48
C LEU B 221 -49.00 28.08 5.50
N LEU B 222 -48.54 28.07 4.26
CA LEU B 222 -49.18 27.27 3.23
C LEU B 222 -49.21 25.82 3.66
N ARG B 223 -48.09 25.31 4.13
CA ARG B 223 -48.00 23.92 4.56
C ARG B 223 -49.00 23.63 5.68
N GLU B 224 -49.00 24.45 6.71
CA GLU B 224 -49.89 24.23 7.83
C GLU B 224 -51.35 24.17 7.44
N MET B 225 -51.73 24.97 6.45
CA MET B 225 -53.11 24.96 6.00
C MET B 225 -53.32 23.62 5.33
N LEU B 226 -52.40 23.23 4.45
CA LEU B 226 -52.53 21.95 3.75
C LEU B 226 -52.73 20.85 4.77
N ARG B 227 -51.98 20.90 5.87
CA ARG B 227 -52.08 19.87 6.89
C ARG B 227 -53.50 19.76 7.39
N ASP B 228 -54.09 20.89 7.80
CA ASP B 228 -55.46 20.87 8.28
C ASP B 228 -56.43 20.39 7.21
N ALA B 229 -56.16 20.72 5.96
CA ALA B 229 -57.02 20.29 4.87
C ALA B 229 -56.96 18.77 4.71
N LEU B 230 -55.82 18.18 5.07
CA LEU B 230 -55.62 16.74 4.96
C LEU B 230 -56.06 15.94 6.18
N LYS B 231 -55.99 16.56 7.36
CA LYS B 231 -56.38 15.91 8.60
C LYS B 231 -57.67 15.08 8.48
N PRO B 232 -58.78 15.72 8.08
CA PRO B 232 -60.03 14.94 7.96
C PRO B 232 -59.94 13.78 6.96
N LEU B 233 -59.22 13.97 5.86
CA LEU B 233 -59.08 12.90 4.89
C LEU B 233 -58.35 11.73 5.52
N ALA B 234 -57.35 12.06 6.34
CA ALA B 234 -56.55 11.02 6.99
C ALA B 234 -57.35 10.29 8.07
N GLU B 235 -57.99 11.07 8.95
CA GLU B 235 -58.79 10.52 10.03
C GLU B 235 -59.87 9.56 9.52
N THR B 236 -60.10 9.57 8.22
CA THR B 236 -61.10 8.70 7.60
C THR B 236 -60.40 7.49 7.00
N GLY B 237 -59.10 7.62 6.78
CA GLY B 237 -58.36 6.51 6.21
C GLY B 237 -58.25 6.64 4.71
N LEU B 238 -58.34 7.87 4.22
CA LEU B 238 -58.23 8.09 2.79
C LEU B 238 -56.76 8.25 2.38
N LEU B 239 -55.89 8.37 3.39
CA LEU B 239 -54.46 8.48 3.14
C LEU B 239 -53.69 8.22 4.44
N GLU B 240 -52.45 7.73 4.33
CA GLU B 240 -51.64 7.38 5.50
C GLU B 240 -51.49 8.47 6.55
N SER B 241 -51.17 9.69 6.12
CA SER B 241 -51.03 10.78 7.07
C SER B 241 -51.46 12.13 6.52
N SER B 242 -51.60 13.09 7.42
CA SER B 242 -51.98 14.43 7.06
C SER B 242 -50.73 15.29 6.88
N SER B 243 -49.57 14.66 6.71
CA SER B 243 -48.34 15.40 6.57
C SER B 243 -48.27 16.06 5.22
N PRO B 244 -48.04 17.37 5.21
CA PRO B 244 -47.95 18.14 3.98
C PRO B 244 -46.88 17.59 3.05
N ASP B 245 -46.14 16.62 3.54
CA ASP B 245 -45.05 16.03 2.76
C ASP B 245 -45.44 14.85 1.89
N ILE B 246 -46.65 14.31 2.10
CA ILE B 246 -47.09 13.15 1.32
C ILE B 246 -47.07 13.44 -0.17
N PRO B 247 -46.95 12.39 -0.98
CA PRO B 247 -46.92 12.55 -2.44
C PRO B 247 -48.25 13.06 -2.99
N LYS B 248 -48.16 13.93 -3.99
CA LYS B 248 -49.36 14.48 -4.61
C LYS B 248 -50.23 13.29 -5.01
N LYS B 249 -49.61 12.28 -5.62
CA LYS B 249 -50.33 11.11 -6.07
C LYS B 249 -51.22 10.49 -4.99
N GLU B 250 -50.79 10.59 -3.74
CA GLU B 250 -51.55 10.03 -2.65
C GLU B 250 -52.80 10.84 -2.31
N VAL B 251 -52.80 12.14 -2.61
CA VAL B 251 -54.00 12.91 -2.32
C VAL B 251 -54.98 12.75 -3.47
N LEU B 252 -54.47 12.69 -4.71
CA LEU B 252 -55.35 12.48 -5.85
C LEU B 252 -56.11 11.19 -5.62
N ARG B 253 -55.43 10.20 -5.05
CA ARG B 253 -56.03 8.91 -4.77
C ARG B 253 -57.17 9.10 -3.78
N ALA B 254 -56.90 9.82 -2.69
CA ALA B 254 -57.91 10.06 -1.68
C ALA B 254 -59.19 10.63 -2.30
N GLY B 255 -59.00 11.43 -3.35
CA GLY B 255 -60.14 12.02 -4.02
C GLY B 255 -60.94 11.01 -4.80
N GLN B 256 -60.33 10.43 -5.83
CA GLN B 256 -61.03 9.46 -6.64
C GLN B 256 -61.63 8.34 -5.81
N ILE B 257 -61.09 8.12 -4.61
CA ILE B 257 -61.65 7.08 -3.74
C ILE B 257 -63.03 7.55 -3.33
N ILE B 258 -63.14 8.83 -3.00
CA ILE B 258 -64.42 9.39 -2.59
C ILE B 258 -65.40 9.34 -3.74
N ASN B 259 -64.90 9.50 -4.96
CA ASN B 259 -65.74 9.48 -6.15
C ASN B 259 -66.27 8.08 -6.47
N GLU B 260 -65.40 7.09 -6.34
CA GLU B 260 -65.80 5.70 -6.61
C GLU B 260 -66.80 5.21 -5.56
N GLU B 261 -66.82 5.88 -4.41
CA GLU B 261 -67.73 5.50 -3.33
C GLU B 261 -69.11 6.11 -3.51
N MET B 262 -69.17 7.23 -4.21
CA MET B 262 -70.45 7.90 -4.45
C MET B 262 -71.08 7.20 -5.65
N ALA B 263 -70.23 6.70 -6.54
CA ALA B 263 -70.70 5.98 -7.72
C ALA B 263 -71.27 4.62 -7.29
N LYS B 264 -70.93 4.19 -6.08
CA LYS B 264 -71.42 2.93 -5.52
C LYS B 264 -72.69 3.25 -4.74
N GLY B 265 -72.87 4.53 -4.43
CA GLY B 265 -74.05 4.97 -3.70
C GLY B 265 -73.81 5.18 -2.22
N ASN B 266 -72.63 5.68 -1.86
CA ASN B 266 -72.29 5.93 -0.45
C ASN B 266 -72.76 7.34 -0.06
N HIS B 267 -72.00 8.35 -0.47
CA HIS B 267 -72.32 9.75 -0.20
C HIS B 267 -72.09 10.21 1.23
N ASP B 268 -71.42 9.37 2.01
CA ASP B 268 -71.11 9.72 3.39
C ASP B 268 -69.90 10.61 3.35
N LEU B 269 -68.87 10.11 2.66
CA LEU B 269 -67.60 10.80 2.50
C LEU B 269 -67.78 11.92 1.47
N ARG B 270 -68.96 12.52 1.46
CA ARG B 270 -69.30 13.60 0.54
C ARG B 270 -68.74 14.93 1.01
N GLY B 271 -68.92 15.22 2.30
CA GLY B 271 -68.43 16.46 2.85
C GLY B 271 -66.92 16.59 2.80
N LEU B 272 -66.21 15.46 2.77
CA LEU B 272 -64.75 15.48 2.72
C LEU B 272 -64.23 15.97 1.38
N LEU B 273 -65.09 15.95 0.38
CA LEU B 273 -64.72 16.40 -0.96
C LEU B 273 -64.32 17.87 -0.91
N LEU B 274 -64.82 18.60 0.07
CA LEU B 274 -64.49 20.01 0.22
C LEU B 274 -63.01 20.14 0.57
N TYR B 275 -62.59 19.39 1.59
CA TYR B 275 -61.22 19.38 2.07
C TYR B 275 -60.27 18.90 0.99
N HIS B 276 -60.68 17.85 0.30
CA HIS B 276 -59.84 17.34 -0.74
C HIS B 276 -59.55 18.42 -1.78
N ALA B 277 -60.53 19.26 -2.06
CA ALA B 277 -60.34 20.33 -3.04
C ALA B 277 -59.39 21.39 -2.52
N MET B 278 -59.53 21.72 -1.24
CA MET B 278 -58.67 22.72 -0.61
C MET B 278 -57.23 22.20 -0.60
N ALA B 279 -57.11 20.91 -0.32
CA ALA B 279 -55.83 20.24 -0.28
C ALA B 279 -55.16 20.46 -1.64
N LEU B 280 -55.81 19.97 -2.68
CA LEU B 280 -55.30 20.10 -4.03
C LEU B 280 -54.85 21.51 -4.38
N LYS B 281 -55.59 22.51 -3.92
CA LYS B 281 -55.23 23.89 -4.21
C LYS B 281 -54.01 24.29 -3.39
N LEU B 282 -54.09 24.06 -2.08
CA LEU B 282 -52.99 24.40 -1.20
C LEU B 282 -51.72 23.69 -1.65
N HIS B 283 -51.85 22.45 -2.06
CA HIS B 283 -50.70 21.69 -2.53
C HIS B 283 -50.10 22.37 -3.76
N HIS B 284 -50.97 22.77 -4.68
CA HIS B 284 -50.51 23.41 -5.91
C HIS B 284 -49.86 24.74 -5.61
N ALA B 285 -50.32 25.39 -4.54
CA ALA B 285 -49.75 26.66 -4.16
C ALA B 285 -48.30 26.42 -3.75
N ILE B 286 -48.11 25.45 -2.86
CA ILE B 286 -46.79 25.07 -2.35
C ILE B 286 -45.89 24.77 -3.54
N GLU B 287 -46.39 23.92 -4.41
CA GLU B 287 -45.66 23.53 -5.61
C GLU B 287 -45.14 24.70 -6.45
N LEU B 288 -45.94 25.76 -6.59
CA LEU B 288 -45.52 26.92 -7.38
C LEU B 288 -44.45 27.67 -6.62
N LEU B 289 -44.69 27.82 -5.31
CA LEU B 289 -43.75 28.51 -4.45
C LEU B 289 -42.37 27.87 -4.51
N GLU B 290 -42.30 26.54 -4.43
CA GLU B 290 -41.02 25.85 -4.48
C GLU B 290 -40.43 25.74 -5.88
N THR B 291 -41.26 25.36 -6.84
CA THR B 291 -40.85 25.21 -8.24
C THR B 291 -40.53 26.50 -8.98
N GLN B 292 -41.32 27.54 -8.74
CA GLN B 292 -41.09 28.78 -9.45
C GLN B 292 -40.79 29.99 -8.62
N GLY B 293 -41.55 30.20 -7.55
CA GLY B 293 -41.27 31.34 -6.71
C GLY B 293 -42.50 32.07 -6.23
N LEU B 294 -42.28 33.08 -5.40
CA LEU B 294 -43.34 33.89 -4.84
C LEU B 294 -44.25 34.54 -5.88
N SER B 295 -43.67 35.05 -6.96
CA SER B 295 -44.47 35.66 -8.02
C SER B 295 -45.47 34.71 -8.65
N ALA B 296 -45.09 33.46 -8.86
CA ALA B 296 -46.01 32.50 -9.44
C ALA B 296 -47.12 32.21 -8.41
N LEU B 297 -46.75 32.24 -7.14
CA LEU B 297 -47.70 31.98 -6.06
C LEU B 297 -48.71 33.12 -6.03
N ARG B 298 -48.20 34.35 -6.04
CA ARG B 298 -49.02 35.56 -6.03
C ARG B 298 -50.07 35.46 -7.13
N ALA B 299 -49.62 35.19 -8.34
CA ALA B 299 -50.51 35.05 -9.46
C ALA B 299 -51.61 34.03 -9.17
N TYR B 300 -51.22 32.87 -8.66
CA TYR B 300 -52.20 31.84 -8.38
C TYR B 300 -53.17 32.24 -7.27
N ILE B 301 -52.65 32.82 -6.19
CA ILE B 301 -53.52 33.24 -5.10
C ILE B 301 -54.55 34.23 -5.60
N LYS B 302 -54.14 35.08 -6.53
CA LYS B 302 -55.05 36.06 -7.12
C LYS B 302 -56.12 35.31 -7.94
N LYS B 303 -55.68 34.53 -8.92
CA LYS B 303 -56.63 33.80 -9.75
C LYS B 303 -57.57 32.97 -8.88
N LEU B 304 -57.12 32.66 -7.68
CA LEU B 304 -57.87 31.85 -6.74
C LEU B 304 -58.84 32.73 -5.99
N TYR B 305 -58.52 34.03 -5.94
CA TYR B 305 -59.34 35.00 -5.25
C TYR B 305 -60.53 35.35 -6.12
N GLU B 306 -60.37 35.21 -7.43
CA GLU B 306 -61.44 35.50 -8.37
C GLU B 306 -62.48 34.40 -8.23
N GLU B 307 -62.00 33.19 -7.99
CA GLU B 307 -62.88 32.05 -7.82
C GLU B 307 -63.71 32.19 -6.57
N ALA B 308 -63.14 32.89 -5.58
CA ALA B 308 -63.82 33.11 -4.32
C ALA B 308 -64.90 34.15 -4.50
N LYS B 309 -64.57 35.23 -5.17
CA LYS B 309 -65.50 36.32 -5.42
C LYS B 309 -66.65 35.87 -6.32
N ALA B 310 -66.37 34.93 -7.21
CA ALA B 310 -67.38 34.45 -8.14
C ALA B 310 -68.35 33.44 -7.56
N GLY B 311 -68.03 32.87 -6.40
CA GLY B 311 -68.90 31.89 -5.77
C GLY B 311 -68.88 30.51 -6.41
N SER B 312 -67.92 30.30 -7.31
CA SER B 312 -67.77 29.03 -8.04
C SER B 312 -67.15 27.90 -7.24
N THR B 313 -66.48 28.22 -6.16
CA THR B 313 -65.86 27.21 -5.34
C THR B 313 -65.95 27.61 -3.89
N LYS B 314 -66.36 26.63 -3.10
CA LYS B 314 -66.49 26.79 -1.67
C LYS B 314 -65.07 26.71 -1.13
N ALA B 315 -64.27 25.88 -1.79
CA ALA B 315 -62.88 25.67 -1.40
C ALA B 315 -62.11 26.98 -1.33
N SER B 316 -62.07 27.68 -2.46
CA SER B 316 -61.36 28.94 -2.54
C SER B 316 -61.81 29.88 -1.44
N LYS B 317 -63.12 29.93 -1.21
CA LYS B 317 -63.71 30.78 -0.17
C LYS B 317 -63.08 30.50 1.18
N GLU B 318 -63.21 29.25 1.60
CA GLU B 318 -62.68 28.78 2.86
C GLU B 318 -61.21 29.16 3.04
N ILE B 319 -60.41 28.92 2.01
CA ILE B 319 -58.99 29.24 2.04
C ILE B 319 -58.70 30.70 2.38
N PHE B 320 -59.47 31.63 1.84
CA PHE B 320 -59.23 33.04 2.11
C PHE B 320 -59.73 33.52 3.46
N SER B 321 -60.66 32.77 4.05
CA SER B 321 -61.19 33.16 5.34
C SER B 321 -60.24 32.75 6.47
N ASP B 322 -59.21 32.00 6.12
CA ASP B 322 -58.19 31.52 7.06
C ASP B 322 -57.23 32.67 7.35
N LYS B 323 -57.03 32.98 8.64
CA LYS B 323 -56.12 34.07 9.01
C LYS B 323 -54.71 33.86 8.43
N ARG B 324 -54.32 32.60 8.31
CA ARG B 324 -53.02 32.23 7.78
C ARG B 324 -52.84 32.73 6.36
N MET B 325 -53.82 32.43 5.51
CA MET B 325 -53.75 32.86 4.12
C MET B 325 -53.62 34.36 4.08
N LYS B 326 -54.27 35.01 5.05
CA LYS B 326 -54.21 36.46 5.14
C LYS B 326 -52.78 36.91 5.35
N LYS B 327 -52.15 36.43 6.41
CA LYS B 327 -50.77 36.81 6.69
C LYS B 327 -49.87 36.46 5.51
N ALA B 328 -50.19 35.37 4.82
CA ALA B 328 -49.41 34.95 3.67
C ALA B 328 -49.48 36.02 2.59
N ILE B 329 -50.69 36.51 2.35
CA ILE B 329 -50.93 37.54 1.35
C ILE B 329 -50.20 38.84 1.68
N SER B 330 -50.08 39.16 2.97
CA SER B 330 -49.38 40.38 3.36
C SER B 330 -47.88 40.25 3.17
N LEU B 331 -47.32 39.08 3.45
CA LEU B 331 -45.89 38.82 3.29
C LEU B 331 -45.58 38.77 1.81
N LEU B 332 -46.55 38.26 1.05
CA LEU B 332 -46.43 38.13 -0.39
C LEU B 332 -46.27 39.51 -1.04
N VAL B 333 -46.85 40.53 -0.41
CA VAL B 333 -46.74 41.88 -0.95
C VAL B 333 -45.40 42.44 -0.48
N GLN B 334 -45.11 42.16 0.78
CA GLN B 334 -43.86 42.58 1.44
C GLN B 334 -42.65 42.06 0.66
N ALA B 335 -42.86 40.95 -0.04
CA ALA B 335 -41.83 40.34 -0.85
C ALA B 335 -41.63 41.14 -2.12
N LYS B 336 -42.71 41.43 -2.84
CA LYS B 336 -42.62 42.19 -4.08
C LYS B 336 -41.93 43.52 -3.78
N GLU B 337 -42.16 44.00 -2.57
CA GLU B 337 -41.61 45.25 -2.11
C GLU B 337 -40.07 45.25 -2.16
N ILE B 338 -39.46 44.10 -1.89
CA ILE B 338 -37.99 44.00 -1.92
C ILE B 338 -37.51 43.16 -3.09
N GLY B 339 -38.39 42.84 -4.03
CA GLY B 339 -38.04 42.08 -5.21
C GLY B 339 -37.61 40.63 -4.99
N LEU B 340 -38.22 39.96 -4.00
CA LEU B 340 -37.89 38.57 -3.70
C LEU B 340 -38.84 37.56 -4.36
N ASP B 341 -38.36 36.84 -5.36
CA ASP B 341 -39.20 35.85 -6.05
C ASP B 341 -38.78 34.42 -5.68
N HIS B 342 -37.51 34.08 -5.91
CA HIS B 342 -36.98 32.75 -5.58
C HIS B 342 -35.48 32.77 -5.42
N PRO B 343 -35.01 32.37 -4.25
CA PRO B 343 -33.59 32.33 -3.91
C PRO B 343 -32.72 31.62 -4.93
N LYS B 344 -33.22 30.55 -5.53
CA LYS B 344 -32.45 29.80 -6.51
C LYS B 344 -32.11 30.61 -7.75
N MET B 345 -33.06 31.42 -8.24
CA MET B 345 -32.79 32.23 -9.43
C MET B 345 -31.63 33.17 -9.13
N ASP B 346 -31.63 33.72 -7.92
CA ASP B 346 -30.56 34.64 -7.53
C ASP B 346 -29.23 33.92 -7.48
N LYS B 347 -29.22 32.74 -6.87
CA LYS B 347 -27.99 31.97 -6.79
C LYS B 347 -27.57 31.54 -8.19
N LEU B 348 -28.54 31.11 -9.00
CA LEU B 348 -28.22 30.67 -10.34
C LEU B 348 -27.49 31.78 -11.10
N LYS B 349 -28.09 32.97 -11.13
CA LYS B 349 -27.50 34.12 -11.83
C LYS B 349 -26.08 34.33 -11.33
N GLU B 350 -25.93 34.30 -9.99
CA GLU B 350 -24.65 34.50 -9.37
C GLU B 350 -23.56 33.56 -9.86
N ILE B 351 -23.82 32.25 -9.85
CA ILE B 351 -22.81 31.32 -10.31
C ILE B 351 -22.60 31.41 -11.81
N ILE B 352 -23.67 31.61 -12.58
CA ILE B 352 -23.51 31.71 -14.02
C ILE B 352 -22.66 32.95 -14.32
N ARG B 353 -22.83 33.98 -13.48
CA ARG B 353 -22.07 35.22 -13.62
C ARG B 353 -20.58 34.94 -13.51
N GLU B 354 -20.16 34.55 -12.30
CA GLU B 354 -18.76 34.27 -12.03
C GLU B 354 -18.14 33.23 -12.97
N GLN B 355 -18.96 32.47 -13.67
CA GLN B 355 -18.46 31.47 -14.62
C GLN B 355 -18.04 32.17 -15.89
N LEU B 356 -18.99 32.91 -16.47
CA LEU B 356 -18.75 33.66 -17.70
C LEU B 356 -17.65 34.70 -17.48
N GLN B 357 -17.41 35.04 -16.23
CA GLN B 357 -16.39 36.01 -15.90
C GLN B 357 -15.00 35.38 -16.03
N ARG B 358 -14.82 34.18 -15.49
CA ARG B 358 -13.53 33.48 -15.57
C ARG B 358 -13.32 32.94 -16.99
N LYS B 359 -14.38 32.86 -17.75
CA LYS B 359 -14.30 32.36 -19.12
C LYS B 359 -15.60 32.70 -19.83
N GLN B 360 -15.62 33.81 -20.54
CA GLN B 360 -16.82 34.23 -21.26
C GLN B 360 -17.10 33.28 -22.41
N ASN B 361 -16.16 32.37 -22.63
CA ASN B 361 -16.24 31.38 -23.70
C ASN B 361 -17.01 30.14 -23.20
N SER B 362 -17.36 30.16 -21.91
CA SER B 362 -18.07 29.08 -21.24
C SER B 362 -19.32 28.54 -21.92
N LYS B 363 -19.49 27.24 -21.80
CA LYS B 363 -20.63 26.51 -22.34
C LYS B 363 -21.22 25.88 -21.08
N ILE B 364 -22.39 26.32 -20.65
CA ILE B 364 -22.98 25.77 -19.45
C ILE B 364 -24.40 25.25 -19.71
N ILE B 365 -24.81 24.22 -18.97
CA ILE B 365 -26.13 23.64 -19.13
C ILE B 365 -26.89 23.72 -17.82
N VAL B 366 -28.11 24.22 -17.86
CA VAL B 366 -28.93 24.28 -16.65
C VAL B 366 -30.09 23.30 -16.80
N PHE B 367 -30.20 22.36 -15.86
CA PHE B 367 -31.24 21.34 -15.88
C PHE B 367 -32.32 21.65 -14.88
N THR B 368 -33.56 21.30 -15.25
CA THR B 368 -34.72 21.49 -14.40
C THR B 368 -35.75 20.44 -14.76
N ASN B 369 -36.52 19.99 -13.78
CA ASN B 369 -37.53 18.96 -14.01
C ASN B 369 -38.77 19.48 -14.73
N TYR B 370 -39.06 20.77 -14.57
CA TYR B 370 -40.26 21.35 -15.15
C TYR B 370 -40.06 22.36 -16.26
N ARG B 371 -40.92 22.25 -17.29
CA ARG B 371 -40.87 23.15 -18.44
C ARG B 371 -41.14 24.59 -18.05
N GLU B 372 -42.06 24.78 -17.11
CA GLU B 372 -42.36 26.12 -16.65
C GLU B 372 -41.12 26.73 -16.05
N THR B 373 -40.46 25.99 -15.18
CA THR B 373 -39.25 26.49 -14.54
C THR B 373 -38.20 26.77 -15.61
N ALA B 374 -38.13 25.90 -16.61
CA ALA B 374 -37.17 26.09 -17.68
C ALA B 374 -37.42 27.44 -18.36
N LYS B 375 -38.67 27.69 -18.71
CA LYS B 375 -39.07 28.91 -19.39
C LYS B 375 -38.75 30.14 -18.53
N LYS B 376 -39.14 30.14 -17.27
CA LYS B 376 -38.86 31.27 -16.39
C LYS B 376 -37.35 31.51 -16.32
N ILE B 377 -36.56 30.45 -16.31
CA ILE B 377 -35.11 30.58 -16.24
C ILE B 377 -34.53 31.24 -17.47
N VAL B 378 -34.88 30.75 -18.66
CA VAL B 378 -34.36 31.35 -19.89
C VAL B 378 -34.62 32.85 -19.89
N ASN B 379 -35.87 33.25 -19.67
CA ASN B 379 -36.22 34.66 -19.66
C ASN B 379 -35.47 35.44 -18.62
N GLU B 380 -35.51 34.98 -17.38
CA GLU B 380 -34.82 35.66 -16.30
C GLU B 380 -33.34 35.86 -16.62
N LEU B 381 -32.75 34.94 -17.39
CA LEU B 381 -31.33 35.01 -17.77
C LEU B 381 -31.10 35.96 -18.94
N VAL B 382 -31.95 35.89 -19.96
CA VAL B 382 -31.81 36.76 -21.12
C VAL B 382 -32.14 38.19 -20.68
N LYS B 383 -33.02 38.32 -19.68
CA LYS B 383 -33.42 39.61 -19.13
C LYS B 383 -32.18 40.23 -18.53
N ASP B 384 -31.33 39.38 -17.94
CA ASP B 384 -30.09 39.84 -17.36
C ASP B 384 -29.22 39.94 -18.62
N GLY B 385 -27.92 40.15 -18.49
CA GLY B 385 -27.12 40.23 -19.70
C GLY B 385 -26.53 38.91 -20.18
N ILE B 386 -27.34 37.86 -20.18
CA ILE B 386 -26.83 36.53 -20.56
C ILE B 386 -27.50 35.89 -21.77
N LYS B 387 -26.68 35.26 -22.61
CA LYS B 387 -27.17 34.59 -23.80
C LYS B 387 -27.68 33.20 -23.46
N ALA B 388 -28.95 33.07 -23.12
CA ALA B 388 -29.53 31.77 -22.78
C ALA B 388 -30.54 31.32 -23.81
N LYS B 389 -30.66 30.02 -24.00
CA LYS B 389 -31.63 29.49 -24.97
C LYS B 389 -32.24 28.19 -24.45
N ARG B 390 -33.56 28.13 -24.50
CA ARG B 390 -34.31 26.97 -24.05
C ARG B 390 -34.21 25.79 -25.01
N PHE B 391 -34.37 24.58 -24.46
CA PHE B 391 -34.28 23.33 -25.23
C PHE B 391 -35.25 22.32 -24.60
N VAL B 392 -36.28 21.89 -25.33
CA VAL B 392 -37.23 20.91 -24.78
C VAL B 392 -37.62 19.79 -25.77
N GLY B 393 -38.58 18.95 -25.39
CA GLY B 393 -39.01 17.85 -26.24
C GLY B 393 -40.32 18.14 -26.96
N SER B 404 -39.11 20.63 -32.44
CA SER B 404 -39.22 19.24 -32.86
C SER B 404 -37.85 18.62 -33.14
N GLN B 405 -37.86 17.34 -33.51
CA GLN B 405 -36.66 16.56 -33.80
C GLN B 405 -35.61 17.19 -34.72
N ARG B 406 -35.90 18.34 -35.30
CA ARG B 406 -34.92 18.97 -36.18
C ARG B 406 -34.44 20.36 -35.75
N GLU B 407 -35.25 21.11 -35.02
CA GLU B 407 -34.73 22.40 -34.56
C GLU B 407 -33.81 22.04 -33.40
N GLN B 408 -34.19 20.98 -32.69
CA GLN B 408 -33.39 20.51 -31.55
C GLN B 408 -31.93 20.41 -32.00
N LYS B 409 -31.69 19.62 -33.03
CA LYS B 409 -30.34 19.46 -33.53
C LYS B 409 -29.76 20.81 -33.92
N LEU B 410 -30.59 21.67 -34.50
CA LEU B 410 -30.15 22.98 -34.94
C LEU B 410 -29.63 23.83 -33.78
N ILE B 411 -30.46 23.96 -32.74
CA ILE B 411 -30.08 24.75 -31.58
C ILE B 411 -28.88 24.14 -30.86
N LEU B 412 -28.84 22.82 -30.81
CA LEU B 412 -27.75 22.11 -30.17
C LEU B 412 -26.45 22.44 -30.87
N ASP B 413 -26.49 22.48 -32.20
CA ASP B 413 -25.30 22.80 -32.98
C ASP B 413 -24.83 24.21 -32.66
N GLU B 414 -25.79 25.10 -32.43
CA GLU B 414 -25.50 26.50 -32.11
C GLU B 414 -24.76 26.54 -30.78
N PHE B 415 -25.23 25.73 -29.84
CA PHE B 415 -24.61 25.66 -28.52
C PHE B 415 -23.15 25.22 -28.68
N ALA B 416 -22.95 24.21 -29.52
CA ALA B 416 -21.61 23.68 -29.81
C ALA B 416 -20.67 24.71 -30.40
N ARG B 417 -21.14 25.44 -31.41
CA ARG B 417 -20.33 26.45 -32.08
C ARG B 417 -20.00 27.64 -31.19
N GLY B 418 -20.87 27.96 -30.23
CA GLY B 418 -20.61 29.09 -29.36
C GLY B 418 -21.66 30.18 -29.45
N GLU B 419 -22.74 29.92 -30.17
CA GLU B 419 -23.84 30.87 -30.34
C GLU B 419 -24.21 31.50 -28.99
N PHE B 420 -24.84 30.71 -28.13
CA PHE B 420 -25.21 31.19 -26.80
C PHE B 420 -24.36 30.48 -25.76
N ASN B 421 -24.37 30.98 -24.54
CA ASN B 421 -23.58 30.40 -23.47
C ASN B 421 -24.32 29.42 -22.58
N VAL B 422 -25.62 29.60 -22.44
CA VAL B 422 -26.39 28.73 -21.58
C VAL B 422 -27.49 27.96 -22.27
N LEU B 423 -27.53 26.65 -22.03
CA LEU B 423 -28.56 25.80 -22.58
C LEU B 423 -29.43 25.41 -21.39
N VAL B 424 -30.68 25.86 -21.40
CA VAL B 424 -31.60 25.54 -20.31
C VAL B 424 -32.54 24.46 -20.82
N ALA B 425 -32.53 23.30 -20.17
CA ALA B 425 -33.37 22.21 -20.61
C ALA B 425 -33.96 21.36 -19.51
N THR B 426 -34.89 20.52 -19.92
CA THR B 426 -35.56 19.60 -19.04
C THR B 426 -34.92 18.23 -19.29
N SER B 427 -35.39 17.19 -18.63
CA SER B 427 -34.84 15.85 -18.78
C SER B 427 -34.46 15.49 -20.21
N VAL B 428 -35.30 15.91 -21.16
CA VAL B 428 -35.10 15.63 -22.59
C VAL B 428 -33.83 16.22 -23.20
N GLY B 429 -33.29 17.25 -22.56
CA GLY B 429 -32.09 17.86 -23.09
C GLY B 429 -30.80 17.22 -22.61
N GLU B 430 -30.85 15.97 -22.18
CA GLU B 430 -29.63 15.31 -21.70
C GLU B 430 -28.67 15.00 -22.83
N GLU B 431 -29.09 15.18 -24.07
CA GLU B 431 -28.21 14.91 -25.21
C GLU B 431 -27.23 16.08 -25.38
N GLY B 432 -27.44 17.13 -24.61
CA GLY B 432 -26.56 18.28 -24.67
C GLY B 432 -25.24 17.98 -23.99
N LEU B 433 -25.22 16.91 -23.20
CA LEU B 433 -24.02 16.48 -22.49
C LEU B 433 -23.01 15.84 -23.44
N ASP B 434 -23.45 15.54 -24.66
CA ASP B 434 -22.58 14.94 -25.67
C ASP B 434 -21.87 15.99 -26.50
N VAL B 435 -22.08 17.25 -26.11
CA VAL B 435 -21.45 18.37 -26.79
C VAL B 435 -20.07 18.52 -26.14
N PRO B 436 -19.02 18.62 -26.95
CA PRO B 436 -17.66 18.77 -26.43
C PRO B 436 -17.43 19.98 -25.52
N GLU B 437 -16.42 19.86 -24.68
CA GLU B 437 -16.05 20.92 -23.75
C GLU B 437 -17.18 21.72 -23.09
N VAL B 438 -18.14 21.03 -22.48
CA VAL B 438 -19.21 21.75 -21.78
C VAL B 438 -18.66 22.01 -20.37
N ASP B 439 -18.30 23.26 -20.10
CA ASP B 439 -17.71 23.71 -18.83
C ASP B 439 -18.41 23.37 -17.52
N LEU B 440 -19.71 23.60 -17.46
CA LEU B 440 -20.44 23.33 -16.22
C LEU B 440 -21.93 23.14 -16.42
N VAL B 441 -22.53 22.29 -15.58
CA VAL B 441 -23.96 22.09 -15.62
C VAL B 441 -24.42 22.37 -14.20
N VAL B 442 -25.57 23.00 -14.07
CA VAL B 442 -26.08 23.27 -12.75
C VAL B 442 -27.53 22.85 -12.77
N PHE B 443 -27.87 22.02 -11.79
CA PHE B 443 -29.21 21.49 -11.65
C PHE B 443 -30.03 22.46 -10.79
N TYR B 444 -31.08 23.05 -11.37
CA TYR B 444 -31.92 23.95 -10.60
C TYR B 444 -32.49 23.18 -9.40
N GLU B 445 -32.74 21.90 -9.65
CA GLU B 445 -33.24 20.96 -8.65
C GLU B 445 -32.64 19.65 -9.12
N PRO B 446 -32.58 18.64 -8.24
CA PRO B 446 -32.01 17.38 -8.71
C PRO B 446 -32.93 16.79 -9.77
N VAL B 447 -32.40 16.48 -10.95
CA VAL B 447 -33.20 15.89 -12.05
C VAL B 447 -32.69 14.48 -12.30
N PRO B 448 -33.28 13.49 -11.59
CA PRO B 448 -32.95 12.06 -11.67
C PRO B 448 -32.39 11.54 -12.99
N SER B 449 -33.13 11.68 -14.07
CA SER B 449 -32.64 11.15 -15.33
C SER B 449 -31.26 11.71 -15.72
N ALA B 450 -31.09 13.04 -15.62
CA ALA B 450 -29.83 13.69 -16.02
C ALA B 450 -28.68 13.38 -15.06
N ILE B 451 -28.97 13.34 -13.76
CA ILE B 451 -27.93 13.01 -12.79
C ILE B 451 -27.46 11.59 -13.11
N ARG B 452 -28.42 10.73 -13.47
CA ARG B 452 -28.15 9.33 -13.84
C ARG B 452 -27.26 9.31 -15.08
N SER B 453 -27.58 10.14 -16.06
CA SER B 453 -26.80 10.19 -17.28
C SER B 453 -25.33 10.45 -16.94
N ILE B 454 -25.08 11.54 -16.21
CA ILE B 454 -23.73 11.93 -15.80
C ILE B 454 -23.01 10.77 -15.09
N GLN B 455 -23.71 10.14 -14.15
CA GLN B 455 -23.20 9.00 -13.41
C GLN B 455 -22.76 7.91 -14.40
N ARG B 456 -23.56 7.68 -15.43
CA ARG B 456 -23.22 6.66 -16.41
C ARG B 456 -22.04 7.07 -17.25
N ARG B 457 -22.03 8.30 -17.76
CA ARG B 457 -20.91 8.74 -18.60
C ARG B 457 -19.58 8.45 -17.91
N GLY B 458 -19.60 8.52 -16.58
CA GLY B 458 -18.40 8.27 -15.80
C GLY B 458 -17.86 6.87 -16.02
N ARG B 459 -18.75 5.98 -16.44
CA ARG B 459 -18.39 4.61 -16.72
C ARG B 459 -17.86 4.47 -18.15
N THR B 460 -18.36 5.29 -19.06
CA THR B 460 -17.86 5.26 -20.43
C THR B 460 -16.78 6.35 -20.55
N GLY B 461 -16.43 6.68 -21.79
CA GLY B 461 -15.43 7.72 -21.99
C GLY B 461 -16.09 8.85 -22.75
N ARG B 462 -17.40 8.98 -22.57
CA ARG B 462 -18.14 10.01 -23.24
C ARG B 462 -17.96 11.34 -22.56
N HIS B 463 -18.27 12.41 -23.29
CA HIS B 463 -18.11 13.76 -22.76
C HIS B 463 -18.75 13.93 -21.39
N MET B 464 -17.99 14.61 -20.53
CA MET B 464 -18.40 14.86 -19.17
C MET B 464 -18.23 16.36 -18.88
N PRO B 465 -19.17 16.94 -18.13
CA PRO B 465 -19.10 18.36 -17.79
C PRO B 465 -17.83 18.63 -16.99
N GLY B 466 -17.33 19.87 -17.06
CA GLY B 466 -16.14 20.24 -16.30
C GLY B 466 -16.44 20.13 -14.82
N ARG B 467 -17.60 20.65 -14.41
CA ARG B 467 -18.04 20.57 -13.03
C ARG B 467 -19.56 20.62 -13.04
N VAL B 468 -20.19 20.18 -11.95
CA VAL B 468 -21.64 20.21 -11.90
C VAL B 468 -22.09 20.67 -10.52
N ILE B 469 -23.11 21.52 -10.48
CA ILE B 469 -23.63 22.00 -9.20
C ILE B 469 -25.10 21.63 -9.09
N ILE B 470 -25.51 21.21 -7.90
CA ILE B 470 -26.90 20.86 -7.65
C ILE B 470 -27.40 21.89 -6.65
N LEU B 471 -28.40 22.68 -7.03
CA LEU B 471 -28.99 23.69 -6.14
C LEU B 471 -30.02 22.96 -5.28
N MET B 472 -30.11 23.24 -3.98
CA MET B 472 -31.07 22.52 -3.15
C MET B 472 -31.66 23.35 -2.02
N ALA B 473 -32.98 23.31 -1.86
CA ALA B 473 -33.63 24.09 -0.84
C ALA B 473 -33.79 23.33 0.46
N LYS B 474 -33.27 23.92 1.53
CA LYS B 474 -33.34 23.31 2.86
C LYS B 474 -34.77 23.09 3.35
N GLY B 475 -35.23 21.85 3.30
CA GLY B 475 -36.58 21.54 3.77
C GLY B 475 -37.47 20.96 2.69
N THR B 476 -36.99 20.96 1.46
CA THR B 476 -37.73 20.47 0.30
C THR B 476 -37.38 19.04 -0.05
N ARG B 477 -37.99 18.53 -1.12
CA ARG B 477 -37.70 17.20 -1.61
C ARG B 477 -36.25 17.25 -2.10
N ASP B 478 -35.74 18.47 -2.21
CA ASP B 478 -34.38 18.70 -2.64
C ASP B 478 -33.43 18.01 -1.66
N GLU B 479 -33.68 18.23 -0.36
CA GLU B 479 -32.83 17.68 0.70
C GLU B 479 -32.79 16.15 0.70
N ALA B 480 -33.91 15.50 0.41
CA ALA B 480 -33.92 14.04 0.36
C ALA B 480 -32.86 13.54 -0.62
N TYR B 481 -32.85 14.10 -1.82
CA TYR B 481 -31.86 13.68 -2.81
C TYR B 481 -30.42 13.96 -2.40
N TYR B 482 -30.19 15.00 -1.61
CA TYR B 482 -28.85 15.31 -1.16
C TYR B 482 -28.37 14.26 -0.15
N TRP B 483 -29.29 13.81 0.70
CA TRP B 483 -28.97 12.78 1.69
C TRP B 483 -28.88 11.40 1.04
N SER B 484 -29.86 11.04 0.21
CA SER B 484 -29.80 9.75 -0.46
C SER B 484 -28.52 9.64 -1.29
N SER B 485 -27.87 10.77 -1.54
CA SER B 485 -26.64 10.80 -2.31
C SER B 485 -25.37 10.94 -1.45
N ARG B 486 -25.56 11.18 -0.16
CA ARG B 486 -24.45 11.28 0.78
C ARG B 486 -24.21 9.89 1.36
N GLN B 487 -24.49 8.89 0.53
CA GLN B 487 -24.29 7.49 0.90
C GLN B 487 -23.34 6.92 -0.15
N MET C 1 -26.57 -15.54 26.61
CA MET C 1 -25.92 -14.25 26.99
C MET C 1 -25.55 -14.19 28.47
N VAL C 2 -24.34 -14.66 28.76
CA VAL C 2 -23.79 -14.65 30.11
C VAL C 2 -23.12 -13.30 30.25
N LEU C 3 -22.14 -13.07 29.37
CA LEU C 3 -21.35 -11.84 29.33
C LEU C 3 -21.87 -10.93 28.22
N ARG C 4 -22.35 -9.75 28.61
CA ARG C 4 -22.88 -8.76 27.69
C ARG C 4 -21.87 -8.25 26.66
N ARG C 5 -21.44 -9.15 25.78
CA ARG C 5 -20.47 -8.82 24.75
C ARG C 5 -20.85 -7.58 23.95
N ASP C 6 -22.16 -7.45 23.72
CA ASP C 6 -22.72 -6.35 22.98
C ASP C 6 -22.31 -5.06 23.66
N LEU C 7 -22.41 -5.06 24.99
CA LEU C 7 -22.05 -3.88 25.77
C LEU C 7 -20.58 -3.51 25.80
N ILE C 8 -19.69 -4.47 25.51
CA ILE C 8 -18.26 -4.14 25.58
C ILE C 8 -17.51 -4.17 24.27
N GLN C 9 -18.14 -4.70 23.22
CA GLN C 9 -17.50 -4.72 21.90
C GLN C 9 -16.07 -5.22 21.86
N PRO C 10 -15.85 -6.48 22.21
CA PRO C 10 -14.49 -7.00 22.18
C PRO C 10 -13.75 -6.77 20.88
N ARG C 11 -12.48 -6.36 20.99
CA ARG C 11 -11.62 -6.07 19.84
C ARG C 11 -10.97 -7.34 19.32
N ILE C 12 -10.33 -7.23 18.15
CA ILE C 12 -9.73 -8.40 17.57
C ILE C 12 -8.75 -9.09 18.51
N TYR C 13 -7.71 -8.38 18.94
CA TYR C 13 -6.69 -8.96 19.82
C TYR C 13 -7.31 -9.52 21.09
N GLN C 14 -8.37 -8.90 21.59
CA GLN C 14 -9.01 -9.40 22.80
C GLN C 14 -9.65 -10.74 22.52
N GLU C 15 -10.19 -10.89 21.32
CA GLU C 15 -10.87 -12.12 20.90
C GLU C 15 -9.84 -13.24 20.69
N VAL C 16 -8.82 -12.94 19.90
CA VAL C 16 -7.77 -13.90 19.62
C VAL C 16 -7.21 -14.47 20.91
N ILE C 17 -6.75 -13.58 21.78
CA ILE C 17 -6.17 -13.97 23.05
C ILE C 17 -7.15 -14.84 23.83
N TYR C 18 -8.35 -14.35 24.07
CA TYR C 18 -9.33 -15.13 24.79
C TYR C 18 -9.38 -16.56 24.23
N ALA C 19 -9.31 -16.65 22.90
CA ALA C 19 -9.36 -17.93 22.24
C ALA C 19 -8.22 -18.88 22.61
N LYS C 20 -6.98 -18.38 22.59
CA LYS C 20 -5.82 -19.23 22.89
C LYS C 20 -5.64 -19.64 24.34
N CYS C 21 -5.85 -18.70 25.25
CA CYS C 21 -5.67 -18.92 26.68
C CYS C 21 -6.92 -19.53 27.31
N LYS C 22 -7.87 -19.88 26.46
CA LYS C 22 -9.13 -20.47 26.90
C LYS C 22 -8.97 -21.81 27.64
N GLU C 23 -7.97 -22.60 27.22
CA GLU C 23 -7.74 -23.91 27.80
C GLU C 23 -6.26 -24.19 28.16
N THR C 24 -5.55 -23.17 28.57
CA THR C 24 -4.14 -23.31 28.92
C THR C 24 -3.77 -22.31 29.99
N ASN C 25 -2.90 -22.72 30.92
CA ASN C 25 -2.46 -21.82 31.97
C ASN C 25 -1.63 -20.78 31.29
N CYS C 26 -2.11 -19.54 31.36
CA CYS C 26 -1.39 -18.48 30.69
C CYS C 26 -1.16 -17.21 31.46
N LEU C 27 -0.28 -16.44 30.84
CA LEU C 27 0.12 -15.14 31.29
C LEU C 27 -0.21 -14.20 30.13
N ILE C 28 -1.10 -13.25 30.37
CA ILE C 28 -1.50 -12.29 29.35
C ILE C 28 -0.78 -10.97 29.67
N VAL C 29 0.16 -10.62 28.82
CA VAL C 29 0.93 -9.42 29.04
C VAL C 29 0.56 -8.30 28.06
N LEU C 30 -0.12 -7.26 28.57
CA LEU C 30 -0.54 -6.11 27.75
C LEU C 30 -0.39 -4.81 28.50
N PRO C 31 -0.03 -3.73 27.78
CA PRO C 31 0.12 -2.42 28.39
C PRO C 31 -1.24 -2.05 28.98
N THR C 32 -1.25 -1.35 30.10
CA THR C 32 -2.50 -0.96 30.75
C THR C 32 -3.46 -0.21 29.81
N GLY C 33 -4.75 -0.55 29.93
CA GLY C 33 -5.78 0.06 29.11
C GLY C 33 -6.23 -0.77 27.90
N LEU C 34 -5.57 -1.91 27.66
CA LEU C 34 -5.92 -2.76 26.54
C LEU C 34 -6.93 -3.85 26.88
N GLY C 35 -7.58 -3.75 28.03
CA GLY C 35 -8.58 -4.74 28.36
C GLY C 35 -8.32 -6.09 29.03
N LYS C 36 -7.11 -6.34 29.56
CA LYS C 36 -6.81 -7.61 30.25
C LYS C 36 -8.00 -8.11 31.10
N THR C 37 -8.57 -7.25 31.93
CA THR C 37 -9.69 -7.71 32.74
C THR C 37 -10.87 -8.15 31.90
N LEU C 38 -11.07 -7.46 30.77
CA LEU C 38 -12.18 -7.79 29.85
C LEU C 38 -11.91 -9.19 29.27
N ILE C 39 -10.72 -9.36 28.70
CA ILE C 39 -10.35 -10.67 28.15
C ILE C 39 -10.55 -11.71 29.23
N ALA C 40 -10.28 -11.33 30.47
CA ALA C 40 -10.44 -12.26 31.55
C ALA C 40 -11.89 -12.66 31.64
N MET C 41 -12.80 -11.69 31.70
CA MET C 41 -14.23 -12.00 31.82
C MET C 41 -14.70 -12.84 30.65
N MET C 42 -14.12 -12.61 29.49
CA MET C 42 -14.52 -13.39 28.31
C MET C 42 -14.18 -14.86 28.58
N ILE C 43 -12.98 -15.10 29.11
CA ILE C 43 -12.54 -16.44 29.45
C ILE C 43 -13.41 -16.97 30.59
N ALA C 44 -13.70 -16.11 31.55
CA ALA C 44 -14.52 -16.51 32.66
C ALA C 44 -15.86 -17.03 32.15
N GLU C 45 -16.42 -16.37 31.14
CA GLU C 45 -17.70 -16.82 30.59
C GLU C 45 -17.64 -18.20 29.95
N TYR C 46 -16.57 -18.45 29.20
CA TYR C 46 -16.35 -19.72 28.56
C TYR C 46 -16.21 -20.86 29.58
N ARG C 47 -15.61 -20.56 30.72
CA ARG C 47 -15.43 -21.57 31.75
C ARG C 47 -16.76 -21.83 32.48
N LEU C 48 -17.42 -20.76 32.91
CA LEU C 48 -18.68 -20.93 33.61
C LEU C 48 -19.74 -21.68 32.82
N THR C 49 -19.69 -21.61 31.49
CA THR C 49 -20.70 -22.29 30.68
C THR C 49 -20.31 -23.73 30.29
N LYS C 50 -19.01 -24.00 30.15
CA LYS C 50 -18.55 -25.35 29.79
C LYS C 50 -18.25 -26.25 30.98
N TYR C 51 -17.63 -25.69 32.02
CA TYR C 51 -17.30 -26.49 33.20
C TYR C 51 -18.17 -26.16 34.39
N GLY C 52 -17.60 -26.37 35.56
CA GLY C 52 -18.30 -26.13 36.81
C GLY C 52 -18.95 -24.77 36.96
N GLY C 53 -18.92 -24.24 38.18
CA GLY C 53 -19.55 -22.95 38.41
C GLY C 53 -18.89 -22.07 39.45
N LYS C 54 -17.60 -21.80 39.27
CA LYS C 54 -16.90 -20.93 40.21
C LYS C 54 -15.70 -20.26 39.57
N VAL C 55 -15.71 -18.92 39.53
CA VAL C 55 -14.61 -18.16 38.97
C VAL C 55 -14.09 -17.24 40.08
N LEU C 56 -12.78 -17.23 40.25
CA LEU C 56 -12.17 -16.42 41.28
C LEU C 56 -11.11 -15.52 40.73
N MET C 57 -11.25 -14.24 41.01
CA MET C 57 -10.28 -13.26 40.56
C MET C 57 -9.65 -12.63 41.78
N LEU C 58 -8.33 -12.64 41.82
CA LEU C 58 -7.59 -12.07 42.94
C LEU C 58 -6.97 -10.71 42.55
N ALA C 59 -6.92 -9.79 43.52
CA ALA C 59 -6.34 -8.48 43.31
C ALA C 59 -5.58 -8.01 44.55
N PRO C 60 -4.43 -7.34 44.35
CA PRO C 60 -3.57 -6.81 45.42
C PRO C 60 -4.27 -5.98 46.47
N THR C 61 -4.91 -4.89 46.05
CA THR C 61 -5.58 -3.98 46.99
C THR C 61 -7.07 -4.18 47.19
N LYS C 62 -7.61 -3.49 48.18
CA LYS C 62 -9.04 -3.55 48.50
C LYS C 62 -9.81 -2.82 47.41
N PRO C 63 -9.45 -1.54 47.15
CA PRO C 63 -10.15 -0.78 46.12
C PRO C 63 -10.22 -1.55 44.81
N LEU C 64 -9.11 -2.19 44.42
CA LEU C 64 -9.09 -2.95 43.17
C LEU C 64 -10.09 -4.08 43.20
N VAL C 65 -10.21 -4.73 44.34
CA VAL C 65 -11.16 -5.82 44.43
C VAL C 65 -12.59 -5.31 44.22
N LEU C 66 -12.93 -4.21 44.88
CA LEU C 66 -14.27 -3.64 44.75
C LEU C 66 -14.52 -3.21 43.30
N GLN C 67 -13.53 -2.56 42.72
CA GLN C 67 -13.64 -2.11 41.34
C GLN C 67 -13.96 -3.27 40.40
N HIS C 68 -13.11 -4.30 40.40
CA HIS C 68 -13.35 -5.44 39.55
C HIS C 68 -14.73 -6.04 39.85
N ALA C 69 -15.04 -6.17 41.13
CA ALA C 69 -16.31 -6.74 41.51
C ALA C 69 -17.44 -5.98 40.82
N GLU C 70 -17.36 -4.66 40.80
CA GLU C 70 -18.41 -3.89 40.17
C GLU C 70 -18.48 -4.13 38.65
N SER C 71 -17.32 -4.06 37.99
CA SER C 71 -17.30 -4.28 36.56
C SER C 71 -17.98 -5.60 36.21
N PHE C 72 -17.68 -6.66 36.97
CA PHE C 72 -18.29 -7.96 36.74
C PHE C 72 -19.79 -7.86 36.84
N ARG C 73 -20.27 -7.20 37.89
CA ARG C 73 -21.71 -7.04 38.09
C ARG C 73 -22.34 -6.27 36.91
N ARG C 74 -21.58 -5.33 36.35
CA ARG C 74 -22.08 -4.53 35.24
C ARG C 74 -22.13 -5.27 33.91
N LEU C 75 -21.10 -6.05 33.61
CA LEU C 75 -21.05 -6.79 32.36
C LEU C 75 -21.57 -8.22 32.40
N PHE C 76 -21.86 -8.73 33.59
CA PHE C 76 -22.37 -10.10 33.67
C PHE C 76 -23.87 -10.13 33.95
N ASN C 77 -24.56 -10.97 33.18
CA ASN C 77 -25.99 -11.12 33.32
C ASN C 77 -26.27 -12.29 34.27
N LEU C 78 -25.88 -12.11 35.53
CA LEU C 78 -26.08 -13.12 36.57
C LEU C 78 -26.68 -12.43 37.78
N PRO C 79 -27.43 -13.17 38.60
CA PRO C 79 -28.03 -12.55 39.79
C PRO C 79 -26.95 -11.80 40.54
N PRO C 80 -27.20 -10.51 40.84
CA PRO C 80 -26.26 -9.64 41.56
C PRO C 80 -25.58 -10.22 42.80
N GLU C 81 -26.29 -11.06 43.55
CA GLU C 81 -25.73 -11.65 44.75
C GLU C 81 -24.78 -12.81 44.45
N LYS C 82 -24.73 -13.26 43.20
CA LYS C 82 -23.83 -14.35 42.83
C LYS C 82 -22.45 -13.85 42.38
N ILE C 83 -22.28 -12.53 42.47
CA ILE C 83 -21.03 -11.88 42.15
C ILE C 83 -20.61 -11.32 43.51
N VAL C 84 -19.71 -12.01 44.18
CA VAL C 84 -19.29 -11.57 45.50
C VAL C 84 -17.88 -10.99 45.61
N ALA C 85 -17.73 -10.02 46.52
CA ALA C 85 -16.45 -9.38 46.77
C ALA C 85 -16.00 -9.66 48.21
N LEU C 86 -14.93 -10.44 48.35
CA LEU C 86 -14.40 -10.78 49.65
C LEU C 86 -13.16 -9.97 49.99
N THR C 87 -13.39 -8.83 50.62
CA THR C 87 -12.29 -7.96 51.02
C THR C 87 -11.74 -8.45 52.35
N GLY C 88 -12.52 -9.30 53.02
CA GLY C 88 -12.12 -9.85 54.29
C GLY C 88 -12.65 -9.02 55.45
N GLU C 89 -13.74 -8.30 55.22
CA GLU C 89 -14.33 -7.47 56.26
C GLU C 89 -15.66 -8.02 56.72
N LYS C 90 -16.11 -9.07 56.04
CA LYS C 90 -17.37 -9.71 56.39
C LYS C 90 -17.12 -10.71 57.52
N SER C 91 -18.20 -11.14 58.18
CA SER C 91 -18.07 -12.10 59.26
C SER C 91 -17.52 -13.39 58.66
N PRO C 92 -16.55 -14.02 59.34
CA PRO C 92 -15.94 -15.26 58.84
C PRO C 92 -16.98 -16.24 58.33
N GLU C 93 -18.20 -16.11 58.81
CA GLU C 93 -19.30 -16.98 58.41
C GLU C 93 -19.90 -16.53 57.07
N GLU C 94 -20.30 -15.26 57.00
CA GLU C 94 -20.89 -14.73 55.79
C GLU C 94 -19.98 -14.95 54.60
N ARG C 95 -18.67 -14.78 54.81
CA ARG C 95 -17.72 -15.00 53.72
C ARG C 95 -17.90 -16.40 53.16
N SER C 96 -18.03 -17.38 54.05
CA SER C 96 -18.23 -18.77 53.62
C SER C 96 -19.63 -18.90 53.02
N LYS C 97 -20.55 -18.06 53.51
CA LYS C 97 -21.93 -18.06 53.04
C LYS C 97 -21.96 -17.49 51.61
N ALA C 98 -21.21 -16.41 51.40
CA ALA C 98 -21.11 -15.76 50.10
C ALA C 98 -20.38 -16.70 49.14
N TRP C 99 -19.19 -17.13 49.52
CA TRP C 99 -18.41 -18.05 48.69
C TRP C 99 -19.28 -19.23 48.29
N ALA C 100 -20.19 -19.59 49.18
CA ALA C 100 -21.09 -20.71 48.95
C ALA C 100 -21.96 -20.50 47.72
N ARG C 101 -22.75 -19.43 47.72
CA ARG C 101 -23.67 -19.13 46.61
C ARG C 101 -23.04 -18.38 45.43
N ALA C 102 -21.86 -17.80 45.63
CA ALA C 102 -21.18 -17.04 44.59
C ALA C 102 -20.82 -17.90 43.37
N LYS C 103 -20.98 -17.31 42.18
CA LYS C 103 -20.66 -18.00 40.94
C LYS C 103 -19.39 -17.34 40.39
N VAL C 104 -19.13 -16.14 40.91
CA VAL C 104 -17.97 -15.36 40.54
C VAL C 104 -17.57 -14.65 41.83
N ILE C 105 -16.29 -14.74 42.16
CA ILE C 105 -15.80 -14.11 43.38
C ILE C 105 -14.47 -13.39 43.17
N VAL C 106 -14.46 -12.13 43.60
CA VAL C 106 -13.29 -11.26 43.50
C VAL C 106 -12.85 -10.95 44.94
N ALA C 107 -11.58 -11.21 45.24
CA ALA C 107 -11.07 -10.97 46.59
C ALA C 107 -9.58 -10.72 46.61
N THR C 108 -9.09 -10.32 47.78
CA THR C 108 -7.66 -10.08 47.98
C THR C 108 -7.05 -11.45 48.29
N PRO C 109 -5.79 -11.69 47.87
CA PRO C 109 -5.16 -12.99 48.13
C PRO C 109 -5.02 -13.25 49.63
N GLN C 110 -4.81 -12.17 50.37
CA GLN C 110 -4.66 -12.24 51.81
C GLN C 110 -5.81 -13.08 52.37
N THR C 111 -7.01 -12.51 52.35
CA THR C 111 -8.19 -13.21 52.87
C THR C 111 -8.41 -14.61 52.32
N ILE C 112 -8.28 -14.79 51.01
CA ILE C 112 -8.49 -16.11 50.43
C ILE C 112 -7.52 -17.15 50.98
N GLU C 113 -6.37 -16.67 51.45
CA GLU C 113 -5.37 -17.57 52.01
C GLU C 113 -5.84 -18.07 53.36
N ASN C 114 -6.22 -17.13 54.23
CA ASN C 114 -6.71 -17.45 55.55
C ASN C 114 -7.82 -18.51 55.51
N ASP C 115 -8.96 -18.13 54.96
CA ASP C 115 -10.09 -19.05 54.86
C ASP C 115 -9.72 -20.33 54.12
N LEU C 116 -8.58 -20.33 53.43
CA LEU C 116 -8.16 -21.52 52.70
C LEU C 116 -7.44 -22.48 53.64
N LEU C 117 -6.68 -21.91 54.57
CA LEU C 117 -5.96 -22.69 55.58
C LEU C 117 -6.96 -23.19 56.60
N ALA C 118 -7.72 -22.25 57.18
CA ALA C 118 -8.75 -22.57 58.16
C ALA C 118 -9.71 -23.64 57.68
N GLY C 119 -9.71 -23.92 56.37
CA GLY C 119 -10.59 -24.93 55.80
C GLY C 119 -12.03 -24.49 55.60
N ARG C 120 -12.28 -23.18 55.62
CA ARG C 120 -13.62 -22.62 55.43
C ARG C 120 -14.08 -22.62 53.98
N ILE C 121 -13.13 -22.60 53.06
CA ILE C 121 -13.43 -22.62 51.63
C ILE C 121 -12.50 -23.55 50.87
N SER C 122 -13.02 -24.11 49.78
CA SER C 122 -12.26 -25.03 48.95
C SER C 122 -12.36 -24.67 47.48
N LEU C 123 -11.20 -24.47 46.86
CA LEU C 123 -11.14 -24.11 45.45
C LEU C 123 -11.05 -25.35 44.54
N GLU C 124 -12.02 -26.26 44.69
CA GLU C 124 -12.05 -27.46 43.85
C GLU C 124 -13.07 -27.32 42.73
N ASP C 125 -14.03 -26.43 42.96
CA ASP C 125 -15.09 -26.16 41.99
C ASP C 125 -14.78 -24.88 41.20
N VAL C 126 -13.60 -24.32 41.45
CA VAL C 126 -13.16 -23.12 40.77
C VAL C 126 -12.62 -23.48 39.39
N SER C 127 -13.41 -23.23 38.35
CA SER C 127 -13.00 -23.54 36.98
C SER C 127 -12.00 -22.56 36.41
N LEU C 128 -11.73 -21.49 37.16
CA LEU C 128 -10.77 -20.48 36.73
C LEU C 128 -10.37 -19.51 37.83
N ILE C 129 -9.06 -19.27 37.90
CA ILE C 129 -8.51 -18.30 38.83
C ILE C 129 -7.75 -17.27 37.98
N VAL C 130 -8.01 -16.01 38.27
CA VAL C 130 -7.34 -14.95 37.56
C VAL C 130 -6.51 -14.16 38.57
N PHE C 131 -5.22 -14.07 38.29
CA PHE C 131 -4.33 -13.33 39.18
C PHE C 131 -4.02 -11.98 38.58
N ASP C 132 -4.62 -10.94 39.13
CA ASP C 132 -4.35 -9.62 38.63
C ASP C 132 -2.96 -9.24 39.15
N GLU C 133 -2.16 -8.60 38.30
CA GLU C 133 -0.81 -8.23 38.71
C GLU C 133 -0.01 -9.50 39.06
N ALA C 134 -0.21 -10.54 38.27
CA ALA C 134 0.44 -11.82 38.46
C ALA C 134 1.96 -11.75 38.70
N HIS C 135 2.61 -10.66 38.30
CA HIS C 135 4.04 -10.52 38.48
C HIS C 135 4.43 -10.54 39.98
N ARG C 136 3.47 -10.22 40.86
CA ARG C 136 3.77 -10.21 42.28
C ARG C 136 3.53 -11.55 42.93
N ALA C 137 3.58 -12.59 42.10
CA ALA C 137 3.41 -13.96 42.58
C ALA C 137 4.82 -14.52 42.69
N VAL C 138 5.62 -13.85 43.50
CA VAL C 138 6.98 -14.26 43.75
C VAL C 138 7.21 -14.35 45.25
N GLY C 139 8.24 -15.10 45.61
CA GLY C 139 8.58 -15.25 47.01
C GLY C 139 7.53 -15.72 47.98
N ASN C 140 7.16 -14.79 48.84
CA ASN C 140 6.22 -15.04 49.92
C ASN C 140 4.74 -14.83 49.63
N TYR C 141 4.45 -13.83 48.80
CA TYR C 141 3.09 -13.44 48.45
C TYR C 141 2.03 -14.55 48.48
N ALA C 142 0.85 -14.21 49.02
CA ALA C 142 -0.25 -15.16 49.13
C ALA C 142 -0.60 -15.84 47.80
N TYR C 143 -0.27 -15.20 46.69
CA TYR C 143 -0.54 -15.76 45.37
C TYR C 143 0.09 -17.15 45.24
N VAL C 144 1.40 -17.21 45.43
CA VAL C 144 2.13 -18.47 45.30
C VAL C 144 1.52 -19.64 46.08
N PHE C 145 1.02 -19.36 47.29
CA PHE C 145 0.40 -20.42 48.10
C PHE C 145 -0.91 -20.84 47.43
N ILE C 146 -1.79 -19.87 47.21
CA ILE C 146 -3.09 -20.11 46.58
C ILE C 146 -2.91 -20.86 45.26
N ALA C 147 -1.90 -20.48 44.49
CA ALA C 147 -1.63 -21.14 43.22
C ALA C 147 -1.37 -22.62 43.44
N ARG C 148 -0.59 -22.92 44.47
CA ARG C 148 -0.23 -24.29 44.82
C ARG C 148 -1.47 -25.09 45.22
N GLU C 149 -2.26 -24.55 46.14
CA GLU C 149 -3.46 -25.23 46.60
C GLU C 149 -4.35 -25.57 45.41
N TYR C 150 -4.71 -24.54 44.64
CA TYR C 150 -5.54 -24.69 43.46
C TYR C 150 -4.99 -25.80 42.58
N LYS C 151 -3.73 -25.66 42.21
CA LYS C 151 -3.07 -26.63 41.34
C LYS C 151 -3.26 -28.10 41.74
N ARG C 152 -3.58 -28.37 43.00
CA ARG C 152 -3.72 -29.76 43.38
C ARG C 152 -5.14 -30.14 43.77
N GLN C 153 -5.93 -29.17 44.22
CA GLN C 153 -7.29 -29.52 44.62
C GLN C 153 -8.42 -29.03 43.72
N ALA C 154 -8.12 -28.78 42.45
CA ALA C 154 -9.14 -28.30 41.52
C ALA C 154 -9.52 -29.32 40.47
N LYS C 155 -10.83 -29.51 40.31
CA LYS C 155 -11.35 -30.46 39.33
C LYS C 155 -10.89 -30.10 37.91
N ASN C 156 -11.25 -28.89 37.45
CA ASN C 156 -10.85 -28.43 36.11
C ASN C 156 -10.09 -27.14 36.36
N PRO C 157 -8.77 -27.24 36.43
CA PRO C 157 -8.01 -26.01 36.69
C PRO C 157 -7.61 -25.22 35.45
N LEU C 158 -7.62 -23.91 35.64
CA LEU C 158 -7.21 -22.94 34.62
C LEU C 158 -6.65 -21.71 35.36
N VAL C 159 -5.40 -21.39 35.05
CA VAL C 159 -4.74 -20.27 35.68
C VAL C 159 -4.43 -19.18 34.66
N ILE C 160 -5.00 -18.01 34.91
CA ILE C 160 -4.77 -16.89 34.03
C ILE C 160 -4.18 -15.75 34.87
N GLY C 161 -3.00 -15.31 34.47
CA GLY C 161 -2.34 -14.22 35.16
C GLY C 161 -2.29 -12.99 34.27
N LEU C 162 -2.71 -11.85 34.82
CA LEU C 162 -2.71 -10.59 34.08
C LEU C 162 -1.60 -9.67 34.57
N THR C 163 -0.85 -9.06 33.66
CA THR C 163 0.22 -8.19 34.08
C THR C 163 0.77 -7.29 33.01
N ALA C 164 1.28 -6.14 33.41
CA ALA C 164 1.87 -5.23 32.45
C ALA C 164 3.34 -5.62 32.21
N SER C 165 3.77 -6.69 32.86
CA SER C 165 5.15 -7.24 32.74
C SER C 165 5.37 -8.29 33.82
N PRO C 166 5.72 -9.54 33.42
CA PRO C 166 5.97 -10.68 34.34
C PRO C 166 7.24 -10.59 35.22
N GLY C 167 8.08 -9.61 34.92
CA GLY C 167 9.32 -9.42 35.65
C GLY C 167 10.35 -8.80 34.71
N SER C 168 11.52 -8.51 35.25
CA SER C 168 12.59 -7.88 34.48
C SER C 168 13.81 -8.78 34.42
N THR C 169 13.78 -9.79 35.29
CA THR C 169 14.87 -10.74 35.41
C THR C 169 14.48 -12.13 34.95
N PRO C 170 15.42 -12.85 34.31
CA PRO C 170 15.12 -14.21 33.84
C PRO C 170 14.63 -15.03 35.02
N GLU C 171 15.39 -14.96 36.11
CA GLU C 171 15.05 -15.67 37.33
C GLU C 171 13.67 -15.26 37.82
N LYS C 172 13.44 -13.95 37.90
CA LYS C 172 12.17 -13.42 38.36
C LYS C 172 11.00 -13.98 37.54
N ILE C 173 11.14 -13.93 36.22
CA ILE C 173 10.12 -14.45 35.30
C ILE C 173 9.87 -15.93 35.60
N MET C 174 10.96 -16.69 35.61
CA MET C 174 10.90 -18.13 35.90
C MET C 174 10.18 -18.43 37.22
N GLU C 175 10.48 -17.66 38.25
CA GLU C 175 9.81 -17.89 39.52
C GLU C 175 8.29 -17.79 39.40
N VAL C 176 7.79 -16.74 38.74
CA VAL C 176 6.34 -16.60 38.61
C VAL C 176 5.78 -17.61 37.63
N ILE C 177 6.52 -17.88 36.55
CA ILE C 177 6.06 -18.88 35.58
C ILE C 177 5.83 -20.21 36.30
N ASN C 178 6.87 -20.69 37.01
CA ASN C 178 6.78 -21.95 37.75
C ASN C 178 5.76 -21.90 38.89
N ASN C 179 5.70 -20.78 39.60
CA ASN C 179 4.75 -20.64 40.69
C ASN C 179 3.31 -20.73 40.23
N LEU C 180 3.05 -20.22 39.02
CA LEU C 180 1.67 -20.23 38.50
C LEU C 180 1.42 -21.34 37.50
N GLY C 181 2.45 -22.11 37.18
CA GLY C 181 2.29 -23.21 36.24
C GLY C 181 1.89 -22.70 34.87
N ILE C 182 2.61 -21.68 34.44
CA ILE C 182 2.35 -21.07 33.16
C ILE C 182 2.89 -21.91 32.05
N GLU C 183 1.97 -22.35 31.20
CA GLU C 183 2.32 -23.18 30.07
C GLU C 183 2.51 -22.30 28.83
N HIS C 184 1.92 -21.12 28.85
CA HIS C 184 2.02 -20.23 27.70
C HIS C 184 1.80 -18.76 28.03
N ILE C 185 2.53 -17.90 27.31
CA ILE C 185 2.42 -16.47 27.49
C ILE C 185 1.99 -15.76 26.21
N GLU C 186 1.01 -14.86 26.34
CA GLU C 186 0.49 -14.08 25.22
C GLU C 186 0.87 -12.61 25.44
N TYR C 187 1.82 -12.14 24.62
CA TYR C 187 2.31 -10.75 24.66
C TYR C 187 1.60 -9.91 23.63
N ARG C 188 1.75 -8.60 23.75
CA ARG C 188 1.16 -7.69 22.81
C ARG C 188 1.67 -6.31 23.17
N SER C 189 2.07 -5.54 22.16
CA SER C 189 2.53 -4.20 22.42
C SER C 189 1.52 -3.27 21.75
N GLU C 190 1.61 -2.00 22.10
CA GLU C 190 0.72 -1.00 21.54
C GLU C 190 0.89 -0.96 20.01
N ASN C 191 1.97 -1.55 19.51
CA ASN C 191 2.21 -1.55 18.07
C ASN C 191 1.95 -2.85 17.35
N SER C 192 1.53 -3.87 18.09
CA SER C 192 1.25 -5.14 17.44
C SER C 192 0.23 -4.82 16.36
N PRO C 193 0.44 -5.32 15.13
CA PRO C 193 -0.52 -5.05 14.05
C PRO C 193 -1.94 -5.35 14.53
N ASP C 194 -1.99 -6.20 15.54
CA ASP C 194 -3.21 -6.66 16.16
C ASP C 194 -3.92 -5.59 17.00
N VAL C 195 -3.14 -4.70 17.57
CA VAL C 195 -3.66 -3.66 18.46
C VAL C 195 -3.71 -2.27 17.88
N ARG C 196 -2.73 -1.94 17.03
CA ARG C 196 -2.62 -0.62 16.40
C ARG C 196 -3.94 0.07 16.07
N PRO C 197 -4.83 -0.62 15.33
CA PRO C 197 -6.13 -0.10 14.93
C PRO C 197 -6.95 0.49 16.08
N TYR C 198 -6.68 0.05 17.31
CA TYR C 198 -7.43 0.53 18.47
C TYR C 198 -6.73 1.59 19.30
N VAL C 199 -5.52 1.95 18.90
CA VAL C 199 -4.78 2.95 19.64
C VAL C 199 -4.74 4.33 18.97
N LYS C 200 -5.37 5.31 19.64
CA LYS C 200 -5.42 6.72 19.19
C LYS C 200 -4.03 7.41 19.27
N GLY C 201 -3.70 8.23 18.28
CA GLY C 201 -2.45 8.96 18.35
C GLY C 201 -2.69 10.00 19.45
N ILE C 202 -1.66 10.35 20.22
CA ILE C 202 -1.87 11.30 21.32
C ILE C 202 -1.39 12.73 21.00
N ARG C 203 -0.15 12.81 20.52
CA ARG C 203 0.52 14.06 20.20
C ARG C 203 0.67 14.97 21.41
N PHE C 204 1.74 14.79 22.14
CA PHE C 204 2.00 15.67 23.26
C PHE C 204 2.81 16.77 22.61
N GLU C 205 2.44 18.03 22.85
CA GLU C 205 3.20 19.13 22.29
C GLU C 205 4.21 19.65 23.32
N TRP C 206 5.47 19.28 23.13
CA TRP C 206 6.53 19.71 24.02
C TRP C 206 7.00 21.09 23.59
N VAL C 207 6.82 22.07 24.47
CA VAL C 207 7.26 23.43 24.17
C VAL C 207 8.36 23.83 25.14
N ARG C 208 9.47 24.32 24.60
CA ARG C 208 10.59 24.72 25.42
C ARG C 208 10.55 26.16 25.83
N VAL C 209 10.44 26.40 27.12
CA VAL C 209 10.42 27.76 27.65
C VAL C 209 11.87 28.21 27.76
N ASP C 210 12.20 29.38 27.19
CA ASP C 210 13.59 29.84 27.26
C ASP C 210 13.94 30.46 28.59
N LEU C 211 15.13 30.11 29.09
CA LEU C 211 15.62 30.62 30.36
C LEU C 211 16.34 31.95 30.17
N PRO C 212 15.77 33.04 30.70
CA PRO C 212 16.38 34.36 30.58
C PRO C 212 17.69 34.41 31.37
N GLU C 213 18.69 35.08 30.81
CA GLU C 213 20.03 35.20 31.39
C GLU C 213 20.16 35.20 32.92
N ILE C 214 19.41 36.06 33.60
CA ILE C 214 19.50 36.09 35.05
C ILE C 214 19.18 34.72 35.65
N TYR C 215 18.01 34.18 35.33
CA TYR C 215 17.56 32.88 35.80
C TYR C 215 18.64 31.84 35.52
N LYS C 216 19.10 31.83 34.29
CA LYS C 216 20.13 30.91 33.83
C LYS C 216 21.37 30.99 34.74
N GLU C 217 21.86 32.21 34.93
CA GLU C 217 23.06 32.50 35.74
C GLU C 217 22.90 32.13 37.23
N VAL C 218 21.81 32.57 37.85
CA VAL C 218 21.58 32.25 39.25
C VAL C 218 21.68 30.72 39.42
N ARG C 219 21.06 30.02 38.49
CA ARG C 219 21.05 28.57 38.50
C ARG C 219 22.45 28.00 38.38
N LYS C 220 23.24 28.53 37.44
CA LYS C 220 24.60 28.02 37.25
C LYS C 220 25.42 28.15 38.54
N LEU C 221 25.35 29.34 39.14
CA LEU C 221 26.07 29.60 40.37
C LEU C 221 25.68 28.58 41.42
N LEU C 222 24.39 28.51 41.70
CA LEU C 222 23.89 27.57 42.68
C LEU C 222 24.39 26.15 42.42
N ARG C 223 24.33 25.72 41.16
CA ARG C 223 24.77 24.38 40.81
C ARG C 223 26.23 24.19 41.15
N GLU C 224 27.07 25.08 40.63
CA GLU C 224 28.50 25.01 40.89
C GLU C 224 28.87 24.91 42.37
N MET C 225 28.10 25.60 43.21
CA MET C 225 28.35 25.52 44.64
C MET C 225 28.01 24.10 45.07
N LEU C 226 26.84 23.63 44.66
CA LEU C 226 26.41 22.28 45.00
C LEU C 226 27.49 21.28 44.59
N ARG C 227 28.10 21.50 43.44
CA ARG C 227 29.15 20.59 42.97
C ARG C 227 30.27 20.50 43.99
N ASP C 228 30.78 21.66 44.40
CA ASP C 228 31.87 21.72 45.37
C ASP C 228 31.43 21.11 46.69
N ALA C 229 30.19 21.36 47.09
CA ALA C 229 29.72 20.80 48.34
C ALA C 229 29.70 19.28 48.26
N LEU C 230 29.55 18.73 47.06
CA LEU C 230 29.48 17.29 46.89
C LEU C 230 30.84 16.63 46.67
N LYS C 231 31.76 17.36 46.03
CA LYS C 231 33.09 16.82 45.74
C LYS C 231 33.70 16.00 46.87
N PRO C 232 33.75 16.55 48.08
CA PRO C 232 34.34 15.77 49.18
C PRO C 232 33.55 14.49 49.49
N LEU C 233 32.21 14.56 49.44
CA LEU C 233 31.39 13.38 49.70
C LEU C 233 31.72 12.30 48.68
N ALA C 234 31.88 12.73 47.43
CA ALA C 234 32.20 11.81 46.36
C ALA C 234 33.57 11.20 46.50
N GLU C 235 34.57 12.04 46.73
CA GLU C 235 35.97 11.60 46.87
C GLU C 235 36.13 10.58 47.98
N THR C 236 35.13 10.50 48.85
CA THR C 236 35.16 9.54 49.95
C THR C 236 34.48 8.24 49.54
N GLY C 237 33.58 8.33 48.57
CA GLY C 237 32.85 7.16 48.12
C GLY C 237 31.46 7.14 48.72
N LEU C 238 30.96 8.28 49.12
CA LEU C 238 29.64 8.35 49.71
C LEU C 238 28.60 8.50 48.61
N LEU C 239 29.07 8.75 47.39
CA LEU C 239 28.17 8.86 46.25
C LEU C 239 28.98 8.74 44.95
N GLU C 240 28.33 8.24 43.89
CA GLU C 240 28.96 8.01 42.58
C GLU C 240 29.66 9.22 42.00
N SER C 241 29.01 10.38 42.05
CA SER C 241 29.63 11.55 41.50
C SER C 241 29.21 12.82 42.23
N SER C 242 29.96 13.89 41.95
CA SER C 242 29.71 15.18 42.55
C SER C 242 28.88 16.02 41.58
N SER C 243 28.26 15.37 40.60
CA SER C 243 27.46 16.11 39.64
C SER C 243 26.20 16.66 40.29
N PRO C 244 25.96 17.96 40.13
CA PRO C 244 24.78 18.61 40.69
C PRO C 244 23.49 18.01 40.17
N ASP C 245 23.65 17.06 39.25
CA ASP C 245 22.51 16.38 38.62
C ASP C 245 22.05 15.12 39.32
N ILE C 246 22.89 14.56 40.18
CA ILE C 246 22.51 13.34 40.88
C ILE C 246 21.18 13.48 41.61
N PRO C 247 20.53 12.34 41.90
CA PRO C 247 19.24 12.33 42.59
C PRO C 247 19.35 12.78 44.04
N LYS C 248 18.37 13.56 44.49
CA LYS C 248 18.34 14.01 45.86
C LYS C 248 18.49 12.78 46.74
N LYS C 249 17.77 11.72 46.41
CA LYS C 249 17.83 10.48 47.17
C LYS C 249 19.27 10.01 47.42
N GLU C 250 20.14 10.24 46.45
CA GLU C 250 21.53 9.78 46.57
C GLU C 250 22.35 10.60 47.55
N VAL C 251 21.97 11.85 47.76
CA VAL C 251 22.70 12.67 48.71
C VAL C 251 22.21 12.33 50.10
N LEU C 252 20.90 12.18 50.28
CA LEU C 252 20.35 11.83 51.57
C LEU C 252 21.03 10.56 52.03
N ARG C 253 21.33 9.68 51.08
CA ARG C 253 21.97 8.41 51.39
C ARG C 253 23.35 8.67 51.94
N ALA C 254 24.10 9.51 51.25
CA ALA C 254 25.44 9.86 51.68
C ALA C 254 25.42 10.33 53.13
N GLY C 255 24.35 11.05 53.49
CA GLY C 255 24.21 11.55 54.83
C GLY C 255 24.02 10.44 55.84
N GLN C 256 22.91 9.72 55.77
CA GLN C 256 22.64 8.64 56.71
C GLN C 256 23.76 7.59 56.75
N ILE C 257 24.58 7.53 55.71
CA ILE C 257 25.69 6.59 55.71
C ILE C 257 26.69 7.06 56.75
N ILE C 258 26.92 8.37 56.78
CA ILE C 258 27.84 8.96 57.73
C ILE C 258 27.29 8.75 59.13
N ASN C 259 25.97 8.85 59.28
CA ASN C 259 25.33 8.67 60.59
C ASN C 259 25.43 7.25 61.12
N GLU C 260 25.23 6.28 60.24
CA GLU C 260 25.31 4.89 60.64
C GLU C 260 26.74 4.51 60.99
N GLU C 261 27.69 5.29 60.47
CA GLU C 261 29.10 5.04 60.74
C GLU C 261 29.54 5.59 62.09
N MET C 262 28.88 6.65 62.53
CA MET C 262 29.21 7.25 63.80
C MET C 262 28.52 6.42 64.88
N ALA C 263 27.39 5.82 64.51
CA ALA C 263 26.65 4.97 65.43
C ALA C 263 27.43 3.68 65.66
N LYS C 264 28.36 3.38 64.77
CA LYS C 264 29.19 2.19 64.90
C LYS C 264 30.46 2.59 65.66
N GLY C 265 30.71 3.89 65.73
CA GLY C 265 31.88 4.40 66.43
C GLY C 265 33.04 4.78 65.52
N ASN C 266 32.74 5.33 64.34
CA ASN C 266 33.78 5.75 63.40
C ASN C 266 34.20 7.19 63.69
N HIS C 267 33.36 8.13 63.27
CA HIS C 267 33.61 9.55 63.50
C HIS C 267 34.71 10.13 62.63
N ASP C 268 35.19 9.37 61.65
CA ASP C 268 36.21 9.87 60.76
C ASP C 268 35.49 10.78 59.79
N LEU C 269 34.44 10.23 59.20
CA LEU C 269 33.64 10.93 58.22
C LEU C 269 32.74 11.94 58.92
N ARG C 270 33.24 12.51 60.01
CA ARG C 270 32.46 13.48 60.75
C ARG C 270 32.48 14.84 60.09
N GLY C 271 33.67 15.27 59.69
CA GLY C 271 33.81 16.57 59.07
C GLY C 271 33.01 16.73 57.81
N LEU C 272 32.77 15.63 57.12
CA LEU C 272 32.01 15.65 55.87
C LEU C 272 30.54 15.99 56.08
N LEU C 273 30.09 15.83 57.31
CA LEU C 273 28.71 16.14 57.64
C LEU C 273 28.41 17.61 57.35
N LEU C 274 29.44 18.45 57.32
CA LEU C 274 29.27 19.89 57.06
C LEU C 274 28.88 20.10 55.60
N TYR C 275 29.63 19.44 54.72
CA TYR C 275 29.39 19.52 53.29
C TYR C 275 28.03 18.95 52.96
N HIS C 276 27.71 17.82 53.59
CA HIS C 276 26.43 17.19 53.36
C HIS C 276 25.28 18.14 53.64
N ALA C 277 25.41 18.94 54.69
CA ALA C 277 24.36 19.88 55.02
C ALA C 277 24.29 21.03 54.02
N MET C 278 25.44 21.43 53.48
CA MET C 278 25.47 22.54 52.51
C MET C 278 24.84 22.06 51.21
N ALA C 279 25.17 20.81 50.86
CA ALA C 279 24.64 20.19 49.67
C ALA C 279 23.14 20.26 49.82
N LEU C 280 22.59 19.62 50.84
CA LEU C 280 21.16 19.63 51.06
C LEU C 280 20.52 21.01 50.91
N LYS C 281 21.15 22.04 51.47
CA LYS C 281 20.58 23.37 51.37
C LYS C 281 20.71 23.89 49.95
N LEU C 282 21.88 23.71 49.36
CA LEU C 282 22.08 24.18 48.01
C LEU C 282 21.13 23.49 47.04
N HIS C 283 20.98 22.18 47.23
CA HIS C 283 20.09 21.38 46.40
C HIS C 283 18.68 21.93 46.54
N HIS C 284 18.23 22.13 47.76
CA HIS C 284 16.89 22.66 48.00
C HIS C 284 16.70 24.04 47.34
N ALA C 285 17.77 24.82 47.26
CA ALA C 285 17.70 26.14 46.66
C ALA C 285 17.44 25.98 45.17
N ILE C 286 18.22 25.10 44.54
CA ILE C 286 18.07 24.82 43.11
C ILE C 286 16.61 24.39 42.86
N GLU C 287 16.15 23.46 43.70
CA GLU C 287 14.80 22.91 43.59
C GLU C 287 13.73 24.00 43.60
N LEU C 288 13.86 24.99 44.50
CA LEU C 288 12.90 26.08 44.56
C LEU C 288 12.98 26.93 43.29
N LEU C 289 14.21 27.20 42.87
CA LEU C 289 14.44 28.00 41.68
C LEU C 289 13.74 27.35 40.46
N GLU C 290 13.95 26.04 40.29
CA GLU C 290 13.35 25.32 39.17
C GLU C 290 11.84 25.08 39.32
N THR C 291 11.44 24.57 40.47
CA THR C 291 10.04 24.27 40.76
C THR C 291 9.12 25.48 40.86
N GLN C 292 9.56 26.52 41.56
CA GLN C 292 8.74 27.71 41.75
C GLN C 292 9.25 29.01 41.17
N GLY C 293 10.54 29.26 41.31
CA GLY C 293 11.02 30.51 40.75
C GLY C 293 11.92 31.33 41.64
N LEU C 294 12.45 32.41 41.08
CA LEU C 294 13.36 33.29 41.80
C LEU C 294 12.83 33.78 43.15
N SER C 295 11.58 34.21 43.18
CA SER C 295 10.99 34.70 44.41
C SER C 295 11.05 33.69 45.55
N ALA C 296 10.78 32.43 45.24
CA ALA C 296 10.82 31.40 46.27
C ALA C 296 12.27 31.21 46.73
N LEU C 297 13.20 31.39 45.80
CA LEU C 297 14.62 31.24 46.10
C LEU C 297 15.02 32.38 47.03
N ARG C 298 14.65 33.60 46.63
CA ARG C 298 14.95 34.78 47.42
C ARG C 298 14.51 34.53 48.86
N ALA C 299 13.24 34.18 49.04
CA ALA C 299 12.72 33.91 50.37
C ALA C 299 13.57 32.91 51.12
N TYR C 300 13.96 31.83 50.47
CA TYR C 300 14.76 30.81 51.14
C TYR C 300 16.16 31.32 51.48
N ILE C 301 16.80 32.02 50.54
CA ILE C 301 18.14 32.55 50.80
C ILE C 301 18.11 33.48 52.00
N LYS C 302 17.01 34.23 52.14
CA LYS C 302 16.84 35.12 53.27
C LYS C 302 16.72 34.30 54.57
N LYS C 303 15.70 33.45 54.66
CA LYS C 303 15.51 32.63 55.85
C LYS C 303 16.80 31.89 56.19
N LEU C 304 17.61 31.64 55.16
CA LEU C 304 18.88 30.95 55.32
C LEU C 304 19.92 31.91 55.88
N TYR C 305 19.68 33.20 55.64
CA TYR C 305 20.57 34.26 56.10
C TYR C 305 20.36 34.49 57.59
N GLU C 306 19.15 34.20 58.07
CA GLU C 306 18.84 34.38 59.49
C GLU C 306 19.55 33.29 60.28
N GLU C 307 19.68 32.12 59.66
CA GLU C 307 20.36 30.98 60.28
C GLU C 307 21.86 31.28 60.40
N ALA C 308 22.37 32.07 59.46
CA ALA C 308 23.78 32.45 59.44
C ALA C 308 24.07 33.47 60.53
N LYS C 309 23.19 34.47 60.64
CA LYS C 309 23.33 35.52 61.64
C LYS C 309 23.19 34.98 63.07
N ALA C 310 22.32 34.00 63.27
CA ALA C 310 22.16 33.43 64.60
C ALA C 310 23.52 32.87 65.03
N GLY C 311 24.41 32.69 64.07
CA GLY C 311 25.74 32.14 64.35
C GLY C 311 25.72 30.66 64.69
N SER C 312 24.54 30.04 64.53
CA SER C 312 24.33 28.61 64.84
C SER C 312 24.75 27.63 63.73
N THR C 313 24.16 27.79 62.55
CA THR C 313 24.49 26.90 61.42
C THR C 313 25.82 27.28 60.78
N LYS C 314 26.70 26.30 60.72
CA LYS C 314 28.02 26.48 60.12
C LYS C 314 27.85 26.42 58.61
N ALA C 315 26.92 25.56 58.18
CA ALA C 315 26.62 25.37 56.78
C ALA C 315 26.15 26.69 56.17
N SER C 316 25.08 27.25 56.73
CA SER C 316 24.55 28.51 56.22
C SER C 316 25.64 29.58 56.13
N LYS C 317 26.46 29.66 57.17
CA LYS C 317 27.57 30.63 57.23
C LYS C 317 28.44 30.47 55.99
N GLU C 318 29.04 29.29 55.87
CA GLU C 318 29.92 28.96 54.75
C GLU C 318 29.33 29.35 53.39
N ILE C 319 28.05 29.05 53.20
CA ILE C 319 27.39 29.34 51.94
C ILE C 319 27.37 30.84 51.59
N PHE C 320 27.23 31.70 52.59
CA PHE C 320 27.19 33.13 52.31
C PHE C 320 28.56 33.72 52.06
N SER C 321 29.59 33.09 52.63
CA SER C 321 30.95 33.58 52.47
C SER C 321 31.51 33.26 51.09
N ASP C 322 30.72 32.53 50.30
CA ASP C 322 31.11 32.16 48.95
C ASP C 322 30.80 33.34 48.03
N LYS C 323 31.78 33.75 47.22
CA LYS C 323 31.58 34.87 46.31
C LYS C 323 30.42 34.62 45.35
N ARG C 324 30.25 33.36 44.97
CA ARG C 324 29.16 32.93 44.08
C ARG C 324 27.80 33.27 44.67
N MET C 325 27.56 32.83 45.91
CA MET C 325 26.29 33.12 46.55
C MET C 325 26.06 34.61 46.54
N LYS C 326 27.16 35.36 46.69
CA LYS C 326 27.12 36.81 46.69
C LYS C 326 26.55 37.30 45.36
N LYS C 327 27.23 36.95 44.27
CA LYS C 327 26.76 37.37 42.95
C LYS C 327 25.34 36.91 42.68
N ALA C 328 24.99 35.75 43.22
CA ALA C 328 23.66 35.22 43.06
C ALA C 328 22.67 36.18 43.71
N ILE C 329 22.97 36.59 44.93
CA ILE C 329 22.11 37.50 45.68
C ILE C 329 21.92 38.83 44.97
N SER C 330 22.95 39.28 44.27
CA SER C 330 22.85 40.55 43.55
C SER C 330 21.94 40.41 42.33
N LEU C 331 22.05 39.27 41.64
CA LEU C 331 21.23 39.01 40.46
C LEU C 331 19.78 38.82 40.89
N LEU C 332 19.63 38.20 42.05
CA LEU C 332 18.32 37.93 42.61
C LEU C 332 17.53 39.21 42.88
N VAL C 333 18.25 40.30 43.15
CA VAL C 333 17.60 41.59 43.41
C VAL C 333 17.33 42.25 42.05
N GLN C 334 18.32 42.10 41.17
CA GLN C 334 18.27 42.64 39.82
C GLN C 334 17.05 42.05 39.11
N ALA C 335 16.65 40.86 39.56
CA ALA C 335 15.51 40.15 39.00
C ALA C 335 14.20 40.80 39.43
N LYS C 336 14.05 40.99 40.74
CA LYS C 336 12.84 41.61 41.30
C LYS C 336 12.67 42.98 40.65
N GLU C 337 13.80 43.56 40.28
CA GLU C 337 13.84 44.87 39.65
C GLU C 337 13.04 44.87 38.36
N ILE C 338 13.13 43.77 37.60
CA ILE C 338 12.41 43.66 36.35
C ILE C 338 11.20 42.72 36.43
N GLY C 339 10.87 42.28 37.64
CA GLY C 339 9.73 41.39 37.84
C GLY C 339 9.85 40.01 37.22
N LEU C 340 11.05 39.43 37.28
CA LEU C 340 11.28 38.11 36.73
C LEU C 340 11.26 37.03 37.83
N ASP C 341 10.24 36.17 37.83
CA ASP C 341 10.12 35.10 38.84
C ASP C 341 10.37 33.71 38.23
N HIS C 342 9.61 33.41 37.18
CA HIS C 342 9.75 32.13 36.49
C HIS C 342 9.12 32.20 35.11
N PRO C 343 9.88 31.84 34.08
CA PRO C 343 9.48 31.84 32.66
C PRO C 343 8.21 31.02 32.32
N LYS C 344 8.03 29.89 33.03
CA LYS C 344 6.89 29.04 32.78
C LYS C 344 5.55 29.72 33.07
N MET C 345 5.48 30.47 34.16
CA MET C 345 4.25 31.19 34.50
C MET C 345 3.86 32.17 33.39
N ASP C 346 4.85 32.79 32.79
CA ASP C 346 4.57 33.74 31.73
C ASP C 346 4.04 33.00 30.51
N LYS C 347 4.70 31.90 30.16
CA LYS C 347 4.28 31.09 29.02
C LYS C 347 2.91 30.46 29.30
N LEU C 348 2.72 30.01 30.53
CA LEU C 348 1.44 29.40 30.88
C LEU C 348 0.31 30.40 30.66
N LYS C 349 0.46 31.61 31.18
CA LYS C 349 -0.54 32.65 31.02
C LYS C 349 -0.80 32.91 29.54
N GLU C 350 0.28 33.05 28.78
CA GLU C 350 0.17 33.30 27.35
C GLU C 350 -0.67 32.26 26.60
N ILE C 351 -0.41 30.97 26.80
CA ILE C 351 -1.17 29.97 26.09
C ILE C 351 -2.60 29.91 26.59
N ILE C 352 -2.78 29.98 27.91
CA ILE C 352 -4.13 29.96 28.46
C ILE C 352 -4.90 31.13 27.88
N ARG C 353 -4.20 32.24 27.70
CA ARG C 353 -4.80 33.45 27.15
C ARG C 353 -5.39 33.12 25.77
N GLU C 354 -4.50 32.89 24.81
CA GLU C 354 -4.90 32.59 23.44
C GLU C 354 -5.91 31.44 23.33
N GLN C 355 -6.02 30.61 24.36
CA GLN C 355 -6.98 29.51 24.34
C GLN C 355 -8.37 30.09 24.59
N LEU C 356 -8.54 30.73 25.74
CA LEU C 356 -9.81 31.35 26.11
C LEU C 356 -10.26 32.38 25.09
N GLN C 357 -9.32 32.83 24.26
CA GLN C 357 -9.60 33.82 23.24
C GLN C 357 -10.30 33.17 22.05
N ARG C 358 -9.81 32.00 21.62
CA ARG C 358 -10.42 31.29 20.50
C ARG C 358 -11.69 30.59 20.95
N LYS C 359 -11.86 30.49 22.26
CA LYS C 359 -13.04 29.84 22.82
C LYS C 359 -13.07 30.10 24.32
N GLN C 360 -13.79 31.13 24.73
CA GLN C 360 -13.88 31.49 26.14
C GLN C 360 -14.67 30.43 26.89
N ASN C 361 -15.22 29.49 26.13
CA ASN C 361 -16.00 28.40 26.69
C ASN C 361 -15.07 27.25 27.09
N SER C 362 -13.79 27.41 26.77
CA SER C 362 -12.74 26.42 27.05
C SER C 362 -12.68 25.86 28.47
N LYS C 363 -12.35 24.57 28.52
CA LYS C 363 -12.19 23.83 29.76
C LYS C 363 -10.75 23.32 29.64
N ILE C 364 -9.86 23.84 30.50
CA ILE C 364 -8.46 23.44 30.44
C ILE C 364 -7.95 22.95 31.79
N ILE C 365 -7.04 21.98 31.76
CA ILE C 365 -6.47 21.44 33.00
C ILE C 365 -4.95 21.67 33.03
N VAL C 366 -4.45 22.18 34.14
CA VAL C 366 -3.03 22.41 34.28
C VAL C 366 -2.53 21.45 35.33
N PHE C 367 -1.54 20.65 34.94
CA PHE C 367 -0.96 19.65 35.86
C PHE C 367 0.42 20.07 36.39
N THR C 368 0.71 19.67 37.61
CA THR C 368 2.00 19.96 38.23
C THR C 368 2.30 18.90 39.28
N ASN C 369 3.57 18.59 39.45
CA ASN C 369 3.96 17.59 40.43
C ASN C 369 3.86 18.06 41.86
N TYR C 370 3.98 19.36 42.07
CA TYR C 370 3.98 19.91 43.42
C TYR C 370 2.79 20.79 43.83
N ARG C 371 2.35 20.59 45.07
CA ARG C 371 1.22 21.36 45.60
C ARG C 371 1.55 22.84 45.65
N GLU C 372 2.78 23.15 46.05
CA GLU C 372 3.17 24.55 46.13
C GLU C 372 3.03 25.20 44.76
N THR C 373 3.58 24.55 43.75
CA THR C 373 3.50 25.09 42.40
C THR C 373 2.04 25.25 42.00
N ALA C 374 1.22 24.27 42.39
CA ALA C 374 -0.20 24.30 42.06
C ALA C 374 -0.82 25.56 42.65
N LYS C 375 -0.56 25.77 43.93
CA LYS C 375 -1.07 26.91 44.65
C LYS C 375 -0.64 28.22 43.97
N LYS C 376 0.65 28.36 43.72
CA LYS C 376 1.15 29.58 43.08
C LYS C 376 0.49 29.81 41.73
N ILE C 377 0.22 28.74 40.99
CA ILE C 377 -0.40 28.86 39.69
C ILE C 377 -1.83 29.38 39.79
N VAL C 378 -2.63 28.77 40.67
CA VAL C 378 -4.00 29.20 40.83
C VAL C 378 -4.05 30.71 41.08
N ASN C 379 -3.36 31.17 42.11
CA ASN C 379 -3.34 32.59 42.45
C ASN C 379 -2.87 33.46 41.29
N GLU C 380 -1.72 33.12 40.71
CA GLU C 380 -1.17 33.89 39.61
C GLU C 380 -2.16 34.01 38.47
N LEU C 381 -3.01 33.00 38.31
CA LEU C 381 -4.01 32.99 37.25
C LEU C 381 -5.25 33.81 37.61
N VAL C 382 -5.73 33.65 38.84
CA VAL C 382 -6.89 34.39 39.29
C VAL C 382 -6.50 35.86 39.43
N LYS C 383 -5.22 36.10 39.76
CA LYS C 383 -4.70 37.46 39.88
C LYS C 383 -4.78 38.12 38.52
N ASP C 384 -4.64 37.30 37.47
CA ASP C 384 -4.77 37.79 36.11
C ASP C 384 -6.29 37.72 35.94
N GLY C 385 -6.82 37.98 34.76
CA GLY C 385 -8.27 37.92 34.61
C GLY C 385 -8.81 36.54 34.26
N ILE C 386 -8.35 35.51 34.96
CA ILE C 386 -8.77 34.14 34.67
C ILE C 386 -9.43 33.40 35.82
N LYS C 387 -10.47 32.64 35.47
CA LYS C 387 -11.21 31.85 36.45
C LYS C 387 -10.53 30.50 36.68
N ALA C 388 -9.64 30.42 37.66
CA ALA C 388 -8.94 29.17 37.93
C ALA C 388 -9.29 28.65 39.31
N LYS C 389 -9.28 27.33 39.47
CA LYS C 389 -9.61 26.73 40.76
C LYS C 389 -8.73 25.53 41.00
N ARG C 390 -8.12 25.51 42.18
CA ARG C 390 -7.22 24.44 42.61
C ARG C 390 -7.97 23.16 42.93
N PHE C 391 -7.39 22.03 42.58
CA PHE C 391 -8.00 20.74 42.87
C PHE C 391 -6.95 19.93 43.60
N VAL C 392 -7.25 19.50 44.82
CA VAL C 392 -6.28 18.73 45.58
C VAL C 392 -6.84 18.05 46.83
N GLN C 405 -12.86 15.35 50.56
CA GLN C 405 -13.41 14.32 49.69
C GLN C 405 -14.68 14.80 48.99
N ARG C 406 -15.73 15.03 49.77
CA ARG C 406 -17.01 15.49 49.26
C ARG C 406 -16.87 16.72 48.35
N GLU C 407 -15.88 17.55 48.62
CA GLU C 407 -15.70 18.76 47.83
C GLU C 407 -15.09 18.49 46.47
N GLN C 408 -14.17 17.53 46.41
CA GLN C 408 -13.52 17.17 45.15
C GLN C 408 -14.56 16.98 44.05
N LYS C 409 -15.53 16.10 44.32
CA LYS C 409 -16.60 15.84 43.36
C LYS C 409 -17.36 17.14 43.06
N LEU C 410 -17.61 17.92 44.10
CA LEU C 410 -18.34 19.17 43.97
C LEU C 410 -17.63 20.11 42.98
N ILE C 411 -16.38 20.42 43.27
CA ILE C 411 -15.59 21.30 42.41
C ILE C 411 -15.47 20.74 41.00
N LEU C 412 -15.28 19.42 40.92
CA LEU C 412 -15.15 18.78 39.63
C LEU C 412 -16.43 18.99 38.80
N ASP C 413 -17.58 18.91 39.47
CA ASP C 413 -18.87 19.11 38.80
C ASP C 413 -18.97 20.54 38.29
N GLU C 414 -18.43 21.47 39.06
CA GLU C 414 -18.43 22.88 38.69
C GLU C 414 -17.63 23.05 37.40
N PHE C 415 -16.50 22.37 37.33
CA PHE C 415 -15.62 22.43 36.16
C PHE C 415 -16.41 21.94 34.94
N ALA C 416 -17.12 20.83 35.11
CA ALA C 416 -17.92 20.22 34.05
C ALA C 416 -19.01 21.16 33.55
N ARG C 417 -19.75 21.78 34.46
CA ARG C 417 -20.83 22.70 34.09
C ARG C 417 -20.34 23.97 33.42
N GLY C 418 -19.12 24.40 33.74
CA GLY C 418 -18.60 25.61 33.14
C GLY C 418 -18.32 26.72 34.15
N GLU C 419 -18.39 26.40 35.44
CA GLU C 419 -18.12 27.38 36.51
C GLU C 419 -16.84 28.15 36.19
N PHE C 420 -15.70 27.48 36.34
CA PHE C 420 -14.41 28.09 36.04
C PHE C 420 -13.82 27.45 34.77
N ASN C 421 -12.83 28.10 34.19
CA ASN C 421 -12.20 27.60 32.96
C ASN C 421 -10.97 26.74 33.17
N VAL C 422 -10.25 26.97 34.28
CA VAL C 422 -9.03 26.22 34.52
C VAL C 422 -9.03 25.41 35.79
N LEU C 423 -8.66 24.14 35.66
CA LEU C 423 -8.55 23.26 36.80
C LEU C 423 -7.04 23.05 36.97
N VAL C 424 -6.51 23.46 38.11
CA VAL C 424 -5.08 23.31 38.40
C VAL C 424 -4.94 22.21 39.44
N ALA C 425 -4.31 21.11 39.06
CA ALA C 425 -4.19 20.01 40.00
C ALA C 425 -2.87 19.28 39.96
N THR C 426 -2.67 18.47 40.99
CA THR C 426 -1.48 17.66 41.11
C THR C 426 -1.86 16.25 40.62
N SER C 427 -0.94 15.30 40.71
CA SER C 427 -1.20 13.93 40.25
C SER C 427 -2.60 13.42 40.60
N VAL C 428 -3.05 13.74 41.81
CA VAL C 428 -4.36 13.30 42.30
C VAL C 428 -5.56 13.78 41.47
N GLY C 429 -5.38 14.86 40.73
CA GLY C 429 -6.50 15.36 39.94
C GLY C 429 -6.62 14.80 38.55
N GLU C 430 -6.11 13.59 38.34
CA GLU C 430 -6.18 12.98 37.01
C GLU C 430 -7.61 12.54 36.67
N GLU C 431 -8.49 12.57 37.66
CA GLU C 431 -9.86 12.16 37.41
C GLU C 431 -10.60 13.26 36.67
N GLY C 432 -9.97 14.41 36.54
CA GLY C 432 -10.59 15.51 35.83
C GLY C 432 -10.58 15.25 34.33
N LEU C 433 -9.74 14.29 33.91
CA LEU C 433 -9.63 13.95 32.49
C LEU C 433 -10.88 13.19 32.01
N ASP C 434 -11.70 12.74 32.96
CA ASP C 434 -12.93 12.01 32.68
C ASP C 434 -14.11 12.96 32.49
N VAL C 435 -13.83 14.25 32.56
CA VAL C 435 -14.83 15.26 32.36
C VAL C 435 -14.92 15.44 30.85
N PRO C 436 -16.14 15.44 30.30
CA PRO C 436 -16.37 15.61 28.85
C PRO C 436 -15.83 16.91 28.25
N GLU C 437 -15.54 16.84 26.96
CA GLU C 437 -15.04 17.98 26.19
C GLU C 437 -14.01 18.88 26.86
N VAL C 438 -12.95 18.30 27.42
CA VAL C 438 -11.89 19.11 28.03
C VAL C 438 -10.95 19.48 26.87
N ASP C 439 -10.98 20.75 26.51
CA ASP C 439 -10.21 21.30 25.40
C ASP C 439 -8.70 21.15 25.41
N LEU C 440 -8.08 21.43 26.56
CA LEU C 440 -6.64 21.30 26.63
C LEU C 440 -6.05 21.14 28.01
N VAL C 441 -4.97 20.38 28.09
CA VAL C 441 -4.28 20.22 29.36
C VAL C 441 -2.84 20.64 29.08
N VAL C 442 -2.26 21.34 30.04
CA VAL C 442 -0.89 21.75 29.90
C VAL C 442 -0.18 21.34 31.17
N PHE C 443 0.94 20.66 30.97
CA PHE C 443 1.78 20.18 32.06
C PHE C 443 2.81 21.27 32.40
N TYR C 444 2.78 21.76 33.64
CA TYR C 444 3.73 22.79 34.04
C TYR C 444 5.12 22.18 33.95
N GLU C 445 5.18 20.90 34.26
CA GLU C 445 6.40 20.09 34.21
C GLU C 445 5.83 18.73 33.90
N PRO C 446 6.62 17.83 33.34
CA PRO C 446 6.10 16.50 33.04
C PRO C 446 5.65 15.81 34.35
N VAL C 447 4.40 15.35 34.40
CA VAL C 447 3.88 14.68 35.60
C VAL C 447 3.60 13.22 35.25
N PRO C 448 4.62 12.35 35.38
CA PRO C 448 4.52 10.92 35.08
C PRO C 448 3.15 10.25 35.16
N SER C 449 2.54 10.24 36.34
CA SER C 449 1.25 9.59 36.51
C SER C 449 0.20 10.08 35.51
N ALA C 450 0.04 11.41 35.40
CA ALA C 450 -0.94 11.98 34.47
C ALA C 450 -0.59 11.69 33.01
N ILE C 451 0.67 11.87 32.63
CA ILE C 451 1.07 11.58 31.26
C ILE C 451 0.76 10.11 30.98
N ARG C 452 0.92 9.28 32.00
CA ARG C 452 0.64 7.86 31.86
C ARG C 452 -0.86 7.69 31.61
N SER C 453 -1.67 8.36 32.43
CA SER C 453 -3.11 8.29 32.29
C SER C 453 -3.54 8.57 30.84
N ILE C 454 -3.13 9.72 30.32
CA ILE C 454 -3.46 10.09 28.96
C ILE C 454 -3.04 9.00 27.96
N GLN C 455 -1.84 8.46 28.15
CA GLN C 455 -1.32 7.43 27.27
C GLN C 455 -2.29 6.24 27.28
N ARG C 456 -2.79 5.94 28.47
CA ARG C 456 -3.70 4.84 28.66
C ARG C 456 -5.04 5.08 27.99
N ARG C 457 -5.65 6.23 28.27
CA ARG C 457 -6.95 6.54 27.67
C ARG C 457 -6.90 6.32 26.15
N GLY C 458 -5.73 6.55 25.56
CA GLY C 458 -5.60 6.36 24.12
C GLY C 458 -5.88 4.92 23.72
N ARG C 459 -5.78 4.03 24.68
CA ARG C 459 -6.03 2.61 24.44
C ARG C 459 -7.49 2.31 24.67
N THR C 460 -8.14 3.06 25.54
CA THR C 460 -9.56 2.86 25.77
C THR C 460 -10.29 3.87 24.87
N GLY C 461 -11.56 4.13 25.21
CA GLY C 461 -12.33 5.09 24.44
C GLY C 461 -12.80 6.16 25.38
N ARG C 462 -12.12 6.28 26.51
CA ARG C 462 -12.46 7.28 27.50
C ARG C 462 -12.08 8.67 27.04
N HIS C 463 -12.69 9.67 27.69
CA HIS C 463 -12.43 11.05 27.31
C HIS C 463 -10.95 11.37 27.25
N MET C 464 -10.60 12.11 26.21
CA MET C 464 -9.22 12.49 25.95
C MET C 464 -9.21 13.99 25.71
N PRO C 465 -8.17 14.67 26.17
CA PRO C 465 -8.07 16.12 25.98
C PRO C 465 -7.98 16.45 24.49
N GLY C 466 -8.41 17.66 24.12
CA GLY C 466 -8.35 18.07 22.73
C GLY C 466 -6.91 18.13 22.30
N ARG C 467 -6.09 18.77 23.12
CA ARG C 467 -4.66 18.86 22.86
C ARG C 467 -3.93 18.99 24.21
N VAL C 468 -2.67 18.59 24.24
CA VAL C 468 -1.92 18.68 25.48
C VAL C 468 -0.53 19.27 25.25
N ILE C 469 -0.14 20.16 26.16
CA ILE C 469 1.17 20.80 26.05
C ILE C 469 2.00 20.47 27.28
N ILE C 470 3.28 20.19 27.04
CA ILE C 470 4.22 19.90 28.13
C ILE C 470 5.23 21.04 28.08
N LEU C 471 5.31 21.83 29.13
CA LEU C 471 6.27 22.93 29.18
C LEU C 471 7.60 22.33 29.61
N MET C 472 8.70 22.76 29.02
CA MET C 472 9.97 22.17 29.44
C MET C 472 11.10 23.18 29.52
N ALA C 473 11.83 23.10 30.64
CA ALA C 473 12.96 23.98 30.89
C ALA C 473 14.19 23.43 30.20
N LYS C 474 14.74 24.22 29.30
CA LYS C 474 15.94 23.83 28.58
C LYS C 474 16.99 23.49 29.66
N GLY C 475 17.75 22.43 29.48
CA GLY C 475 18.77 22.11 30.50
C GLY C 475 18.42 21.31 31.75
N THR C 476 17.20 21.44 32.26
CA THR C 476 16.78 20.72 33.47
C THR C 476 16.37 19.26 33.28
N ARG C 477 15.60 18.72 34.24
CA ARG C 477 15.10 17.35 34.16
C ARG C 477 13.86 17.30 33.26
N ASP C 478 13.33 18.47 32.93
CA ASP C 478 12.19 18.51 32.05
C ASP C 478 12.65 17.87 30.73
N GLU C 479 13.88 18.17 30.33
CA GLU C 479 14.45 17.64 29.10
C GLU C 479 14.64 16.12 29.13
N ALA C 480 14.91 15.55 30.30
CA ALA C 480 15.09 14.11 30.35
C ALA C 480 13.84 13.43 29.79
N TYR C 481 12.66 13.80 30.30
CA TYR C 481 11.42 13.20 29.82
C TYR C 481 11.13 13.53 28.36
N TYR C 482 11.74 14.59 27.84
CA TYR C 482 11.52 14.94 26.45
C TYR C 482 12.22 13.96 25.53
N TRP C 483 13.49 13.64 25.82
CA TRP C 483 14.20 12.69 24.99
C TRP C 483 13.72 11.30 25.34
N SER C 484 13.47 11.04 26.61
CA SER C 484 12.97 9.73 27.01
C SER C 484 11.58 9.56 26.40
N SER C 485 11.21 10.51 25.53
CA SER C 485 9.93 10.48 24.85
C SER C 485 10.12 10.65 23.34
N ARG C 486 11.24 11.24 22.94
CA ARG C 486 11.53 11.44 21.52
C ARG C 486 11.77 10.06 20.92
N GLN C 487 11.51 9.04 21.74
CA GLN C 487 11.63 7.65 21.36
C GLN C 487 10.39 6.87 21.85
N MET D 1 38.01 13.05 -3.26
CA MET D 1 37.30 13.24 -1.97
C MET D 1 38.24 13.07 -0.75
N VAL D 2 37.78 13.49 0.43
CA VAL D 2 38.58 13.34 1.64
C VAL D 2 38.16 12.04 2.35
N LEU D 3 36.86 11.85 2.48
CA LEU D 3 36.37 10.61 3.09
C LEU D 3 36.05 9.73 1.89
N ARG D 4 36.32 8.44 1.99
CA ARG D 4 36.04 7.53 0.90
C ARG D 4 34.61 7.09 1.06
N ARG D 5 33.67 7.98 0.79
CA ARG D 5 32.25 7.63 0.89
C ARG D 5 31.94 6.57 -0.15
N ASP D 6 32.73 6.56 -1.22
CA ASP D 6 32.54 5.59 -2.27
C ASP D 6 32.74 4.17 -1.76
N LEU D 7 33.52 3.97 -0.70
CA LEU D 7 33.71 2.63 -0.18
C LEU D 7 32.77 2.32 0.99
N ILE D 8 32.32 3.37 1.68
CA ILE D 8 31.44 3.20 2.84
C ILE D 8 30.00 2.98 2.41
N GLN D 9 29.62 3.65 1.31
CA GLN D 9 28.26 3.57 0.79
C GLN D 9 27.35 4.00 1.91
N PRO D 10 27.49 5.25 2.36
CA PRO D 10 26.59 5.66 3.45
C PRO D 10 25.11 5.41 3.18
N ARG D 11 24.40 4.93 4.19
CA ARG D 11 22.97 4.67 4.10
C ARG D 11 22.14 5.92 4.36
N ILE D 12 20.86 5.89 4.04
CA ILE D 12 20.01 7.07 4.23
C ILE D 12 20.05 7.65 5.65
N TYR D 13 19.78 6.82 6.66
CA TYR D 13 19.79 7.32 8.03
C TYR D 13 21.15 7.89 8.40
N GLN D 14 22.22 7.27 7.90
CA GLN D 14 23.54 7.76 8.19
C GLN D 14 23.72 9.16 7.62
N GLU D 15 23.19 9.36 6.42
CA GLU D 15 23.29 10.63 5.72
C GLU D 15 22.45 11.71 6.43
N VAL D 16 21.23 11.34 6.78
CA VAL D 16 20.32 12.26 7.45
C VAL D 16 20.90 12.76 8.76
N ILE D 17 21.28 11.83 9.62
CA ILE D 17 21.88 12.18 10.90
C ILE D 17 23.10 13.08 10.68
N TYR D 18 24.03 12.63 9.87
CA TYR D 18 25.19 13.44 9.60
C TYR D 18 24.78 14.89 9.34
N ALA D 19 23.76 15.07 8.52
CA ALA D 19 23.31 16.41 8.17
C ALA D 19 22.83 17.25 9.35
N LYS D 20 22.06 16.64 10.25
CA LYS D 20 21.52 17.37 11.39
C LYS D 20 22.54 17.71 12.48
N CYS D 21 23.34 16.72 12.87
CA CYS D 21 24.33 16.90 13.91
C CYS D 21 25.62 17.57 13.42
N LYS D 22 25.58 18.01 12.19
CA LYS D 22 26.70 18.66 11.52
C LYS D 22 27.17 19.96 12.20
N GLU D 23 26.23 20.70 12.79
CA GLU D 23 26.52 21.98 13.42
C GLU D 23 25.86 22.15 14.80
N THR D 24 25.71 21.05 15.53
CA THR D 24 25.08 21.11 16.83
C THR D 24 25.65 20.05 17.72
N ASN D 25 25.78 20.36 19.00
CA ASN D 25 26.31 19.39 19.95
C ASN D 25 25.26 18.33 20.09
N CYS D 26 25.60 17.14 19.59
CA CYS D 26 24.66 16.04 19.63
C CYS D 26 25.08 14.77 20.25
N LEU D 27 24.06 13.99 20.54
CA LEU D 27 24.22 12.67 21.07
C LEU D 27 23.55 11.80 19.97
N ILE D 28 24.30 10.85 19.41
CA ILE D 28 23.77 9.96 18.39
C ILE D 28 23.55 8.62 19.05
N VAL D 29 22.29 8.23 19.17
CA VAL D 29 21.97 6.96 19.82
C VAL D 29 21.47 5.91 18.82
N LEU D 30 22.29 4.90 18.57
CA LEU D 30 21.95 3.83 17.62
C LEU D 30 22.45 2.48 18.12
N PRO D 31 21.66 1.42 17.88
CA PRO D 31 22.06 0.09 18.31
C PRO D 31 23.40 -0.22 17.63
N THR D 32 24.27 -0.96 18.30
CA THR D 32 25.56 -1.30 17.69
C THR D 32 25.43 -1.96 16.32
N GLY D 33 26.28 -1.55 15.39
CA GLY D 33 26.26 -2.15 14.07
C GLY D 33 25.69 -1.21 13.03
N LEU D 34 25.07 -0.11 13.45
CA LEU D 34 24.47 0.82 12.52
C LEU D 34 25.36 1.95 11.99
N GLY D 35 26.66 1.88 12.26
CA GLY D 35 27.56 2.91 11.75
C GLY D 35 27.88 4.22 12.50
N LYS D 36 27.55 4.35 13.78
CA LYS D 36 27.87 5.57 14.55
C LYS D 36 29.24 6.17 14.19
N THR D 37 30.30 5.37 14.31
CA THR D 37 31.64 5.84 13.99
C THR D 37 31.70 6.34 12.54
N LEU D 38 31.01 5.64 11.63
CA LEU D 38 30.99 6.04 10.23
C LEU D 38 30.34 7.41 10.12
N ILE D 39 29.20 7.58 10.78
CA ILE D 39 28.52 8.86 10.75
C ILE D 39 29.46 9.91 11.32
N ALA D 40 30.21 9.51 12.34
CA ALA D 40 31.16 10.41 12.97
C ALA D 40 32.22 10.84 11.94
N MET D 41 32.80 9.90 11.21
CA MET D 41 33.81 10.26 10.22
C MET D 41 33.23 11.19 9.14
N MET D 42 31.94 10.99 8.84
CA MET D 42 31.30 11.81 7.83
C MET D 42 31.29 13.24 8.35
N ILE D 43 30.90 13.40 9.61
CA ILE D 43 30.86 14.71 10.24
C ILE D 43 32.27 15.27 10.32
N ALA D 44 33.22 14.43 10.69
CA ALA D 44 34.62 14.82 10.79
C ALA D 44 35.08 15.43 9.47
N GLU D 45 34.64 14.86 8.35
CA GLU D 45 35.06 15.37 7.05
C GLU D 45 34.51 16.76 6.79
N TYR D 46 33.28 16.97 7.23
CA TYR D 46 32.63 18.25 7.06
C TYR D 46 33.36 19.31 7.84
N ARG D 47 33.73 18.99 9.06
CA ARG D 47 34.45 19.91 9.91
C ARG D 47 35.86 20.20 9.39
N LEU D 48 36.63 19.17 9.04
CA LEU D 48 37.97 19.41 8.54
C LEU D 48 38.03 20.26 7.28
N THR D 49 37.00 20.20 6.44
CA THR D 49 37.02 20.97 5.20
C THR D 49 36.48 22.38 5.35
N LYS D 50 35.57 22.59 6.29
CA LYS D 50 34.98 23.92 6.48
C LYS D 50 35.73 24.77 7.49
N TYR D 51 36.07 24.17 8.63
CA TYR D 51 36.76 24.89 9.69
C TYR D 51 38.24 24.59 9.76
N GLY D 52 38.77 24.73 10.96
CA GLY D 52 40.18 24.48 11.22
C GLY D 52 40.66 23.13 10.78
N GLY D 53 41.64 22.59 11.50
CA GLY D 53 42.19 21.32 11.11
C GLY D 53 42.56 20.35 12.21
N LYS D 54 41.62 20.02 13.08
CA LYS D 54 41.92 19.05 14.12
C LYS D 54 40.67 18.34 14.57
N VAL D 55 40.64 17.01 14.41
CA VAL D 55 39.49 16.21 14.86
C VAL D 55 39.99 15.20 15.88
N LEU D 56 39.31 15.15 17.02
CA LEU D 56 39.72 14.25 18.08
C LEU D 56 38.61 13.29 18.51
N MET D 57 38.93 12.01 18.47
CA MET D 57 37.99 11.00 18.88
C MET D 57 38.53 10.28 20.10
N LEU D 58 37.73 10.22 21.15
CA LEU D 58 38.15 9.55 22.37
C LEU D 58 37.47 8.19 22.50
N ALA D 59 38.16 7.22 23.11
CA ALA D 59 37.59 5.89 23.29
C ALA D 59 38.03 5.33 24.61
N PRO D 60 37.15 4.59 25.30
CA PRO D 60 37.44 3.99 26.61
C PRO D 60 38.69 3.14 26.71
N THR D 61 38.80 2.14 25.85
CA THR D 61 39.94 1.23 25.90
C THR D 61 41.06 1.51 24.90
N LYS D 62 42.14 0.78 25.07
CA LYS D 62 43.31 0.92 24.22
C LYS D 62 43.00 0.25 22.88
N PRO D 63 42.54 -1.01 22.91
CA PRO D 63 42.21 -1.70 21.66
C PRO D 63 41.23 -0.87 20.79
N LEU D 64 40.22 -0.26 21.43
CA LEU D 64 39.27 0.57 20.70
C LEU D 64 39.94 1.76 20.03
N VAL D 65 40.89 2.36 20.72
CA VAL D 65 41.57 3.50 20.13
C VAL D 65 42.30 3.07 18.88
N LEU D 66 43.11 2.02 18.98
CA LEU D 66 43.85 1.50 17.82
C LEU D 66 42.91 1.12 16.67
N GLN D 67 41.81 0.46 17.01
CA GLN D 67 40.82 0.05 16.05
C GLN D 67 40.31 1.26 15.27
N HIS D 68 39.77 2.26 15.97
CA HIS D 68 39.25 3.45 15.31
C HIS D 68 40.34 4.12 14.50
N ALA D 69 41.53 4.20 15.09
CA ALA D 69 42.64 4.82 14.39
C ALA D 69 42.85 4.17 13.03
N GLU D 70 42.77 2.84 12.98
CA GLU D 70 42.97 2.13 11.71
C GLU D 70 41.85 2.44 10.73
N SER D 71 40.62 2.34 11.22
CA SER D 71 39.48 2.63 10.39
C SER D 71 39.65 3.97 9.71
N PHE D 72 40.00 5.00 10.47
CA PHE D 72 40.21 6.32 9.90
C PHE D 72 41.26 6.28 8.81
N ARG D 73 42.39 5.64 9.10
CA ARG D 73 43.44 5.55 8.09
C ARG D 73 42.95 4.86 6.82
N ARG D 74 42.03 3.91 6.98
CA ARG D 74 41.48 3.18 5.83
C ARG D 74 40.50 3.99 4.99
N LEU D 75 39.58 4.68 5.66
CA LEU D 75 38.59 5.48 4.98
C LEU D 75 38.96 6.93 4.70
N PHE D 76 40.08 7.41 5.23
CA PHE D 76 40.46 8.80 4.96
C PHE D 76 41.62 8.93 4.00
N ASN D 77 41.50 9.88 3.08
CA ASN D 77 42.49 10.14 2.06
C ASN D 77 43.42 11.25 2.53
N LEU D 78 44.10 10.99 3.64
CA LEU D 78 45.03 11.94 4.22
C LEU D 78 46.34 11.24 4.50
N PRO D 79 47.46 11.97 4.46
CA PRO D 79 48.76 11.36 4.72
C PRO D 79 48.65 10.50 5.98
N PRO D 80 49.06 9.22 5.89
CA PRO D 80 49.00 8.28 7.02
C PRO D 80 49.51 8.79 8.36
N GLU D 81 50.53 9.65 8.33
CA GLU D 81 51.11 10.17 9.56
C GLU D 81 50.28 11.28 10.17
N LYS D 82 49.27 11.74 9.45
CA LYS D 82 48.39 12.80 9.98
C LYS D 82 47.20 12.22 10.72
N ILE D 83 47.15 10.90 10.81
CA ILE D 83 46.10 10.19 11.54
C ILE D 83 46.88 9.53 12.67
N VAL D 84 46.83 10.12 13.86
CA VAL D 84 47.60 9.62 14.99
C VAL D 84 46.80 8.97 16.12
N ALA D 85 47.39 7.94 16.72
CA ALA D 85 46.76 7.23 17.83
C ALA D 85 47.57 7.47 19.09
N LEU D 86 46.97 8.14 20.07
CA LEU D 86 47.62 8.43 21.34
C LEU D 86 47.11 7.52 22.44
N THR D 87 47.76 6.39 22.61
CA THR D 87 47.38 5.43 23.63
C THR D 87 48.05 5.84 24.94
N GLY D 88 49.05 6.72 24.83
CA GLY D 88 49.76 7.17 26.00
C GLY D 88 50.98 6.31 26.28
N GLU D 89 51.51 5.68 25.24
CA GLU D 89 52.68 4.82 25.38
C GLU D 89 53.88 5.43 24.69
N LYS D 90 53.65 6.53 23.98
CA LYS D 90 54.73 7.23 23.30
C LYS D 90 55.43 8.17 24.27
N SER D 91 56.62 8.64 23.90
CA SER D 91 57.37 9.55 24.75
C SER D 91 56.57 10.83 24.89
N PRO D 92 56.46 11.37 26.11
CA PRO D 92 55.70 12.61 26.36
C PRO D 92 55.95 13.67 25.30
N GLU D 93 57.11 13.59 24.65
CA GLU D 93 57.47 14.54 23.62
C GLU D 93 56.85 14.17 22.28
N GLU D 94 57.05 12.92 21.85
CA GLU D 94 56.49 12.47 20.58
C GLU D 94 54.98 12.71 20.53
N ARG D 95 54.29 12.43 21.64
CA ARG D 95 52.85 12.64 21.69
C ARG D 95 52.54 14.08 21.27
N SER D 96 53.29 15.02 21.83
CA SER D 96 53.10 16.42 21.51
C SER D 96 53.55 16.66 20.07
N LYS D 97 54.48 15.83 19.62
CA LYS D 97 55.01 15.93 18.26
C LYS D 97 53.94 15.45 17.28
N ALA D 98 53.28 14.36 17.67
CA ALA D 98 52.22 13.76 16.86
C ALA D 98 51.01 14.68 16.83
N TRP D 99 50.51 15.01 18.01
CA TRP D 99 49.37 15.90 18.14
C TRP D 99 49.60 17.14 17.31
N ALA D 100 50.87 17.54 17.21
CA ALA D 100 51.25 18.72 16.47
C ALA D 100 50.90 18.60 14.99
N ARG D 101 51.42 17.56 14.34
CA ARG D 101 51.17 17.38 12.91
C ARG D 101 49.87 16.66 12.58
N ALA D 102 49.25 16.01 13.56
CA ALA D 102 48.01 15.27 13.34
C ALA D 102 46.85 16.14 12.91
N LYS D 103 46.05 15.62 11.98
CA LYS D 103 44.88 16.32 11.46
C LYS D 103 43.66 15.62 12.05
N VAL D 104 43.90 14.39 12.49
CA VAL D 104 42.88 13.57 13.11
C VAL D 104 43.60 12.80 14.21
N ILE D 105 43.01 12.77 15.39
CA ILE D 105 43.65 12.06 16.47
C ILE D 105 42.66 11.24 17.29
N VAL D 106 42.99 9.97 17.50
CA VAL D 106 42.17 9.05 18.28
C VAL D 106 42.98 8.68 19.53
N ALA D 107 42.38 8.83 20.70
CA ALA D 107 43.10 8.53 21.94
C ALA D 107 42.19 8.19 23.09
N THR D 108 42.78 7.70 24.18
CA THR D 108 42.02 7.38 25.38
C THR D 108 41.87 8.69 26.12
N PRO D 109 40.76 8.87 26.86
CA PRO D 109 40.54 10.11 27.61
C PRO D 109 41.59 10.32 28.69
N GLN D 110 42.03 9.21 29.27
CA GLN D 110 43.04 9.22 30.31
C GLN D 110 44.21 10.10 29.84
N THR D 111 44.96 9.61 28.86
CA THR D 111 46.10 10.35 28.34
C THR D 111 45.82 11.79 27.91
N ILE D 112 44.74 12.01 27.17
CA ILE D 112 44.42 13.37 26.72
C ILE D 112 44.22 14.35 27.88
N GLU D 113 43.83 13.81 29.04
CA GLU D 113 43.62 14.63 30.23
C GLU D 113 44.97 15.08 30.76
N ASN D 114 45.88 14.12 30.98
CA ASN D 114 47.22 14.41 31.48
C ASN D 114 47.87 15.52 30.68
N ASP D 115 48.12 15.23 29.41
CA ASP D 115 48.76 16.21 28.54
C ASP D 115 47.96 17.49 28.46
N LEU D 116 46.70 17.43 28.87
CA LEU D 116 45.88 18.61 28.82
C LEU D 116 46.14 19.49 30.04
N LEU D 117 46.39 18.84 31.19
CA LEU D 117 46.69 19.55 32.44
C LEU D 117 48.11 20.07 32.35
N ALA D 118 49.04 19.16 32.07
CA ALA D 118 50.45 19.49 31.94
C ALA D 118 50.71 20.63 30.97
N GLY D 119 49.71 20.98 30.15
CA GLY D 119 49.88 22.07 29.20
C GLY D 119 50.64 21.70 27.93
N ARG D 120 50.78 20.40 27.66
CA ARG D 120 51.50 19.93 26.47
C ARG D 120 50.67 20.04 25.18
N ILE D 121 49.34 19.97 25.30
CA ILE D 121 48.45 20.06 24.14
C ILE D 121 47.26 20.96 24.43
N SER D 122 46.77 21.64 23.40
CA SER D 122 45.64 22.54 23.54
C SER D 122 44.55 22.23 22.52
N LEU D 123 43.34 22.00 23.00
CA LEU D 123 42.25 21.69 22.09
C LEU D 123 41.50 22.96 21.67
N GLU D 124 42.21 23.89 21.04
CA GLU D 124 41.58 25.13 20.59
C GLU D 124 41.38 25.10 19.09
N ASP D 125 42.15 24.25 18.44
CA ASP D 125 42.06 24.11 16.99
C ASP D 125 41.25 22.86 16.62
N VAL D 126 40.73 22.20 17.65
CA VAL D 126 39.93 21.00 17.46
C VAL D 126 38.52 21.36 17.04
N SER D 127 38.24 21.20 15.75
CA SER D 127 36.93 21.53 15.21
C SER D 127 35.86 20.49 15.51
N LEU D 128 36.27 19.40 16.16
CA LEU D 128 35.34 18.35 16.52
C LEU D 128 35.90 17.32 17.49
N ILE D 129 35.12 17.04 18.53
CA ILE D 129 35.49 16.01 19.48
C ILE D 129 34.37 14.98 19.48
N VAL D 130 34.77 13.72 19.37
CA VAL D 130 33.82 12.62 19.35
C VAL D 130 34.06 11.74 20.55
N PHE D 131 33.05 11.61 21.41
CA PHE D 131 33.17 10.76 22.57
C PHE D 131 32.49 9.42 22.31
N ASP D 132 33.29 8.39 22.11
CA ASP D 132 32.71 7.08 21.89
C ASP D 132 32.22 6.62 23.26
N GLU D 133 31.09 5.94 23.30
CA GLU D 133 30.53 5.49 24.56
C GLU D 133 30.29 6.67 25.49
N ALA D 134 29.78 7.76 24.89
CA ALA D 134 29.49 9.00 25.61
C ALA D 134 28.73 8.85 26.94
N HIS D 135 28.01 7.74 27.10
CA HIS D 135 27.25 7.51 28.32
C HIS D 135 28.17 7.43 29.54
N ARG D 136 29.45 7.14 29.32
CA ARG D 136 30.33 7.06 30.47
C ARG D 136 30.97 8.41 30.83
N ALA D 137 30.31 9.48 30.39
CA ALA D 137 30.75 10.83 30.66
C ALA D 137 29.98 11.31 31.87
N VAL D 138 30.07 10.52 32.93
CA VAL D 138 29.41 10.87 34.17
C VAL D 138 30.41 10.88 35.30
N GLY D 139 30.02 11.55 36.39
CA GLY D 139 30.85 11.63 37.56
C GLY D 139 32.27 12.13 37.41
N ASN D 140 33.19 11.21 37.66
CA ASN D 140 34.62 11.47 37.64
C ASN D 140 35.37 11.36 36.31
N TYR D 141 34.95 10.39 35.49
CA TYR D 141 35.54 10.09 34.19
C TYR D 141 36.22 11.27 33.47
N ALA D 142 37.37 10.98 32.88
CA ALA D 142 38.14 12.00 32.16
C ALA D 142 37.31 12.73 31.08
N TYR D 143 36.27 12.08 30.58
CA TYR D 143 35.44 12.71 29.58
C TYR D 143 34.92 14.05 30.06
N VAL D 144 34.30 14.04 31.25
CA VAL D 144 33.72 15.25 31.80
C VAL D 144 34.66 16.45 31.89
N PHE D 145 35.90 16.17 32.30
CA PHE D 145 36.90 17.23 32.39
C PHE D 145 37.22 17.74 30.99
N ILE D 146 37.62 16.83 30.10
CA ILE D 146 37.97 17.16 28.73
C ILE D 146 36.86 17.97 28.08
N ALA D 147 35.63 17.56 28.36
CA ALA D 147 34.48 18.23 27.82
C ALA D 147 34.47 19.70 28.20
N ARG D 148 34.74 19.93 29.48
CA ARG D 148 34.77 21.27 30.06
C ARG D 148 35.85 22.13 29.43
N GLU D 149 37.06 21.59 29.34
CA GLU D 149 38.18 22.31 28.75
C GLU D 149 37.84 22.74 27.34
N TYR D 150 37.46 21.75 26.53
CA TYR D 150 37.10 21.99 25.14
C TYR D 150 36.07 23.10 25.05
N LYS D 151 34.99 22.94 25.81
CA LYS D 151 33.90 23.90 25.83
C LYS D 151 34.32 25.35 26.02
N ARG D 152 35.47 25.58 26.67
CA ARG D 152 35.88 26.95 26.88
C ARG D 152 37.11 27.40 26.07
N GLN D 153 37.93 26.46 25.61
CA GLN D 153 39.10 26.89 24.86
C GLN D 153 39.13 26.52 23.39
N ALA D 154 37.96 26.26 22.79
CA ALA D 154 37.91 25.87 21.38
C ALA D 154 37.36 26.97 20.47
N LYS D 155 38.07 27.24 19.38
CA LYS D 155 37.64 28.27 18.45
C LYS D 155 36.27 27.95 17.84
N ASN D 156 36.13 26.79 17.21
CA ASN D 156 34.83 26.37 16.65
C ASN D 156 34.52 25.02 17.28
N PRO D 157 33.77 25.03 18.39
CA PRO D 157 33.48 23.74 19.02
C PRO D 157 32.28 22.96 18.48
N LEU D 158 32.42 21.64 18.50
CA LEU D 158 31.38 20.73 18.10
C LEU D 158 31.60 19.45 18.89
N VAL D 159 30.59 19.07 19.66
CA VAL D 159 30.69 17.88 20.46
C VAL D 159 29.70 16.84 19.97
N ILE D 160 30.22 15.67 19.67
CA ILE D 160 29.41 14.57 19.20
C ILE D 160 29.66 13.38 20.10
N GLY D 161 28.62 12.86 20.73
CA GLY D 161 28.76 11.71 21.59
C GLY D 161 28.06 10.52 20.96
N LEU D 162 28.73 9.38 20.93
CA LEU D 162 28.14 8.16 20.34
C LEU D 162 27.82 7.18 21.45
N THR D 163 26.65 6.57 21.40
CA THR D 163 26.32 5.59 22.43
C THR D 163 25.15 4.69 22.06
N ALA D 164 25.11 3.50 22.65
CA ALA D 164 24.00 2.60 22.40
C ALA D 164 22.88 2.93 23.40
N SER D 165 23.09 3.98 24.20
CA SER D 165 22.12 4.47 25.21
C SER D 165 22.83 5.46 26.13
N PRO D 166 22.26 6.69 26.29
CA PRO D 166 22.81 7.77 27.13
C PRO D 166 22.64 7.59 28.64
N GLY D 167 21.89 6.55 29.03
CA GLY D 167 21.64 6.27 30.43
C GLY D 167 20.27 5.62 30.59
N SER D 168 19.94 5.23 31.80
CA SER D 168 18.66 4.57 32.07
C SER D 168 17.84 5.41 33.03
N THR D 169 18.51 6.35 33.67
CA THR D 169 17.92 7.25 34.67
C THR D 169 17.81 8.68 34.16
N PRO D 170 16.73 9.39 34.51
CA PRO D 170 16.56 10.78 34.07
C PRO D 170 17.78 11.58 34.48
N GLU D 171 18.14 11.42 35.75
CA GLU D 171 19.30 12.07 36.35
C GLU D 171 20.58 11.69 35.61
N LYS D 172 20.76 10.40 35.37
CA LYS D 172 21.94 9.92 34.67
C LYS D 172 22.04 10.56 33.28
N ILE D 173 20.91 10.62 32.56
CA ILE D 173 20.86 11.22 31.22
C ILE D 173 21.22 12.70 31.30
N MET D 174 20.59 13.38 32.25
CA MET D 174 20.84 14.80 32.47
C MET D 174 22.30 15.11 32.77
N GLU D 175 22.94 14.25 33.58
CA GLU D 175 24.33 14.46 33.90
C GLU D 175 25.20 14.48 32.64
N VAL D 176 25.09 13.47 31.79
CA VAL D 176 25.90 13.44 30.58
C VAL D 176 25.49 14.54 29.60
N ILE D 177 24.18 14.81 29.49
CA ILE D 177 23.72 15.87 28.59
C ILE D 177 24.37 17.17 28.99
N ASN D 178 24.30 17.51 30.28
CA ASN D 178 24.90 18.78 30.75
C ASN D 178 26.43 18.74 30.70
N ASN D 179 27.00 17.60 31.05
CA ASN D 179 28.44 17.48 31.00
C ASN D 179 28.99 17.68 29.58
N LEU D 180 28.26 17.19 28.58
CA LEU D 180 28.72 17.32 27.20
C LEU D 180 28.13 18.50 26.46
N GLY D 181 27.22 19.22 27.09
CA GLY D 181 26.64 20.40 26.46
C GLY D 181 25.82 20.00 25.26
N ILE D 182 25.03 18.95 25.44
CA ILE D 182 24.19 18.41 24.39
C ILE D 182 22.99 19.28 24.11
N GLU D 183 22.90 19.77 22.88
CA GLU D 183 21.81 20.62 22.48
C GLU D 183 20.74 19.81 21.78
N HIS D 184 21.14 18.64 21.28
CA HIS D 184 20.21 17.79 20.54
C HIS D 184 20.60 16.33 20.48
N ILE D 185 19.59 15.45 20.52
CA ILE D 185 19.82 14.02 20.44
C ILE D 185 19.13 13.42 19.21
N GLU D 186 19.81 12.49 18.55
CA GLU D 186 19.27 11.83 17.38
C GLU D 186 19.18 10.34 17.71
N TYR D 187 17.94 9.86 17.89
CA TYR D 187 17.71 8.45 18.20
C TYR D 187 17.38 7.69 16.91
N ARG D 188 17.44 6.35 16.99
CA ARG D 188 17.10 5.50 15.85
C ARG D 188 17.04 4.06 16.36
N SER D 189 16.01 3.33 15.96
CA SER D 189 15.89 1.95 16.37
C SER D 189 16.02 1.13 15.13
N GLU D 190 16.29 -0.16 15.33
CA GLU D 190 16.43 -1.10 14.23
C GLU D 190 15.17 -1.08 13.36
N ASN D 191 14.08 -0.56 13.90
CA ASN D 191 12.82 -0.50 13.17
C ASN D 191 12.45 0.86 12.64
N SER D 192 13.28 1.87 12.87
CA SER D 192 12.90 3.16 12.33
C SER D 192 12.73 2.95 10.84
N PRO D 193 11.68 3.53 10.23
CA PRO D 193 11.45 3.37 8.79
C PRO D 193 12.72 3.72 8.03
N ASP D 194 13.54 4.50 8.69
CA ASP D 194 14.80 5.00 8.19
C ASP D 194 15.90 3.92 8.09
N VAL D 195 15.85 2.98 9.01
CA VAL D 195 16.86 1.94 9.11
C VAL D 195 16.43 0.59 8.58
N ARG D 196 15.16 0.23 8.79
CA ARG D 196 14.60 -1.07 8.37
C ARG D 196 15.18 -1.68 7.08
N PRO D 197 15.20 -0.90 5.99
CA PRO D 197 15.73 -1.34 4.70
C PRO D 197 17.13 -1.94 4.76
N TYR D 198 17.89 -1.58 5.78
CA TYR D 198 19.25 -2.05 5.89
C TYR D 198 19.41 -3.16 6.90
N VAL D 199 18.33 -3.46 7.61
CA VAL D 199 18.45 -4.49 8.60
C VAL D 199 17.89 -5.78 8.07
N LYS D 200 18.81 -6.69 7.89
CA LYS D 200 18.43 -7.99 7.43
C LYS D 200 17.57 -8.64 8.51
N GLY D 201 16.53 -9.32 8.06
CA GLY D 201 15.71 -10.06 9.01
C GLY D 201 16.65 -11.20 9.44
N ILE D 202 16.58 -11.61 10.70
CA ILE D 202 17.48 -12.65 11.19
C ILE D 202 16.86 -14.05 11.24
N ARG D 203 15.70 -14.12 11.88
CA ARG D 203 14.97 -15.36 12.08
C ARG D 203 15.75 -16.37 12.89
N PHE D 204 15.58 -16.31 14.20
CA PHE D 204 16.23 -17.28 15.06
C PHE D 204 15.15 -18.35 15.20
N GLU D 205 15.50 -19.60 14.90
CA GLU D 205 14.53 -20.67 15.03
C GLU D 205 14.63 -21.29 16.41
N TRP D 206 13.67 -20.98 17.27
CA TRP D 206 13.64 -21.52 18.61
C TRP D 206 12.95 -22.88 18.61
N VAL D 207 13.71 -23.93 18.90
CA VAL D 207 13.14 -25.27 18.94
C VAL D 207 13.14 -25.79 20.37
N ARG D 208 11.99 -26.25 20.81
CA ARG D 208 11.85 -26.76 22.16
C ARG D 208 12.11 -28.24 22.26
N VAL D 209 13.16 -28.61 22.98
CA VAL D 209 13.51 -30.02 23.19
C VAL D 209 12.62 -30.54 24.33
N ASP D 210 11.93 -31.64 24.09
CA ASP D 210 11.06 -32.18 25.12
C ASP D 210 11.84 -32.91 26.19
N LEU D 211 11.57 -32.53 27.44
CA LEU D 211 12.21 -33.17 28.56
C LEU D 211 11.54 -34.50 28.79
N PRO D 212 12.24 -35.60 28.51
CA PRO D 212 11.68 -36.95 28.71
C PRO D 212 11.37 -37.18 30.20
N GLU D 213 10.23 -37.80 30.48
CA GLU D 213 9.78 -38.06 31.84
C GLU D 213 10.81 -38.23 32.96
N ILE D 214 11.78 -39.12 32.76
CA ILE D 214 12.81 -39.34 33.77
C ILE D 214 13.53 -38.05 34.10
N TYR D 215 14.10 -37.41 33.07
CA TYR D 215 14.84 -36.15 33.22
C TYR D 215 13.96 -35.15 33.98
N LYS D 216 12.74 -35.02 33.52
CA LYS D 216 11.76 -34.12 34.09
C LYS D 216 11.61 -34.42 35.59
N GLU D 217 11.34 -35.68 35.91
CA GLU D 217 11.14 -36.14 37.29
C GLU D 217 12.37 -35.94 38.20
N VAL D 218 13.54 -36.36 37.74
CA VAL D 218 14.77 -36.19 38.53
C VAL D 218 14.89 -34.72 38.90
N ARG D 219 14.68 -33.85 37.92
CA ARG D 219 14.75 -32.42 38.11
C ARG D 219 13.74 -31.92 39.15
N LYS D 220 12.48 -32.33 39.03
CA LYS D 220 11.45 -31.90 39.98
C LYS D 220 11.80 -32.25 41.41
N LEU D 221 12.30 -33.47 41.61
CA LEU D 221 12.71 -33.93 42.94
C LEU D 221 13.83 -33.04 43.47
N LEU D 222 14.89 -32.91 42.69
CA LEU D 222 16.03 -32.07 43.07
C LEU D 222 15.56 -30.65 43.45
N ARG D 223 14.73 -30.04 42.62
CA ARG D 223 14.23 -28.70 42.90
C ARG D 223 13.49 -28.65 44.24
N GLU D 224 12.54 -29.57 44.41
CA GLU D 224 11.75 -29.61 45.64
C GLU D 224 12.60 -29.69 46.90
N MET D 225 13.73 -30.39 46.80
CA MET D 225 14.63 -30.52 47.94
C MET D 225 15.28 -29.17 48.15
N LEU D 226 15.74 -28.56 47.05
CA LEU D 226 16.36 -27.25 47.13
C LEU D 226 15.40 -26.26 47.81
N ARG D 227 14.11 -26.37 47.48
CA ARG D 227 13.13 -25.46 48.06
C ARG D 227 13.13 -25.56 49.59
N ASP D 228 13.00 -26.79 50.10
CA ASP D 228 13.00 -27.03 51.55
C ASP D 228 14.32 -26.56 52.17
N ALA D 229 15.42 -26.80 51.47
CA ALA D 229 16.72 -26.36 51.95
C ALA D 229 16.76 -24.83 52.08
N LEU D 230 16.00 -24.14 51.21
CA LEU D 230 15.97 -22.68 51.24
C LEU D 230 14.91 -22.09 52.17
N LYS D 231 13.82 -22.83 52.39
CA LYS D 231 12.73 -22.34 53.25
C LYS D 231 13.20 -21.67 54.54
N PRO D 232 14.02 -22.37 55.34
CA PRO D 232 14.50 -21.78 56.60
C PRO D 232 15.32 -20.50 56.36
N LEU D 233 16.21 -20.51 55.36
CA LEU D 233 17.01 -19.31 55.08
C LEU D 233 16.09 -18.12 54.77
N ALA D 234 15.02 -18.37 54.02
CA ALA D 234 14.06 -17.34 53.64
C ALA D 234 13.26 -16.83 54.82
N GLU D 235 12.72 -17.77 55.61
CA GLU D 235 11.92 -17.45 56.78
C GLU D 235 12.69 -16.59 57.77
N THR D 236 14.00 -16.52 57.58
CA THR D 236 14.88 -15.73 58.43
C THR D 236 15.13 -14.36 57.80
N GLY D 237 14.97 -14.29 56.48
CA GLY D 237 15.18 -13.03 55.80
C GLY D 237 16.56 -13.00 55.18
N LEU D 238 17.12 -14.18 54.94
CA LEU D 238 18.45 -14.24 54.33
C LEU D 238 18.36 -14.16 52.81
N LEU D 239 17.13 -14.29 52.30
CA LEU D 239 16.87 -14.19 50.87
C LEU D 239 15.36 -13.97 50.64
N GLU D 240 15.03 -13.28 49.54
CA GLU D 240 13.64 -12.96 49.18
C GLU D 240 12.67 -14.12 49.22
N SER D 241 13.03 -15.24 48.56
CA SER D 241 12.15 -16.41 48.54
C SER D 241 12.88 -17.73 48.55
N SER D 242 12.11 -18.78 48.83
CA SER D 242 12.62 -20.12 48.87
C SER D 242 12.42 -20.79 47.50
N SER D 243 12.16 -19.98 46.47
CA SER D 243 11.98 -20.55 45.13
C SER D 243 13.29 -21.07 44.57
N PRO D 244 13.28 -22.34 44.12
CA PRO D 244 14.47 -22.98 43.55
C PRO D 244 14.95 -22.23 42.32
N ASP D 245 14.20 -21.20 41.96
CA ASP D 245 14.51 -20.40 40.78
C ASP D 245 15.40 -19.19 41.04
N ILE D 246 15.54 -18.81 42.31
CA ILE D 246 16.38 -17.65 42.64
C ILE D 246 17.80 -17.81 42.10
N PRO D 247 18.49 -16.68 41.90
CA PRO D 247 19.86 -16.69 41.38
C PRO D 247 20.84 -17.30 42.37
N LYS D 248 21.81 -18.05 41.84
CA LYS D 248 22.83 -18.69 42.67
C LYS D 248 23.45 -17.60 43.54
N LYS D 249 23.74 -16.46 42.92
CA LYS D 249 24.32 -15.33 43.61
C LYS D 249 23.55 -14.97 44.91
N GLU D 250 22.23 -15.08 44.87
CA GLU D 250 21.44 -14.72 46.04
C GLU D 250 21.57 -15.72 47.19
N VAL D 251 21.93 -16.96 46.89
CA VAL D 251 22.09 -17.94 47.96
C VAL D 251 23.48 -17.81 48.57
N LEU D 252 24.47 -17.53 47.72
CA LEU D 252 25.84 -17.33 48.21
C LEU D 252 25.81 -16.16 49.18
N ARG D 253 25.00 -15.16 48.86
CA ARG D 253 24.86 -13.99 49.70
C ARG D 253 24.31 -14.42 51.06
N ALA D 254 23.25 -15.22 51.06
CA ALA D 254 22.64 -15.69 52.30
C ALA D 254 23.68 -16.36 53.19
N GLY D 255 24.63 -17.04 52.55
CA GLY D 255 25.69 -17.72 53.30
C GLY D 255 26.66 -16.76 53.96
N GLN D 256 27.35 -15.96 53.16
CA GLN D 256 28.32 -15.01 53.71
C GLN D 256 27.66 -14.07 54.70
N ILE D 257 26.34 -13.89 54.62
CA ILE D 257 25.64 -13.02 55.57
C ILE D 257 25.72 -13.69 56.94
N ILE D 258 25.54 -15.00 56.97
CA ILE D 258 25.61 -15.77 58.22
C ILE D 258 27.02 -15.72 58.78
N ASN D 259 28.01 -15.73 57.90
CA ASN D 259 29.41 -15.69 58.31
C ASN D 259 29.82 -14.35 58.91
N GLU D 260 29.37 -13.27 58.28
CA GLU D 260 29.68 -11.92 58.76
C GLU D 260 28.99 -11.66 60.10
N GLU D 261 27.93 -12.44 60.38
CA GLU D 261 27.19 -12.30 61.63
C GLU D 261 27.83 -13.07 62.77
N MET D 262 28.59 -14.10 62.43
CA MET D 262 29.27 -14.89 63.45
C MET D 262 30.58 -14.17 63.76
N ALA D 263 31.10 -13.46 62.77
CA ALA D 263 32.33 -12.68 62.91
C ALA D 263 32.04 -11.47 63.81
N LYS D 264 30.77 -11.11 63.94
CA LYS D 264 30.35 -9.99 64.78
C LYS D 264 30.05 -10.56 66.18
N GLY D 265 29.89 -11.88 66.25
CA GLY D 265 29.59 -12.53 67.50
C GLY D 265 28.13 -12.85 67.71
N ASN D 266 27.43 -13.24 66.65
CA ASN D 266 26.01 -13.58 66.75
C ASN D 266 25.86 -15.07 67.09
N HIS D 267 26.06 -15.92 66.08
CA HIS D 267 25.98 -17.36 66.27
C HIS D 267 24.57 -17.90 66.47
N ASP D 268 23.57 -17.07 66.22
CA ASP D 268 22.18 -17.50 66.34
C ASP D 268 21.89 -18.24 65.04
N LEU D 269 22.15 -17.54 63.94
CA LEU D 269 21.95 -18.04 62.58
C LEU D 269 23.04 -19.06 62.25
N ARG D 270 23.42 -19.85 63.26
CA ARG D 270 24.45 -20.86 63.11
C ARG D 270 23.88 -22.15 62.51
N GLY D 271 22.75 -22.60 63.06
CA GLY D 271 22.12 -23.81 62.59
C GLY D 271 21.71 -23.77 61.13
N LEU D 272 21.43 -22.56 60.64
CA LEU D 272 21.02 -22.37 59.25
C LEU D 272 22.15 -22.64 58.27
N LEU D 273 23.38 -22.64 58.78
CA LEU D 273 24.55 -22.88 57.95
C LEU D 273 24.46 -24.29 57.36
N LEU D 274 23.70 -25.16 58.01
CA LEU D 274 23.51 -26.53 57.53
C LEU D 274 22.72 -26.51 56.21
N TYR D 275 21.56 -25.86 56.27
CA TYR D 275 20.67 -25.72 55.13
C TYR D 275 21.36 -25.02 53.98
N HIS D 276 22.10 -23.96 54.30
CA HIS D 276 22.81 -23.24 53.27
C HIS D 276 23.75 -24.16 52.49
N ALA D 277 24.37 -25.10 53.18
CA ALA D 277 25.30 -26.03 52.52
C ALA D 277 24.55 -27.04 51.65
N MET D 278 23.36 -27.47 52.10
CA MET D 278 22.54 -28.42 51.35
C MET D 278 22.01 -27.73 50.10
N ALA D 279 21.63 -26.47 50.27
CA ALA D 279 21.14 -25.66 49.17
C ALA D 279 22.23 -25.64 48.10
N LEU D 280 23.42 -25.19 48.48
CA LEU D 280 24.55 -25.09 47.56
C LEU D 280 24.80 -26.39 46.80
N LYS D 281 24.65 -27.51 47.49
CA LYS D 281 24.86 -28.82 46.85
C LYS D 281 23.70 -29.17 45.94
N LEU D 282 22.48 -29.01 46.44
CA LEU D 282 21.29 -29.30 45.66
C LEU D 282 21.25 -28.40 44.41
N HIS D 283 21.58 -27.12 44.60
CA HIS D 283 21.60 -26.18 43.49
C HIS D 283 22.63 -26.63 42.43
N HIS D 284 23.83 -27.02 42.87
CA HIS D 284 24.88 -27.47 41.95
C HIS D 284 24.46 -28.74 41.23
N ALA D 285 23.61 -29.55 41.88
CA ALA D 285 23.13 -30.79 41.28
C ALA D 285 22.23 -30.42 40.10
N ILE D 286 21.28 -29.51 40.36
CA ILE D 286 20.36 -29.02 39.35
C ILE D 286 21.17 -28.49 38.18
N GLU D 287 22.13 -27.64 38.50
CA GLU D 287 22.99 -27.02 37.51
C GLU D 287 23.67 -28.05 36.60
N LEU D 288 24.15 -29.15 37.16
CA LEU D 288 24.79 -30.18 36.35
C LEU D 288 23.75 -30.86 35.45
N LEU D 289 22.60 -31.16 36.04
CA LEU D 289 21.50 -31.81 35.32
C LEU D 289 21.10 -31.01 34.08
N GLU D 290 20.94 -29.69 34.26
CA GLU D 290 20.54 -28.80 33.17
C GLU D 290 21.65 -28.48 32.19
N THR D 291 22.83 -28.14 32.71
CA THR D 291 23.98 -27.79 31.87
C THR D 291 24.62 -28.93 31.10
N GLN D 292 24.77 -30.10 31.74
CA GLN D 292 25.41 -31.24 31.09
C GLN D 292 24.54 -32.47 30.95
N GLY D 293 23.77 -32.80 31.98
CA GLY D 293 22.91 -33.97 31.89
C GLY D 293 22.98 -34.93 33.06
N LEU D 294 22.15 -35.96 32.99
CA LEU D 294 22.05 -36.99 34.00
C LEU D 294 23.40 -37.63 34.40
N SER D 295 24.24 -37.97 33.43
CA SER D 295 25.54 -38.59 33.74
C SER D 295 26.40 -37.71 34.65
N ALA D 296 26.41 -36.41 34.39
CA ALA D 296 27.19 -35.49 35.21
C ALA D 296 26.57 -35.46 36.62
N LEU D 297 25.25 -35.55 36.68
CA LEU D 297 24.53 -35.57 37.95
C LEU D 297 24.91 -36.83 38.73
N ARG D 298 24.79 -37.97 38.06
CA ARG D 298 25.12 -39.27 38.64
C ARG D 298 26.51 -39.19 39.27
N ALA D 299 27.49 -38.72 38.49
CA ALA D 299 28.87 -38.59 38.98
C ALA D 299 28.94 -37.75 40.26
N TYR D 300 28.23 -36.63 40.29
CA TYR D 300 28.23 -35.75 41.45
C TYR D 300 27.52 -36.39 42.64
N ILE D 301 26.35 -37.00 42.42
CA ILE D 301 25.62 -37.65 43.52
C ILE D 301 26.50 -38.73 44.18
N LYS D 302 27.29 -39.40 43.36
CA LYS D 302 28.21 -40.42 43.83
C LYS D 302 29.28 -39.76 44.70
N LYS D 303 30.06 -38.85 44.12
CA LYS D 303 31.11 -38.16 44.85
C LYS D 303 30.54 -37.54 46.13
N LEU D 304 29.25 -37.25 46.10
CA LEU D 304 28.56 -36.66 47.23
C LEU D 304 28.19 -37.75 48.24
N TYR D 305 28.16 -38.99 47.75
CA TYR D 305 27.85 -40.16 48.56
C TYR D 305 29.08 -40.58 49.36
N GLU D 306 30.27 -40.26 48.83
CA GLU D 306 31.53 -40.59 49.50
C GLU D 306 31.70 -39.66 50.70
N GLU D 307 31.22 -38.42 50.53
CA GLU D 307 31.28 -37.41 51.58
C GLU D 307 30.36 -37.80 52.73
N ALA D 308 29.28 -38.51 52.42
CA ALA D 308 28.31 -38.94 53.41
C ALA D 308 28.90 -40.10 54.22
N LYS D 309 29.48 -41.06 53.51
CA LYS D 309 30.11 -42.22 54.15
C LYS D 309 31.34 -41.86 54.97
N ALA D 310 32.16 -40.94 54.46
CA ALA D 310 33.37 -40.51 55.15
C ALA D 310 33.02 -39.66 56.38
N LYS D 314 27.70 -33.21 57.12
CA LYS D 314 26.36 -33.37 57.69
C LYS D 314 25.34 -33.10 56.60
N ALA D 315 25.66 -32.14 55.74
CA ALA D 315 24.81 -31.76 54.61
C ALA D 315 24.58 -32.97 53.68
N SER D 316 25.67 -33.53 53.17
CA SER D 316 25.59 -34.69 52.28
C SER D 316 24.77 -35.82 52.91
N LYS D 317 24.98 -36.05 54.21
CA LYS D 317 24.25 -37.08 54.94
C LYS D 317 22.75 -36.84 54.84
N GLU D 318 22.32 -35.68 55.35
CA GLU D 318 20.92 -35.27 55.34
C GLU D 318 20.26 -35.45 53.96
N ILE D 319 20.99 -35.07 52.91
CA ILE D 319 20.48 -35.17 51.54
C ILE D 319 20.15 -36.61 51.13
N PHE D 320 20.96 -37.57 51.58
CA PHE D 320 20.70 -38.95 51.19
C PHE D 320 19.60 -39.62 51.98
N SER D 321 19.34 -39.12 53.19
CA SER D 321 18.29 -39.69 54.02
C SER D 321 16.90 -39.26 53.55
N ASP D 322 16.87 -38.35 52.57
CA ASP D 322 15.64 -37.83 51.99
C ASP D 322 15.09 -38.87 51.00
N LYS D 323 13.82 -39.25 51.17
CA LYS D 323 13.20 -40.24 50.28
C LYS D 323 13.25 -39.79 48.82
N ARG D 324 13.22 -38.48 48.63
CA ARG D 324 13.29 -37.88 47.30
C ARG D 324 14.61 -38.20 46.61
N MET D 325 15.73 -37.90 47.28
CA MET D 325 17.04 -38.18 46.71
C MET D 325 17.13 -39.67 46.37
N LYS D 326 16.40 -40.48 47.14
CA LYS D 326 16.37 -41.93 46.92
C LYS D 326 15.73 -42.22 45.57
N LYS D 327 14.47 -41.79 45.41
CA LYS D 327 13.79 -42.02 44.16
C LYS D 327 14.58 -41.45 42.97
N ALA D 328 15.28 -40.34 43.22
CA ALA D 328 16.09 -39.71 42.17
C ALA D 328 17.19 -40.66 41.74
N ILE D 329 17.87 -41.26 42.72
CA ILE D 329 18.95 -42.21 42.47
C ILE D 329 18.48 -43.46 41.71
N SER D 330 17.23 -43.86 41.95
CA SER D 330 16.68 -45.03 41.27
C SER D 330 16.37 -44.69 39.80
N LEU D 331 15.86 -43.48 39.58
CA LEU D 331 15.53 -43.02 38.23
C LEU D 331 16.84 -42.81 37.48
N LEU D 332 17.84 -42.34 38.23
CA LEU D 332 19.16 -42.04 37.68
C LEU D 332 19.83 -43.29 37.11
N VAL D 333 19.46 -44.46 37.63
CA VAL D 333 20.02 -45.71 37.14
C VAL D 333 19.15 -46.18 35.97
N GLN D 334 17.86 -46.01 36.15
CA GLN D 334 16.84 -46.37 35.17
C GLN D 334 17.11 -45.60 33.87
N ALA D 335 17.82 -44.48 34.02
CA ALA D 335 18.20 -43.61 32.90
C ALA D 335 19.37 -44.23 32.13
N LYS D 336 20.43 -44.58 32.86
CA LYS D 336 21.61 -45.20 32.25
C LYS D 336 21.18 -46.46 31.51
N GLU D 337 20.13 -47.09 32.03
CA GLU D 337 19.56 -48.32 31.47
C GLU D 337 19.13 -48.10 30.02
N ILE D 338 18.59 -46.93 29.72
CA ILE D 338 18.13 -46.61 28.37
C ILE D 338 19.03 -45.58 27.68
N GLY D 339 20.19 -45.32 28.27
CA GLY D 339 21.15 -44.36 27.69
C GLY D 339 20.67 -42.92 27.55
N LEU D 340 19.95 -42.44 28.55
CA LEU D 340 19.43 -41.07 28.54
C LEU D 340 20.32 -40.14 29.37
N ASP D 341 21.06 -39.25 28.72
CA ASP D 341 21.93 -38.30 29.41
C ASP D 341 21.35 -36.87 29.33
N HIS D 342 21.13 -36.36 28.12
CA HIS D 342 20.55 -35.03 27.92
C HIS D 342 19.84 -34.93 26.57
N PRO D 343 18.55 -34.63 26.58
CA PRO D 343 17.74 -34.51 25.37
C PRO D 343 18.32 -33.57 24.29
N LYS D 344 19.05 -32.54 24.71
CA LYS D 344 19.64 -31.60 23.77
C LYS D 344 20.68 -32.22 22.87
N MET D 345 21.52 -33.11 23.42
CA MET D 345 22.56 -33.80 22.65
C MET D 345 21.95 -34.65 21.55
N ASP D 346 20.82 -35.29 21.86
CA ASP D 346 20.13 -36.12 20.87
C ASP D 346 19.56 -35.25 19.76
N LYS D 347 18.92 -34.15 20.15
CA LYS D 347 18.36 -33.24 19.18
C LYS D 347 19.49 -32.61 18.37
N LEU D 348 20.59 -32.25 19.04
CA LEU D 348 21.73 -31.65 18.37
C LEU D 348 22.26 -32.57 17.27
N LYS D 349 22.50 -33.83 17.63
CA LYS D 349 22.99 -34.82 16.66
C LYS D 349 22.02 -34.90 15.47
N GLU D 350 20.74 -35.01 15.80
CA GLU D 350 19.70 -35.11 14.78
C GLU D 350 19.73 -33.99 13.74
N ILE D 351 19.77 -32.73 14.18
CA ILE D 351 19.77 -31.64 13.22
C ILE D 351 21.10 -31.56 12.49
N ILE D 352 22.22 -31.76 13.19
CA ILE D 352 23.52 -31.71 12.51
C ILE D 352 23.53 -32.82 11.46
N ARG D 353 22.86 -33.92 11.76
CA ARG D 353 22.77 -35.07 10.86
C ARG D 353 22.13 -34.62 9.55
N GLU D 354 20.84 -34.31 9.62
CA GLU D 354 20.07 -33.89 8.45
C GLU D 354 20.70 -32.71 7.69
N GLN D 355 21.59 -31.97 8.34
CA GLN D 355 22.26 -30.83 7.70
C GLN D 355 23.36 -31.36 6.77
N LEU D 356 24.28 -32.13 7.33
CA LEU D 356 25.38 -32.73 6.57
C LEU D 356 24.83 -33.66 5.48
N GLN D 357 23.57 -34.05 5.65
CA GLN D 357 22.91 -34.93 4.70
C GLN D 357 22.52 -34.14 3.45
N ARG D 358 21.90 -32.98 3.62
CA ARG D 358 21.49 -32.15 2.48
C ARG D 358 22.70 -31.46 1.87
N LYS D 359 23.81 -31.45 2.59
CA LYS D 359 25.03 -30.81 2.12
C LYS D 359 26.17 -31.21 3.04
N GLN D 360 26.89 -32.26 2.66
CA GLN D 360 28.01 -32.74 3.46
C GLN D 360 29.14 -31.72 3.44
N ASN D 361 28.97 -30.68 2.63
CA ASN D 361 29.95 -29.62 2.50
C ASN D 361 29.70 -28.54 3.57
N SER D 362 28.62 -28.72 4.33
CA SER D 362 28.20 -27.78 5.37
C SER D 362 29.25 -27.34 6.39
N LYS D 363 29.15 -26.07 6.77
CA LYS D 363 30.03 -25.45 7.75
C LYS D 363 29.06 -25.00 8.83
N ILE D 364 29.10 -25.64 9.99
CA ILE D 364 28.18 -25.28 11.05
C ILE D 364 28.90 -24.93 12.36
N ILE D 365 28.30 -24.03 13.14
CA ILE D 365 28.87 -23.60 14.40
C ILE D 365 27.88 -23.86 15.54
N VAL D 366 28.38 -24.47 16.61
CA VAL D 366 27.54 -24.76 17.76
C VAL D 366 28.06 -23.91 18.92
N PHE D 367 27.16 -23.09 19.48
CA PHE D 367 27.51 -22.23 20.61
C PHE D 367 26.98 -22.79 21.92
N THR D 368 27.72 -22.52 23.00
CA THR D 368 27.35 -22.93 24.35
C THR D 368 28.03 -21.99 25.32
N ASN D 369 27.35 -21.71 26.43
CA ASN D 369 27.89 -20.80 27.43
C ASN D 369 29.01 -21.39 28.27
N TYR D 370 29.03 -22.73 28.37
CA TYR D 370 30.02 -23.41 29.21
C TYR D 370 31.05 -24.26 28.49
N ARG D 371 32.30 -24.16 28.96
CA ARG D 371 33.40 -24.92 28.37
C ARG D 371 33.18 -26.41 28.53
N GLU D 372 32.65 -26.81 29.68
CA GLU D 372 32.39 -28.22 29.94
C GLU D 372 31.43 -28.77 28.91
N THR D 373 30.32 -28.05 28.71
CA THR D 373 29.31 -28.45 27.74
C THR D 373 29.96 -28.49 26.34
N ALA D 374 30.82 -27.53 26.06
CA ALA D 374 31.51 -27.48 24.77
C ALA D 374 32.30 -28.76 24.54
N LYS D 375 33.08 -29.12 25.56
CA LYS D 375 33.93 -30.32 25.52
C LYS D 375 33.07 -31.59 25.35
N LYS D 376 32.01 -31.72 26.13
CA LYS D 376 31.14 -32.89 26.02
C LYS D 376 30.53 -32.98 24.62
N ILE D 377 30.22 -31.83 24.04
CA ILE D 377 29.63 -31.78 22.70
C ILE D 377 30.62 -32.25 21.63
N VAL D 378 31.83 -31.71 21.65
CA VAL D 378 32.84 -32.10 20.67
C VAL D 378 32.99 -33.62 20.65
N ASN D 379 33.26 -34.19 21.82
CA ASN D 379 33.44 -35.63 21.95
C ASN D 379 32.21 -36.42 21.50
N GLU D 380 31.04 -36.04 22.00
CA GLU D 380 29.81 -36.74 21.65
C GLU D 380 29.58 -36.74 20.14
N LEU D 381 30.07 -35.69 19.47
CA LEU D 381 29.92 -35.56 18.02
C LEU D 381 30.97 -36.36 17.25
N VAL D 382 32.22 -36.30 17.69
CA VAL D 382 33.30 -37.04 17.04
C VAL D 382 33.06 -38.55 17.29
N LYS D 383 32.46 -38.86 18.44
CA LYS D 383 32.14 -40.25 18.81
C LYS D 383 31.15 -40.78 17.79
N ASP D 384 30.30 -39.87 17.30
CA ASP D 384 29.33 -40.22 16.28
C ASP D 384 30.20 -40.11 15.02
N GLY D 385 29.61 -40.19 13.84
CA GLY D 385 30.42 -40.07 12.63
C GLY D 385 30.56 -38.65 12.12
N ILE D 386 30.87 -37.70 13.01
CA ILE D 386 30.98 -36.28 12.63
C ILE D 386 32.33 -35.63 12.93
N LYS D 387 32.80 -34.80 11.98
CA LYS D 387 34.08 -34.09 12.15
C LYS D 387 33.86 -32.81 12.94
N ALA D 388 34.00 -32.87 14.26
CA ALA D 388 33.81 -31.68 15.09
C ALA D 388 35.13 -31.26 15.73
N LYS D 389 35.30 -29.96 15.97
CA LYS D 389 36.51 -29.46 16.59
C LYS D 389 36.21 -28.30 17.53
N ARG D 390 36.68 -28.43 18.77
CA ARG D 390 36.47 -27.43 19.81
C ARG D 390 37.23 -26.15 19.59
N PHE D 391 36.68 -25.06 20.15
CA PHE D 391 37.26 -23.74 20.08
C PHE D 391 37.10 -23.05 21.44
N ARG D 406 48.28 -17.55 17.12
CA ARG D 406 47.51 -18.41 18.00
C ARG D 406 46.97 -19.60 17.21
N GLU D 407 46.79 -20.72 17.88
CA GLU D 407 46.24 -21.92 17.24
C GLU D 407 44.81 -21.59 16.84
N GLN D 408 44.21 -20.64 17.57
CA GLN D 408 42.86 -20.21 17.28
C GLN D 408 42.73 -19.90 15.79
N LYS D 409 43.58 -18.98 15.32
CA LYS D 409 43.57 -18.60 13.91
C LYS D 409 43.78 -19.82 13.03
N LEU D 410 44.70 -20.70 13.45
CA LEU D 410 45.00 -21.91 12.70
C LEU D 410 43.77 -22.80 12.51
N ILE D 411 43.12 -23.16 13.63
CA ILE D 411 41.92 -24.00 13.59
C ILE D 411 40.80 -23.32 12.83
N LEU D 412 40.70 -22.01 12.98
CA LEU D 412 39.66 -21.23 12.32
C LEU D 412 39.86 -21.33 10.81
N ASP D 413 41.12 -21.26 10.38
CA ASP D 413 41.45 -21.36 8.94
C ASP D 413 41.06 -22.73 8.40
N GLU D 414 41.22 -23.75 9.24
CA GLU D 414 40.88 -25.12 8.88
C GLU D 414 39.37 -25.22 8.66
N PHE D 415 38.61 -24.56 9.53
CA PHE D 415 37.15 -24.53 9.44
C PHE D 415 36.76 -23.91 8.11
N ALA D 416 37.44 -22.82 7.75
CA ALA D 416 37.19 -22.10 6.51
C ALA D 416 37.48 -22.95 5.27
N ARG D 417 38.63 -23.61 5.25
CA ARG D 417 39.00 -24.45 4.13
C ARG D 417 38.10 -25.68 3.96
N GLY D 418 37.55 -26.17 5.06
CA GLY D 418 36.68 -27.33 4.97
C GLY D 418 37.19 -28.54 5.74
N GLU D 419 38.22 -28.33 6.55
CA GLU D 419 38.82 -29.39 7.37
C GLU D 419 37.72 -30.19 8.07
N PHE D 420 37.13 -29.57 9.09
CA PHE D 420 36.05 -30.22 9.81
C PHE D 420 34.74 -29.48 9.48
N ASN D 421 33.61 -30.12 9.79
CA ASN D 421 32.31 -29.53 9.50
C ASN D 421 31.70 -28.73 10.65
N VAL D 422 32.03 -29.10 11.88
CA VAL D 422 31.47 -28.43 13.05
C VAL D 422 32.47 -27.73 13.95
N LEU D 423 32.21 -26.47 14.24
CA LEU D 423 33.04 -25.70 15.14
C LEU D 423 32.18 -25.55 16.40
N VAL D 424 32.66 -26.08 17.52
CA VAL D 424 31.95 -25.99 18.79
C VAL D 424 32.72 -25.02 19.67
N ALA D 425 32.10 -23.90 20.02
CA ALA D 425 32.80 -22.91 20.81
C ALA D 425 31.95 -22.24 21.86
N THR D 426 32.63 -21.48 22.71
CA THR D 426 31.97 -20.74 23.75
C THR D 426 31.92 -19.28 23.27
N SER D 427 31.40 -18.38 24.10
CA SER D 427 31.29 -16.97 23.74
C SER D 427 32.48 -16.43 22.94
N VAL D 428 33.67 -16.86 23.33
CA VAL D 428 34.91 -16.42 22.69
C VAL D 428 35.04 -16.79 21.21
N GLY D 429 34.33 -17.82 20.78
CA GLY D 429 34.43 -18.21 19.38
C GLY D 429 33.46 -17.49 18.46
N GLU D 430 33.04 -16.29 18.82
CA GLU D 430 32.10 -15.56 17.97
C GLU D 430 32.79 -15.04 16.71
N GLU D 431 34.12 -15.11 16.68
CA GLU D 431 34.83 -14.63 15.50
C GLU D 431 34.72 -15.63 14.37
N GLY D 432 34.14 -16.79 14.67
CA GLY D 432 33.96 -17.80 13.64
C GLY D 432 32.83 -17.41 12.71
N LEU D 433 32.03 -16.43 13.14
CA LEU D 433 30.91 -15.93 12.35
C LEU D 433 31.39 -15.11 11.17
N ASP D 434 32.66 -14.73 11.18
CA ASP D 434 33.28 -13.94 10.11
C ASP D 434 33.87 -14.83 9.02
N VAL D 435 33.64 -16.14 9.15
CA VAL D 435 34.12 -17.09 8.18
C VAL D 435 33.03 -17.11 7.10
N PRO D 436 33.43 -17.03 5.83
CA PRO D 436 32.46 -17.06 4.73
C PRO D 436 31.58 -18.31 4.68
N GLU D 437 30.45 -18.17 4.02
CA GLU D 437 29.49 -19.26 3.82
C GLU D 437 29.30 -20.23 4.99
N VAL D 438 29.02 -19.73 6.19
CA VAL D 438 28.76 -20.62 7.33
C VAL D 438 27.25 -20.93 7.28
N ASP D 439 26.93 -22.14 6.83
CA ASP D 439 25.55 -22.62 6.66
C ASP D 439 24.57 -22.51 7.81
N LEU D 440 24.99 -22.90 9.00
CA LEU D 440 24.08 -22.86 10.14
C LEU D 440 24.78 -22.88 11.49
N VAL D 441 24.20 -22.15 12.45
CA VAL D 441 24.73 -22.15 13.80
C VAL D 441 23.56 -22.62 14.68
N VAL D 442 23.88 -23.41 15.68
CA VAL D 442 22.86 -23.87 16.60
C VAL D 442 23.38 -23.61 18.01
N PHE D 443 22.55 -22.92 18.79
CA PHE D 443 22.88 -22.58 20.16
C PHE D 443 22.40 -23.69 21.08
N TYR D 444 23.34 -24.33 21.78
CA TYR D 444 22.97 -25.41 22.71
C TYR D 444 22.03 -24.81 23.77
N GLU D 445 22.30 -23.56 24.11
CA GLU D 445 21.51 -22.78 25.06
C GLU D 445 21.68 -21.37 24.53
N PRO D 446 20.80 -20.46 24.92
CA PRO D 446 20.95 -19.09 24.42
C PRO D 446 22.23 -18.47 24.98
N VAL D 447 23.15 -18.07 24.10
CA VAL D 447 24.41 -17.45 24.51
C VAL D 447 24.37 -15.96 24.18
N PRO D 448 23.89 -15.13 25.12
CA PRO D 448 23.77 -13.68 24.98
C PRO D 448 24.78 -12.97 24.08
N SER D 449 26.06 -13.11 24.36
CA SER D 449 27.07 -12.43 23.55
C SER D 449 26.99 -12.75 22.05
N ALA D 450 26.88 -14.04 21.72
CA ALA D 450 26.80 -14.49 20.32
C ALA D 450 25.47 -14.12 19.66
N ILE D 451 24.37 -14.23 20.40
CA ILE D 451 23.07 -13.86 19.83
C ILE D 451 23.15 -12.37 19.50
N ARG D 452 23.81 -11.63 20.38
CA ARG D 452 23.98 -10.18 20.20
C ARG D 452 24.78 -9.95 18.93
N SER D 453 25.89 -10.67 18.78
CA SER D 453 26.74 -10.54 17.61
C SER D 453 25.92 -10.65 16.33
N ILE D 454 25.21 -11.78 16.18
CA ILE D 454 24.37 -12.04 15.01
C ILE D 454 23.38 -10.89 14.76
N GLN D 455 22.76 -10.42 15.84
CA GLN D 455 21.79 -9.32 15.80
C GLN D 455 22.48 -8.10 15.19
N ARG D 456 23.72 -7.86 15.61
CA ARG D 456 24.51 -6.74 15.12
C ARG D 456 24.86 -6.92 13.65
N ARG D 457 25.42 -8.07 13.27
CA ARG D 457 25.79 -8.29 11.87
C ARG D 457 24.64 -7.98 10.93
N GLY D 458 23.41 -8.14 11.41
CA GLY D 458 22.25 -7.85 10.57
C GLY D 458 22.18 -6.37 10.21
N ARG D 459 22.88 -5.56 11.01
CA ARG D 459 22.93 -4.14 10.81
C ARG D 459 24.09 -3.80 9.87
N THR D 460 25.14 -4.61 9.89
CA THR D 460 26.25 -4.37 8.99
C THR D 460 26.03 -5.26 7.78
N GLY D 461 27.08 -5.50 7.01
CA GLY D 461 26.95 -6.36 5.85
C GLY D 461 27.91 -7.52 6.01
N ARG D 462 28.30 -7.76 7.24
CA ARG D 462 29.25 -8.82 7.55
C ARG D 462 28.59 -10.16 7.43
N HIS D 463 29.42 -11.19 7.29
CA HIS D 463 28.93 -12.54 7.12
C HIS D 463 27.91 -12.92 8.16
N MET D 464 26.84 -13.52 7.67
CA MET D 464 25.72 -13.95 8.47
C MET D 464 25.50 -15.45 8.21
N PRO D 465 25.09 -16.20 9.24
CA PRO D 465 24.85 -17.64 9.07
C PRO D 465 23.63 -17.83 8.18
N GLY D 466 23.57 -18.96 7.48
CA GLY D 466 22.43 -19.25 6.61
C GLY D 466 21.17 -19.33 7.44
N ARG D 467 21.26 -20.05 8.55
CA ARG D 467 20.12 -20.18 9.47
C ARG D 467 20.68 -20.44 10.85
N VAL D 468 19.87 -20.15 11.87
CA VAL D 468 20.30 -20.35 13.24
C VAL D 468 19.18 -20.96 14.09
N ILE D 469 19.55 -21.95 14.89
CA ILE D 469 18.60 -22.60 15.76
C ILE D 469 19.00 -22.41 17.22
N ILE D 470 18.01 -22.19 18.09
CA ILE D 470 18.24 -22.03 19.51
C ILE D 470 17.50 -23.20 20.18
N LEU D 471 18.23 -24.05 20.90
CA LEU D 471 17.62 -25.19 21.60
C LEU D 471 17.16 -24.74 22.99
N MET D 472 15.98 -25.17 23.43
CA MET D 472 15.53 -24.77 24.75
C MET D 472 14.79 -25.83 25.56
N ALA D 473 15.01 -25.80 26.88
CA ALA D 473 14.41 -26.76 27.80
C ALA D 473 13.19 -26.26 28.56
N LYS D 474 12.04 -26.86 28.27
CA LYS D 474 10.76 -26.51 28.89
C LYS D 474 10.77 -26.37 30.42
N GLY D 475 10.68 -25.13 30.90
CA GLY D 475 10.69 -24.86 32.32
C GLY D 475 11.99 -24.29 32.85
N THR D 476 13.04 -24.44 32.06
CA THR D 476 14.38 -23.98 32.42
C THR D 476 14.56 -22.45 32.26
N ARG D 477 15.78 -21.96 32.44
CA ARG D 477 16.06 -20.54 32.30
C ARG D 477 16.10 -20.21 30.81
N ASP D 478 16.35 -21.22 29.98
CA ASP D 478 16.35 -21.04 28.54
C ASP D 478 15.00 -20.47 28.14
N GLU D 479 13.94 -20.95 28.78
CA GLU D 479 12.58 -20.49 28.49
C GLU D 479 12.47 -19.00 28.74
N ALA D 480 13.06 -18.54 29.85
CA ALA D 480 13.04 -17.12 30.22
C ALA D 480 13.48 -16.26 29.04
N TYR D 481 14.54 -16.69 28.36
CA TYR D 481 15.05 -15.96 27.19
C TYR D 481 14.11 -16.02 25.98
N TYR D 482 13.40 -17.14 25.84
CA TYR D 482 12.47 -17.29 24.71
C TYR D 482 11.44 -16.18 24.76
N TRP D 483 10.90 -15.93 25.96
CA TRP D 483 9.92 -14.87 26.11
C TRP D 483 10.59 -13.51 26.02
N SER D 484 11.65 -13.30 26.79
CA SER D 484 12.38 -12.03 26.77
C SER D 484 12.70 -11.62 25.33
N SER D 485 12.90 -12.60 24.45
CA SER D 485 13.21 -12.30 23.06
C SER D 485 11.96 -12.02 22.23
N ARG D 486 10.96 -11.42 22.87
CA ARG D 486 9.72 -11.06 22.18
C ARG D 486 9.50 -9.55 22.36
N MET E 1 38.12 -10.65 10.31
CA MET E 1 37.71 -10.63 8.86
C MET E 1 38.85 -10.18 7.95
N VAL E 2 38.94 -10.80 6.77
CA VAL E 2 39.97 -10.47 5.77
C VAL E 2 39.62 -9.17 5.04
N LEU E 3 38.33 -9.02 4.73
CA LEU E 3 37.85 -7.84 4.04
C LEU E 3 37.00 -7.10 5.03
N ARG E 4 37.30 -5.82 5.19
CA ARG E 4 36.56 -5.03 6.13
C ARG E 4 35.11 -4.76 5.69
N ARG E 5 34.31 -5.81 5.56
CA ARG E 5 32.92 -5.62 5.17
C ARG E 5 32.26 -4.55 6.00
N ASP E 6 32.72 -4.43 7.25
CA ASP E 6 32.18 -3.45 8.21
C ASP E 6 32.31 -2.03 7.73
N LEU E 7 33.36 -1.77 6.96
CA LEU E 7 33.59 -0.44 6.42
C LEU E 7 32.81 -0.26 5.08
N ILE E 8 32.61 -1.37 4.37
CA ILE E 8 31.90 -1.36 3.10
C ILE E 8 30.37 -1.39 3.18
N GLN E 9 29.82 -1.90 4.28
CA GLN E 9 28.35 -1.99 4.43
C GLN E 9 27.67 -2.57 3.17
N PRO E 10 28.04 -3.81 2.77
CA PRO E 10 27.42 -4.41 1.57
C PRO E 10 25.91 -4.43 1.52
N ARG E 11 25.36 -4.02 0.37
CA ARG E 11 23.90 -3.97 0.14
C ARG E 11 23.33 -5.33 -0.26
N ILE E 12 22.01 -5.47 -0.17
CA ILE E 12 21.38 -6.73 -0.50
C ILE E 12 21.81 -7.26 -1.88
N TYR E 13 21.63 -6.47 -2.93
CA TYR E 13 21.99 -6.95 -4.25
C TYR E 13 23.46 -7.31 -4.35
N GLN E 14 24.31 -6.59 -3.63
CA GLN E 14 25.74 -6.91 -3.65
C GLN E 14 26.00 -8.25 -2.99
N GLU E 15 25.23 -8.54 -1.95
CA GLU E 15 25.36 -9.80 -1.23
C GLU E 15 24.90 -10.98 -2.10
N VAL E 16 23.68 -10.88 -2.61
CA VAL E 16 23.10 -11.89 -3.47
C VAL E 16 24.04 -12.23 -4.63
N ILE E 17 24.47 -11.21 -5.37
CA ILE E 17 25.35 -11.44 -6.51
C ILE E 17 26.61 -12.16 -6.09
N TYR E 18 27.28 -11.63 -5.10
CA TYR E 18 28.50 -12.24 -4.60
C TYR E 18 28.22 -13.73 -4.41
N ALA E 19 27.12 -14.04 -3.77
CA ALA E 19 26.75 -15.43 -3.50
C ALA E 19 26.65 -16.35 -4.74
N LYS E 20 25.99 -15.89 -5.78
CA LYS E 20 25.83 -16.70 -6.99
C LYS E 20 27.09 -16.81 -7.86
N CYS E 21 27.81 -15.72 -8.04
CA CYS E 21 28.98 -15.74 -8.89
C CYS E 21 30.21 -16.26 -8.16
N LYS E 22 29.99 -16.71 -6.93
CA LYS E 22 31.05 -17.22 -6.07
C LYS E 22 31.85 -18.41 -6.61
N GLU E 23 31.17 -19.27 -7.38
CA GLU E 23 31.80 -20.48 -7.89
C GLU E 23 31.51 -20.76 -9.38
N THR E 24 31.25 -19.71 -10.15
CA THR E 24 30.91 -19.86 -11.56
C THR E 24 31.53 -18.74 -12.33
N ASN E 25 31.97 -19.00 -13.56
CA ASN E 25 32.53 -17.93 -14.37
C ASN E 25 31.38 -17.01 -14.70
N CYS E 26 31.46 -15.76 -14.23
CA CYS E 26 30.38 -14.83 -14.47
C CYS E 26 30.75 -13.48 -15.00
N LEU E 27 29.70 -12.84 -15.51
CA LEU E 27 29.74 -11.49 -16.03
C LEU E 27 28.76 -10.77 -15.09
N ILE E 28 29.22 -9.71 -14.44
CA ILE E 28 28.35 -8.96 -13.56
C ILE E 28 28.07 -7.65 -14.29
N VAL E 29 26.81 -7.43 -14.62
CA VAL E 29 26.44 -6.24 -15.35
C VAL E 29 25.61 -5.29 -14.53
N LEU E 30 26.21 -4.18 -14.12
CA LEU E 30 25.52 -3.16 -13.30
C LEU E 30 25.87 -1.74 -13.72
N PRO E 31 24.90 -0.83 -13.64
CA PRO E 31 25.18 0.57 -14.02
C PRO E 31 26.25 1.09 -13.05
N THR E 32 27.19 1.88 -13.57
CA THR E 32 28.26 2.46 -12.74
C THR E 32 27.77 3.12 -11.44
N GLY E 33 28.49 2.85 -10.36
CA GLY E 33 28.12 3.39 -9.08
C GLY E 33 27.44 2.40 -8.16
N LEU E 34 27.15 1.19 -8.63
CA LEU E 34 26.50 0.18 -7.79
C LEU E 34 27.42 -0.79 -7.08
N GLY E 35 28.73 -0.60 -7.19
CA GLY E 35 29.65 -1.46 -6.46
C GLY E 35 30.32 -2.67 -7.07
N LYS E 36 30.26 -2.84 -8.39
CA LYS E 36 30.89 -3.99 -9.03
C LYS E 36 32.24 -4.34 -8.40
N THR E 37 33.15 -3.38 -8.28
CA THR E 37 34.44 -3.70 -7.69
C THR E 37 34.29 -4.21 -6.25
N LEU E 38 33.35 -3.66 -5.51
CA LEU E 38 33.13 -4.11 -4.15
C LEU E 38 32.72 -5.57 -4.17
N ILE E 39 31.75 -5.90 -5.03
CA ILE E 39 31.28 -7.28 -5.15
C ILE E 39 32.49 -8.13 -5.54
N ALA E 40 33.33 -7.60 -6.40
CA ALA E 40 34.50 -8.35 -6.79
C ALA E 40 35.32 -8.68 -5.54
N MET E 41 35.58 -7.67 -4.71
CA MET E 41 36.39 -7.84 -3.51
C MET E 41 35.76 -8.83 -2.55
N MET E 42 34.43 -8.86 -2.53
CA MET E 42 33.73 -9.77 -1.66
C MET E 42 34.03 -11.18 -2.15
N ILE E 43 34.00 -11.35 -3.45
CA ILE E 43 34.28 -12.63 -4.05
C ILE E 43 35.75 -12.98 -3.84
N ALA E 44 36.61 -11.98 -4.00
CA ALA E 44 38.04 -12.17 -3.82
C ALA E 44 38.30 -12.73 -2.43
N GLU E 45 37.54 -12.25 -1.44
CA GLU E 45 37.75 -12.72 -0.06
C GLU E 45 37.38 -14.18 0.08
N TYR E 46 36.26 -14.57 -0.52
CA TYR E 46 35.82 -15.95 -0.46
C TYR E 46 36.83 -16.90 -1.10
N ARG E 47 37.46 -16.46 -2.19
CA ARG E 47 38.43 -17.28 -2.88
C ARG E 47 39.72 -17.39 -2.08
N LEU E 48 40.25 -16.27 -1.64
CA LEU E 48 41.49 -16.30 -0.88
C LEU E 48 41.40 -17.15 0.39
N THR E 49 40.22 -17.24 1.01
CA THR E 49 40.07 -18.02 2.24
C THR E 49 39.77 -19.50 2.02
N LYS E 50 39.11 -19.82 0.91
CA LYS E 50 38.79 -21.22 0.63
C LYS E 50 39.84 -21.94 -0.21
N TYR E 51 40.31 -21.28 -1.26
CA TYR E 51 41.31 -21.91 -2.12
C TYR E 51 42.71 -21.38 -1.89
N GLY E 52 43.48 -21.37 -2.97
CA GLY E 52 44.86 -20.89 -2.94
C GLY E 52 45.07 -19.49 -2.42
N GLY E 53 46.07 -18.80 -2.97
CA GLY E 53 46.34 -17.47 -2.48
C GLY E 53 46.83 -16.47 -3.49
N LYS E 54 46.03 -16.23 -4.52
CA LYS E 54 46.42 -15.23 -5.50
C LYS E 54 45.19 -14.73 -6.22
N VAL E 55 44.94 -13.42 -6.13
CA VAL E 55 43.80 -12.80 -6.80
C VAL E 55 44.35 -11.72 -7.73
N LEU E 56 43.92 -11.76 -8.98
CA LEU E 56 44.38 -10.81 -9.97
C LEU E 56 43.25 -10.00 -10.60
N MET E 57 43.35 -8.68 -10.51
CA MET E 57 42.35 -7.81 -11.11
C MET E 57 42.98 -6.99 -12.24
N LEU E 58 42.44 -7.11 -13.44
CA LEU E 58 42.98 -6.36 -14.56
C LEU E 58 42.12 -5.13 -14.85
N ALA E 59 42.76 -4.07 -15.34
CA ALA E 59 42.08 -2.82 -15.68
C ALA E 59 42.75 -2.17 -16.90
N PRO E 60 41.94 -1.57 -17.78
CA PRO E 60 42.36 -0.89 -19.01
C PRO E 60 43.49 0.12 -18.88
N THR E 61 43.28 1.14 -18.06
CA THR E 61 44.26 2.21 -17.86
C THR E 61 45.14 2.08 -16.61
N LYS E 62 46.18 2.91 -16.55
CA LYS E 62 47.11 2.91 -15.42
C LYS E 62 46.48 3.56 -14.20
N PRO E 63 45.82 4.72 -14.39
CA PRO E 63 45.17 5.36 -13.23
C PRO E 63 44.18 4.41 -12.56
N LEU E 64 43.42 3.67 -13.37
CA LEU E 64 42.45 2.70 -12.87
C LEU E 64 43.12 1.62 -12.06
N VAL E 65 44.26 1.15 -12.56
CA VAL E 65 44.98 0.13 -11.85
C VAL E 65 45.36 0.65 -10.46
N LEU E 66 46.03 1.80 -10.42
CA LEU E 66 46.43 2.42 -9.15
C LEU E 66 45.22 2.63 -8.24
N GLN E 67 44.14 3.13 -8.83
CA GLN E 67 42.92 3.37 -8.08
C GLN E 67 42.44 2.09 -7.39
N HIS E 68 42.23 1.04 -8.17
CA HIS E 68 41.76 -0.22 -7.60
C HIS E 68 42.73 -0.74 -6.55
N ALA E 69 44.03 -0.64 -6.86
CA ALA E 69 45.06 -1.10 -5.94
C ALA E 69 44.87 -0.45 -4.57
N GLU E 70 44.66 0.86 -4.56
CA GLU E 70 44.45 1.57 -3.31
C GLU E 70 43.23 1.12 -2.57
N SER E 71 42.13 0.94 -3.28
CA SER E 71 40.88 0.51 -2.65
C SER E 71 41.08 -0.82 -1.95
N PHE E 72 41.80 -1.72 -2.61
CA PHE E 72 42.05 -3.02 -2.02
C PHE E 72 42.83 -2.82 -0.74
N ARG E 73 43.85 -1.99 -0.81
CA ARG E 73 44.67 -1.73 0.37
C ARG E 73 43.84 -1.16 1.52
N ARG E 74 42.84 -0.36 1.19
CA ARG E 74 42.00 0.24 2.21
C ARG E 74 41.00 -0.71 2.82
N LEU E 75 40.40 -1.56 2.01
CA LEU E 75 39.39 -2.47 2.51
C LEU E 75 39.88 -3.85 2.91
N PHE E 76 41.11 -4.19 2.52
CA PHE E 76 41.65 -5.49 2.89
C PHE E 76 42.62 -5.44 4.05
N ASN E 77 42.38 -6.34 5.00
CA ASN E 77 43.18 -6.46 6.19
C ASN E 77 44.32 -7.45 5.94
N LEU E 78 45.20 -7.08 5.02
CA LEU E 78 46.35 -7.89 4.64
C LEU E 78 47.59 -7.01 4.59
N PRO E 79 48.77 -7.56 4.88
CA PRO E 79 49.99 -6.76 4.84
C PRO E 79 49.99 -5.90 3.58
N PRO E 80 50.22 -4.59 3.73
CA PRO E 80 50.24 -3.65 2.61
C PRO E 80 51.12 -4.02 1.42
N GLU E 81 52.20 -4.76 1.67
CA GLU E 81 53.08 -5.14 0.58
C GLU E 81 52.57 -6.35 -0.18
N LYS E 82 51.53 -7.01 0.33
CA LYS E 82 50.96 -8.17 -0.34
C LYS E 82 49.85 -7.77 -1.32
N ILE E 83 49.62 -6.46 -1.44
CA ILE E 83 48.64 -5.90 -2.37
C ILE E 83 49.52 -5.13 -3.32
N VAL E 84 49.81 -5.72 -4.48
CA VAL E 84 50.68 -5.09 -5.44
C VAL E 84 50.03 -4.59 -6.72
N ALA E 85 50.55 -3.48 -7.23
CA ALA E 85 50.07 -2.86 -8.45
C ALA E 85 51.14 -2.95 -9.52
N LEU E 86 50.86 -3.70 -10.59
CA LEU E 86 51.82 -3.86 -11.69
C LEU E 86 51.41 -3.04 -12.90
N THR E 87 51.87 -1.80 -12.95
CA THR E 87 51.54 -0.94 -14.07
C THR E 87 52.52 -1.22 -15.21
N GLY E 88 53.60 -1.92 -14.86
CA GLY E 88 54.61 -2.24 -15.84
C GLY E 88 55.73 -1.22 -15.90
N GLU E 89 55.96 -0.54 -14.77
CA GLU E 89 56.99 0.48 -14.70
C GLU E 89 58.11 0.04 -13.79
N LYS E 90 57.90 -1.07 -13.10
CA LYS E 90 58.91 -1.61 -12.19
C LYS E 90 59.92 -2.42 -12.99
N SER E 91 61.06 -2.72 -12.38
CA SER E 91 62.09 -3.50 -13.07
C SER E 91 61.51 -4.88 -13.33
N PRO E 92 61.73 -5.42 -14.52
CA PRO E 92 61.23 -6.74 -14.89
C PRO E 92 61.41 -7.77 -13.78
N GLU E 93 62.41 -7.54 -12.92
CA GLU E 93 62.68 -8.44 -11.82
C GLU E 93 61.74 -8.18 -10.64
N GLU E 94 61.68 -6.93 -10.20
CA GLU E 94 60.81 -6.56 -9.08
C GLU E 94 59.38 -7.01 -9.32
N ARG E 95 58.91 -6.86 -10.56
CA ARG E 95 57.55 -7.27 -10.88
C ARG E 95 57.39 -8.75 -10.52
N SER E 96 58.37 -9.56 -10.89
CA SER E 96 58.32 -10.97 -10.59
C SER E 96 58.47 -11.15 -9.09
N LYS E 97 59.20 -10.22 -8.47
CA LYS E 97 59.44 -10.24 -7.03
C LYS E 97 58.14 -9.89 -6.30
N ALA E 98 57.41 -8.91 -6.84
CA ALA E 98 56.14 -8.47 -6.27
C ALA E 98 55.10 -9.55 -6.46
N TRP E 99 54.92 -9.97 -7.71
CA TRP E 99 53.97 -11.01 -8.05
C TRP E 99 54.20 -12.21 -7.15
N ALA E 100 55.47 -12.43 -6.78
CA ALA E 100 55.85 -13.55 -5.94
C ALA E 100 55.19 -13.50 -4.56
N ARG E 101 55.40 -12.40 -3.85
CA ARG E 101 54.84 -12.27 -2.51
C ARG E 101 53.40 -11.76 -2.47
N ALA E 102 52.93 -11.18 -3.57
CA ALA E 102 51.57 -10.64 -3.64
C ALA E 102 50.48 -11.70 -3.43
N LYS E 103 49.44 -11.31 -2.70
CA LYS E 103 48.32 -12.19 -2.43
C LYS E 103 47.12 -11.66 -3.24
N VAL E 104 47.28 -10.43 -3.71
CA VAL E 104 46.28 -9.74 -4.51
C VAL E 104 47.09 -8.87 -5.42
N ILE E 105 46.78 -8.90 -6.71
CA ILE E 105 47.53 -8.10 -7.65
C ILE E 105 46.62 -7.44 -8.69
N VAL E 106 46.78 -6.13 -8.83
CA VAL E 106 46.02 -5.33 -9.77
C VAL E 106 46.99 -4.81 -10.83
N ALA E 107 46.70 -5.05 -12.10
CA ALA E 107 47.59 -4.59 -13.16
C ALA E 107 46.89 -4.36 -14.50
N THR E 108 47.62 -3.79 -15.45
CA THR E 108 47.06 -3.59 -16.77
C THR E 108 47.25 -4.92 -17.52
N PRO E 109 46.33 -5.25 -18.44
CA PRO E 109 46.45 -6.52 -19.19
C PRO E 109 47.71 -6.55 -20.05
N GLN E 110 48.10 -5.37 -20.53
CA GLN E 110 49.28 -5.21 -21.36
C GLN E 110 50.46 -5.91 -20.69
N THR E 111 50.91 -5.35 -19.58
CA THR E 111 52.03 -5.90 -18.84
C THR E 111 51.86 -7.37 -18.46
N ILE E 112 50.72 -7.75 -17.90
CA ILE E 112 50.51 -9.14 -17.50
C ILE E 112 50.71 -10.12 -18.66
N GLU E 113 50.45 -9.65 -19.87
CA GLU E 113 50.63 -10.48 -21.06
C GLU E 113 52.12 -10.73 -21.31
N ASN E 114 52.91 -9.66 -21.37
CA ASN E 114 54.35 -9.74 -21.59
C ASN E 114 55.00 -10.75 -20.66
N ASP E 115 54.95 -10.44 -19.37
CA ASP E 115 55.53 -11.31 -18.35
C ASP E 115 54.92 -12.70 -18.38
N LEU E 116 53.77 -12.84 -19.03
CA LEU E 116 53.13 -14.15 -19.10
C LEU E 116 53.81 -14.95 -20.22
N LEU E 117 54.12 -14.26 -21.32
CA LEU E 117 54.79 -14.88 -22.48
C LEU E 117 56.23 -15.19 -22.10
N ALA E 118 56.93 -14.15 -21.65
CA ALA E 118 58.32 -14.28 -21.23
C ALA E 118 58.54 -15.40 -20.23
N GLY E 119 57.45 -15.86 -19.60
CA GLY E 119 57.54 -16.92 -18.61
C GLY E 119 57.98 -16.47 -17.23
N ARG E 120 57.89 -15.16 -16.95
CA ARG E 120 58.28 -14.60 -15.65
C ARG E 120 57.25 -14.84 -14.56
N ILE E 121 55.99 -15.00 -14.95
CA ILE E 121 54.91 -15.23 -14.00
C ILE E 121 53.97 -16.31 -14.50
N SER E 122 53.34 -17.02 -13.58
CA SER E 122 52.43 -18.07 -13.93
C SER E 122 51.13 -17.94 -13.15
N LEU E 123 50.01 -17.90 -13.86
CA LEU E 123 48.72 -17.74 -13.21
C LEU E 123 48.08 -19.09 -12.89
N GLU E 124 48.79 -19.93 -12.16
CA GLU E 124 48.26 -21.25 -11.79
C GLU E 124 47.74 -21.25 -10.37
N ASP E 125 48.26 -20.33 -9.57
CA ASP E 125 47.86 -20.18 -8.18
C ASP E 125 46.83 -19.06 -8.02
N VAL E 126 46.41 -18.51 -9.15
CA VAL E 126 45.42 -17.44 -9.18
C VAL E 126 44.02 -18.03 -9.04
N SER E 127 43.48 -17.96 -7.83
CA SER E 127 42.15 -18.50 -7.57
C SER E 127 41.03 -17.63 -8.10
N LEU E 128 41.38 -16.50 -8.70
CA LEU E 128 40.41 -15.56 -9.27
C LEU E 128 41.01 -14.44 -10.09
N ILE E 129 40.43 -14.21 -11.27
CA ILE E 129 40.84 -13.12 -12.13
C ILE E 129 39.61 -12.28 -12.37
N VAL E 130 39.76 -10.98 -12.20
CA VAL E 130 38.65 -10.06 -12.41
C VAL E 130 38.99 -9.14 -13.54
N PHE E 131 38.17 -9.19 -14.60
CA PHE E 131 38.38 -8.32 -15.75
C PHE E 131 37.48 -7.09 -15.62
N ASP E 132 38.07 -5.94 -15.36
CA ASP E 132 37.27 -4.75 -15.24
C ASP E 132 37.02 -4.36 -16.67
N GLU E 133 35.83 -3.84 -16.95
CA GLU E 133 35.48 -3.46 -18.31
C GLU E 133 35.62 -4.65 -19.25
N ALA E 134 35.12 -5.80 -18.78
CA ALA E 134 35.18 -7.07 -19.51
C ALA E 134 34.71 -7.03 -20.97
N HIS E 135 33.84 -6.08 -21.29
CA HIS E 135 33.33 -5.92 -22.64
C HIS E 135 34.47 -5.65 -23.62
N ARG E 136 35.65 -5.23 -23.15
CA ARG E 136 36.72 -5.01 -24.12
C ARG E 136 37.58 -6.25 -24.33
N ALA E 137 37.01 -7.39 -23.97
CA ALA E 137 37.68 -8.68 -24.14
C ALA E 137 37.24 -9.27 -25.49
N VAL E 138 37.44 -8.49 -26.55
CA VAL E 138 37.10 -8.90 -27.90
C VAL E 138 38.29 -8.73 -28.80
N GLY E 139 38.22 -9.34 -29.97
CA GLY E 139 39.30 -9.25 -30.92
C GLY E 139 40.71 -9.57 -30.46
N ASN E 140 41.54 -8.54 -30.54
CA ASN E 140 42.96 -8.62 -30.21
C ASN E 140 43.37 -8.37 -28.74
N TYR E 141 42.60 -7.53 -28.04
CA TYR E 141 42.89 -7.17 -26.65
C TYR E 141 43.57 -8.24 -25.80
N ALA E 142 44.56 -7.81 -25.01
CA ALA E 142 45.30 -8.70 -24.13
C ALA E 142 44.40 -9.57 -23.25
N TYR E 143 43.21 -9.07 -22.93
CA TYR E 143 42.29 -9.85 -22.09
C TYR E 143 42.07 -11.24 -22.65
N VAL E 144 41.70 -11.30 -23.93
CA VAL E 144 41.41 -12.57 -24.55
C VAL E 144 42.54 -13.58 -24.38
N PHE E 145 43.78 -13.14 -24.61
CA PHE E 145 44.93 -14.03 -24.45
C PHE E 145 45.06 -14.51 -23.01
N ILE E 146 45.10 -13.55 -22.08
CA ILE E 146 45.24 -13.86 -20.66
C ILE E 146 44.15 -14.84 -20.25
N ALA E 147 42.93 -14.59 -20.73
CA ALA E 147 41.80 -15.45 -20.40
C ALA E 147 42.08 -16.89 -20.79
N ARG E 148 42.64 -17.08 -21.98
CA ARG E 148 42.97 -18.39 -22.52
C ARG E 148 44.01 -19.07 -21.66
N GLU E 149 45.12 -18.37 -21.41
CA GLU E 149 46.18 -18.92 -20.57
C GLU E 149 45.63 -19.40 -19.23
N TYR E 150 44.98 -18.49 -18.52
CA TYR E 150 44.41 -18.81 -17.23
C TYR E 150 43.56 -20.08 -17.36
N LYS E 151 42.61 -20.06 -18.29
CA LYS E 151 41.69 -21.17 -18.50
C LYS E 151 42.35 -22.56 -18.57
N ARG E 152 43.62 -22.62 -18.96
CA ARG E 152 44.26 -23.90 -19.06
C ARG E 152 45.33 -24.18 -18.01
N GLN E 153 45.93 -23.13 -17.45
CA GLN E 153 46.97 -23.38 -16.45
C GLN E 153 46.64 -23.03 -15.01
N ALA E 154 45.37 -22.91 -14.66
CA ALA E 154 45.00 -22.55 -13.30
C ALA E 154 44.43 -23.71 -12.51
N LYS E 155 44.94 -23.91 -11.30
CA LYS E 155 44.46 -24.98 -10.44
C LYS E 155 42.96 -24.88 -10.16
N ASN E 156 42.52 -23.77 -9.58
CA ASN E 156 41.09 -23.55 -9.30
C ASN E 156 40.74 -22.25 -9.99
N PRO E 157 40.26 -22.33 -11.23
CA PRO E 157 39.91 -21.09 -11.94
C PRO E 157 38.53 -20.53 -11.66
N LEU E 158 38.47 -19.20 -11.67
CA LEU E 158 37.23 -18.45 -11.51
C LEU E 158 37.44 -17.17 -12.28
N VAL E 159 36.54 -16.90 -13.22
CA VAL E 159 36.64 -15.70 -14.02
C VAL E 159 35.42 -14.83 -13.76
N ILE E 160 35.70 -13.60 -13.36
CA ILE E 160 34.63 -12.63 -13.10
C ILE E 160 34.88 -11.41 -13.98
N GLY E 161 33.90 -11.07 -14.80
CA GLY E 161 34.04 -9.92 -15.68
C GLY E 161 33.09 -8.84 -15.21
N LEU E 162 33.58 -7.61 -15.10
CA LEU E 162 32.73 -6.49 -14.64
C LEU E 162 32.49 -5.55 -15.79
N THR E 163 31.27 -5.07 -15.93
CA THR E 163 30.99 -4.16 -17.03
C THR E 163 29.63 -3.52 -16.95
N ALA E 164 29.52 -2.35 -17.54
CA ALA E 164 28.25 -1.65 -17.53
C ALA E 164 27.40 -2.15 -18.70
N SER E 165 27.99 -3.03 -19.53
CA SER E 165 27.34 -3.63 -20.70
C SER E 165 28.31 -4.52 -21.45
N PRO E 166 27.99 -5.81 -21.63
CA PRO E 166 28.85 -6.76 -22.33
C PRO E 166 29.01 -6.53 -23.84
N GLY E 167 28.18 -5.65 -24.39
CA GLY E 167 28.24 -5.36 -25.82
C GLY E 167 26.88 -4.93 -26.28
N SER E 168 26.76 -4.56 -27.54
CA SER E 168 25.49 -4.11 -28.10
C SER E 168 25.02 -5.03 -29.21
N THR E 169 25.91 -5.91 -29.62
CA THR E 169 25.62 -6.86 -30.67
C THR E 169 25.58 -8.29 -30.15
N PRO E 170 24.64 -9.09 -30.65
CA PRO E 170 24.60 -10.47 -30.19
C PRO E 170 26.01 -11.05 -30.40
N GLU E 171 26.56 -10.85 -31.60
CA GLU E 171 27.88 -11.32 -31.96
C GLU E 171 28.92 -10.81 -30.97
N LYS E 172 28.86 -9.53 -30.68
CA LYS E 172 29.81 -8.91 -29.76
C LYS E 172 29.73 -9.54 -28.36
N ILE E 173 28.52 -9.71 -27.84
CA ILE E 173 28.32 -10.37 -26.56
C ILE E 173 28.88 -11.82 -26.62
N MET E 174 28.54 -12.55 -27.69
CA MET E 174 29.00 -13.92 -27.86
C MET E 174 30.51 -13.98 -27.81
N GLU E 175 31.16 -13.05 -28.49
CA GLU E 175 32.62 -13.05 -28.51
C GLU E 175 33.22 -12.94 -27.11
N VAL E 176 32.70 -12.04 -26.30
CA VAL E 176 33.25 -11.91 -24.95
C VAL E 176 32.85 -13.08 -24.07
N ILE E 177 31.59 -13.51 -24.17
CA ILE E 177 31.15 -14.65 -23.39
C ILE E 177 32.06 -15.87 -23.64
N ASN E 178 32.35 -16.15 -24.90
CA ASN E 178 33.20 -17.28 -25.24
C ASN E 178 34.66 -17.02 -24.89
N ASN E 179 35.10 -15.79 -25.08
CA ASN E 179 36.47 -15.45 -24.78
C ASN E 179 36.80 -15.59 -23.31
N LEU E 180 35.83 -15.30 -22.46
CA LEU E 180 36.04 -15.39 -21.03
C LEU E 180 35.43 -16.65 -20.38
N GLY E 181 34.87 -17.54 -21.19
CA GLY E 181 34.27 -18.75 -20.63
C GLY E 181 33.14 -18.42 -19.68
N ILE E 182 32.29 -17.51 -20.08
CA ILE E 182 31.20 -17.14 -19.20
C ILE E 182 30.12 -18.22 -19.17
N GLU E 183 29.86 -18.70 -17.96
CA GLU E 183 28.83 -19.71 -17.77
C GLU E 183 27.53 -19.06 -17.31
N HIS E 184 27.64 -17.86 -16.73
CA HIS E 184 26.46 -17.17 -16.22
C HIS E 184 26.59 -15.65 -16.13
N ILE E 185 25.48 -14.95 -16.33
CA ILE E 185 25.49 -13.50 -16.27
C ILE E 185 24.52 -13.03 -15.22
N GLU E 186 24.93 -12.06 -14.41
CA GLU E 186 24.10 -11.49 -13.37
C GLU E 186 23.90 -10.03 -13.76
N TYR E 187 22.65 -9.69 -14.03
CA TYR E 187 22.31 -8.36 -14.50
C TYR E 187 21.42 -7.67 -13.49
N ARG E 188 21.48 -6.35 -13.47
CA ARG E 188 20.68 -5.58 -12.54
C ARG E 188 20.50 -4.19 -13.12
N SER E 189 19.36 -3.58 -12.84
CA SER E 189 19.12 -2.24 -13.35
C SER E 189 18.83 -1.36 -12.15
N GLU E 190 18.95 -0.06 -12.36
CA GLU E 190 18.69 0.88 -11.29
C GLU E 190 17.32 0.61 -10.71
N ASN E 191 16.46 -0.07 -11.48
CA ASN E 191 15.12 -0.33 -11.01
C ASN E 191 14.83 -1.73 -10.50
N SER E 192 15.81 -2.61 -10.50
CA SER E 192 15.56 -3.94 -10.00
C SER E 192 15.08 -3.74 -8.57
N PRO E 193 14.01 -4.43 -8.18
CA PRO E 193 13.49 -4.29 -6.81
C PRO E 193 14.61 -4.48 -5.79
N ASP E 194 15.65 -5.13 -6.27
CA ASP E 194 16.83 -5.46 -5.51
C ASP E 194 17.77 -4.26 -5.25
N VAL E 195 17.74 -3.28 -6.14
CA VAL E 195 18.59 -2.12 -6.08
C VAL E 195 17.85 -0.84 -5.72
N ARG E 196 16.60 -0.73 -6.14
CA ARG E 196 15.79 0.45 -5.90
C ARG E 196 15.99 1.14 -4.55
N PRO E 197 15.98 0.38 -3.44
CA PRO E 197 16.16 0.88 -2.08
C PRO E 197 17.42 1.70 -1.86
N TYR E 198 18.41 1.51 -2.73
CA TYR E 198 19.69 2.17 -2.60
C TYR E 198 19.91 3.29 -3.59
N VAL E 199 18.91 3.59 -4.41
CA VAL E 199 19.06 4.64 -5.40
C VAL E 199 18.23 5.87 -5.09
N LYS E 200 18.90 7.01 -4.92
CA LYS E 200 18.29 8.30 -4.58
C LYS E 200 17.58 8.98 -5.74
N GLY E 201 16.45 9.62 -5.46
CA GLY E 201 15.76 10.36 -6.51
C GLY E 201 16.65 11.58 -6.74
N ILE E 202 16.75 12.07 -7.99
CA ILE E 202 17.63 13.20 -8.24
C ILE E 202 16.93 14.56 -8.36
N ARG E 203 15.90 14.57 -9.19
CA ARG E 203 15.14 15.77 -9.50
C ARG E 203 15.99 16.87 -10.10
N PHE E 204 16.10 16.85 -11.42
CA PHE E 204 16.80 17.90 -12.12
C PHE E 204 15.69 18.88 -12.44
N GLU E 205 15.87 20.14 -12.08
CA GLU E 205 14.86 21.13 -12.37
C GLU E 205 15.18 21.81 -13.68
N TRP E 206 14.43 21.46 -14.72
CA TRP E 206 14.62 22.05 -16.03
C TRP E 206 13.84 23.35 -16.09
N VAL E 207 14.55 24.46 -16.28
CA VAL E 207 13.86 25.73 -16.38
C VAL E 207 14.10 26.31 -17.76
N ARG E 208 13.01 26.71 -18.40
CA ARG E 208 13.10 27.26 -19.73
C ARG E 208 13.24 28.77 -19.75
N VAL E 209 14.37 29.25 -20.26
CA VAL E 209 14.62 30.69 -20.37
C VAL E 209 13.96 31.19 -21.66
N ASP E 210 13.09 32.19 -21.53
CA ASP E 210 12.43 32.75 -22.70
C ASP E 210 13.40 33.70 -23.36
N LEU E 211 13.31 33.77 -24.66
CA LEU E 211 14.21 34.66 -25.33
C LEU E 211 13.56 36.02 -25.49
N PRO E 212 14.20 37.08 -24.96
CA PRO E 212 13.63 38.41 -25.09
C PRO E 212 13.58 38.79 -26.59
N GLU E 213 12.50 39.46 -26.99
CA GLU E 213 12.28 39.87 -28.38
C GLU E 213 13.50 40.15 -29.25
N ILE E 214 14.37 41.06 -28.81
CA ILE E 214 15.56 41.38 -29.60
C ILE E 214 16.37 40.13 -29.90
N TYR E 215 16.74 39.39 -28.86
CA TYR E 215 17.52 38.16 -29.01
C TYR E 215 16.82 37.23 -30.01
N LYS E 216 15.53 37.01 -29.75
CA LYS E 216 14.71 36.15 -30.58
C LYS E 216 14.81 36.57 -32.05
N GLU E 217 14.62 37.86 -32.27
CA GLU E 217 14.64 38.43 -33.62
C GLU E 217 15.98 38.31 -34.32
N VAL E 218 17.05 38.71 -33.64
CA VAL E 218 18.38 38.64 -34.23
C VAL E 218 18.63 37.23 -34.70
N ARG E 219 18.23 36.28 -33.86
CA ARG E 219 18.40 34.87 -34.15
C ARG E 219 17.60 34.47 -35.39
N LYS E 220 16.30 34.79 -35.42
CA LYS E 220 15.49 34.45 -36.58
C LYS E 220 16.14 34.92 -37.88
N LEU E 221 16.54 36.19 -37.90
CA LEU E 221 17.16 36.76 -39.08
C LEU E 221 18.39 35.96 -39.48
N LEU E 222 19.26 35.71 -38.51
CA LEU E 222 20.48 34.96 -38.78
C LEU E 222 20.13 33.61 -39.39
N ARG E 223 19.18 32.91 -38.77
CA ARG E 223 18.78 31.60 -39.25
C ARG E 223 18.29 31.67 -40.69
N GLU E 224 17.35 32.59 -40.94
CA GLU E 224 16.80 32.76 -42.27
C GLU E 224 17.84 32.98 -43.35
N MET E 225 18.92 33.67 -43.00
CA MET E 225 19.98 33.91 -43.97
C MET E 225 20.71 32.60 -44.17
N LEU E 226 20.91 31.86 -43.09
CA LEU E 226 21.61 30.57 -43.18
C LEU E 226 20.81 29.66 -44.09
N ARG E 227 19.49 29.71 -43.97
CA ARG E 227 18.65 28.86 -44.81
C ARG E 227 18.94 29.11 -46.28
N ASP E 228 18.83 30.36 -46.69
CA ASP E 228 19.09 30.72 -48.08
C ASP E 228 20.51 30.32 -48.50
N ALA E 229 21.47 30.46 -47.59
CA ALA E 229 22.84 30.11 -47.92
C ALA E 229 22.95 28.61 -48.18
N LEU E 230 22.07 27.84 -47.55
CA LEU E 230 22.09 26.38 -47.70
C LEU E 230 21.23 25.88 -48.84
N LYS E 231 20.17 26.62 -49.17
CA LYS E 231 19.26 26.21 -50.22
C LYS E 231 19.98 25.67 -51.45
N PRO E 232 20.90 26.45 -52.03
CA PRO E 232 21.61 25.99 -53.23
C PRO E 232 22.44 24.71 -53.01
N LEU E 233 23.07 24.60 -51.83
CA LEU E 233 23.85 23.41 -51.53
C LEU E 233 22.92 22.19 -51.49
N ALA E 234 21.74 22.39 -50.92
CA ALA E 234 20.76 21.31 -50.81
C ALA E 234 20.23 20.90 -52.17
N GLU E 235 19.75 21.88 -52.93
CA GLU E 235 19.19 21.63 -54.27
C GLU E 235 20.15 20.88 -55.18
N THR E 236 21.42 20.80 -54.77
CA THR E 236 22.44 20.10 -55.53
C THR E 236 22.61 18.68 -54.97
N GLY E 237 22.18 18.50 -53.73
CA GLY E 237 22.30 17.20 -53.10
C GLY E 237 23.57 17.12 -52.27
N LEU E 238 24.07 18.26 -51.84
CA LEU E 238 25.30 18.27 -51.02
C LEU E 238 24.95 18.06 -49.55
N LEU E 239 23.65 18.12 -49.27
CA LEU E 239 23.16 17.91 -47.92
C LEU E 239 21.63 17.68 -47.95
N GLU E 240 21.14 16.91 -46.97
CA GLU E 240 19.72 16.53 -46.86
C GLU E 240 18.72 17.68 -46.96
N SER E 241 18.92 18.72 -46.16
CA SER E 241 17.99 19.84 -46.22
C SER E 241 18.67 21.18 -46.02
N SER E 242 17.93 22.24 -46.28
CA SER E 242 18.43 23.58 -46.12
C SER E 242 18.03 24.11 -44.76
N SER E 243 17.61 23.23 -43.87
CA SER E 243 17.19 23.66 -42.54
C SER E 243 18.37 24.13 -41.70
N PRO E 244 18.26 25.36 -41.17
CA PRO E 244 19.30 25.97 -40.33
C PRO E 244 19.60 25.13 -39.10
N ASP E 245 18.83 24.05 -38.95
CA ASP E 245 18.97 23.16 -37.81
C ASP E 245 19.94 22.00 -38.05
N ILE E 246 20.28 21.73 -39.31
CA ILE E 246 21.17 20.62 -39.60
C ILE E 246 22.48 20.76 -38.82
N PRO E 247 23.18 19.62 -38.60
CA PRO E 247 24.44 19.60 -37.85
C PRO E 247 25.54 20.32 -38.59
N LYS E 248 26.38 21.03 -37.84
CA LYS E 248 27.50 21.74 -38.44
C LYS E 248 28.30 20.74 -39.29
N LYS E 249 28.51 19.55 -38.74
CA LYS E 249 29.24 18.50 -39.43
C LYS E 249 28.73 18.24 -40.85
N GLU E 250 27.43 18.31 -41.04
CA GLU E 250 26.86 18.05 -42.34
C GLU E 250 27.17 19.15 -43.36
N VAL E 251 27.40 20.37 -42.90
CA VAL E 251 27.73 21.44 -43.85
C VAL E 251 29.20 21.35 -44.21
N LEU E 252 30.06 21.06 -43.22
CA LEU E 252 31.49 20.92 -43.49
C LEU E 252 31.65 19.84 -44.55
N ARG E 253 30.81 18.82 -44.47
CA ARG E 253 30.85 17.73 -45.42
C ARG E 253 30.53 18.28 -46.81
N ALA E 254 29.44 19.04 -46.91
CA ALA E 254 29.05 19.63 -48.18
C ALA E 254 30.20 20.39 -48.80
N GLY E 255 31.02 21.00 -47.95
CA GLY E 255 32.16 21.77 -48.42
C GLY E 255 33.25 20.90 -49.01
N GLN E 256 33.83 20.03 -48.18
CA GLN E 256 34.89 19.16 -48.65
C GLN E 256 34.46 18.29 -49.82
N ILE E 257 33.14 18.11 -49.99
CA ILE E 257 32.64 17.32 -51.12
C ILE E 257 32.91 18.09 -52.41
N ILE E 258 32.73 19.41 -52.33
CA ILE E 258 32.97 20.28 -53.48
C ILE E 258 34.46 20.30 -53.79
N ASN E 259 35.29 20.24 -52.76
CA ASN E 259 36.74 20.27 -52.92
C ASN E 259 37.26 18.98 -53.56
N GLU E 260 36.77 17.84 -53.10
CA GLU E 260 37.19 16.55 -53.64
C GLU E 260 36.73 16.40 -55.09
N GLU E 261 35.74 17.21 -55.48
CA GLU E 261 35.21 17.18 -56.84
C GLU E 261 36.02 18.05 -57.80
N MET E 262 36.68 19.08 -57.25
CA MET E 262 37.50 19.96 -58.07
C MET E 262 38.87 19.29 -58.22
N ALA E 263 39.22 18.48 -57.23
CA ALA E 263 40.47 17.74 -57.22
C ALA E 263 40.39 16.61 -58.26
N LYS E 264 39.16 16.24 -58.62
CA LYS E 264 38.93 15.19 -59.63
C LYS E 264 38.88 15.88 -60.99
N GLY E 265 38.67 17.20 -60.98
CA GLY E 265 38.59 17.97 -62.21
C GLY E 265 37.17 18.31 -62.64
N ASN E 266 36.29 18.55 -61.68
CA ASN E 266 34.90 18.89 -61.99
C ASN E 266 34.76 20.40 -62.23
N HIS E 267 34.77 21.16 -61.14
CA HIS E 267 34.68 22.62 -61.20
C HIS E 267 33.29 23.16 -61.58
N ASP E 268 32.29 22.29 -61.59
CA ASP E 268 30.92 22.70 -61.89
C ASP E 268 30.37 23.31 -60.61
N LEU E 269 30.48 22.52 -59.54
CA LEU E 269 30.02 22.91 -58.20
C LEU E 269 31.02 23.92 -57.61
N ARG E 270 31.56 24.78 -58.47
CA ARG E 270 32.53 25.79 -58.04
C ARG E 270 31.83 27.02 -57.44
N GLY E 271 30.79 27.49 -58.12
CA GLY E 271 30.07 28.66 -57.64
C GLY E 271 29.39 28.47 -56.29
N LEU E 272 29.12 27.22 -55.94
CA LEU E 272 28.46 26.90 -54.68
C LEU E 272 29.40 27.10 -53.51
N LEU E 273 30.69 27.17 -53.79
CA LEU E 273 31.68 27.35 -52.75
C LEU E 273 31.44 28.68 -52.05
N LEU E 274 30.82 29.61 -52.76
CA LEU E 274 30.51 30.92 -52.18
C LEU E 274 29.48 30.76 -51.07
N TYR E 275 28.39 30.06 -51.38
CA TYR E 275 27.32 29.83 -50.42
C TYR E 275 27.80 29.03 -49.24
N HIS E 276 28.62 28.03 -49.52
CA HIS E 276 29.13 27.22 -48.45
C HIS E 276 29.88 28.10 -47.43
N ALA E 277 30.64 29.09 -47.92
CA ALA E 277 31.39 29.96 -47.02
C ALA E 277 30.48 30.87 -46.23
N MET E 278 29.38 31.31 -46.84
CA MET E 278 28.43 32.18 -46.14
C MET E 278 27.72 31.37 -45.08
N ALA E 279 27.44 30.12 -45.42
CA ALA E 279 26.76 29.22 -44.49
C ALA E 279 27.65 29.12 -43.26
N LEU E 280 28.89 28.71 -43.48
CA LEU E 280 29.84 28.58 -42.37
C LEU E 280 29.87 29.81 -41.48
N LYS E 281 29.93 30.99 -42.08
CA LYS E 281 29.97 32.21 -41.31
C LYS E 281 28.67 32.45 -40.58
N LEU E 282 27.55 32.29 -41.28
CA LEU E 282 26.24 32.50 -40.68
C LEU E 282 26.00 31.51 -39.55
N HIS E 283 26.45 30.28 -39.76
CA HIS E 283 26.30 29.24 -38.76
C HIS E 283 27.10 29.60 -37.51
N HIS E 284 28.32 30.05 -37.72
CA HIS E 284 29.19 30.43 -36.62
C HIS E 284 28.60 31.61 -35.82
N ALA E 285 27.93 32.52 -36.54
CA ALA E 285 27.31 33.67 -35.91
C ALA E 285 26.22 33.19 -34.97
N ILE E 286 25.37 32.28 -35.46
CA ILE E 286 24.27 31.69 -34.68
C ILE E 286 24.86 31.04 -33.41
N GLU E 287 25.92 30.28 -33.65
CA GLU E 287 26.63 29.58 -32.60
C GLU E 287 27.06 30.52 -31.47
N LEU E 288 27.70 31.63 -31.83
CA LEU E 288 28.12 32.60 -30.83
C LEU E 288 26.90 33.18 -30.11
N LEU E 289 25.87 33.52 -30.89
CA LEU E 289 24.65 34.08 -30.34
C LEU E 289 24.05 33.17 -29.28
N GLU E 290 23.96 31.87 -29.60
CA GLU E 290 23.38 30.90 -28.64
C GLU E 290 24.31 30.50 -27.49
N THR E 291 25.55 30.20 -27.84
CA THR E 291 26.58 29.80 -26.87
C THR E 291 27.06 30.88 -25.91
N GLN E 292 27.25 32.09 -26.41
CA GLN E 292 27.75 33.17 -25.59
C GLN E 292 26.85 34.39 -25.45
N GLY E 293 26.26 34.84 -26.55
CA GLY E 293 25.38 35.99 -26.48
C GLY E 293 25.58 37.08 -27.55
N LEU E 294 24.71 38.08 -27.49
CA LEU E 294 24.74 39.19 -28.44
C LEU E 294 26.09 39.87 -28.57
N SER E 295 26.78 40.11 -27.46
CA SER E 295 28.08 40.77 -27.49
C SER E 295 29.12 39.99 -28.29
N ALA E 296 29.09 38.67 -28.16
CA ALA E 296 30.05 37.86 -28.91
C ALA E 296 29.70 37.94 -30.38
N LEU E 297 28.40 38.05 -30.67
CA LEU E 297 27.93 38.16 -32.05
C LEU E 297 28.40 39.48 -32.64
N ARG E 298 28.12 40.55 -31.91
CA ARG E 298 28.51 41.90 -32.29
C ARG E 298 29.98 41.92 -32.71
N ALA E 299 30.82 41.42 -31.82
CA ALA E 299 32.25 41.36 -32.08
C ALA E 299 32.55 40.63 -33.40
N TYR E 300 31.92 39.47 -33.60
CA TYR E 300 32.15 38.70 -34.83
C TYR E 300 31.63 39.45 -36.07
N ILE E 301 30.42 40.00 -36.00
CA ILE E 301 29.88 40.71 -37.14
C ILE E 301 30.83 41.83 -37.54
N LYS E 302 31.43 42.46 -36.53
CA LYS E 302 32.39 43.53 -36.76
C LYS E 302 33.62 42.96 -37.48
N LYS E 303 34.30 42.00 -36.86
CA LYS E 303 35.48 41.42 -37.47
C LYS E 303 35.15 40.91 -38.87
N LEU E 304 33.88 40.62 -39.08
CA LEU E 304 33.40 40.13 -40.36
C LEU E 304 33.25 41.30 -41.31
N TYR E 305 33.03 42.47 -40.74
CA TYR E 305 32.86 43.70 -41.51
C TYR E 305 34.22 44.21 -42.05
N GLU E 306 35.29 43.88 -41.34
CA GLU E 306 36.62 44.29 -41.75
C GLU E 306 37.01 43.45 -42.96
N GLU E 307 36.53 42.22 -42.97
CA GLU E 307 36.80 41.30 -44.08
C GLU E 307 36.09 41.78 -45.34
N ALA E 308 34.95 42.44 -45.15
CA ALA E 308 34.15 42.96 -46.26
C ALA E 308 34.82 44.20 -46.86
N LYS E 309 35.27 45.10 -45.98
CA LYS E 309 35.94 46.31 -46.40
C LYS E 309 37.26 46.00 -47.07
N ALA E 310 37.94 44.96 -46.63
CA ALA E 310 39.19 44.60 -47.25
C ALA E 310 38.87 44.25 -48.71
N GLY E 311 37.60 44.01 -48.99
CA GLY E 311 37.18 43.66 -50.34
C GLY E 311 37.69 42.29 -50.77
N SER E 312 38.22 41.53 -49.82
CA SER E 312 38.76 40.21 -50.08
C SER E 312 37.68 39.12 -50.12
N THR E 313 37.00 38.94 -48.99
CA THR E 313 35.96 37.93 -48.88
C THR E 313 34.68 38.33 -49.58
N LYS E 314 34.33 37.55 -50.59
CA LYS E 314 33.12 37.79 -51.35
C LYS E 314 31.97 37.41 -50.43
N ALA E 315 32.18 36.37 -49.62
CA ALA E 315 31.17 35.88 -48.69
C ALA E 315 30.74 36.97 -47.72
N SER E 316 31.71 37.55 -47.01
CA SER E 316 31.44 38.61 -46.03
C SER E 316 30.70 39.78 -46.68
N LYS E 317 31.11 40.13 -47.90
CA LYS E 317 30.48 41.22 -48.65
C LYS E 317 28.98 40.92 -48.80
N GLU E 318 28.68 39.79 -49.45
CA GLU E 318 27.32 39.36 -49.69
C GLU E 318 26.43 39.40 -48.45
N ILE E 319 26.99 38.94 -47.33
CA ILE E 319 26.27 38.91 -46.07
C ILE E 319 25.83 40.28 -45.57
N PHE E 320 26.65 41.30 -45.80
CA PHE E 320 26.30 42.65 -45.37
C PHE E 320 25.31 43.36 -46.27
N SER E 321 25.28 42.97 -47.55
CA SER E 321 24.37 43.59 -48.50
C SER E 321 22.93 43.09 -48.31
N ASP E 322 22.77 42.11 -47.44
CA ASP E 322 21.47 41.52 -47.12
C ASP E 322 20.73 42.45 -46.15
N LYS E 323 19.51 42.84 -46.50
CA LYS E 323 18.73 43.73 -45.65
C LYS E 323 18.57 43.14 -44.25
N ARG E 324 18.52 41.80 -44.18
CA ARG E 324 18.37 41.09 -42.92
C ARG E 324 19.53 41.36 -41.96
N MET E 325 20.75 41.22 -42.48
CA MET E 325 21.95 41.48 -41.69
C MET E 325 21.88 42.93 -41.20
N LYS E 326 21.38 43.81 -42.05
CA LYS E 326 21.25 45.21 -41.69
C LYS E 326 20.36 45.35 -40.44
N LYS E 327 19.10 44.91 -40.53
CA LYS E 327 18.19 45.00 -39.39
C LYS E 327 18.79 44.33 -38.15
N ALA E 328 19.56 43.27 -38.37
CA ALA E 328 20.18 42.55 -37.28
C ALA E 328 21.16 43.49 -36.58
N ILE E 329 22.00 44.15 -37.39
CA ILE E 329 22.99 45.07 -36.87
C ILE E 329 22.34 46.22 -36.07
N SER E 330 21.14 46.63 -36.48
CA SER E 330 20.47 47.72 -35.79
C SER E 330 19.93 47.24 -34.44
N LEU E 331 19.39 46.03 -34.42
CA LEU E 331 18.86 45.48 -33.19
C LEU E 331 20.03 45.22 -32.24
N LEU E 332 21.14 44.81 -32.83
CA LEU E 332 22.37 44.49 -32.10
C LEU E 332 22.89 45.70 -31.31
N VAL E 333 22.59 46.90 -31.81
CA VAL E 333 23.02 48.12 -31.13
C VAL E 333 21.96 48.45 -30.08
N GLN E 334 20.71 48.28 -30.49
CA GLN E 334 19.54 48.54 -29.65
C GLN E 334 19.64 47.68 -28.39
N ALA E 335 20.37 46.58 -28.52
CA ALA E 335 20.57 45.62 -27.43
C ALA E 335 21.57 46.17 -26.43
N LYS E 336 22.74 46.59 -26.93
CA LYS E 336 23.78 47.15 -26.07
C LYS E 336 23.18 48.34 -25.33
N GLU E 337 22.25 49.01 -25.99
CA GLU E 337 21.56 50.15 -25.42
C GLU E 337 20.89 49.78 -24.10
N ILE E 338 20.34 48.58 -24.00
CA ILE E 338 19.66 48.14 -22.77
C ILE E 338 20.47 47.10 -22.00
N GLY E 339 21.70 46.87 -22.45
CA GLY E 339 22.57 45.91 -21.78
C GLY E 339 22.14 44.45 -21.84
N LEU E 340 21.59 44.04 -22.98
CA LEU E 340 21.11 42.67 -23.18
C LEU E 340 22.12 41.80 -23.94
N ASP E 341 22.80 40.88 -23.24
CA ASP E 341 23.81 40.01 -23.85
C ASP E 341 23.29 38.58 -24.04
N HIS E 342 22.79 37.96 -22.97
CA HIS E 342 22.25 36.60 -23.07
C HIS E 342 21.20 36.31 -22.00
N PRO E 343 19.99 35.90 -22.44
CA PRO E 343 18.89 35.60 -21.52
C PRO E 343 19.29 34.68 -20.39
N LYS E 344 20.15 33.71 -20.69
CA LYS E 344 20.61 32.78 -19.66
C LYS E 344 21.43 33.46 -18.56
N MET E 345 22.31 34.38 -18.94
CA MET E 345 23.12 35.13 -17.98
C MET E 345 22.22 35.87 -17.00
N ASP E 346 21.13 36.43 -17.51
CA ASP E 346 20.21 37.16 -16.66
C ASP E 346 19.52 36.19 -15.72
N LYS E 347 19.05 35.07 -16.26
CA LYS E 347 18.38 34.10 -15.40
C LYS E 347 19.39 33.56 -14.39
N LEU E 348 20.60 33.29 -14.85
CA LEU E 348 21.64 32.76 -13.97
C LEU E 348 21.85 33.68 -12.78
N LYS E 349 22.07 34.97 -13.05
CA LYS E 349 22.27 35.95 -11.98
C LYS E 349 21.09 35.91 -11.03
N GLU E 350 19.89 35.93 -11.59
CA GLU E 350 18.68 35.91 -10.79
C GLU E 350 18.57 34.76 -9.80
N ILE E 351 18.81 33.53 -10.26
CA ILE E 351 18.72 32.41 -9.35
C ILE E 351 19.87 32.40 -8.36
N ILE E 352 21.08 32.72 -8.82
CA ILE E 352 22.23 32.77 -7.92
C ILE E 352 21.98 33.82 -6.84
N ARG E 353 21.29 34.89 -7.24
CA ARG E 353 20.94 35.98 -6.34
C ARG E 353 20.07 35.40 -5.22
N GLU E 354 18.84 35.02 -5.58
CA GLU E 354 17.91 34.50 -4.59
C GLU E 354 18.48 33.35 -3.74
N GLN E 355 19.56 32.73 -4.21
CA GLN E 355 20.18 31.64 -3.47
C GLN E 355 21.00 32.23 -2.31
N LEU E 356 21.98 33.05 -2.67
CA LEU E 356 22.85 33.71 -1.70
C LEU E 356 22.03 34.55 -0.74
N GLN E 357 20.80 34.87 -1.13
CA GLN E 357 19.93 35.66 -0.29
C GLN E 357 19.34 34.79 0.84
N ARG E 358 18.89 33.58 0.52
CA ARG E 358 18.32 32.69 1.53
C ARG E 358 19.43 32.06 2.35
N LYS E 359 20.65 32.17 1.86
CA LYS E 359 21.80 31.61 2.55
C LYS E 359 23.07 32.12 1.91
N GLN E 360 23.62 33.20 2.44
CA GLN E 360 24.84 33.78 1.86
C GLN E 360 26.02 32.85 2.05
N ASN E 361 25.78 31.80 2.83
CA ASN E 361 26.79 30.79 3.12
C ASN E 361 26.84 29.74 2.00
N SER E 362 25.92 29.87 1.05
CA SER E 362 25.79 28.96 -0.09
C SER E 362 27.03 28.66 -0.91
N LYS E 363 27.13 27.41 -1.29
CA LYS E 363 28.23 26.89 -2.11
C LYS E 363 27.48 26.41 -3.37
N ILE E 364 27.75 27.04 -4.51
CA ILE E 364 27.06 26.67 -5.72
C ILE E 364 28.02 26.42 -6.87
N ILE E 365 27.68 25.46 -7.75
CA ILE E 365 28.53 25.16 -8.88
C ILE E 365 27.75 25.41 -10.17
N VAL E 366 28.41 26.05 -11.13
CA VAL E 366 27.78 26.32 -12.40
C VAL E 366 28.56 25.56 -13.45
N PHE E 367 27.86 24.71 -14.20
CA PHE E 367 28.50 23.92 -15.24
C PHE E 367 28.20 24.50 -16.63
N THR E 368 29.13 24.31 -17.55
CA THR E 368 28.98 24.75 -18.93
C THR E 368 29.88 23.88 -19.81
N ASN E 369 29.48 23.64 -21.04
CA ASN E 369 30.26 22.80 -21.94
C ASN E 369 31.47 23.51 -22.52
N TYR E 370 31.42 24.84 -22.57
CA TYR E 370 32.51 25.60 -23.18
C TYR E 370 33.31 26.51 -22.26
N ARG E 371 34.63 26.51 -22.48
CA ARG E 371 35.53 27.32 -21.68
C ARG E 371 35.21 28.80 -21.85
N GLU E 372 34.91 29.21 -23.08
CA GLU E 372 34.58 30.60 -23.32
C GLU E 372 33.38 31.03 -22.49
N THR E 373 32.33 30.21 -22.52
CA THR E 373 31.14 30.52 -21.75
C THR E 373 31.48 30.55 -20.28
N ALA E 374 32.38 29.67 -19.86
CA ALA E 374 32.80 29.61 -18.46
C ALA E 374 33.42 30.95 -18.08
N LYS E 375 34.39 31.37 -18.88
CA LYS E 375 35.08 32.62 -18.67
C LYS E 375 34.08 33.79 -18.60
N LYS E 376 33.23 33.94 -19.60
CA LYS E 376 32.25 35.03 -19.61
C LYS E 376 31.37 35.01 -18.36
N ILE E 377 31.02 33.83 -17.87
CA ILE E 377 30.18 33.69 -16.68
C ILE E 377 30.89 34.19 -15.42
N VAL E 378 32.14 33.79 -15.24
CA VAL E 378 32.90 34.21 -14.06
C VAL E 378 32.92 35.72 -13.99
N ASN E 379 33.39 36.35 -15.06
CA ASN E 379 33.46 37.81 -15.14
C ASN E 379 32.12 38.46 -14.89
N GLU E 380 31.11 38.06 -15.64
CA GLU E 380 29.78 38.64 -15.51
C GLU E 380 29.26 38.53 -14.07
N LEU E 381 29.69 37.51 -13.35
CA LEU E 381 29.26 37.31 -11.97
C LEU E 381 30.07 38.16 -10.99
N VAL E 382 31.39 38.22 -11.20
CA VAL E 382 32.25 39.01 -10.34
C VAL E 382 31.96 40.50 -10.60
N LYS E 383 31.57 40.82 -11.83
CA LYS E 383 31.22 42.18 -12.22
C LYS E 383 29.99 42.58 -11.42
N ASP E 384 29.15 41.61 -11.10
CA ASP E 384 27.97 41.86 -10.30
C ASP E 384 28.59 41.72 -8.91
N GLY E 385 27.79 41.73 -7.85
CA GLY E 385 28.40 41.62 -6.52
C GLY E 385 28.57 40.19 -6.00
N ILE E 386 29.07 39.29 -6.85
CA ILE E 386 29.23 37.90 -6.47
C ILE E 386 30.65 37.36 -6.53
N LYS E 387 31.00 36.56 -5.53
CA LYS E 387 32.33 35.96 -5.46
C LYS E 387 32.37 34.67 -6.29
N ALA E 388 32.79 34.77 -7.55
CA ALA E 388 32.86 33.60 -8.41
C ALA E 388 34.28 33.31 -8.82
N LYS E 389 34.59 32.04 -9.03
CA LYS E 389 35.94 31.67 -9.42
C LYS E 389 35.90 30.53 -10.42
N ARG E 390 36.64 30.69 -11.51
CA ARG E 390 36.72 29.70 -12.58
C ARG E 390 37.55 28.48 -12.17
N PHE E 391 37.10 27.27 -12.49
CA PHE E 391 37.82 26.05 -12.14
C PHE E 391 38.14 25.21 -13.36
N VAL E 392 39.42 25.01 -13.61
CA VAL E 392 39.84 24.21 -14.75
C VAL E 392 39.64 22.73 -14.40
N GLN E 405 45.91 19.61 -12.73
CA GLN E 405 46.78 20.74 -12.40
C GLN E 405 47.34 20.69 -10.99
N ARG E 406 47.93 21.80 -10.56
CA ARG E 406 48.51 21.90 -9.23
C ARG E 406 47.63 22.77 -8.34
N GLU E 407 47.12 23.85 -8.93
CA GLU E 407 46.29 24.81 -8.22
C GLU E 407 44.80 24.44 -8.20
N GLN E 408 44.43 23.46 -9.02
CA GLN E 408 43.06 22.98 -9.05
C GLN E 408 42.68 22.60 -7.62
N LYS E 409 43.48 21.74 -7.00
CA LYS E 409 43.22 21.30 -5.64
C LYS E 409 43.16 22.49 -4.68
N LEU E 410 44.03 23.46 -4.92
CA LEU E 410 44.10 24.66 -4.08
C LEU E 410 42.78 25.43 -4.13
N ILE E 411 42.34 25.78 -5.33
CA ILE E 411 41.10 26.53 -5.53
C ILE E 411 39.90 25.74 -5.02
N LEU E 412 39.94 24.43 -5.21
CA LEU E 412 38.86 23.57 -4.78
C LEU E 412 38.76 23.64 -3.26
N ASP E 413 39.91 23.65 -2.58
CA ASP E 413 39.93 23.73 -1.12
C ASP E 413 39.34 25.05 -0.65
N GLU E 414 39.58 26.10 -1.40
CA GLU E 414 39.06 27.42 -1.08
C GLU E 414 37.54 27.37 -1.13
N PHE E 415 37.02 26.73 -2.17
CA PHE E 415 35.59 26.58 -2.36
C PHE E 415 35.01 25.91 -1.14
N ALA E 416 35.68 24.85 -0.71
CA ALA E 416 35.26 24.07 0.45
C ALA E 416 35.20 24.90 1.72
N ARG E 417 36.28 25.65 1.98
CA ARG E 417 36.36 26.47 3.19
C ARG E 417 35.33 27.59 3.21
N GLY E 418 34.97 28.09 2.04
CA GLY E 418 34.00 29.16 1.98
C GLY E 418 34.57 30.42 1.35
N GLU E 419 35.75 30.30 0.76
CA GLU E 419 36.43 31.43 0.10
C GLU E 419 35.42 32.16 -0.80
N PHE E 420 35.10 31.56 -1.95
CA PHE E 420 34.12 32.14 -2.84
C PHE E 420 32.83 31.34 -2.79
N ASN E 421 31.74 31.90 -3.31
CA ASN E 421 30.46 31.21 -3.28
C ASN E 421 30.15 30.39 -4.53
N VAL E 422 30.70 30.80 -5.68
CA VAL E 422 30.41 30.13 -6.94
C VAL E 422 31.61 29.55 -7.66
N LEU E 423 31.52 28.27 -7.99
CA LEU E 423 32.57 27.61 -8.74
C LEU E 423 32.00 27.45 -10.15
N VAL E 424 32.67 28.03 -11.14
CA VAL E 424 32.20 27.93 -12.51
C VAL E 424 33.20 27.04 -13.22
N ALA E 425 32.74 25.90 -13.71
CA ALA E 425 33.64 24.97 -14.38
C ALA E 425 33.06 24.24 -15.60
N THR E 426 33.97 23.64 -16.36
CA THR E 426 33.59 22.89 -17.53
C THR E 426 33.57 21.43 -17.07
N SER E 427 33.29 20.51 -17.99
CA SER E 427 33.21 19.07 -17.66
C SER E 427 34.28 18.60 -16.66
N VAL E 428 35.50 19.10 -16.86
CA VAL E 428 36.62 18.74 -16.00
C VAL E 428 36.45 19.06 -14.51
N GLY E 429 35.55 19.99 -14.20
CA GLY E 429 35.36 20.35 -12.80
C GLY E 429 34.28 19.55 -12.08
N GLU E 430 34.05 18.32 -12.53
CA GLU E 430 33.03 17.50 -11.88
C GLU E 430 33.48 17.00 -10.51
N GLU E 431 34.76 17.17 -10.22
CA GLU E 431 35.29 16.72 -8.94
C GLU E 431 34.87 17.68 -7.84
N GLY E 432 34.26 18.79 -8.25
CA GLY E 432 33.81 19.77 -7.30
C GLY E 432 32.56 19.28 -6.60
N LEU E 433 31.95 18.23 -7.16
CA LEU E 433 30.72 17.66 -6.61
C LEU E 433 31.03 16.86 -5.34
N ASP E 434 32.31 16.53 -5.17
CA ASP E 434 32.78 15.77 -4.01
C ASP E 434 33.07 16.66 -2.81
N VAL E 435 32.78 17.94 -2.96
CA VAL E 435 32.96 18.90 -1.89
C VAL E 435 31.71 18.85 -1.01
N PRO E 436 31.88 18.76 0.31
CA PRO E 436 30.73 18.69 1.22
C PRO E 436 29.76 19.84 1.14
N GLU E 437 28.53 19.54 1.51
CA GLU E 437 27.45 20.52 1.53
C GLU E 437 27.42 21.52 0.38
N VAL E 438 27.38 21.03 -0.87
CA VAL E 438 27.28 21.95 -2.02
C VAL E 438 25.76 22.14 -2.24
N ASP E 439 25.28 23.34 -1.92
CA ASP E 439 23.87 23.70 -1.98
C ASP E 439 23.13 23.57 -3.30
N LEU E 440 23.76 24.00 -4.38
CA LEU E 440 23.10 23.94 -5.66
C LEU E 440 24.02 24.03 -6.87
N VAL E 441 23.70 23.26 -7.91
CA VAL E 441 24.48 23.34 -9.13
C VAL E 441 23.48 23.74 -10.18
N VAL E 442 23.93 24.56 -11.13
CA VAL E 442 23.06 24.99 -12.21
C VAL E 442 23.84 24.85 -13.49
N PHE E 443 23.23 24.12 -14.41
CA PHE E 443 23.83 23.87 -15.72
C PHE E 443 23.48 25.01 -16.68
N TYR E 444 24.47 25.73 -17.16
CA TYR E 444 24.21 26.81 -18.09
C TYR E 444 23.54 26.20 -19.32
N GLU E 445 23.96 24.99 -19.66
CA GLU E 445 23.41 24.20 -20.76
C GLU E 445 23.54 22.80 -20.23
N PRO E 446 22.88 21.83 -20.86
CA PRO E 446 23.05 20.47 -20.32
C PRO E 446 24.47 20.00 -20.64
N VAL E 447 25.21 19.55 -19.63
CA VAL E 447 26.58 19.06 -19.82
C VAL E 447 26.60 17.55 -19.53
N PRO E 448 26.38 16.73 -20.56
CA PRO E 448 26.37 15.27 -20.47
C PRO E 448 27.23 14.64 -19.37
N SER E 449 28.54 14.81 -19.44
CA SER E 449 29.41 14.20 -18.44
C SER E 449 29.00 14.46 -17.00
N ALA E 450 28.75 15.72 -16.68
CA ALA E 450 28.37 16.10 -15.32
C ALA E 450 26.99 15.58 -14.93
N ILE E 451 26.02 15.67 -15.84
CA ILE E 451 24.67 15.18 -15.55
C ILE E 451 24.79 13.70 -15.24
N ARG E 452 25.66 13.04 -15.99
CA ARG E 452 25.90 11.63 -15.81
C ARG E 452 26.47 11.42 -14.41
N SER E 453 27.47 12.23 -14.05
CA SER E 453 28.09 12.12 -12.75
C SER E 453 27.00 12.12 -11.67
N ILE E 454 26.22 13.19 -11.64
CA ILE E 454 25.14 13.32 -10.65
C ILE E 454 24.25 12.08 -10.64
N GLN E 455 23.88 11.61 -11.82
CA GLN E 455 23.04 10.42 -11.98
C GLN E 455 23.69 9.22 -11.26
N ARG E 456 25.00 9.07 -11.46
CA ARG E 456 25.75 8.01 -10.82
C ARG E 456 25.80 8.19 -9.30
N ARG E 457 26.17 9.38 -8.81
CA ARG E 457 26.27 9.58 -7.35
C ARG E 457 24.99 9.15 -6.66
N GLY E 458 23.87 9.24 -7.37
CA GLY E 458 22.60 8.83 -6.80
C GLY E 458 22.58 7.33 -6.49
N ARG E 459 23.50 6.62 -7.11
CA ARG E 459 23.59 5.19 -6.88
C ARG E 459 24.50 4.92 -5.71
N THR E 460 25.48 5.79 -5.53
CA THR E 460 26.42 5.65 -4.43
C THR E 460 25.89 6.50 -3.27
N GLY E 461 26.74 6.72 -2.29
CA GLY E 461 26.35 7.54 -1.15
C GLY E 461 27.28 8.75 -1.09
N ARG E 462 27.87 9.07 -2.23
CA ARG E 462 28.78 10.21 -2.30
C ARG E 462 28.00 11.51 -2.22
N HIS E 463 28.71 12.60 -1.96
CA HIS E 463 28.10 13.91 -1.87
C HIS E 463 27.29 14.23 -3.12
N MET E 464 26.09 14.75 -2.87
CA MET E 464 25.13 15.13 -3.88
C MET E 464 24.69 16.57 -3.63
N PRO E 465 24.50 17.36 -4.69
CA PRO E 465 24.09 18.76 -4.54
C PRO E 465 22.70 18.79 -3.90
N GLY E 466 22.40 19.88 -3.20
CA GLY E 466 21.10 20.02 -2.57
C GLY E 466 20.00 20.06 -3.61
N ARG E 467 20.25 20.77 -4.71
CA ARG E 467 19.28 20.85 -5.80
C ARG E 467 20.08 21.20 -7.05
N VAL E 468 19.54 20.86 -8.22
CA VAL E 468 20.24 21.17 -9.46
C VAL E 468 19.27 21.72 -10.49
N ILE E 469 19.71 22.73 -11.22
CA ILE E 469 18.88 23.34 -12.24
C ILE E 469 19.56 23.23 -13.59
N ILE E 470 18.77 22.99 -14.63
CA ILE E 470 19.29 22.91 -15.98
C ILE E 470 18.62 24.07 -16.70
N LEU E 471 19.41 24.97 -17.28
CA LEU E 471 18.82 26.09 -18.02
C LEU E 471 18.70 25.71 -19.48
N MET E 472 17.53 25.94 -20.07
CA MET E 472 17.35 25.64 -21.49
C MET E 472 16.59 26.77 -22.18
N ALA E 473 17.21 27.32 -23.23
CA ALA E 473 16.64 28.43 -23.97
C ALA E 473 15.51 28.05 -24.90
N LYS E 474 14.31 28.53 -24.57
CA LYS E 474 13.06 28.29 -25.31
C LYS E 474 13.32 28.24 -26.83
N GLY E 475 12.96 27.14 -27.47
CA GLY E 475 13.16 26.98 -28.91
C GLY E 475 14.53 26.53 -29.42
N THR E 476 15.58 26.66 -28.61
CA THR E 476 16.89 26.23 -29.09
C THR E 476 17.05 24.73 -28.92
N ARG E 477 18.23 24.23 -29.26
CA ARG E 477 18.55 22.82 -29.16
C ARG E 477 18.57 22.41 -27.70
N ASP E 478 18.75 23.37 -26.81
CA ASP E 478 18.75 23.06 -25.40
C ASP E 478 17.53 22.19 -25.17
N GLU E 479 16.38 22.63 -25.68
CA GLU E 479 15.13 21.87 -25.52
C GLU E 479 15.14 20.56 -26.29
N ALA E 480 15.50 20.62 -27.57
CA ALA E 480 15.55 19.42 -28.40
C ALA E 480 16.32 18.35 -27.65
N TYR E 481 17.38 18.76 -26.96
CA TYR E 481 18.21 17.84 -26.20
C TYR E 481 17.36 17.14 -25.12
N TYR E 482 16.72 17.92 -24.27
CA TYR E 482 15.89 17.37 -23.23
C TYR E 482 15.03 16.21 -23.75
N TRP E 483 14.51 16.36 -24.97
CA TRP E 483 13.65 15.36 -25.57
C TRP E 483 14.37 14.14 -26.16
N SER E 484 15.46 14.39 -26.90
CA SER E 484 16.20 13.30 -27.53
C SER E 484 16.89 12.43 -26.49
N SER E 485 17.01 12.93 -25.27
CA SER E 485 17.66 12.18 -24.21
C SER E 485 16.67 11.80 -23.10
N ARG E 486 15.43 12.30 -23.19
CA ARG E 486 14.41 11.95 -22.20
C ARG E 486 14.01 10.50 -22.54
N GLN E 487 14.78 9.92 -23.47
CA GLN E 487 14.61 8.56 -23.95
C GLN E 487 15.80 7.68 -23.47
N MET F 1 -16.07 9.03 36.53
CA MET F 1 -16.82 9.21 35.25
C MET F 1 -18.27 8.72 35.40
N VAL F 2 -19.19 9.36 34.67
CA VAL F 2 -20.60 8.98 34.74
C VAL F 2 -20.94 7.84 33.78
N LEU F 3 -20.37 7.85 32.58
CA LEU F 3 -20.61 6.77 31.63
C LEU F 3 -19.38 5.88 31.60
N ARG F 4 -19.58 4.58 31.80
CA ARG F 4 -18.48 3.65 31.79
C ARG F 4 -17.84 3.41 30.43
N ARG F 5 -17.28 4.48 29.87
CA ARG F 5 -16.64 4.36 28.58
C ARG F 5 -15.64 3.20 28.59
N ASP F 6 -14.91 3.07 29.69
CA ASP F 6 -13.89 2.03 29.83
C ASP F 6 -14.45 0.64 29.53
N LEU F 7 -15.68 0.42 29.98
CA LEU F 7 -16.37 -0.84 29.80
C LEU F 7 -16.91 -1.12 28.38
N ILE F 8 -17.06 -0.08 27.57
CA ILE F 8 -17.61 -0.25 26.24
C ILE F 8 -16.61 -0.02 25.13
N GLN F 9 -15.45 0.54 25.46
CA GLN F 9 -14.42 0.77 24.46
C GLN F 9 -14.87 1.41 23.15
N PRO F 10 -15.56 2.56 23.21
CA PRO F 10 -16.03 3.22 21.97
C PRO F 10 -15.05 3.18 20.81
N ARG F 11 -15.57 2.85 19.63
CA ARG F 11 -14.78 2.77 18.41
C ARG F 11 -14.66 4.12 17.73
N ILE F 12 -13.71 4.24 16.82
CA ILE F 12 -13.51 5.52 16.15
C ILE F 12 -14.80 6.14 15.64
N TYR F 13 -15.50 5.45 14.72
CA TYR F 13 -16.72 5.98 14.15
C TYR F 13 -17.72 6.36 15.22
N GLN F 14 -17.78 5.58 16.29
CA GLN F 14 -18.72 5.93 17.36
C GLN F 14 -18.34 7.25 18.00
N GLU F 15 -17.03 7.47 18.14
CA GLU F 15 -16.50 8.67 18.76
C GLU F 15 -16.77 9.88 17.88
N VAL F 16 -16.37 9.78 16.61
CA VAL F 16 -16.56 10.83 15.63
C VAL F 16 -18.03 11.26 15.57
N ILE F 17 -18.93 10.30 15.40
CA ILE F 17 -20.34 10.64 15.31
C ILE F 17 -20.79 11.34 16.58
N TYR F 18 -20.51 10.75 17.72
CA TYR F 18 -20.88 11.37 18.98
C TYR F 18 -20.51 12.86 18.97
N ALA F 19 -19.28 13.13 18.52
CA ALA F 19 -18.77 14.49 18.46
C ALA F 19 -19.61 15.45 17.58
N LYS F 20 -19.98 15.02 16.38
CA LYS F 20 -20.73 15.88 15.48
C LYS F 20 -22.18 16.12 15.88
N CYS F 21 -22.86 15.05 16.27
CA CYS F 21 -24.28 15.13 16.63
C CYS F 21 -24.49 15.61 18.05
N LYS F 22 -23.39 16.00 18.68
CA LYS F 22 -23.40 16.44 20.06
C LYS F 22 -24.25 17.69 20.31
N GLU F 23 -24.31 18.57 19.30
CA GLU F 23 -25.03 19.83 19.45
C GLU F 23 -25.92 20.18 18.24
N THR F 24 -26.44 19.17 17.56
CA THR F 24 -27.27 19.40 16.40
C THR F 24 -28.33 18.33 16.33
N ASN F 25 -29.52 18.70 15.86
CA ASN F 25 -30.57 17.70 15.72
C ASN F 25 -30.15 16.78 14.59
N CYS F 26 -29.89 15.53 14.96
CA CYS F 26 -29.44 14.58 13.96
C CYS F 26 -30.16 13.26 13.88
N LEU F 27 -29.86 12.61 12.77
CA LEU F 27 -30.38 11.31 12.45
C LEU F 27 -29.10 10.49 12.27
N ILE F 28 -28.98 9.42 13.03
CA ILE F 28 -27.79 8.56 12.94
C ILE F 28 -28.23 7.29 12.23
N VAL F 29 -27.71 7.08 11.04
CA VAL F 29 -28.09 5.92 10.25
C VAL F 29 -26.97 4.89 10.13
N LEU F 30 -27.14 3.76 10.81
CA LEU F 30 -26.13 2.71 10.79
C LEU F 30 -26.75 1.33 10.80
N PRO F 31 -26.10 0.38 10.11
CA PRO F 31 -26.60 -0.99 10.06
C PRO F 31 -26.63 -1.52 11.48
N THR F 32 -27.66 -2.28 11.84
CA THR F 32 -27.77 -2.85 13.19
C THR F 32 -26.49 -3.54 13.67
N GLY F 33 -26.14 -3.31 14.93
CA GLY F 33 -24.95 -3.91 15.49
C GLY F 33 -23.74 -2.99 15.57
N LEU F 34 -23.83 -1.77 15.04
CA LEU F 34 -22.71 -0.85 15.10
C LEU F 34 -22.75 0.13 16.28
N GLY F 35 -23.70 -0.06 17.18
CA GLY F 35 -23.73 0.78 18.37
C GLY F 35 -24.56 2.04 18.50
N LYS F 36 -25.54 2.25 17.63
CA LYS F 36 -26.37 3.45 17.73
C LYS F 36 -26.74 3.77 19.16
N THR F 37 -27.23 2.79 19.91
CA THR F 37 -27.62 3.10 21.27
C THR F 37 -26.44 3.56 22.11
N LEU F 38 -25.28 2.95 21.88
CA LEU F 38 -24.06 3.32 22.60
C LEU F 38 -23.70 4.77 22.29
N ILE F 39 -23.71 5.12 21.00
CA ILE F 39 -23.41 6.48 20.62
C ILE F 39 -24.42 7.40 21.30
N ALA F 40 -25.65 6.91 21.43
CA ALA F 40 -26.69 7.70 22.06
C ALA F 40 -26.29 7.98 23.49
N MET F 41 -25.88 6.94 24.23
CA MET F 41 -25.51 7.12 25.63
C MET F 41 -24.33 8.06 25.80
N MET F 42 -23.40 7.99 24.85
CA MET F 42 -22.24 8.87 24.88
C MET F 42 -22.75 10.31 24.82
N ILE F 43 -23.65 10.57 23.88
CA ILE F 43 -24.24 11.90 23.71
C ILE F 43 -25.03 12.23 24.97
N ALA F 44 -25.74 11.24 25.48
CA ALA F 44 -26.53 11.43 26.68
C ALA F 44 -25.65 11.93 27.83
N GLU F 45 -24.45 11.39 27.93
CA GLU F 45 -23.55 11.81 28.99
C GLU F 45 -23.13 13.27 28.83
N TYR F 46 -22.75 13.64 27.62
CA TYR F 46 -22.34 15.01 27.32
C TYR F 46 -23.43 16.01 27.69
N ARG F 47 -24.68 15.66 27.42
CA ARG F 47 -25.78 16.55 27.73
C ARG F 47 -26.02 16.63 29.23
N LEU F 48 -26.06 15.49 29.90
CA LEU F 48 -26.29 15.49 31.34
C LEU F 48 -25.26 16.27 32.13
N THR F 49 -24.01 16.30 31.64
CA THR F 49 -22.95 17.01 32.35
C THR F 49 -22.84 18.49 32.00
N LYS F 50 -23.23 18.86 30.78
CA LYS F 50 -23.13 20.26 30.36
C LYS F 50 -24.42 21.04 30.59
N TYR F 51 -25.56 20.43 30.31
CA TYR F 51 -26.83 21.12 30.49
C TYR F 51 -27.61 20.59 31.68
N GLY F 52 -28.94 20.74 31.58
CA GLY F 52 -29.85 20.31 32.63
C GLY F 52 -29.64 18.89 33.11
N GLY F 53 -30.74 18.25 33.51
CA GLY F 53 -30.63 16.89 34.02
C GLY F 53 -31.76 15.96 33.68
N LYS F 54 -32.04 15.77 32.40
CA LYS F 54 -33.09 14.85 32.00
C LYS F 54 -32.86 14.36 30.57
N VAL F 55 -32.70 13.05 30.42
CA VAL F 55 -32.49 12.43 29.11
C VAL F 55 -33.65 11.45 28.90
N LEU F 56 -34.25 11.52 27.72
CA LEU F 56 -35.37 10.64 27.43
C LEU F 56 -35.18 9.84 26.16
N MET F 57 -35.27 8.52 26.29
CA MET F 57 -35.15 7.65 25.13
C MET F 57 -36.48 6.92 24.91
N LEU F 58 -37.01 7.03 23.70
CA LEU F 58 -38.27 6.39 23.36
C LEU F 58 -37.99 5.17 22.49
N ALA F 59 -38.81 4.14 22.65
CA ALA F 59 -38.69 2.93 21.87
C ALA F 59 -40.08 2.42 21.52
N PRO F 60 -40.23 1.79 20.34
CA PRO F 60 -41.50 1.22 19.84
C PRO F 60 -42.19 0.21 20.76
N THR F 61 -41.50 -0.87 21.10
CA THR F 61 -42.07 -1.92 21.95
C THR F 61 -41.72 -1.83 23.43
N LYS F 62 -42.40 -2.65 24.24
CA LYS F 62 -42.16 -2.68 25.68
C LYS F 62 -40.84 -3.41 25.96
N PRO F 63 -40.64 -4.59 25.34
CA PRO F 63 -39.38 -5.29 25.58
C PRO F 63 -38.17 -4.40 25.29
N LEU F 64 -38.26 -3.61 24.21
CA LEU F 64 -37.16 -2.73 23.84
C LEU F 64 -36.93 -1.68 24.90
N VAL F 65 -38.00 -1.19 25.49
CA VAL F 65 -37.84 -0.17 26.51
C VAL F 65 -37.10 -0.75 27.69
N LEU F 66 -37.52 -1.92 28.14
CA LEU F 66 -36.87 -2.59 29.25
C LEU F 66 -35.40 -2.85 28.93
N GLN F 67 -35.16 -3.38 27.75
CA GLN F 67 -33.81 -3.68 27.32
C GLN F 67 -32.91 -2.47 27.42
N HIS F 68 -33.31 -1.37 26.80
CA HIS F 68 -32.50 -0.15 26.83
C HIS F 68 -32.32 0.33 28.27
N ALA F 69 -33.41 0.30 29.03
CA ALA F 69 -33.37 0.73 30.41
C ALA F 69 -32.26 -0.02 31.16
N GLU F 70 -32.15 -1.33 30.92
CA GLU F 70 -31.13 -2.13 31.58
C GLU F 70 -29.73 -1.72 31.16
N SER F 71 -29.51 -1.63 29.84
CA SER F 71 -28.22 -1.24 29.35
C SER F 71 -27.77 0.08 29.97
N PHE F 72 -28.69 1.02 30.11
CA PHE F 72 -28.33 2.30 30.71
C PHE F 72 -27.87 2.07 32.14
N ARG F 73 -28.64 1.28 32.88
CA ARG F 73 -28.28 0.98 34.26
C ARG F 73 -26.91 0.32 34.33
N ARG F 74 -26.60 -0.52 33.35
CA ARG F 74 -25.31 -1.21 33.33
C ARG F 74 -24.12 -0.31 32.99
N LEU F 75 -24.28 0.59 32.04
CA LEU F 75 -23.18 1.47 31.63
C LEU F 75 -23.13 2.84 32.30
N PHE F 76 -24.19 3.22 33.01
CA PHE F 76 -24.19 4.52 33.67
C PHE F 76 -23.93 4.42 35.16
N ASN F 77 -23.01 5.25 35.63
CA ASN F 77 -22.64 5.30 37.03
C ASN F 77 -23.53 6.31 37.74
N LEU F 78 -24.82 6.01 37.80
CA LEU F 78 -25.78 6.88 38.45
C LEU F 78 -26.64 6.01 39.35
N PRO F 79 -27.19 6.59 40.42
CA PRO F 79 -28.04 5.82 41.33
C PRO F 79 -29.07 5.06 40.49
N PRO F 80 -29.17 3.75 40.69
CA PRO F 80 -30.11 2.87 39.96
C PRO F 80 -31.56 3.36 39.84
N GLU F 81 -32.03 4.09 40.85
CA GLU F 81 -33.41 4.57 40.82
C GLU F 81 -33.59 5.83 39.96
N LYS F 82 -32.49 6.40 39.49
CA LYS F 82 -32.53 7.59 38.64
C LYS F 82 -32.56 7.23 37.14
N ILE F 83 -32.60 5.93 36.88
CA ILE F 83 -32.70 5.39 35.53
C ILE F 83 -34.05 4.70 35.56
N VAL F 84 -35.07 5.38 35.04
CA VAL F 84 -36.41 4.82 35.06
C VAL F 84 -36.97 4.34 33.73
N ALA F 85 -37.78 3.28 33.81
CA ALA F 85 -38.43 2.71 32.63
C ALA F 85 -39.94 2.88 32.75
N LEU F 86 -40.51 3.70 31.87
CA LEU F 86 -41.96 3.96 31.88
C LEU F 86 -42.66 3.19 30.76
N THR F 87 -43.06 1.97 31.05
CA THR F 87 -43.75 1.15 30.07
C THR F 87 -45.23 1.54 30.07
N GLY F 88 -45.64 2.25 31.11
CA GLY F 88 -47.03 2.68 31.23
C GLY F 88 -47.85 1.67 32.02
N GLU F 89 -47.19 0.93 32.90
CA GLU F 89 -47.85 -0.07 33.72
C GLU F 89 -47.86 0.33 35.19
N LYS F 90 -47.14 1.40 35.52
CA LYS F 90 -47.07 1.91 36.89
C LYS F 90 -48.29 2.79 37.15
N SER F 91 -48.55 3.07 38.42
CA SER F 91 -49.69 3.91 38.76
C SER F 91 -49.43 5.29 38.17
N PRO F 92 -50.45 5.91 37.57
CA PRO F 92 -50.32 7.24 36.96
C PRO F 92 -49.54 8.22 37.84
N GLU F 93 -49.56 7.96 39.15
CA GLU F 93 -48.86 8.81 40.11
C GLU F 93 -47.39 8.46 40.15
N GLU F 94 -47.08 7.18 40.38
CA GLU F 94 -45.69 6.73 40.44
C GLU F 94 -44.92 7.15 39.20
N ARG F 95 -45.56 7.06 38.02
CA ARG F 95 -44.91 7.46 36.79
C ARG F 95 -44.43 8.90 36.90
N SER F 96 -45.28 9.76 37.44
CA SER F 96 -44.93 11.17 37.62
C SER F 96 -43.90 11.28 38.72
N LYS F 97 -43.94 10.32 39.66
CA LYS F 97 -43.01 10.28 40.79
C LYS F 97 -41.64 9.85 40.26
N ALA F 98 -41.64 8.86 39.36
CA ALA F 98 -40.40 8.36 38.77
C ALA F 98 -39.82 9.43 37.87
N TRP F 99 -40.63 9.92 36.93
CA TRP F 99 -40.21 10.96 36.01
C TRP F 99 -39.63 12.12 36.81
N ALA F 100 -40.16 12.33 38.00
CA ALA F 100 -39.71 13.41 38.87
C ALA F 100 -38.24 13.26 39.26
N ARG F 101 -37.89 12.14 39.87
CA ARG F 101 -36.51 11.90 40.32
C ARG F 101 -35.57 11.36 39.24
N ALA F 102 -36.13 10.83 38.14
CA ALA F 102 -35.33 10.27 37.06
C ALA F 102 -34.37 11.28 36.41
N LYS F 103 -33.17 10.82 36.08
CA LYS F 103 -32.17 11.66 35.44
C LYS F 103 -32.04 11.15 34.00
N VAL F 104 -32.55 9.94 33.80
CA VAL F 104 -32.57 9.28 32.50
C VAL F 104 -33.85 8.47 32.49
N ILE F 105 -34.61 8.57 31.41
CA ILE F 105 -35.87 7.85 31.33
C ILE F 105 -36.10 7.22 29.97
N VAL F 106 -36.37 5.92 29.98
CA VAL F 106 -36.64 5.15 28.77
C VAL F 106 -38.12 4.76 28.79
N ALA F 107 -38.84 5.09 27.72
CA ALA F 107 -40.25 4.74 27.68
C ALA F 107 -40.79 4.59 26.26
N THR F 108 -42.03 4.09 26.18
CA THR F 108 -42.70 3.92 24.90
C THR F 108 -43.31 5.29 24.59
N PRO F 109 -43.39 5.64 23.30
CA PRO F 109 -43.97 6.94 22.95
C PRO F 109 -45.42 7.03 23.39
N GLN F 110 -46.13 5.90 23.27
CA GLN F 110 -47.53 5.82 23.65
C GLN F 110 -47.74 6.51 25.00
N THR F 111 -47.24 5.88 26.06
CA THR F 111 -47.39 6.41 27.40
C THR F 111 -46.91 7.86 27.56
N ILE F 112 -45.72 8.19 27.05
CA ILE F 112 -45.20 9.54 27.18
C ILE F 112 -46.16 10.58 26.60
N GLU F 113 -46.93 10.18 25.59
CA GLU F 113 -47.90 11.07 24.95
C GLU F 113 -49.04 11.37 25.91
N ASN F 114 -49.64 10.32 26.48
CA ASN F 114 -50.74 10.45 27.43
C ASN F 114 -50.40 11.42 28.54
N ASP F 115 -49.41 11.05 29.34
CA ASP F 115 -48.98 11.88 30.47
C ASP F 115 -48.53 13.26 30.02
N LEU F 116 -48.28 13.42 28.73
CA LEU F 116 -47.85 14.71 28.20
C LEU F 116 -49.08 15.59 27.95
N LEU F 117 -50.16 14.98 27.49
CA LEU F 117 -51.41 15.67 27.25
C LEU F 117 -52.06 15.99 28.59
N ALA F 118 -52.22 14.95 29.41
CA ALA F 118 -52.82 15.08 30.73
C ALA F 118 -52.12 16.14 31.58
N GLY F 119 -50.91 16.54 31.18
CA GLY F 119 -50.17 17.54 31.93
C GLY F 119 -49.44 17.01 33.16
N ARG F 120 -49.23 15.70 33.23
CA ARG F 120 -48.54 15.07 34.37
C ARG F 120 -47.02 15.23 34.29
N ILE F 121 -46.50 15.34 33.07
CA ILE F 121 -45.06 15.50 32.86
C ILE F 121 -44.75 16.57 31.83
N SER F 122 -43.62 17.24 32.01
CA SER F 122 -43.22 18.30 31.10
C SER F 122 -41.78 18.10 30.64
N LEU F 123 -41.58 18.08 29.32
CA LEU F 123 -40.27 17.87 28.75
C LEU F 123 -39.55 19.20 28.48
N GLU F 124 -39.38 19.99 29.53
CA GLU F 124 -38.70 21.28 29.39
C GLU F 124 -37.28 21.19 29.94
N ASP F 125 -37.08 20.22 30.82
CA ASP F 125 -35.77 20.00 31.42
C ASP F 125 -35.04 18.84 30.73
N VAL F 126 -35.65 18.32 29.67
CA VAL F 126 -35.09 17.21 28.90
C VAL F 126 -34.04 17.76 27.94
N SER F 127 -32.77 17.58 28.30
CA SER F 127 -31.67 18.06 27.48
C SER F 127 -31.40 17.20 26.25
N LEU F 128 -32.16 16.12 26.11
CA LEU F 128 -31.99 15.22 24.97
C LEU F 128 -33.08 14.18 24.87
N ILE F 129 -33.59 14.03 23.65
CA ILE F 129 -34.59 13.02 23.38
C ILE F 129 -34.00 12.16 22.29
N VAL F 130 -34.04 10.85 22.50
CA VAL F 130 -33.53 9.91 21.51
C VAL F 130 -34.68 9.07 21.03
N PHE F 131 -34.93 9.10 19.72
CA PHE F 131 -36.00 8.32 19.13
C PHE F 131 -35.38 7.09 18.50
N ASP F 132 -35.68 5.94 19.08
CA ASP F 132 -35.15 4.69 18.54
C ASP F 132 -36.11 4.35 17.40
N GLU F 133 -35.56 3.89 16.29
CA GLU F 133 -36.37 3.55 15.12
C GLU F 133 -37.09 4.81 14.67
N ALA F 134 -36.36 5.91 14.63
CA ALA F 134 -36.88 7.22 14.23
C ALA F 134 -37.66 7.26 12.90
N HIS F 135 -37.43 6.28 12.03
CA HIS F 135 -38.11 6.22 10.74
C HIS F 135 -39.63 6.07 10.90
N ARG F 136 -40.08 5.59 12.06
CA ARG F 136 -41.51 5.44 12.26
C ARG F 136 -42.15 6.69 12.85
N ALA F 137 -41.46 7.82 12.68
CA ALA F 137 -41.94 9.12 13.15
C ALA F 137 -42.63 9.78 11.95
N VAL F 138 -43.58 9.05 11.38
CA VAL F 138 -44.34 9.55 10.23
C VAL F 138 -45.82 9.47 10.54
N GLY F 139 -46.61 10.19 9.75
CA GLY F 139 -48.04 10.21 9.93
C GLY F 139 -48.57 10.50 11.30
N ASN F 140 -49.26 9.50 11.83
CA ASN F 140 -49.92 9.57 13.14
C ASN F 140 -49.08 9.28 14.40
N TYR F 141 -48.13 8.35 14.29
CA TYR F 141 -47.28 7.92 15.40
C TYR F 141 -46.99 8.94 16.49
N ALA F 142 -47.07 8.50 17.74
CA ALA F 142 -46.83 9.37 18.90
C ALA F 142 -45.51 10.16 18.84
N TYR F 143 -44.54 9.62 18.12
CA TYR F 143 -43.26 10.31 18.00
C TYR F 143 -43.46 11.74 17.51
N VAL F 144 -44.13 11.88 16.37
CA VAL F 144 -44.36 13.18 15.76
C VAL F 144 -44.98 14.19 16.73
N PHE F 145 -45.96 13.76 17.52
CA PHE F 145 -46.54 14.67 18.50
C PHE F 145 -45.49 15.08 19.54
N ILE F 146 -44.88 14.07 20.17
CA ILE F 146 -43.87 14.31 21.19
C ILE F 146 -42.81 15.26 20.67
N ALA F 147 -42.37 15.00 19.44
CA ALA F 147 -41.35 15.82 18.77
C ALA F 147 -41.74 17.29 18.79
N ARG F 148 -42.98 17.55 18.40
CA ARG F 148 -43.53 18.91 18.34
C ARG F 148 -43.53 19.55 19.74
N GLU F 149 -44.07 18.85 20.73
CA GLU F 149 -44.12 19.37 22.07
C GLU F 149 -42.73 19.77 22.52
N TYR F 150 -41.82 18.80 22.50
CA TYR F 150 -40.44 19.02 22.89
C TYR F 150 -39.91 20.28 22.20
N LYS F 151 -40.01 20.29 20.88
CA LYS F 151 -39.52 21.39 20.06
C LYS F 151 -39.93 22.77 20.52
N ARG F 152 -41.04 22.88 21.24
CA ARG F 152 -41.46 24.20 21.69
C ARG F 152 -41.33 24.47 23.20
N GLN F 153 -41.35 23.41 24.01
CA GLN F 153 -41.26 23.61 25.46
C GLN F 153 -39.97 23.14 26.14
N ALA F 154 -38.89 22.99 25.37
CA ALA F 154 -37.61 22.52 25.94
C ALA F 154 -36.56 23.62 26.03
N LYS F 155 -35.98 23.78 27.22
CA LYS F 155 -34.95 24.79 27.47
C LYS F 155 -33.77 24.65 26.51
N ASN F 156 -33.09 23.50 26.58
CA ASN F 156 -31.97 23.25 25.65
C ASN F 156 -32.37 22.00 24.89
N PRO F 157 -32.91 22.17 23.70
CA PRO F 157 -33.31 20.96 22.97
C PRO F 157 -32.24 20.33 22.10
N LEU F 158 -32.33 19.01 21.98
CA LEU F 158 -31.44 18.22 21.15
C LEU F 158 -32.22 16.97 20.79
N VAL F 159 -32.39 16.75 19.49
CA VAL F 159 -33.11 15.57 19.02
C VAL F 159 -32.19 14.64 18.25
N ILE F 160 -32.15 13.39 18.70
CA ILE F 160 -31.31 12.39 18.06
C ILE F 160 -32.21 11.22 17.69
N GLY F 161 -32.19 10.88 16.41
CA GLY F 161 -32.99 9.77 15.95
C GLY F 161 -32.07 8.66 15.48
N LEU F 162 -32.38 7.44 15.89
CA LEU F 162 -31.58 6.29 15.51
C LEU F 162 -32.37 5.43 14.56
N THR F 163 -31.72 4.95 13.50
CA THR F 163 -32.42 4.11 12.54
C THR F 163 -31.49 3.40 11.56
N ALA F 164 -31.94 2.23 11.10
CA ALA F 164 -31.18 1.49 10.12
C ALA F 164 -31.51 2.03 8.72
N SER F 165 -32.44 3.00 8.67
CA SER F 165 -32.87 3.65 7.42
C SER F 165 -34.02 4.63 7.70
N PRO F 166 -33.87 5.93 7.31
CA PRO F 166 -34.89 6.97 7.53
C PRO F 166 -36.13 6.88 6.63
N GLY F 167 -36.06 6.01 5.63
CA GLY F 167 -37.15 5.84 4.70
C GLY F 167 -36.61 5.38 3.36
N SER F 168 -37.49 5.07 2.43
CA SER F 168 -37.10 4.60 1.10
C SER F 168 -37.58 5.59 0.03
N THR F 169 -38.45 6.50 0.46
CA THR F 169 -39.05 7.51 -0.38
C THR F 169 -38.60 8.93 -0.03
N PRO F 170 -38.39 9.78 -1.05
CA PRO F 170 -37.95 11.14 -0.76
C PRO F 170 -38.96 11.74 0.20
N GLU F 171 -40.23 11.62 -0.17
CA GLU F 171 -41.34 12.14 0.64
C GLU F 171 -41.28 11.57 2.06
N LYS F 172 -41.11 10.27 2.15
CA LYS F 172 -41.06 9.61 3.44
C LYS F 172 -39.93 10.18 4.31
N ILE F 173 -38.74 10.29 3.71
CA ILE F 173 -37.56 10.83 4.40
C ILE F 173 -37.88 12.24 4.87
N MET F 174 -38.36 13.07 3.94
CA MET F 174 -38.72 14.45 4.24
C MET F 174 -39.74 14.58 5.38
N GLU F 175 -40.69 13.65 5.43
CA GLU F 175 -41.68 13.72 6.49
C GLU F 175 -41.01 13.54 7.85
N VAL F 176 -40.12 12.56 7.99
CA VAL F 176 -39.49 12.35 9.29
C VAL F 176 -38.47 13.47 9.58
N ILE F 177 -37.73 13.90 8.56
CA ILE F 177 -36.76 14.98 8.76
C ILE F 177 -37.48 16.20 9.33
N ASN F 178 -38.56 16.63 8.68
CA ASN F 178 -39.33 17.80 9.15
C ASN F 178 -40.02 17.54 10.47
N ASN F 179 -40.52 16.32 10.65
CA ASN F 179 -41.18 15.97 11.89
C ASN F 179 -40.26 16.03 13.11
N LEU F 180 -38.99 15.67 12.91
CA LEU F 180 -38.02 15.68 14.02
C LEU F 180 -37.06 16.88 14.02
N GLY F 181 -37.24 17.81 13.07
CA GLY F 181 -36.39 18.98 13.01
C GLY F 181 -34.95 18.61 12.78
N ILE F 182 -34.73 17.68 11.86
CA ILE F 182 -33.40 17.21 11.56
C ILE F 182 -32.58 18.19 10.76
N GLU F 183 -31.51 18.66 11.38
CA GLU F 183 -30.62 19.61 10.75
C GLU F 183 -29.46 18.89 10.05
N HIS F 184 -29.21 17.65 10.46
CA HIS F 184 -28.10 16.90 9.88
C HIS F 184 -28.21 15.39 10.07
N ILE F 185 -27.69 14.66 9.09
CA ILE F 185 -27.72 13.20 9.12
C ILE F 185 -26.30 12.64 9.03
N GLU F 186 -26.03 11.61 9.84
CA GLU F 186 -24.74 10.94 9.83
C GLU F 186 -24.97 9.47 9.41
N TYR F 187 -24.48 9.09 8.23
CA TYR F 187 -24.65 7.71 7.75
C TYR F 187 -23.34 7.01 7.92
N ARG F 188 -23.37 5.71 7.69
CA ARG F 188 -22.18 4.92 7.78
C ARG F 188 -22.56 3.57 7.27
N SER F 189 -21.68 2.99 6.46
CA SER F 189 -21.96 1.66 5.95
C SER F 189 -20.93 0.72 6.53
N GLU F 190 -21.25 -0.56 6.49
CA GLU F 190 -20.35 -1.57 6.99
C GLU F 190 -18.97 -1.42 6.34
N ASN F 191 -18.91 -0.72 5.20
CA ASN F 191 -17.67 -0.53 4.49
C ASN F 191 -17.02 0.85 4.61
N SER F 192 -17.64 1.75 5.36
CA SER F 192 -17.03 3.07 5.52
C SER F 192 -15.63 2.80 6.08
N PRO F 193 -14.59 3.47 5.53
CA PRO F 193 -13.22 3.24 6.02
C PRO F 193 -13.19 3.41 7.53
N ASP F 194 -14.19 4.11 8.02
CA ASP F 194 -14.37 4.41 9.41
C ASP F 194 -14.83 3.21 10.27
N VAL F 195 -15.58 2.31 9.62
CA VAL F 195 -16.14 1.13 10.28
C VAL F 195 -15.47 -0.19 9.95
N ARG F 196 -14.96 -0.31 8.74
CA ARG F 196 -14.31 -1.55 8.29
C ARG F 196 -13.49 -2.30 9.33
N PRO F 197 -12.55 -1.60 10.00
CA PRO F 197 -11.68 -2.17 11.03
C PRO F 197 -12.40 -2.97 12.11
N TYR F 198 -13.66 -2.66 12.34
CA TYR F 198 -14.43 -3.33 13.37
C TYR F 198 -15.38 -4.38 12.86
N VAL F 199 -15.42 -4.57 11.54
CA VAL F 199 -16.32 -5.58 11.01
C VAL F 199 -15.57 -6.83 10.59
N LYS F 200 -15.85 -7.92 11.28
CA LYS F 200 -15.20 -9.17 10.97
C LYS F 200 -15.65 -9.75 9.63
N GLY F 201 -14.72 -10.34 8.90
CA GLY F 201 -15.10 -10.99 7.65
C GLY F 201 -15.89 -12.20 8.12
N ILE F 202 -16.91 -12.60 7.37
CA ILE F 202 -17.73 -13.74 7.79
C ILE F 202 -17.41 -15.06 7.09
N ARG F 203 -17.36 -14.99 5.76
CA ARG F 203 -17.13 -16.15 4.89
C ARG F 203 -18.17 -17.23 5.07
N PHE F 204 -19.26 -17.11 4.31
CA PHE F 204 -20.28 -18.12 4.36
C PHE F 204 -19.80 -19.07 3.27
N GLU F 205 -19.75 -20.36 3.56
CA GLU F 205 -19.35 -21.32 2.54
C GLU F 205 -20.58 -21.93 1.88
N TRP F 206 -20.83 -21.48 0.65
CA TRP F 206 -21.98 -21.97 -0.13
C TRP F 206 -21.55 -23.23 -0.88
N VAL F 207 -22.16 -24.35 -0.50
CA VAL F 207 -21.86 -25.63 -1.15
C VAL F 207 -23.09 -26.12 -1.90
N ARG F 208 -22.88 -26.46 -3.17
CA ARG F 208 -23.97 -26.92 -3.99
C ARG F 208 -24.14 -28.42 -4.00
N VAL F 209 -25.27 -28.87 -3.45
CA VAL F 209 -25.58 -30.29 -3.41
C VAL F 209 -26.09 -30.68 -4.79
N ASP F 210 -25.48 -31.70 -5.40
CA ASP F 210 -25.93 -32.12 -6.71
C ASP F 210 -27.19 -32.95 -6.62
N LEU F 211 -28.09 -32.67 -7.53
CA LEU F 211 -29.34 -33.38 -7.58
C LEU F 211 -29.14 -34.62 -8.43
N PRO F 212 -29.25 -35.82 -7.82
CA PRO F 212 -29.09 -37.09 -8.54
C PRO F 212 -30.26 -37.26 -9.52
N GLU F 213 -29.94 -37.73 -10.72
CA GLU F 213 -30.92 -37.92 -11.79
C GLU F 213 -32.38 -38.18 -11.42
N ILE F 214 -32.62 -39.19 -10.58
CA ILE F 214 -33.98 -39.49 -10.20
C ILE F 214 -34.66 -38.28 -9.58
N TYR F 215 -34.03 -37.72 -8.54
CA TYR F 215 -34.54 -36.55 -7.83
C TYR F 215 -34.85 -35.45 -8.84
N LYS F 216 -33.86 -35.19 -9.69
CA LYS F 216 -33.94 -34.18 -10.71
C LYS F 216 -35.18 -34.38 -11.58
N GLU F 217 -35.31 -35.60 -12.11
CA GLU F 217 -36.42 -36.00 -12.98
C GLU F 217 -37.81 -35.91 -12.32
N VAL F 218 -37.96 -36.49 -11.13
CA VAL F 218 -39.22 -36.44 -10.42
C VAL F 218 -39.64 -34.97 -10.33
N ARG F 219 -38.69 -34.13 -9.98
CA ARG F 219 -38.93 -32.70 -9.83
C ARG F 219 -39.43 -32.10 -11.14
N LYS F 220 -38.68 -32.31 -12.21
CA LYS F 220 -39.06 -31.77 -13.52
C LYS F 220 -40.51 -32.11 -13.87
N LEU F 221 -40.86 -33.40 -13.75
CA LEU F 221 -42.20 -33.87 -14.06
C LEU F 221 -43.23 -33.13 -13.22
N LEU F 222 -43.00 -33.09 -11.92
CA LEU F 222 -43.91 -32.38 -11.04
C LEU F 222 -44.06 -30.92 -11.45
N ARG F 223 -42.96 -30.26 -11.78
CA ARG F 223 -43.01 -28.86 -12.16
C ARG F 223 -43.84 -28.68 -13.41
N GLU F 224 -43.51 -29.45 -14.44
CA GLU F 224 -44.23 -29.40 -15.71
C GLU F 224 -45.73 -29.54 -15.57
N MET F 225 -46.17 -30.43 -14.69
CA MET F 225 -47.60 -30.61 -14.47
C MET F 225 -48.13 -29.32 -13.84
N LEU F 226 -47.39 -28.79 -12.87
CA LEU F 226 -47.80 -27.56 -12.20
C LEU F 226 -47.96 -26.47 -13.24
N ARG F 227 -47.06 -26.44 -14.21
CA ARG F 227 -47.13 -25.41 -15.24
C ARG F 227 -48.46 -25.47 -15.97
N ASP F 228 -48.84 -26.67 -16.43
CA ASP F 228 -50.10 -26.88 -17.13
C ASP F 228 -51.28 -26.53 -16.21
N ALA F 229 -51.19 -26.91 -14.94
CA ALA F 229 -52.27 -26.60 -14.00
C ALA F 229 -52.46 -25.09 -13.85
N LEU F 230 -51.39 -24.33 -14.06
CA LEU F 230 -51.42 -22.88 -13.92
C LEU F 230 -51.76 -22.15 -15.20
N LYS F 231 -51.37 -22.73 -16.34
CA LYS F 231 -51.63 -22.11 -17.66
C LYS F 231 -53.03 -21.48 -17.79
N PRO F 232 -54.08 -22.26 -17.54
CA PRO F 232 -55.42 -21.70 -17.67
C PRO F 232 -55.70 -20.52 -16.71
N LEU F 233 -55.15 -20.59 -15.50
CA LEU F 233 -55.34 -19.52 -14.52
C LEU F 233 -54.65 -18.25 -15.03
N ALA F 234 -53.50 -18.45 -15.65
CA ALA F 234 -52.73 -17.34 -16.18
C ALA F 234 -53.46 -16.73 -17.36
N GLU F 235 -53.82 -17.56 -18.33
CA GLU F 235 -54.51 -17.10 -19.53
C GLU F 235 -55.79 -16.31 -19.23
N THR F 236 -56.25 -16.40 -17.99
CA THR F 236 -57.44 -15.68 -17.58
C THR F 236 -57.04 -14.36 -16.92
N GLY F 237 -55.81 -14.32 -16.41
CA GLY F 237 -55.32 -13.12 -15.75
C GLY F 237 -55.45 -13.22 -14.25
N LEU F 238 -55.44 -14.46 -13.75
CA LEU F 238 -55.54 -14.67 -12.33
C LEU F 238 -54.16 -14.65 -11.70
N LEU F 239 -53.14 -14.61 -12.56
CA LEU F 239 -51.76 -14.53 -12.11
C LEU F 239 -50.85 -14.16 -13.26
N GLU F 240 -49.73 -13.49 -12.93
CA GLU F 240 -48.75 -13.02 -13.92
C GLU F 240 -48.24 -14.07 -14.88
N SER F 241 -47.87 -15.24 -14.38
CA SER F 241 -47.39 -16.25 -15.29
C SER F 241 -47.73 -17.65 -14.82
N SER F 242 -47.52 -18.60 -15.72
CA SER F 242 -47.80 -20.00 -15.44
C SER F 242 -46.50 -20.69 -15.01
N SER F 243 -45.48 -19.91 -14.71
CA SER F 243 -44.21 -20.51 -14.30
C SER F 243 -44.32 -21.14 -12.92
N PRO F 244 -43.86 -22.41 -12.83
CA PRO F 244 -43.86 -23.19 -11.60
C PRO F 244 -43.05 -22.52 -10.50
N ASP F 245 -42.37 -21.44 -10.86
CA ASP F 245 -41.53 -20.70 -9.93
C ASP F 245 -42.24 -19.59 -9.16
N ILE F 246 -43.44 -19.22 -9.59
CA ILE F 246 -44.15 -18.13 -8.91
C ILE F 246 -44.34 -18.46 -7.44
N PRO F 247 -44.57 -17.44 -6.63
CA PRO F 247 -44.78 -17.59 -5.19
C PRO F 247 -46.09 -18.28 -4.89
N LYS F 248 -46.07 -19.17 -3.90
CA LYS F 248 -47.27 -19.87 -3.51
C LYS F 248 -48.33 -18.82 -3.20
N LYS F 249 -47.91 -17.73 -2.57
CA LYS F 249 -48.85 -16.67 -2.24
C LYS F 249 -49.65 -16.20 -3.44
N GLU F 250 -49.02 -16.17 -4.61
CA GLU F 250 -49.69 -15.70 -5.82
C GLU F 250 -50.76 -16.66 -6.36
N VAL F 251 -50.62 -17.95 -6.07
CA VAL F 251 -51.63 -18.90 -6.54
C VAL F 251 -52.82 -18.88 -5.58
N LEU F 252 -52.56 -18.78 -4.28
CA LEU F 252 -53.64 -18.74 -3.30
C LEU F 252 -54.51 -17.55 -3.68
N ARG F 253 -53.88 -16.48 -4.12
CA ARG F 253 -54.58 -15.27 -4.51
C ARG F 253 -55.49 -15.59 -5.69
N ALA F 254 -54.94 -16.27 -6.69
CA ALA F 254 -55.73 -16.63 -7.86
C ALA F 254 -56.99 -17.37 -7.42
N GLY F 255 -56.84 -18.19 -6.40
CA GLY F 255 -57.97 -18.95 -5.89
C GLY F 255 -59.03 -18.07 -5.28
N GLN F 256 -58.70 -17.41 -4.18
CA GLN F 256 -59.66 -16.55 -3.51
C GLN F 256 -60.26 -15.52 -4.46
N ILE F 257 -59.57 -15.20 -5.54
CA ILE F 257 -60.10 -14.23 -6.50
C ILE F 257 -61.33 -14.85 -7.16
N ILE F 258 -61.21 -16.13 -7.50
CA ILE F 258 -62.31 -16.85 -8.13
C ILE F 258 -63.49 -16.94 -7.15
N ASN F 259 -63.18 -17.09 -5.86
CA ASN F 259 -64.21 -17.20 -4.83
C ASN F 259 -64.97 -15.88 -4.63
N GLU F 260 -64.23 -14.78 -4.61
CA GLU F 260 -64.84 -13.48 -4.41
C GLU F 260 -65.71 -13.11 -5.62
N GLU F 261 -65.44 -13.76 -6.75
CA GLU F 261 -66.20 -13.52 -7.97
C GLU F 261 -67.50 -14.31 -8.03
N MET F 262 -67.51 -15.46 -7.35
CA MET F 262 -68.70 -16.28 -7.31
C MET F 262 -69.61 -15.69 -6.24
N ALA F 263 -68.99 -15.06 -5.24
CA ALA F 263 -69.74 -14.43 -4.15
C ALA F 263 -70.41 -13.17 -4.69
N LYS F 264 -69.93 -12.69 -5.83
CA LYS F 264 -70.51 -11.51 -6.48
C LYS F 264 -71.59 -11.97 -7.44
N GLY F 265 -71.51 -13.25 -7.83
CA GLY F 265 -72.48 -13.81 -8.74
C GLY F 265 -71.96 -14.00 -10.16
N ASN F 266 -70.68 -14.32 -10.29
CA ASN F 266 -70.08 -14.55 -11.60
C ASN F 266 -70.27 -15.99 -12.04
N HIS F 267 -69.47 -16.89 -11.49
CA HIS F 267 -69.54 -18.32 -11.79
C HIS F 267 -69.01 -18.70 -13.16
N ASP F 268 -68.36 -17.75 -13.83
CA ASP F 268 -67.78 -18.03 -15.14
C ASP F 268 -66.47 -18.77 -14.85
N LEU F 269 -65.65 -18.12 -14.04
CA LEU F 269 -64.35 -18.65 -13.63
C LEU F 269 -64.56 -19.79 -12.64
N ARG F 270 -65.61 -20.57 -12.86
CA ARG F 270 -65.92 -21.69 -11.98
C ARG F 270 -65.10 -22.93 -12.35
N GLY F 271 -65.03 -23.22 -13.64
CA GLY F 271 -64.29 -24.37 -14.10
C GLY F 271 -62.83 -24.31 -13.75
N LEU F 272 -62.31 -23.10 -13.63
CA LEU F 272 -60.90 -22.89 -13.31
C LEU F 272 -60.55 -23.34 -11.89
N LEU F 273 -61.58 -23.45 -11.06
CA LEU F 273 -61.37 -23.86 -9.69
C LEU F 273 -60.74 -25.26 -9.65
N LEU F 274 -60.97 -26.03 -10.69
CA LEU F 274 -60.40 -27.38 -10.75
C LEU F 274 -58.88 -27.31 -10.83
N TYR F 275 -58.39 -26.48 -11.75
CA TYR F 275 -56.95 -26.31 -11.98
C TYR F 275 -56.26 -25.70 -10.77
N HIS F 276 -56.92 -24.73 -10.16
CA HIS F 276 -56.38 -24.10 -8.99
C HIS F 276 -56.07 -25.16 -7.92
N ALA F 277 -57.00 -26.09 -7.72
CA ALA F 277 -56.79 -27.13 -6.73
C ALA F 277 -55.64 -28.08 -7.12
N MET F 278 -55.49 -28.36 -8.40
CA MET F 278 -54.42 -29.24 -8.86
C MET F 278 -53.10 -28.54 -8.66
N ALA F 279 -53.12 -27.23 -8.91
CA ALA F 279 -51.95 -26.40 -8.75
C ALA F 279 -51.50 -26.54 -7.30
N LEU F 280 -52.40 -26.17 -6.39
CA LEU F 280 -52.11 -26.27 -4.98
C LEU F 280 -51.53 -27.62 -4.59
N LYS F 281 -52.12 -28.71 -5.06
CA LYS F 281 -51.60 -30.03 -4.72
C LYS F 281 -50.23 -30.29 -5.34
N LEU F 282 -50.07 -29.91 -6.61
CA LEU F 282 -48.81 -30.12 -7.29
C LEU F 282 -47.71 -29.26 -6.66
N HIS F 283 -48.07 -28.03 -6.30
CA HIS F 283 -47.13 -27.13 -5.67
C HIS F 283 -46.67 -27.74 -4.35
N HIS F 284 -47.62 -28.20 -3.55
CA HIS F 284 -47.29 -28.81 -2.26
C HIS F 284 -46.40 -30.05 -2.43
N ALA F 285 -46.56 -30.76 -3.53
CA ALA F 285 -45.75 -31.94 -3.75
C ALA F 285 -44.33 -31.48 -3.97
N ILE F 286 -44.17 -30.46 -4.81
CA ILE F 286 -42.85 -29.92 -5.11
C ILE F 286 -42.20 -29.54 -3.79
N GLU F 287 -42.97 -28.77 -3.01
CA GLU F 287 -42.53 -28.28 -1.72
C GLU F 287 -41.98 -29.41 -0.83
N LEU F 288 -42.72 -30.50 -0.70
CA LEU F 288 -42.25 -31.63 0.10
C LEU F 288 -40.97 -32.21 -0.53
N LEU F 289 -40.96 -32.37 -1.84
CA LEU F 289 -39.80 -32.93 -2.50
C LEU F 289 -38.54 -32.11 -2.23
N GLU F 290 -38.66 -30.79 -2.25
CA GLU F 290 -37.49 -29.91 -2.02
C GLU F 290 -37.16 -29.74 -0.54
N THR F 291 -38.19 -29.47 0.26
CA THR F 291 -38.06 -29.28 1.69
C THR F 291 -37.68 -30.52 2.49
N GLN F 292 -38.26 -31.67 2.17
CA GLN F 292 -37.95 -32.87 2.91
C GLN F 292 -37.32 -34.00 2.09
N GLY F 293 -37.88 -34.26 0.90
CA GLY F 293 -37.32 -35.31 0.06
C GLY F 293 -38.35 -36.25 -0.55
N LEU F 294 -37.85 -37.19 -1.35
CA LEU F 294 -38.68 -38.17 -2.03
C LEU F 294 -39.66 -38.92 -1.12
N SER F 295 -39.18 -39.45 0.01
CA SER F 295 -40.05 -40.16 0.94
C SER F 295 -41.28 -39.38 1.37
N ALA F 296 -41.12 -38.09 1.62
CA ALA F 296 -42.26 -37.29 2.04
C ALA F 296 -43.20 -37.13 0.86
N LEU F 297 -42.63 -37.09 -0.35
CA LEU F 297 -43.43 -36.96 -1.57
C LEU F 297 -44.26 -38.23 -1.72
N ARG F 298 -43.57 -39.37 -1.72
CA ARG F 298 -44.18 -40.68 -1.81
C ARG F 298 -45.39 -40.74 -0.89
N ALA F 299 -45.19 -40.41 0.38
CA ALA F 299 -46.28 -40.43 1.35
C ALA F 299 -47.45 -39.56 0.91
N TYR F 300 -47.16 -38.37 0.42
CA TYR F 300 -48.21 -37.45 -0.01
C TYR F 300 -48.93 -37.97 -1.27
N ILE F 301 -48.16 -38.43 -2.25
CA ILE F 301 -48.74 -38.96 -3.48
C ILE F 301 -49.71 -40.09 -3.12
N LYS F 302 -49.32 -40.92 -2.16
CA LYS F 302 -50.15 -42.01 -1.68
C LYS F 302 -51.42 -41.44 -1.08
N LYS F 303 -51.29 -40.64 -0.02
CA LYS F 303 -52.47 -40.07 0.61
C LYS F 303 -53.34 -39.37 -0.42
N LEU F 304 -52.72 -38.96 -1.51
CA LEU F 304 -53.42 -38.26 -2.58
C LEU F 304 -54.14 -39.27 -3.48
N TYR F 305 -53.62 -40.49 -3.46
CA TYR F 305 -54.17 -41.59 -4.24
C TYR F 305 -55.45 -42.12 -3.58
N GLU F 306 -55.55 -41.97 -2.26
CA GLU F 306 -56.72 -42.42 -1.51
C GLU F 306 -57.86 -41.47 -1.82
N GLU F 307 -57.51 -40.20 -2.03
CA GLU F 307 -58.49 -39.18 -2.35
C GLU F 307 -59.06 -39.43 -3.75
N ALA F 308 -58.24 -40.02 -4.61
CA ALA F 308 -58.62 -40.32 -5.98
C ALA F 308 -59.58 -41.51 -5.96
N LYS F 309 -59.23 -42.56 -5.20
CA LYS F 309 -60.05 -43.76 -5.11
C LYS F 309 -61.34 -43.49 -4.38
N ALA F 310 -61.30 -42.65 -3.34
CA ALA F 310 -62.50 -42.28 -2.57
C ALA F 310 -63.47 -41.67 -3.57
N GLY F 311 -62.91 -41.29 -4.72
CA GLY F 311 -63.68 -40.70 -5.80
C GLY F 311 -64.26 -39.34 -5.44
N SER F 312 -63.77 -38.77 -4.35
CA SER F 312 -64.26 -37.46 -3.89
C SER F 312 -63.61 -36.29 -4.62
N THR F 313 -62.29 -36.23 -4.62
CA THR F 313 -61.55 -35.14 -5.26
C THR F 313 -61.34 -35.33 -6.78
N LYS F 314 -61.83 -34.39 -7.59
CA LYS F 314 -61.68 -34.45 -9.06
C LYS F 314 -60.23 -34.11 -9.42
N ALA F 315 -59.65 -33.20 -8.63
CA ALA F 315 -58.27 -32.77 -8.80
C ALA F 315 -57.31 -33.97 -8.69
N SER F 316 -57.41 -34.70 -7.58
CA SER F 316 -56.56 -35.88 -7.37
C SER F 316 -56.68 -36.89 -8.51
N LYS F 317 -57.91 -37.10 -8.97
CA LYS F 317 -58.17 -38.01 -10.06
C LYS F 317 -57.35 -37.60 -11.28
N GLU F 318 -57.61 -36.39 -11.76
CA GLU F 318 -56.92 -35.84 -12.91
C GLU F 318 -55.40 -35.98 -12.83
N ILE F 319 -54.85 -35.69 -11.66
CA ILE F 319 -53.41 -35.77 -11.46
C ILE F 319 -52.83 -37.15 -11.72
N PHE F 320 -53.55 -38.19 -11.33
CA PHE F 320 -53.06 -39.55 -11.55
C PHE F 320 -53.19 -40.02 -12.99
N SER F 321 -54.17 -39.51 -13.71
CA SER F 321 -54.39 -39.90 -15.09
C SER F 321 -53.34 -39.30 -16.02
N ASP F 322 -52.48 -38.45 -15.47
CA ASP F 322 -51.42 -37.82 -16.24
C ASP F 322 -50.25 -38.81 -16.37
N LYS F 323 -49.79 -39.03 -17.59
CA LYS F 323 -48.68 -39.97 -17.80
C LYS F 323 -47.46 -39.55 -17.00
N ARG F 324 -47.29 -38.25 -16.79
CA ARG F 324 -46.16 -37.72 -16.04
C ARG F 324 -46.16 -38.20 -14.60
N MET F 325 -47.29 -38.04 -13.92
CA MET F 325 -47.43 -38.50 -12.55
C MET F 325 -47.08 -39.97 -12.49
N LYS F 326 -47.43 -40.69 -13.55
CA LYS F 326 -47.16 -42.13 -13.63
C LYS F 326 -45.67 -42.39 -13.61
N LYS F 327 -44.95 -41.80 -14.55
CA LYS F 327 -43.51 -42.00 -14.59
C LYS F 327 -42.85 -41.53 -13.29
N ALA F 328 -43.45 -40.53 -12.66
CA ALA F 328 -42.94 -40.01 -11.41
C ALA F 328 -43.03 -41.13 -10.36
N ILE F 329 -44.23 -41.70 -10.26
CA ILE F 329 -44.49 -42.78 -9.32
C ILE F 329 -43.57 -43.99 -9.52
N SER F 330 -43.16 -44.23 -10.76
CA SER F 330 -42.27 -45.35 -11.01
C SER F 330 -40.84 -45.03 -10.55
N LEU F 331 -40.42 -43.78 -10.76
CA LEU F 331 -39.09 -43.33 -10.35
C LEU F 331 -39.07 -43.29 -8.83
N LEU F 332 -40.19 -42.86 -8.27
CA LEU F 332 -40.35 -42.76 -6.82
C LEU F 332 -40.13 -44.10 -6.12
N VAL F 333 -40.39 -45.20 -6.82
CA VAL F 333 -40.20 -46.53 -6.24
C VAL F 333 -38.74 -46.93 -6.52
N GLN F 334 -38.28 -46.58 -7.71
CA GLN F 334 -36.92 -46.87 -8.15
C GLN F 334 -35.94 -46.20 -7.19
N ALA F 335 -36.43 -45.16 -6.52
CA ALA F 335 -35.64 -44.40 -5.56
C ALA F 335 -35.51 -45.17 -4.25
N LYS F 336 -36.66 -45.56 -3.68
CA LYS F 336 -36.67 -46.31 -2.44
C LYS F 336 -35.78 -47.52 -2.62
N GLU F 337 -35.72 -48.01 -3.86
CA GLU F 337 -34.92 -49.16 -4.22
C GLU F 337 -33.43 -48.94 -3.91
N ILE F 338 -32.96 -47.70 -4.08
CA ILE F 338 -31.56 -47.40 -3.80
C ILE F 338 -31.42 -46.53 -2.55
N GLY F 339 -32.52 -46.37 -1.81
CA GLY F 339 -32.51 -45.57 -0.60
C GLY F 339 -32.19 -44.09 -0.76
N LEU F 340 -32.73 -43.48 -1.81
CA LEU F 340 -32.51 -42.06 -2.08
C LEU F 340 -33.70 -41.22 -1.61
N ASP F 341 -33.49 -40.41 -0.57
CA ASP F 341 -34.56 -39.56 -0.03
C ASP F 341 -34.30 -38.09 -0.34
N HIS F 342 -33.14 -37.58 0.09
CA HIS F 342 -32.78 -36.20 -0.18
C HIS F 342 -31.29 -36.01 -0.18
N PRO F 343 -30.76 -35.45 -1.26
CA PRO F 343 -29.32 -35.21 -1.38
C PRO F 343 -28.73 -34.38 -0.21
N LYS F 344 -29.50 -33.42 0.29
CA LYS F 344 -29.04 -32.57 1.40
C LYS F 344 -28.76 -33.36 2.68
N MET F 345 -29.64 -34.29 3.03
CA MET F 345 -29.44 -35.11 4.24
C MET F 345 -28.15 -35.92 4.11
N ASP F 346 -27.83 -36.36 2.91
CA ASP F 346 -26.62 -37.14 2.72
C ASP F 346 -25.41 -36.25 2.89
N LYS F 347 -25.45 -35.06 2.29
CA LYS F 347 -24.34 -34.13 2.40
C LYS F 347 -24.22 -33.66 3.85
N LEU F 348 -25.36 -33.39 4.48
CA LEU F 348 -25.35 -32.93 5.87
C LEU F 348 -24.61 -33.94 6.72
N LYS F 349 -25.04 -35.20 6.67
CA LYS F 349 -24.39 -36.25 7.44
C LYS F 349 -22.90 -36.25 7.15
N GLU F 350 -22.55 -36.22 5.87
CA GLU F 350 -21.16 -36.23 5.46
C GLU F 350 -20.28 -35.14 6.11
N ILE F 351 -20.73 -33.89 6.09
CA ILE F 351 -19.93 -32.83 6.69
C ILE F 351 -19.96 -32.96 8.21
N ILE F 352 -21.13 -33.25 8.81
CA ILE F 352 -21.19 -33.40 10.26
C ILE F 352 -20.25 -34.52 10.71
N ARG F 353 -20.10 -35.52 9.83
CA ARG F 353 -19.23 -36.65 10.10
C ARG F 353 -17.81 -36.12 10.22
N GLU F 354 -17.24 -35.70 9.10
CA GLU F 354 -15.86 -35.22 9.07
C GLU F 354 -15.56 -34.14 10.11
N GLN F 355 -16.60 -33.50 10.64
CA GLN F 355 -16.42 -32.47 11.67
C GLN F 355 -16.12 -33.16 13.01
N LEU F 356 -17.05 -33.97 13.47
CA LEU F 356 -16.89 -34.70 14.73
C LEU F 356 -15.65 -35.59 14.66
N GLN F 357 -15.15 -35.82 13.45
CA GLN F 357 -13.96 -36.65 13.27
C GLN F 357 -12.69 -35.86 13.63
N ARG F 358 -12.59 -34.64 13.12
CA ARG F 358 -11.43 -33.80 13.42
C ARG F 358 -11.53 -33.27 14.85
N LYS F 359 -12.72 -33.35 15.43
CA LYS F 359 -12.94 -32.86 16.79
C LYS F 359 -14.27 -33.37 17.30
N GLN F 360 -14.26 -34.51 17.97
CA GLN F 360 -15.50 -35.08 18.50
C GLN F 360 -16.09 -34.19 19.58
N ASN F 361 -15.32 -33.18 19.96
CA ASN F 361 -15.72 -32.24 21.01
C ASN F 361 -16.55 -31.12 20.38
N SER F 362 -16.70 -31.19 19.05
CA SER F 362 -17.43 -30.20 18.26
C SER F 362 -18.84 -29.84 18.71
N LYS F 363 -19.15 -28.55 18.59
CA LYS F 363 -20.46 -28.00 18.94
C LYS F 363 -20.91 -27.41 17.61
N ILE F 364 -21.94 -28.00 16.98
CA ILE F 364 -22.42 -27.51 15.69
C ILE F 364 -23.92 -27.23 15.69
N ILE F 365 -24.33 -26.22 14.92
CA ILE F 365 -25.73 -25.85 14.84
C ILE F 365 -26.21 -25.97 13.40
N VAL F 366 -27.36 -26.61 13.23
CA VAL F 366 -27.96 -26.80 11.91
C VAL F 366 -29.25 -26.00 11.85
N PHE F 367 -29.31 -25.08 10.89
CA PHE F 367 -30.49 -24.23 10.73
C PHE F 367 -31.38 -24.67 9.55
N THR F 368 -32.68 -24.47 9.73
CA THR F 368 -33.66 -24.79 8.72
C THR F 368 -34.89 -23.90 8.91
N ASN F 369 -35.54 -23.55 7.81
CA ASN F 369 -36.72 -22.68 7.84
C ASN F 369 -37.97 -23.38 8.30
N TYR F 370 -37.98 -24.71 8.20
CA TYR F 370 -39.18 -25.46 8.55
C TYR F 370 -39.04 -26.42 9.70
N ARG F 371 -40.05 -26.43 10.56
CA ARG F 371 -40.06 -27.32 11.72
C ARG F 371 -40.01 -28.78 11.27
N GLU F 372 -40.78 -29.10 10.24
CA GLU F 372 -40.81 -30.45 9.72
C GLU F 372 -39.41 -30.89 9.32
N THR F 373 -38.72 -30.04 8.60
CA THR F 373 -37.36 -30.38 8.15
C THR F 373 -36.45 -30.54 9.37
N ALA F 374 -36.69 -29.71 10.38
CA ALA F 374 -35.90 -29.77 11.61
C ALA F 374 -36.08 -31.15 12.24
N LYS F 375 -37.33 -31.54 12.41
CA LYS F 375 -37.68 -32.82 12.99
C LYS F 375 -37.03 -33.97 12.22
N LYS F 376 -37.22 -33.99 10.91
CA LYS F 376 -36.63 -35.05 10.08
C LYS F 376 -35.11 -35.14 10.24
N ILE F 377 -34.47 -33.97 10.35
CA ILE F 377 -33.01 -33.91 10.51
C ILE F 377 -32.53 -34.49 11.84
N VAL F 378 -33.20 -34.14 12.93
CA VAL F 378 -32.83 -34.65 14.25
C VAL F 378 -32.83 -36.17 14.21
N ASN F 379 -33.98 -36.73 13.85
CA ASN F 379 -34.15 -38.18 13.76
C ASN F 379 -33.12 -38.83 12.84
N GLU F 380 -33.03 -38.33 11.62
CA GLU F 380 -32.09 -38.87 10.65
C GLU F 380 -30.65 -38.89 11.18
N LEU F 381 -30.34 -37.92 12.04
CA LEU F 381 -29.01 -37.80 12.64
C LEU F 381 -28.83 -38.74 13.82
N VAL F 382 -29.83 -38.78 14.71
CA VAL F 382 -29.77 -39.65 15.88
C VAL F 382 -29.80 -41.10 15.40
N LYS F 383 -30.48 -41.32 14.27
CA LYS F 383 -30.60 -42.63 13.65
C LYS F 383 -29.21 -43.05 13.21
N ASP F 384 -28.41 -42.07 12.84
CA ASP F 384 -27.04 -42.35 12.47
C ASP F 384 -26.39 -42.34 13.85
N GLY F 385 -25.07 -42.43 13.94
CA GLY F 385 -24.44 -42.43 15.26
C GLY F 385 -24.12 -41.03 15.80
N ILE F 386 -25.07 -40.11 15.71
CA ILE F 386 -24.84 -38.74 16.16
C ILE F 386 -25.77 -38.20 17.24
N LYS F 387 -25.19 -37.50 18.21
CA LYS F 387 -25.97 -36.93 19.30
C LYS F 387 -26.61 -35.62 18.86
N ALA F 388 -27.83 -35.67 18.33
CA ALA F 388 -28.50 -34.45 17.90
C ALA F 388 -29.72 -34.17 18.76
N LYS F 389 -30.06 -32.90 18.91
CA LYS F 389 -31.22 -32.52 19.71
C LYS F 389 -31.91 -31.30 19.11
N ARG F 390 -33.22 -31.42 18.95
CA ARG F 390 -34.05 -30.38 18.38
C ARG F 390 -34.25 -29.22 19.34
N PHE F 391 -34.39 -28.02 18.80
CA PHE F 391 -34.61 -26.82 19.61
C PHE F 391 -35.82 -26.06 19.06
N VAL F 392 -36.85 -25.93 19.90
CA VAL F 392 -38.06 -25.22 19.54
C VAL F 392 -37.78 -23.77 19.16
N GLN F 405 -41.78 -23.92 28.42
CA GLN F 405 -41.39 -22.60 27.93
C GLN F 405 -39.92 -22.31 28.27
N ARG F 406 -39.43 -22.93 29.34
CA ARG F 406 -38.06 -22.72 29.78
C ARG F 406 -37.10 -23.84 29.40
N GLU F 407 -37.65 -24.98 29.01
CA GLU F 407 -36.80 -26.11 28.62
C GLU F 407 -35.78 -25.61 27.63
N GLN F 408 -36.15 -24.60 26.85
CA GLN F 408 -35.25 -24.02 25.87
C GLN F 408 -33.90 -23.73 26.54
N LYS F 409 -33.94 -22.93 27.61
CA LYS F 409 -32.73 -22.58 28.34
C LYS F 409 -32.03 -23.86 28.82
N LEU F 410 -32.82 -24.80 29.29
CA LEU F 410 -32.28 -26.06 29.79
C LEU F 410 -31.47 -26.79 28.72
N ILE F 411 -32.11 -27.06 27.58
CA ILE F 411 -31.45 -27.76 26.49
C ILE F 411 -30.25 -26.97 25.98
N LEU F 412 -30.39 -25.65 25.95
CA LEU F 412 -29.33 -24.79 25.47
C LEU F 412 -28.09 -24.96 26.37
N ASP F 413 -28.33 -25.02 27.69
CA ASP F 413 -27.24 -25.19 28.64
C ASP F 413 -26.54 -26.53 28.42
N GLU F 414 -27.32 -27.53 28.03
CA GLU F 414 -26.79 -28.87 27.77
C GLU F 414 -25.85 -28.79 26.59
N PHE F 415 -26.27 -28.02 25.58
CA PHE F 415 -25.47 -27.83 24.37
C PHE F 415 -24.15 -27.22 24.75
N ALA F 416 -24.22 -26.21 25.62
CA ALA F 416 -23.03 -25.50 26.09
C ALA F 416 -22.06 -26.41 26.85
N ARG F 417 -22.58 -27.20 27.78
CA ARG F 417 -21.77 -28.12 28.57
C ARG F 417 -21.13 -29.23 27.74
N GLY F 418 -21.78 -29.63 26.66
CA GLY F 418 -21.23 -30.68 25.82
C GLY F 418 -22.09 -31.92 25.78
N GLU F 419 -23.34 -31.81 26.27
CA GLU F 419 -24.29 -32.92 26.29
C GLU F 419 -24.35 -33.58 24.90
N PHE F 420 -24.94 -32.88 23.94
CA PHE F 420 -25.03 -33.37 22.56
C PHE F 420 -24.15 -32.51 21.66
N ASN F 421 -23.83 -33.03 20.49
CA ASN F 421 -22.96 -32.31 19.55
C ASN F 421 -23.69 -31.41 18.55
N VAL F 422 -24.94 -31.74 18.24
CA VAL F 422 -25.68 -30.97 17.26
C VAL F 422 -26.98 -30.36 17.75
N LEU F 423 -27.13 -29.06 17.53
CA LEU F 423 -28.36 -28.37 17.88
C LEU F 423 -29.03 -28.10 16.54
N VAL F 424 -30.24 -28.64 16.36
CA VAL F 424 -31.00 -28.45 15.12
C VAL F 424 -32.15 -27.53 15.46
N ALA F 425 -32.17 -26.36 14.84
CA ALA F 425 -33.24 -25.43 15.15
C ALA F 425 -33.73 -24.62 13.98
N THR F 426 -34.89 -24.01 14.20
CA THR F 426 -35.51 -23.16 13.22
C THR F 426 -35.08 -21.73 13.56
N SER F 427 -35.65 -20.74 12.87
CA SER F 427 -35.29 -19.33 13.09
C SER F 427 -35.22 -18.94 14.56
N VAL F 428 -36.16 -19.47 15.33
CA VAL F 428 -36.24 -19.19 16.76
C VAL F 428 -35.01 -19.61 17.59
N GLY F 429 -34.21 -20.53 17.06
CA GLY F 429 -33.05 -20.98 17.80
C GLY F 429 -31.76 -20.20 17.51
N GLU F 430 -31.88 -18.94 17.11
CA GLU F 430 -30.70 -18.14 16.81
C GLU F 430 -29.94 -17.75 18.08
N GLU F 431 -30.57 -17.96 19.24
CA GLU F 431 -29.91 -17.61 20.49
C GLU F 431 -28.83 -18.63 20.83
N GLY F 432 -28.77 -19.70 20.03
CA GLY F 432 -27.78 -20.73 20.24
C GLY F 432 -26.44 -20.25 19.76
N LEU F 433 -26.43 -19.16 18.99
CA LEU F 433 -25.21 -18.57 18.45
C LEU F 433 -24.43 -17.81 19.55
N ASP F 434 -25.11 -17.57 20.68
CA ASP F 434 -24.53 -16.88 21.82
C ASP F 434 -23.85 -17.85 22.78
N VAL F 435 -23.81 -19.11 22.38
CA VAL F 435 -23.16 -20.14 23.16
C VAL F 435 -21.70 -20.09 22.75
N PRO F 436 -20.79 -20.13 23.72
CA PRO F 436 -19.36 -20.08 23.44
C PRO F 436 -18.80 -21.23 22.60
N GLU F 437 -17.71 -20.93 21.91
CA GLU F 437 -17.02 -21.88 21.06
C GLU F 437 -17.89 -22.82 20.21
N VAL F 438 -18.83 -22.27 19.44
CA VAL F 438 -19.66 -23.11 18.57
C VAL F 438 -18.86 -23.25 17.26
N ASP F 439 -18.27 -24.42 17.06
CA ASP F 439 -17.41 -24.72 15.91
C ASP F 439 -17.92 -24.48 14.50
N LEU F 440 -19.17 -24.84 14.25
CA LEU F 440 -19.72 -24.68 12.92
C LEU F 440 -21.22 -24.75 12.84
N VAL F 441 -21.80 -23.91 11.97
CA VAL F 441 -23.24 -23.94 11.75
C VAL F 441 -23.39 -24.23 10.27
N VAL F 442 -24.41 -25.03 9.94
CA VAL F 442 -24.70 -25.36 8.56
C VAL F 442 -26.19 -25.15 8.35
N PHE F 443 -26.49 -24.36 7.32
CA PHE F 443 -27.85 -24.02 6.96
C PHE F 443 -28.37 -25.06 5.97
N TYR F 444 -29.43 -25.77 6.36
CA TYR F 444 -29.99 -26.78 5.47
C TYR F 444 -30.41 -26.06 4.20
N GLU F 445 -30.94 -24.87 4.42
CA GLU F 445 -31.36 -23.96 3.36
C GLU F 445 -31.05 -22.56 3.91
N PRO F 446 -30.94 -21.57 3.03
CA PRO F 446 -30.65 -20.25 3.58
C PRO F 446 -31.80 -19.81 4.48
N VAL F 447 -31.48 -19.47 5.73
CA VAL F 447 -32.52 -18.98 6.66
C VAL F 447 -32.29 -17.51 6.98
N PRO F 448 -32.87 -16.61 6.16
CA PRO F 448 -32.78 -15.16 6.30
C PRO F 448 -32.48 -14.62 7.68
N SER F 449 -33.40 -14.80 8.64
CA SER F 449 -33.20 -14.29 9.99
C SER F 449 -31.85 -14.68 10.61
N ALA F 450 -31.53 -15.97 10.56
CA ALA F 450 -30.28 -16.42 11.13
C ALA F 450 -29.06 -15.90 10.36
N ILE F 451 -29.11 -15.88 9.04
CA ILE F 451 -27.97 -15.39 8.26
C ILE F 451 -27.78 -13.92 8.60
N ARG F 452 -28.89 -13.25 8.88
CA ARG F 452 -28.86 -11.85 9.24
C ARG F 452 -28.15 -11.72 10.60
N SER F 453 -28.58 -12.52 11.56
CA SER F 453 -27.98 -12.53 12.89
C SER F 453 -26.44 -12.59 12.75
N ILE F 454 -25.93 -13.65 12.11
CA ILE F 454 -24.50 -13.82 11.91
C ILE F 454 -23.85 -12.55 11.33
N GLN F 455 -24.44 -12.02 10.28
CA GLN F 455 -23.96 -10.80 9.62
C GLN F 455 -23.81 -9.70 10.67
N ARG F 456 -24.82 -9.58 11.51
CA ARG F 456 -24.82 -8.59 12.58
C ARG F 456 -23.71 -8.84 13.59
N ARG F 457 -23.62 -10.07 14.10
CA ARG F 457 -22.58 -10.37 15.10
C ARG F 457 -21.21 -9.91 14.63
N GLY F 458 -20.97 -9.97 13.31
CA GLY F 458 -19.69 -9.55 12.77
C GLY F 458 -19.40 -8.08 13.01
N ARG F 459 -20.44 -7.33 13.34
CA ARG F 459 -20.33 -5.91 13.64
C ARG F 459 -20.08 -5.74 15.12
N THR F 460 -20.60 -6.66 15.93
CA THR F 460 -20.37 -6.61 17.36
C THR F 460 -19.16 -7.53 17.68
N GLY F 461 -18.98 -7.85 18.95
CA GLY F 461 -17.90 -8.73 19.33
C GLY F 461 -18.51 -9.96 19.97
N ARG F 462 -19.78 -10.20 19.66
CA ARG F 462 -20.48 -11.35 20.21
C ARG F 462 -19.99 -12.62 19.57
N HIS F 463 -20.29 -13.74 20.21
CA HIS F 463 -19.85 -15.03 19.72
C HIS F 463 -20.22 -15.26 18.27
N MET F 464 -19.25 -15.78 17.53
CA MET F 464 -19.39 -16.06 16.13
C MET F 464 -18.96 -17.51 15.87
N PRO F 465 -19.67 -18.22 14.99
CA PRO F 465 -19.33 -19.61 14.69
C PRO F 465 -17.94 -19.70 14.07
N GLY F 466 -17.29 -20.85 14.23
CA GLY F 466 -15.97 -21.02 13.65
C GLY F 466 -16.04 -20.91 12.15
N ARG F 467 -17.01 -21.61 11.56
CA ARG F 467 -17.23 -21.56 10.12
C ARG F 467 -18.71 -21.83 9.87
N VAL F 468 -19.21 -21.40 8.72
CA VAL F 468 -20.61 -21.64 8.41
C VAL F 468 -20.77 -22.14 6.98
N ILE F 469 -21.67 -23.11 6.82
CA ILE F 469 -21.94 -23.66 5.50
C ILE F 469 -23.43 -23.50 5.12
N ILE F 470 -23.64 -23.09 3.87
CA ILE F 470 -25.00 -22.95 3.36
C ILE F 470 -25.19 -24.02 2.29
N LEU F 471 -26.21 -24.86 2.48
CA LEU F 471 -26.54 -25.92 1.52
C LEU F 471 -27.48 -25.32 0.49
N MET F 472 -27.14 -25.48 -0.78
CA MET F 472 -28.00 -24.95 -1.84
C MET F 472 -28.27 -25.97 -2.96
N ALA F 473 -29.55 -26.17 -3.31
CA ALA F 473 -29.88 -27.11 -4.39
C ALA F 473 -29.93 -26.42 -5.75
N LYS F 474 -29.21 -26.97 -6.74
CA LYS F 474 -29.17 -26.40 -8.09
C LYS F 474 -30.60 -26.07 -8.49
N GLY F 475 -30.81 -24.97 -9.22
CA GLY F 475 -32.17 -24.68 -9.63
C GLY F 475 -33.26 -24.32 -8.62
N THR F 476 -33.13 -24.73 -7.36
CA THR F 476 -34.16 -24.38 -6.39
C THR F 476 -34.05 -22.92 -5.87
N ARG F 477 -34.90 -22.51 -4.94
CA ARG F 477 -34.87 -21.15 -4.39
C ARG F 477 -33.51 -20.79 -3.76
N ASP F 478 -32.82 -21.79 -3.22
CA ASP F 478 -31.49 -21.58 -2.64
C ASP F 478 -30.66 -20.73 -3.60
N GLU F 479 -30.60 -21.16 -4.86
CA GLU F 479 -29.84 -20.48 -5.90
C GLU F 479 -30.10 -18.98 -5.93
N ALA F 480 -31.33 -18.58 -5.64
CA ALA F 480 -31.65 -17.16 -5.67
C ALA F 480 -30.82 -16.41 -4.63
N TYR F 481 -30.69 -16.99 -3.44
CA TYR F 481 -29.91 -16.36 -2.39
C TYR F 481 -28.41 -16.44 -2.71
N TYR F 482 -27.93 -17.60 -3.15
CA TYR F 482 -26.51 -17.69 -3.44
C TYR F 482 -26.01 -16.69 -4.49
N TRP F 483 -26.92 -16.10 -5.27
CA TRP F 483 -26.48 -15.11 -6.24
C TRP F 483 -26.67 -13.75 -5.60
N SER F 484 -27.77 -13.61 -4.86
CA SER F 484 -28.04 -12.35 -4.16
C SER F 484 -26.93 -12.18 -3.14
N SER F 485 -26.09 -13.21 -3.07
CA SER F 485 -24.96 -13.28 -2.16
C SER F 485 -23.62 -13.26 -2.86
N ARG F 486 -23.63 -12.91 -4.14
CA ARG F 486 -22.39 -12.81 -4.89
C ARG F 486 -22.09 -11.33 -4.97
N GLN F 487 -22.79 -10.55 -4.13
CA GLN F 487 -22.63 -9.11 -4.08
C GLN F 487 -21.97 -8.59 -2.79
#